data_6C06
#
_entry.id   6C06
#
_cell.length_a   1
_cell.length_b   1
_cell.length_c   1
_cell.angle_alpha   90.00
_cell.angle_beta   90.00
_cell.angle_gamma   90.00
#
_symmetry.space_group_name_H-M   'P 1'
#
loop_
_entity.id
_entity.type
_entity.pdbx_description
1 polymer 'DNA-directed RNA polymerase subunit alpha'
2 polymer 'DNA-directed RNA polymerase subunit beta'
3 polymer "DNA-directed RNA polymerase subunit beta'"
4 polymer 'DNA-directed RNA polymerase subunit omega'
5 polymer 'RNA polymerase sigma factor SigA'
6 polymer 'RNA polymerase-binding protein RbpA'
7 non-polymer 'ZINC ION'
8 non-polymer 'MAGNESIUM ION'
9 non-polymer Fidaxomicin
#
loop_
_entity_poly.entity_id
_entity_poly.type
_entity_poly.pdbx_seq_one_letter_code
_entity_poly.pdbx_strand_id
1 'polypeptide(L)'
;MLISQRPTLSEDVLTDNRSQFVIEPLEPGFGYTLGNSLRRTLLSSIPGAAVTSIRIDGVLHEFTTVPGVKEDVTEIILNL
KSLVVSSEEDEPVTMYLRKQGPGEVTAGDIVPPAGVTVHNPGMHIATLNDKGKLEVELVVERGRGYVPAVQNRASGAEIG
RIPVDSIYSPVLKVTYKVDATRVEQRTDFDKLILDVETKNSISPRDALASAGKTLVELFGLARELNVEAEGIEIGPSPAE
ADHIASFALPIDDLDLTVRSYNCLKREGVHTVGELVARTESDLLDIRNFGQKSIDEVKIKLHQLGLSLKDSPPSFDPSEV
AGYDVATGTWSTEGAYDEQDYAETEQL
;
A,B
2 'polypeptide(L)'
;MADSRQSKTAASPSPSRPQSSSNNSVPGAPNRVSFAKLREPLEVPGLLDVQTDSFEWLIGSPRWRESAAERGDVNPVGGL
EEVLYELSPIEDFSGSMSLSFSDPRFDDVKAPVDECKDKDMTYAAPLFVTAEFINNNTGEIKSQTVFMGDFPMMTEKGTF
IINGTERVVVSQLVRSPGVYFDETIDKSTDKTLHSVKVIPSRGAWLEFDVDKRDTVGVRIDRKRRQPVTVLLKALGWTSE
QIVERFGFSEIMRSTLEKDNTVGTDEALLDIYRKLRPGEPPTKESAQTLLENLFFKEKRYDLARVGRYKVNKKLGLHVGE
PITSSTLTEEDVVATIEYLVRLHEGQTTMTVPGGVEVPVETDDIDHFGNRRLRTVGELIQNQIRVGMSRMERVVRERMTT
QDVEAITPQTLINIRPVVAAIKEFFGTSQLSQFMDQNNPLSGLTHKRRLSALGPGGLSRERAGLEVRDVHPSHYGRMCPI
ETPEGPNIGLIGSLSVYARVNPFGFIETPYRKVVDGVVSDEIVYLTADEEDRHVVAQANSPIDADGRFVEPRVLVRRKAG
EVEYVPSSEVDYMDVSPRQMVSVATAMIPFLEHDDANRALMGANMQRQAVPLVRSEAPLVGTGMELRAAIDAGDVVVAEE
SGVIEEVSADYITVMHDNGTRRTYRMRKFARSNHGTCANQCPIVDAGDRVEAGQVIADGPCTDDGEMALGKNLLVAIMPW
EGHNYEDAIILSNRLVEEDVLTSIHIEEHEIDARDTKLGAEEITRDIPNISDEVLADLDERGIVRIGAEVRDGDILVGKV
TPKGETELTPEERLLRAIFGEKAREVRDTSLKVPHGESGKVIGIRVFSREDEDELPAGVNELVRVYVAQKRKISDGDKLA
GRHGNKGVIGKILPVEDMPFLADGTPVDIILNTHGVPRRMNIGQILETHLGWCAHSGWKVDAAKGVPDWAARLPDELLEA
QPNAIVSTPVFDGAQEAELQGLLSCTLPNRDGDVLVDADGKAMLFDGRSGEPFPYPVTVGYMYIMKLHHLVDDKIHARST
GPYSMITQQPLGGKAQFGGQRFGEMECWAMQAYGAAYTLQELLTIKSDDTVGRVKVYEAIVKGENIPEPGIPESFKVLLK
ELQSLCLNVEVLSSDGAAIELREGEDEDLERAAANLGINLSRNESASVEDLALARHGGSGA
;
C
3 'polypeptide(L)'
;MLDVNFFDELRIGLATAEDIRQWSYGEVKKPETINYRTLKPEKDGLFCEKIFGPTRDWECYCGKYKRVRFKGIICERCGV
EVTRAKVRRERMGHIELAAPVTHIWYFKGVPSRLGYLLDLAPKDLEKIIYFAAYVITSVDEEMRHNELSTLEAEMAVERK
AVEDQRDGELEARAQKLEADLAELEAEGAKADARRKVRDGGEREMRQIRDRAQRELDRLEDIWSTFTKLAPKQLIVDENL
YRELVDRYGEYFTGAMGAESIQKLIENFDIDAEAESLRDVIRNGKGQKKLRALKRLKVVAAFQQSGNSPMGMVLDAVPVI
PPELRPMVQLDGGRFATSDLNDLYRRVINRNNRLKRLIDLGAPEIIVNNEKRMLQESVDALFDNGRRGRPVTGPGNRPLK
SLSDLLKGKQGRFRQNLLGKRVDYSGRSVIVVGPQLKLHQCGLPKLMALELFKPFVMKRLVDLNHAQNIKSAKRMVERQR
PQVWDVLEEVIAEHPVLLNRAPTLHRLGIQAFEPMLVEGKAIQLHPLVCEAFNADFDGDQMAVHLPLSAEAQAEARILML
SSNNILSPASGRPLAMPRLDMVTGLYYLTTEVPGDTGEYQPASGDHPETGVYSSPAEAIMAADRGVLSVRAKIKVRLTQL
RPPVEIEAELFGHSGWQPGDAWMAETTLGRVMFNELLPLGYPFVNKQMHKKVQAAIINDLAERYPMIVVAQTVDKLKDAG
FYWATRSGVTVSMADVLVPPRKKEILDHYEERADKVEKQFQRGALNHDERNEALVEIWKEATDEVGQALREHYPDDNPII
TIVDSGATGNFTQTRTLAGMKGLVTNPKGEFIPRPVKSSFREGLTVLEYFINTHGARKGLADTALRTADSGYLTRRLVDV
SQDVIVREHDCQTERGIVVELAERAPDGTLIRDPYIETSAYARTLGTDAVDEAGNVIVERGQDLGDPEIDALLAAGITQV
KVRSVLTCATSTGVCATCYGRSMATGKLVDIGEAVGIVAAQSIGEPGTQLTMRTFHQGGVGEDITGGLPRVQELFEARVP
RGKAPIADVTGRVRLEDGERFYKITIVPDDGGEEVVYDKISKRQRLRVFKHEDGSERVLSDGDHVEVGQQLMEGSADPHE
VLRVQGPREVQIHLVREVQEVYRAQGVSIHDKHIEVIVRQMLRRVTIIDSGSTEFLPGSLIDRAEFEAENRRVVAEGGEP
AAGRPVLMGITKASLATDSWLSAASFQETTRVLTDAAINCRSDKLNGLKENVIIGKLIPAGTGINRYRNIAVQPTEEARA
AAYTIPSYEDQYYSPDFGAATGAAVPLDDYGYSDYRHHHHHHHH
;
D
4 'polypeptide(L)'
;GSISQSDASLAAVPAVDQFDPSSGASGGYDTPLGITNPPIDELLDRVSSKYALVIYAAKRARQINDYYNQLGEGILEYVG
PLVEPGLQEKPLSIALREIHADLLEHTEGE
;
E
5 'polypeptide(L)'
;GPHMAATKASTATDEPVKRTATKSPAASASGAKTGAKRTAAKSASGSPPAKRATKPAARSVKPASAPQDTTTSTIPKRKT
RAAAKSAAAKAPSARGHATKPRAPKDAQHEAATDPEDALDSVEELDAEPDLDVEPGEDLDLDAADLNLDDLEDDVAPDAD
DDLDSGDDEDHEDLEAEAAVAPGQTADDDEEIAEPTEKDKASGDFVWDEDESEALRQARKDAELTASADSVRAYLKQIGK
VALLNAEEEVELAKRIEAGLYATQLMTELSERGEKLPAAQRRDMMWICRDGDRAKNHLLEANLRLVVSLAKRYTGRGMAF
LDLIQEGNLGLIRAVEKFDYTKGYKFSTYATWWIRQAITRAMADQARTIRIPVHMVEVINKLGRIQRELLQDLGREPTPE
ELAKEMDITPEKVLEIQQYAREPISLDQTIGDEGDSQLGDFIEDSEAVVAVDAVSFTLLQDQLQSVLDTLSEREAGVVRL
RFGLTDGQPRTLDEIGQVYGVTRERIRQIESKTMSKLRHPSRSQVLRDYLD
;
F
6 'polypeptide(L)'
;MADRVLRGSRLGAVSYETDRNHDLAPRQIARYRTDNGEEFEVPFADDAEIPGTWLCRNGMEGTLIEGDLPEPKKVKPPRT
HWDMLLERRSIEELEELLKERLELIRSRRRG
;
J
#
loop_
_chem_comp.id
_chem_comp.type
_chem_comp.name
_chem_comp.formula
FI8 non-polymer Fidaxomicin 'C52 H74 Cl2 O18'
MG non-polymer 'MAGNESIUM ION' 'Mg 2'
ZN non-polymer 'ZINC ION' 'Zn 2'
#
# COMPACT_ATOMS: atom_id res chain seq x y z
N MET A 1 46.29 37.43 47.16
CA MET A 1 47.05 36.21 47.38
C MET A 1 47.76 35.79 46.12
N LEU A 2 47.07 34.99 45.31
CA LEU A 2 47.61 34.44 44.07
C LEU A 2 48.89 33.64 44.33
N ILE A 3 48.95 32.47 43.69
CA ILE A 3 50.09 31.56 43.86
C ILE A 3 50.31 30.78 42.58
N SER A 4 51.51 30.22 42.42
CA SER A 4 51.85 29.42 41.24
C SER A 4 52.95 28.44 41.59
N GLN A 5 53.61 27.94 40.55
CA GLN A 5 54.60 26.85 40.60
C GLN A 5 54.28 25.92 39.44
N ARG A 6 55.04 26.02 38.36
CA ARG A 6 54.70 25.23 37.20
C ARG A 6 54.61 23.77 37.60
N PRO A 7 53.69 23.01 37.01
CA PRO A 7 53.49 21.63 37.45
C PRO A 7 54.68 20.75 37.13
N THR A 8 54.43 19.45 37.07
CA THR A 8 55.47 18.43 37.10
C THR A 8 55.27 17.43 35.99
N LEU A 9 55.55 17.85 34.76
CA LEU A 9 55.64 16.92 33.65
C LEU A 9 56.37 15.68 34.13
N SER A 10 55.84 14.51 33.82
CA SER A 10 56.47 13.27 34.23
C SER A 10 55.65 12.06 33.83
N GLU A 11 56.11 11.42 32.76
CA GLU A 11 55.60 10.12 32.34
C GLU A 11 55.85 9.12 33.45
N ASP A 12 55.38 7.89 33.27
CA ASP A 12 55.39 6.90 34.33
C ASP A 12 55.77 5.54 33.76
N VAL A 13 57.06 5.23 33.80
CA VAL A 13 57.60 3.99 33.26
C VAL A 13 56.62 2.85 33.44
N LEU A 14 56.54 1.98 32.43
CA LEU A 14 55.62 0.85 32.46
C LEU A 14 56.05 -0.26 31.52
N THR A 15 55.09 -0.83 30.80
CA THR A 15 55.35 -1.91 29.87
C THR A 15 56.19 -1.37 28.73
N ASP A 16 56.12 -2.06 27.61
CA ASP A 16 56.61 -1.50 26.37
C ASP A 16 55.87 -0.19 26.08
N ASN A 17 55.99 0.32 24.84
CA ASN A 17 55.15 1.36 24.26
C ASN A 17 54.09 1.86 25.24
N ARG A 18 54.49 2.21 26.45
CA ARG A 18 53.48 2.31 27.48
C ARG A 18 54.16 2.54 28.81
N SER A 19 54.00 3.75 29.32
CA SER A 19 54.41 4.12 30.66
C SER A 19 53.64 5.37 31.03
N GLN A 20 52.94 5.30 32.16
CA GLN A 20 51.96 6.27 32.56
C GLN A 20 52.54 7.67 32.58
N PHE A 21 51.82 8.59 33.18
CA PHE A 21 52.15 10.00 33.08
C PHE A 21 51.55 10.72 34.27
N VAL A 22 52.27 11.70 34.81
CA VAL A 22 51.93 12.34 36.07
C VAL A 22 52.56 13.73 36.12
N ILE A 23 51.81 14.69 36.65
CA ILE A 23 52.22 16.09 36.66
C ILE A 23 51.36 16.85 37.65
N GLU A 24 51.82 18.03 38.04
CA GLU A 24 51.12 18.99 38.89
C GLU A 24 52.17 19.87 39.56
N PRO A 25 51.77 20.90 40.31
CA PRO A 25 50.42 21.30 40.73
C PRO A 25 49.51 21.49 39.54
N LEU A 26 48.20 21.55 39.77
CA LEU A 26 47.25 21.49 38.68
C LEU A 26 46.00 22.26 39.08
N GLU A 27 45.73 23.32 38.32
CA GLU A 27 44.64 24.22 38.65
C GLU A 27 43.48 23.48 39.28
N PRO A 28 43.36 23.52 40.61
CA PRO A 28 42.16 23.00 41.26
C PRO A 28 40.95 23.21 40.37
N GLY A 29 40.79 22.27 39.44
CA GLY A 29 39.76 22.33 38.43
C GLY A 29 40.25 22.16 37.01
N PHE A 30 40.00 21.01 36.39
CA PHE A 30 40.46 20.70 35.04
C PHE A 30 40.81 19.25 34.81
N GLY A 31 41.93 18.79 35.39
CA GLY A 31 42.59 17.59 34.93
C GLY A 31 42.06 17.03 33.63
N TYR A 32 41.25 15.98 33.74
CA TYR A 32 40.56 15.38 32.61
C TYR A 32 40.85 16.11 31.33
N THR A 33 39.82 16.74 30.78
CA THR A 33 40.07 17.93 29.99
C THR A 33 41.18 17.69 28.99
N LEU A 34 42.17 18.56 28.96
CA LEU A 34 43.43 18.19 28.35
C LEU A 34 43.76 16.75 28.68
N GLY A 35 43.52 16.36 29.94
CA GLY A 35 43.59 14.94 30.25
C GLY A 35 43.13 14.11 29.08
N ASN A 36 41.81 13.99 28.91
CA ASN A 36 41.33 13.50 27.63
C ASN A 36 41.94 14.33 26.51
N SER A 37 41.12 15.11 25.82
CA SER A 37 41.71 16.20 25.06
C SER A 37 42.95 15.77 24.33
N LEU A 38 44.11 15.94 24.96
CA LEU A 38 45.22 15.09 24.63
C LEU A 38 44.74 13.70 24.36
N ARG A 39 44.38 13.00 25.43
CA ARG A 39 43.67 11.74 25.22
C ARG A 39 42.74 11.88 24.04
N ARG A 40 41.79 12.80 24.13
CA ARG A 40 41.03 13.12 22.93
C ARG A 40 41.94 13.22 21.73
N THR A 41 43.07 13.87 21.89
CA THR A 41 44.06 13.89 20.83
C THR A 41 44.55 12.51 20.53
N LEU A 42 45.82 12.24 20.81
CA LEU A 42 46.31 10.89 20.68
C LEU A 42 45.87 10.34 19.35
N LEU A 43 44.97 9.37 19.39
CA LEU A 43 43.93 9.18 18.41
C LEU A 43 44.05 10.14 17.25
N SER A 44 44.08 11.43 17.55
CA SER A 44 44.70 12.42 16.68
C SER A 44 45.72 11.78 15.74
N SER A 45 45.93 12.37 14.58
CA SER A 45 46.85 11.82 13.59
C SER A 45 48.03 11.17 14.29
N ILE A 46 47.90 9.88 14.53
CA ILE A 46 48.98 9.02 15.01
C ILE A 46 49.82 8.64 13.81
N PRO A 47 50.52 9.58 13.19
CA PRO A 47 50.99 9.39 11.81
C PRO A 47 51.92 8.20 11.71
N GLY A 48 51.72 7.40 10.67
CA GLY A 48 52.51 6.20 10.49
C GLY A 48 52.63 5.79 9.04
N ALA A 49 53.45 4.79 8.81
CA ALA A 49 53.70 4.24 7.49
C ALA A 49 53.44 2.73 7.48
N ALA A 50 53.10 2.23 6.30
CA ALA A 50 52.58 0.89 6.13
C ALA A 50 51.89 0.81 4.78
N VAL A 51 51.35 -0.36 4.46
CA VAL A 51 50.96 -0.66 3.09
C VAL A 51 49.87 0.28 2.61
N THR A 52 48.87 -0.29 1.95
CA THR A 52 47.95 0.46 1.11
C THR A 52 47.15 -0.48 0.21
N SER A 53 47.83 -1.13 -0.73
CA SER A 53 47.28 -2.21 -1.52
C SER A 53 48.46 -3.04 -1.97
N ILE A 54 48.20 -4.29 -2.36
CA ILE A 54 49.28 -5.11 -2.87
C ILE A 54 48.71 -6.12 -3.84
N ARG A 55 49.45 -7.21 -4.01
CA ARG A 55 49.09 -8.18 -5.01
C ARG A 55 50.15 -9.26 -5.12
N ILE A 56 49.88 -10.24 -5.96
CA ILE A 56 50.80 -11.33 -6.24
C ILE A 56 50.54 -11.79 -7.65
N ASP A 57 50.75 -13.08 -7.87
CA ASP A 57 50.57 -13.68 -9.18
C ASP A 57 49.12 -13.63 -9.63
N GLY A 58 48.68 -14.62 -10.41
CA GLY A 58 47.31 -14.70 -10.89
C GLY A 58 46.26 -14.30 -9.89
N VAL A 59 46.51 -13.21 -9.17
CA VAL A 59 45.73 -12.82 -8.01
C VAL A 59 44.71 -11.77 -8.47
N LEU A 60 43.65 -12.23 -9.11
CA LEU A 60 42.64 -11.31 -9.63
C LEU A 60 41.90 -10.61 -8.51
N HIS A 61 40.58 -10.53 -8.64
CA HIS A 61 39.71 -10.15 -7.55
C HIS A 61 39.99 -11.03 -6.34
N GLU A 62 39.43 -10.65 -5.20
CA GLU A 62 39.71 -11.33 -3.96
C GLU A 62 38.94 -12.62 -3.77
N PHE A 63 38.30 -13.11 -4.81
CA PHE A 63 37.15 -13.97 -4.60
C PHE A 63 37.39 -15.39 -5.04
N THR A 64 38.64 -15.83 -4.88
CA THR A 64 39.03 -17.22 -4.75
C THR A 64 40.07 -17.30 -3.63
N THR A 65 41.01 -18.23 -3.77
CA THR A 65 42.24 -18.25 -2.99
C THR A 65 43.30 -18.96 -3.80
N VAL A 66 44.48 -19.06 -3.22
CA VAL A 66 45.55 -19.84 -3.82
C VAL A 66 45.38 -21.31 -3.42
N PRO A 67 45.78 -22.24 -4.27
CA PRO A 67 45.84 -23.64 -3.85
C PRO A 67 46.81 -23.79 -2.68
N GLY A 68 47.17 -25.04 -2.37
CA GLY A 68 48.04 -25.31 -1.26
C GLY A 68 47.48 -24.80 0.06
N VAL A 69 46.71 -23.73 -0.02
CA VAL A 69 46.17 -23.12 1.17
C VAL A 69 45.16 -24.05 1.82
N LYS A 70 44.75 -23.65 3.01
CA LYS A 70 43.44 -23.94 3.56
C LYS A 70 42.64 -22.65 3.63
N GLU A 71 43.18 -21.58 3.05
CA GLU A 71 42.82 -20.23 3.46
C GLU A 71 42.07 -19.47 2.37
N ASP A 72 41.70 -18.25 2.72
CA ASP A 72 40.85 -17.42 1.88
C ASP A 72 41.60 -16.17 1.47
N VAL A 73 41.94 -16.08 0.18
CA VAL A 73 42.35 -14.80 -0.37
C VAL A 73 41.99 -13.68 0.58
N THR A 74 40.71 -13.53 0.87
CA THR A 74 40.24 -12.53 1.81
C THR A 74 40.88 -12.62 3.18
N GLU A 75 40.19 -13.22 4.15
CA GLU A 75 40.65 -13.11 5.53
C GLU A 75 42.15 -13.07 5.59
N ILE A 76 42.79 -13.98 4.83
CA ILE A 76 44.13 -13.69 4.39
C ILE A 76 44.36 -12.20 4.40
N ILE A 77 43.90 -11.52 3.35
CA ILE A 77 43.74 -10.08 3.37
C ILE A 77 43.63 -9.58 4.78
N LEU A 78 42.69 -10.16 5.52
CA LEU A 78 42.42 -9.62 6.84
C LEU A 78 43.66 -9.73 7.69
N ASN A 79 43.75 -10.77 8.51
CA ASN A 79 45.05 -11.29 8.90
C ASN A 79 46.17 -10.35 8.54
N LEU A 80 46.41 -10.18 7.25
CA LEU A 80 47.23 -9.08 6.80
C LEU A 80 46.96 -7.86 7.61
N LYS A 81 45.77 -7.29 7.45
CA LYS A 81 45.22 -6.33 8.40
C LYS A 81 45.97 -6.34 9.72
N SER A 82 46.20 -7.51 10.30
CA SER A 82 46.97 -7.62 11.52
C SER A 82 48.37 -7.04 11.41
N LEU A 83 48.72 -6.44 10.27
CA LEU A 83 50.11 -6.08 10.02
C LEU A 83 50.71 -5.29 11.17
N VAL A 84 52.03 -5.16 11.15
CA VAL A 84 52.77 -4.57 12.26
C VAL A 84 54.22 -4.38 11.88
N VAL A 85 54.45 -3.66 10.79
CA VAL A 85 55.81 -3.41 10.31
C VAL A 85 56.03 -1.91 10.16
N SER A 86 56.37 -1.28 11.27
CA SER A 86 56.77 0.13 11.28
C SER A 86 57.90 0.27 10.28
N SER A 87 57.70 1.11 9.28
CA SER A 87 58.73 1.28 8.26
C SER A 87 59.59 2.50 8.54
N GLU A 88 59.37 3.53 7.72
CA GLU A 88 60.20 4.72 7.79
C GLU A 88 59.70 5.90 6.97
N GLU A 89 60.29 6.12 5.81
CA GLU A 89 60.23 7.41 5.12
C GLU A 89 58.84 7.76 4.61
N ASP A 90 58.82 8.19 3.35
CA ASP A 90 57.64 8.66 2.63
C ASP A 90 57.65 8.08 1.23
N GLU A 91 56.49 7.56 0.81
CA GLU A 91 56.17 7.26 -0.58
C GLU A 91 55.25 6.06 -0.67
N PRO A 92 54.93 5.61 -1.89
CA PRO A 92 54.19 4.36 -2.06
C PRO A 92 55.12 3.17 -1.90
N VAL A 93 56.01 3.28 -0.92
CA VAL A 93 56.87 2.17 -0.54
C VAL A 93 56.10 0.86 -0.65
N THR A 94 56.84 -0.22 -0.89
CA THR A 94 56.24 -1.50 -1.16
C THR A 94 57.12 -2.63 -0.67
N MET A 95 56.72 -3.84 -1.03
CA MET A 95 57.48 -5.04 -0.78
C MET A 95 56.86 -6.21 -1.53
N TYR A 96 57.51 -7.36 -1.38
CA TYR A 96 57.30 -8.50 -2.25
C TYR A 96 57.79 -9.75 -1.54
N LEU A 97 56.90 -10.72 -1.41
CA LEU A 97 57.28 -11.99 -0.82
C LEU A 97 57.05 -13.11 -1.83
N ARG A 98 57.59 -14.28 -1.54
CA ARG A 98 57.34 -15.49 -2.28
C ARG A 98 57.35 -16.66 -1.31
N LYS A 99 56.86 -17.81 -1.75
CA LYS A 99 56.91 -19.01 -0.94
C LYS A 99 56.96 -20.24 -1.83
N GLN A 100 57.22 -21.39 -1.20
CA GLN A 100 57.33 -22.66 -1.89
C GLN A 100 57.20 -23.79 -0.89
N GLY A 101 57.16 -25.01 -1.39
CA GLY A 101 57.02 -26.16 -0.56
C GLY A 101 55.79 -26.03 0.30
N PRO A 102 55.71 -26.82 1.36
CA PRO A 102 54.61 -26.62 2.31
C PRO A 102 54.53 -25.16 2.71
N GLY A 103 53.43 -24.52 2.35
CA GLY A 103 53.30 -23.09 2.56
C GLY A 103 52.74 -22.80 3.94
N GLU A 104 53.29 -21.75 4.56
CA GLU A 104 52.90 -21.33 5.91
C GLU A 104 52.80 -19.83 5.99
N VAL A 105 51.61 -19.30 5.70
CA VAL A 105 51.41 -17.85 5.69
C VAL A 105 51.49 -17.37 7.13
N THR A 106 52.66 -16.89 7.51
CA THR A 106 52.83 -16.19 8.76
C THR A 106 53.29 -14.79 8.45
N ALA A 107 53.68 -14.06 9.48
CA ALA A 107 54.47 -12.88 9.22
C ALA A 107 55.93 -13.26 9.05
N GLY A 108 56.85 -12.37 9.42
CA GLY A 108 58.27 -12.60 9.28
C GLY A 108 58.57 -13.51 8.12
N ASP A 109 58.77 -12.95 6.93
CA ASP A 109 58.90 -13.79 5.77
C ASP A 109 59.37 -13.05 4.52
N ILE A 110 59.11 -11.75 4.41
CA ILE A 110 59.15 -11.07 3.12
C ILE A 110 60.38 -10.19 3.02
N VAL A 111 60.25 -9.10 2.25
CA VAL A 111 61.36 -8.28 1.78
C VAL A 111 61.32 -6.90 2.42
N PRO A 112 61.28 -6.80 3.74
CA PRO A 112 61.28 -5.49 4.37
C PRO A 112 62.56 -4.74 4.01
N PRO A 113 62.50 -3.88 2.99
CA PRO A 113 63.72 -3.25 2.50
C PRO A 113 64.26 -2.26 3.52
N ALA A 114 64.60 -1.09 3.01
CA ALA A 114 65.08 -0.03 3.88
C ALA A 114 63.98 0.44 4.79
N GLY A 115 64.33 1.28 5.78
CA GLY A 115 63.38 1.91 6.67
C GLY A 115 62.06 1.19 6.79
N VAL A 116 62.08 -0.06 7.25
CA VAL A 116 60.89 -0.88 7.34
C VAL A 116 61.05 -1.87 8.48
N THR A 117 60.33 -1.67 9.58
CA THR A 117 60.49 -2.60 10.69
C THR A 117 59.14 -3.08 11.18
N VAL A 118 58.89 -4.37 10.99
CA VAL A 118 57.77 -5.06 11.60
C VAL A 118 57.93 -4.90 13.09
N HIS A 119 56.98 -5.42 13.85
CA HIS A 119 57.11 -5.48 15.29
C HIS A 119 56.86 -6.86 15.86
N ASN A 120 56.21 -7.76 15.11
CA ASN A 120 56.19 -9.18 15.44
C ASN A 120 56.61 -9.93 14.19
N PRO A 121 57.65 -9.45 13.52
CA PRO A 121 57.97 -9.98 12.18
C PRO A 121 57.92 -11.50 12.09
N GLY A 122 56.74 -12.09 12.20
CA GLY A 122 56.52 -13.51 12.12
C GLY A 122 55.06 -13.88 12.16
N MET A 123 54.30 -13.29 13.07
CA MET A 123 52.84 -13.22 13.01
C MET A 123 52.29 -14.10 11.89
N HIS A 124 51.97 -15.34 12.24
CA HIS A 124 51.33 -16.23 11.28
C HIS A 124 50.25 -15.48 10.55
N ILE A 125 49.88 -15.96 9.37
CA ILE A 125 48.88 -15.33 8.57
C ILE A 125 48.05 -16.34 7.79
N ALA A 126 48.64 -17.48 7.45
CA ALA A 126 47.92 -18.59 6.82
C ALA A 126 48.94 -19.69 6.52
N THR A 127 48.74 -20.37 5.41
CA THR A 127 49.64 -21.44 5.02
C THR A 127 49.13 -22.17 3.78
N LEU A 128 50.04 -22.87 3.11
CA LEU A 128 49.73 -23.68 1.96
C LEU A 128 50.46 -25.02 2.03
N ASN A 129 50.00 -25.96 1.23
CA ASN A 129 50.55 -27.30 1.23
C ASN A 129 52.02 -27.26 0.84
N ASP A 130 52.58 -28.44 0.65
CA ASP A 130 53.91 -28.56 0.08
C ASP A 130 54.00 -27.91 -1.28
N LYS A 131 52.86 -27.75 -1.95
CA LYS A 131 52.80 -26.85 -3.08
C LYS A 131 52.84 -25.41 -2.60
N GLY A 132 52.81 -25.20 -1.28
CA GLY A 132 52.79 -23.87 -0.72
C GLY A 132 53.90 -22.99 -1.27
N LYS A 133 53.82 -22.74 -2.57
CA LYS A 133 54.58 -21.67 -3.22
C LYS A 133 53.72 -20.43 -3.23
N LEU A 134 54.35 -19.28 -3.44
CA LEU A 134 53.66 -18.12 -3.96
C LEU A 134 54.61 -16.95 -4.00
N GLU A 135 54.10 -15.81 -4.41
CA GLU A 135 54.80 -14.54 -4.36
C GLU A 135 53.92 -13.62 -3.53
N VAL A 136 54.31 -12.36 -3.43
CA VAL A 136 53.36 -11.29 -3.18
C VAL A 136 53.98 -9.97 -3.57
N GLU A 137 53.16 -9.10 -4.14
CA GLU A 137 53.61 -7.78 -4.56
C GLU A 137 52.84 -6.75 -3.74
N LEU A 138 53.58 -5.94 -2.99
CA LEU A 138 53.03 -5.33 -1.80
C LEU A 138 53.44 -3.87 -1.72
N VAL A 139 52.45 -3.01 -1.56
CA VAL A 139 52.63 -1.56 -1.69
C VAL A 139 52.43 -0.90 -0.35
N VAL A 140 53.51 -0.57 0.30
CA VAL A 140 53.46 0.02 1.63
C VAL A 140 52.89 1.42 1.52
N GLU A 141 53.36 2.31 2.39
CA GLU A 141 52.87 3.67 2.47
C GLU A 141 53.19 4.24 3.86
N ARG A 142 53.25 5.57 3.93
CA ARG A 142 53.18 6.29 5.18
C ARG A 142 51.75 6.75 5.38
N GLY A 143 51.52 7.47 6.44
CA GLY A 143 50.26 8.15 6.62
C GLY A 143 49.96 8.33 8.09
N ARG A 144 48.69 8.29 8.40
CA ARG A 144 48.24 8.50 9.76
C ARG A 144 46.78 8.12 9.86
N GLY A 145 46.49 7.27 10.82
CA GLY A 145 45.13 6.85 11.06
C GLY A 145 44.52 6.25 9.82
N TYR A 146 43.20 6.25 9.78
CA TYR A 146 42.46 5.47 8.81
C TYR A 146 42.43 6.17 7.47
N VAL A 147 42.11 5.42 6.43
CA VAL A 147 41.56 5.97 5.20
C VAL A 147 40.92 4.82 4.45
N PRO A 148 39.87 5.06 3.68
CA PRO A 148 39.20 3.97 2.97
C PRO A 148 40.03 3.47 1.79
N ALA A 149 39.92 2.17 1.58
CA ALA A 149 40.53 1.54 0.42
C ALA A 149 40.23 2.37 -0.81
N VAL A 150 41.28 2.92 -1.40
CA VAL A 150 41.14 3.79 -2.56
C VAL A 150 40.36 3.05 -3.64
N GLN A 151 39.96 3.78 -4.67
CA GLN A 151 39.56 3.14 -5.91
C GLN A 151 40.76 3.00 -6.84
N ASN A 152 41.22 1.76 -6.98
CA ASN A 152 42.33 1.48 -7.90
C ASN A 152 41.95 1.88 -9.32
N ARG A 153 40.67 1.82 -9.66
CA ARG A 153 40.23 2.46 -10.88
C ARG A 153 40.50 3.96 -10.82
N ALA A 154 39.76 4.68 -9.99
CA ALA A 154 40.14 6.05 -9.66
C ALA A 154 41.63 6.15 -9.45
N SER A 155 42.19 5.17 -8.74
CA SER A 155 43.63 4.97 -8.76
C SER A 155 44.06 4.54 -10.16
N GLY A 156 44.69 3.37 -10.23
CA GLY A 156 45.19 2.85 -11.47
C GLY A 156 45.96 1.56 -11.35
N ALA A 157 46.37 1.19 -10.13
CA ALA A 157 47.13 -0.03 -9.88
C ALA A 157 46.53 -1.20 -10.65
N GLU A 158 47.40 -2.03 -11.20
CA GLU A 158 46.96 -2.99 -12.21
C GLU A 158 45.81 -3.85 -11.70
N ILE A 159 45.29 -4.62 -12.65
CA ILE A 159 44.03 -5.30 -12.46
C ILE A 159 44.02 -6.08 -11.16
N GLY A 160 45.03 -6.91 -10.94
CA GLY A 160 45.01 -7.76 -9.76
C GLY A 160 45.10 -6.95 -8.46
N ARG A 161 45.62 -5.74 -8.54
CA ARG A 161 45.91 -4.97 -7.33
C ARG A 161 44.65 -4.83 -6.49
N ILE A 162 44.82 -4.37 -5.24
CA ILE A 162 43.74 -4.35 -4.27
C ILE A 162 43.86 -3.15 -3.35
N PRO A 163 43.30 -2.00 -3.70
CA PRO A 163 43.24 -0.89 -2.75
C PRO A 163 42.67 -1.36 -1.42
N VAL A 164 43.06 -0.65 -0.38
CA VAL A 164 42.79 -1.06 0.99
C VAL A 164 42.79 0.19 1.84
N ASP A 165 42.45 0.03 3.11
CA ASP A 165 42.50 1.15 4.02
C ASP A 165 43.85 1.26 4.67
N SER A 166 44.07 2.40 5.33
CA SER A 166 45.17 2.56 6.26
C SER A 166 44.61 3.08 7.57
N ILE A 167 45.46 3.22 8.55
CA ILE A 167 45.07 3.28 9.96
C ILE A 167 46.29 3.74 10.72
N TYR A 168 47.22 4.38 10.00
CA TYR A 168 48.51 4.76 10.55
C TYR A 168 48.29 5.41 11.91
N SER A 169 48.25 4.60 12.96
CA SER A 169 48.02 5.12 14.30
C SER A 169 48.60 4.21 15.37
N PRO A 170 49.91 4.00 15.35
CA PRO A 170 50.53 2.93 16.15
C PRO A 170 50.15 2.86 17.62
N VAL A 171 49.09 3.51 18.02
CA VAL A 171 48.71 3.53 19.42
C VAL A 171 47.98 2.26 19.78
N LEU A 172 47.92 1.97 21.08
CA LEU A 172 47.33 0.76 21.61
C LEU A 172 46.08 1.04 22.44
N LYS A 173 46.21 1.65 23.60
CA LYS A 173 45.03 2.11 24.32
C LYS A 173 45.40 3.02 25.48
N VAL A 174 44.50 3.94 25.78
CA VAL A 174 44.73 5.04 26.72
C VAL A 174 44.01 4.73 28.02
N THR A 175 44.34 5.49 29.06
CA THR A 175 43.58 5.51 30.31
C THR A 175 44.43 6.20 31.37
N TYR A 176 43.77 6.61 32.46
CA TYR A 176 44.43 7.43 33.47
C TYR A 176 43.35 8.06 34.34
N LYS A 177 43.72 9.15 34.98
CA LYS A 177 42.76 10.04 35.63
C LYS A 177 43.44 11.19 36.34
N VAL A 178 42.67 11.89 37.16
CA VAL A 178 43.15 13.03 37.92
C VAL A 178 43.75 12.53 39.23
N ASP A 179 43.71 13.41 40.23
CA ASP A 179 44.06 13.14 41.63
C ASP A 179 44.13 14.49 42.31
N ALA A 180 43.37 15.45 41.80
CA ALA A 180 43.42 16.84 42.25
C ALA A 180 43.63 16.89 43.75
N THR A 181 44.85 17.23 44.15
CA THR A 181 45.16 17.41 45.56
C THR A 181 44.06 18.21 46.24
N ARG A 182 44.14 19.52 46.14
CA ARG A 182 43.11 20.41 46.62
C ARG A 182 42.77 20.12 48.09
N VAL A 183 43.56 20.72 48.98
CA VAL A 183 43.37 20.54 50.41
C VAL A 183 42.38 21.57 50.93
N GLU A 184 41.41 21.11 51.72
CA GLU A 184 40.22 21.90 52.00
C GLU A 184 40.50 22.93 53.10
N GLN A 185 41.28 23.93 52.71
CA GLN A 185 41.40 25.15 53.48
C GLN A 185 41.85 26.28 52.57
N ARG A 186 41.63 26.14 51.27
CA ARG A 186 42.07 27.10 50.26
C ARG A 186 43.57 27.05 50.07
N THR A 187 44.05 26.34 49.04
CA THR A 187 45.47 26.04 48.83
C THR A 187 45.54 24.67 48.16
N ASP A 188 45.16 24.61 46.89
CA ASP A 188 44.72 23.36 46.31
C ASP A 188 45.14 23.28 44.85
N PHE A 189 44.78 22.16 44.21
CA PHE A 189 45.05 21.98 42.78
C PHE A 189 44.83 20.54 42.42
N ASP A 190 45.12 20.23 41.17
CA ASP A 190 44.78 18.95 40.59
C ASP A 190 46.02 18.06 40.57
N LYS A 191 45.81 16.76 40.45
CA LYS A 191 46.94 15.84 40.39
C LYS A 191 46.83 14.98 39.12
N LEU A 192 47.96 14.84 38.44
CA LEU A 192 48.03 14.11 37.18
C LEU A 192 48.40 12.66 37.43
N ILE A 193 47.74 11.76 36.71
CA ILE A 193 48.07 10.33 36.75
C ILE A 193 47.54 9.75 35.44
N LEU A 194 48.43 9.13 34.66
CA LEU A 194 48.11 8.93 33.27
C LEU A 194 48.55 7.58 32.76
N ASP A 195 48.48 7.44 31.44
CA ASP A 195 49.07 6.32 30.70
C ASP A 195 48.25 6.02 29.46
N VAL A 196 48.87 5.30 28.53
CA VAL A 196 48.23 4.70 27.38
C VAL A 196 49.12 3.54 26.98
N GLU A 197 48.85 2.93 25.85
CA GLU A 197 49.88 2.13 25.19
C GLU A 197 49.68 2.26 23.70
N THR A 198 50.72 1.94 22.94
CA THR A 198 50.66 2.04 21.50
C THR A 198 50.79 0.66 20.89
N LYS A 199 50.84 0.65 19.58
CA LYS A 199 51.05 -0.58 18.85
C LYS A 199 52.53 -0.83 18.61
N ASN A 200 53.26 -0.84 19.73
CA ASN A 200 54.69 -1.11 19.79
C ASN A 200 55.44 -0.65 18.56
N SER A 201 55.24 0.59 18.14
CA SER A 201 56.08 1.14 17.10
C SER A 201 56.92 2.29 17.61
N ILE A 202 56.65 2.75 18.83
CA ILE A 202 57.36 3.89 19.40
C ILE A 202 57.28 3.80 20.92
N SER A 203 57.83 4.82 21.57
CA SER A 203 57.58 5.01 22.98
C SER A 203 56.43 5.98 23.16
N PRO A 204 55.81 5.99 24.33
CA PRO A 204 54.81 7.02 24.63
C PRO A 204 55.25 8.37 24.14
N ARG A 205 56.54 8.66 24.26
CA ARG A 205 57.07 9.94 23.84
C ARG A 205 56.71 10.20 22.39
N ASP A 206 57.72 10.31 21.55
CA ASP A 206 57.50 10.08 20.13
C ASP A 206 56.24 10.76 19.65
N ALA A 207 55.15 10.00 19.55
CA ALA A 207 53.84 10.61 19.47
C ALA A 207 53.70 11.67 20.55
N LEU A 208 53.43 11.23 21.78
CA LEU A 208 53.54 12.10 22.94
C LEU A 208 54.24 13.39 22.59
N ALA A 209 55.45 13.29 22.07
CA ALA A 209 56.07 14.45 21.45
C ALA A 209 55.10 15.12 20.49
N SER A 210 54.87 14.49 19.34
CA SER A 210 53.92 15.01 18.36
C SER A 210 52.76 15.71 19.05
N ALA A 211 52.12 15.01 19.98
CA ALA A 211 51.20 15.65 20.89
C ALA A 211 51.68 17.06 21.24
N GLY A 212 52.54 17.16 22.26
CA GLY A 212 52.98 18.48 22.68
C GLY A 212 53.20 19.42 21.50
N LYS A 213 53.71 18.87 20.39
CA LYS A 213 54.04 19.71 19.24
C LYS A 213 52.78 20.30 18.63
N THR A 214 52.13 19.57 17.72
CA THR A 214 50.90 20.07 17.12
C THR A 214 50.05 20.81 18.13
N LEU A 215 50.07 20.35 19.37
CA LEU A 215 49.49 21.15 20.44
C LEU A 215 49.99 22.58 20.41
N VAL A 216 51.07 22.86 21.13
CA VAL A 216 51.63 24.19 21.12
C VAL A 216 51.41 24.84 19.76
N GLU A 217 52.02 24.27 18.73
CA GLU A 217 51.48 24.36 17.38
C GLU A 217 50.02 24.71 17.38
N LEU A 218 49.20 23.80 17.84
CA LEU A 218 47.75 23.99 17.92
C LEU A 218 47.34 25.32 18.52
N PHE A 219 48.25 26.08 19.10
CA PHE A 219 47.73 27.20 19.88
C PHE A 219 48.35 28.53 19.53
N GLY A 220 49.46 28.56 18.78
CA GLY A 220 50.00 29.85 18.39
C GLY A 220 48.91 30.82 18.00
N LEU A 221 48.08 30.42 17.05
CA LEU A 221 46.69 30.86 17.04
C LEU A 221 46.15 31.13 18.43
N ALA A 222 45.84 30.09 19.19
CA ALA A 222 45.30 30.21 20.53
C ALA A 222 46.00 31.30 21.34
N ARG A 223 47.30 31.47 21.16
CA ARG A 223 48.05 32.57 21.75
C ARG A 223 47.37 33.92 21.54
N GLU A 224 47.88 34.97 22.18
CA GLU A 224 47.56 36.35 21.84
C GLU A 224 47.50 36.58 20.35
N LEU A 225 47.71 35.53 19.55
CA LEU A 225 47.95 35.66 18.12
C LEU A 225 47.25 36.87 17.52
N ASN A 226 46.21 37.37 18.16
CA ASN A 226 45.63 38.65 17.81
C ASN A 226 45.38 39.50 19.04
N MET B 1 54.21 17.37 8.97
CA MET B 1 52.76 17.39 9.14
C MET B 1 52.21 18.79 9.20
N LEU B 2 51.23 19.07 8.37
CA LEU B 2 50.61 20.39 8.33
C LEU B 2 49.13 20.27 8.01
N ILE B 3 48.38 21.28 8.45
CA ILE B 3 46.94 21.35 8.27
C ILE B 3 46.48 20.97 6.88
N SER B 4 47.08 21.53 5.85
CA SER B 4 46.42 21.61 4.55
C SER B 4 45.13 22.39 4.65
N GLN B 5 45.05 23.30 5.62
CA GLN B 5 43.94 24.22 5.83
C GLN B 5 44.44 25.32 6.75
N ARG B 6 43.60 25.72 7.70
CA ARG B 6 44.02 26.61 8.78
C ARG B 6 42.91 27.41 9.42
N PRO B 7 42.35 26.96 10.54
CA PRO B 7 41.43 27.82 11.31
C PRO B 7 42.01 29.20 11.54
N THR B 8 41.14 30.12 11.91
CA THR B 8 41.43 31.55 11.89
C THR B 8 40.51 32.29 12.84
N LEU B 9 41.08 33.20 13.63
CA LEU B 9 40.27 34.06 14.50
C LEU B 9 39.07 34.58 13.76
N SER B 10 37.94 34.66 14.45
CA SER B 10 36.83 35.50 14.04
C SER B 10 36.54 36.42 15.21
N GLU B 11 36.92 37.68 15.10
CA GLU B 11 36.53 38.60 16.13
C GLU B 11 35.02 38.86 16.06
N ASP B 12 34.39 38.86 17.21
CA ASP B 12 33.04 39.39 17.36
C ASP B 12 33.00 40.33 18.55
N VAL B 13 32.51 41.54 18.32
CA VAL B 13 32.29 42.52 19.35
C VAL B 13 30.82 42.50 19.71
N LEU B 14 30.52 42.23 20.96
CA LEU B 14 29.16 42.29 21.46
C LEU B 14 29.05 43.46 22.40
N THR B 15 29.46 43.27 23.66
CA THR B 15 29.49 44.35 24.61
C THR B 15 30.88 44.59 25.15
N ASP B 16 30.95 45.49 26.13
CA ASP B 16 32.08 45.59 27.02
C ASP B 16 32.77 44.25 27.21
N ASN B 17 32.47 43.61 28.32
CA ASN B 17 33.17 42.41 28.73
C ASN B 17 32.39 41.20 28.28
N ARG B 18 31.59 41.37 27.24
CA ARG B 18 30.97 40.24 26.58
C ARG B 18 30.98 40.46 25.07
N SER B 19 31.27 39.38 24.33
CA SER B 19 31.39 39.45 22.89
C SER B 19 31.89 38.11 22.35
N GLN B 20 31.34 37.70 21.21
CA GLN B 20 31.61 36.37 20.72
C GLN B 20 32.76 36.43 19.73
N PHE B 21 33.09 35.26 19.18
CA PHE B 21 34.08 35.06 18.16
C PHE B 21 33.82 33.71 17.52
N VAL B 22 34.65 33.35 16.55
CA VAL B 22 34.84 31.97 16.12
C VAL B 22 36.19 31.92 15.46
N ILE B 23 36.59 30.74 15.00
CA ILE B 23 37.87 30.53 14.34
C ILE B 23 37.80 29.23 13.56
N GLU B 24 38.44 29.21 12.41
CA GLU B 24 38.02 28.37 11.30
C GLU B 24 38.95 28.68 10.15
N PRO B 25 39.11 27.77 9.17
CA PRO B 25 38.50 26.45 8.99
C PRO B 25 38.81 25.54 10.15
N LEU B 26 38.04 24.48 10.29
CA LEU B 26 38.13 23.65 11.47
C LEU B 26 37.98 22.19 11.12
N GLU B 27 39.08 21.55 10.87
CA GLU B 27 38.97 20.13 10.62
C GLU B 27 38.33 19.45 11.82
N PRO B 28 37.42 18.51 11.61
CA PRO B 28 36.79 17.84 12.74
C PRO B 28 37.79 16.96 13.47
N GLY B 29 37.61 16.86 14.77
CA GLY B 29 36.60 17.60 15.52
C GLY B 29 37.21 17.91 16.86
N PHE B 30 37.36 19.20 17.16
CA PHE B 30 38.28 19.58 18.20
C PHE B 30 37.79 20.72 19.06
N GLY B 31 36.93 21.58 18.55
CA GLY B 31 36.34 22.60 19.37
C GLY B 31 36.18 21.99 20.74
N TYR B 32 35.44 20.88 20.76
CA TYR B 32 35.47 20.01 21.91
C TYR B 32 36.87 19.92 22.47
N THR B 33 37.76 19.20 21.77
CA THR B 33 39.15 19.14 22.20
C THR B 33 39.52 20.41 22.93
N LEU B 34 39.40 21.51 22.23
CA LEU B 34 39.92 22.77 22.68
C LEU B 34 38.94 23.58 23.48
N GLY B 35 38.32 24.59 22.85
CA GLY B 35 37.39 25.46 23.56
C GLY B 35 37.01 24.91 24.91
N ASN B 36 35.78 24.43 25.03
CA ASN B 36 35.48 23.41 26.04
C ASN B 36 36.47 23.48 27.18
N SER B 37 37.54 22.70 27.08
CA SER B 37 38.72 22.97 27.86
C SER B 37 38.92 24.46 28.04
N LEU B 38 39.27 25.14 26.95
CA LEU B 38 39.45 26.58 27.00
C LEU B 38 38.42 27.22 27.90
N ARG B 39 37.15 26.91 27.66
CA ARG B 39 36.11 27.28 28.59
C ARG B 39 36.61 27.15 30.01
N ARG B 40 36.94 25.93 30.42
CA ARG B 40 37.87 25.78 31.52
C ARG B 40 39.04 26.72 31.35
N THR B 41 40.25 26.19 31.32
CA THR B 41 41.36 26.94 30.78
C THR B 41 41.25 28.41 31.13
N LEU B 42 40.95 29.22 30.12
CA LEU B 42 40.59 30.60 30.34
C LEU B 42 39.74 30.75 31.58
N LEU B 43 38.44 30.43 31.47
CA LEU B 43 37.64 30.15 32.65
C LEU B 43 38.50 29.93 33.86
N SER B 44 39.46 29.04 33.74
CA SER B 44 40.34 28.64 34.80
C SER B 44 41.48 29.63 34.91
N SER B 45 41.95 30.07 33.74
CA SER B 45 43.05 31.01 33.67
C SER B 45 42.58 32.45 33.70
N ILE B 46 42.51 33.10 34.85
CA ILE B 46 41.89 34.42 34.98
C ILE B 46 42.37 35.05 36.27
N PRO B 47 43.60 35.57 36.31
CA PRO B 47 44.08 36.22 37.53
C PRO B 47 43.29 37.48 37.82
N GLY B 48 43.07 37.74 39.08
CA GLY B 48 42.45 38.98 39.49
C GLY B 48 42.48 39.17 40.99
N ALA B 49 42.45 40.44 41.39
CA ALA B 49 42.50 40.86 42.79
C ALA B 49 41.14 40.73 43.45
N ALA B 50 40.96 39.62 44.17
CA ALA B 50 39.69 39.32 44.82
C ALA B 50 39.80 39.69 46.30
N VAL B 51 38.63 39.97 46.88
CA VAL B 51 38.53 40.71 48.12
C VAL B 51 39.05 39.87 49.27
N THR B 52 38.28 39.81 50.36
CA THR B 52 38.72 39.20 51.60
C THR B 52 37.59 39.03 52.61
N SER B 53 37.61 37.95 53.38
CA SER B 53 36.54 37.66 54.32
C SER B 53 36.43 38.81 55.30
N ILE B 54 35.90 39.94 54.83
CA ILE B 54 36.04 41.19 55.56
C ILE B 54 34.87 41.35 56.54
N ARG B 55 34.67 42.60 56.96
CA ARG B 55 33.75 42.96 58.02
C ARG B 55 33.80 44.48 58.19
N ILE B 56 33.04 45.01 59.13
CA ILE B 56 33.06 46.43 59.45
C ILE B 56 33.16 46.62 60.95
N ASP B 57 32.01 46.79 61.59
CA ASP B 57 32.00 47.39 62.92
C ASP B 57 31.02 46.67 63.83
N GLY B 58 31.01 47.08 65.10
CA GLY B 58 30.21 46.45 66.13
C GLY B 58 28.93 45.77 65.71
N VAL B 59 28.99 44.50 65.32
CA VAL B 59 27.79 43.76 64.91
C VAL B 59 28.02 42.29 65.19
N LEU B 60 29.14 41.98 65.85
CA LEU B 60 29.51 40.59 66.08
C LEU B 60 28.40 39.79 66.74
N HIS B 61 27.24 40.43 66.88
CA HIS B 61 26.02 39.66 66.93
C HIS B 61 24.81 40.43 66.47
N GLU B 62 24.98 41.66 65.96
CA GLU B 62 23.90 42.31 65.23
C GLU B 62 23.77 41.63 63.87
N PHE B 63 23.84 40.31 63.86
CA PHE B 63 24.06 39.52 62.66
C PHE B 63 23.14 39.88 61.50
N THR B 64 22.49 41.07 61.49
CA THR B 64 21.68 41.55 60.38
C THR B 64 21.50 43.07 60.49
N THR B 65 21.77 43.76 59.39
CA THR B 65 21.38 45.15 59.22
C THR B 65 22.00 45.97 60.34
N VAL B 66 21.75 47.27 60.30
CA VAL B 66 22.36 48.22 61.22
C VAL B 66 21.52 49.49 61.31
N PRO B 67 21.60 50.23 62.41
CA PRO B 67 20.91 51.52 62.49
C PRO B 67 21.48 52.51 61.49
N GLY B 68 20.84 53.66 61.37
CA GLY B 68 21.24 54.67 60.41
C GLY B 68 21.39 54.15 59.00
N VAL B 69 21.01 52.90 58.76
CA VAL B 69 21.27 52.21 57.51
C VAL B 69 20.21 51.14 57.31
N LYS B 70 19.55 51.17 56.16
CA LYS B 70 18.36 50.36 55.96
C LYS B 70 18.72 48.97 55.44
N GLU B 71 19.74 48.90 54.61
CA GLU B 71 20.15 47.66 53.97
C GLU B 71 20.46 46.58 55.01
N ASP B 72 20.97 45.45 54.54
CA ASP B 72 21.52 44.45 55.44
C ASP B 72 22.76 43.83 54.83
N VAL B 73 23.62 43.30 55.68
CA VAL B 73 24.91 42.83 55.23
C VAL B 73 24.76 41.98 53.99
N THR B 74 24.04 40.87 54.10
CA THR B 74 23.77 40.03 52.95
C THR B 74 23.52 40.86 51.71
N GLU B 75 22.36 41.49 51.60
CA GLU B 75 22.26 42.64 50.73
C GLU B 75 23.56 43.42 50.66
N ILE B 76 23.97 44.04 51.74
CA ILE B 76 25.25 44.75 51.74
C ILE B 76 26.28 43.92 51.01
N ILE B 77 26.38 42.65 51.36
CA ILE B 77 27.46 41.81 50.89
C ILE B 77 27.42 41.68 49.38
N LEU B 78 26.36 41.09 48.85
CA LEU B 78 26.34 41.12 47.40
C LEU B 78 26.64 42.50 46.86
N ASN B 79 25.94 43.51 47.33
CA ASN B 79 26.38 44.87 47.14
C ASN B 79 27.86 44.99 47.47
N LEU B 80 28.24 44.60 48.68
CA LEU B 80 29.65 44.36 48.96
C LEU B 80 30.27 43.58 47.83
N LYS B 81 30.13 42.25 47.89
CA LYS B 81 30.38 41.35 46.77
C LYS B 81 30.60 42.11 45.48
N SER B 82 29.55 42.78 45.03
CA SER B 82 29.66 43.64 43.86
C SER B 82 30.88 44.54 43.97
N LEU B 83 31.78 44.45 43.00
CA LEU B 83 32.95 45.31 42.97
C LEU B 83 33.82 45.05 41.75
N VAL B 84 34.25 46.14 41.11
CA VAL B 84 35.25 46.07 40.05
C VAL B 84 36.61 46.37 40.66
N VAL B 85 36.94 45.65 41.72
CA VAL B 85 38.17 45.87 42.46
C VAL B 85 39.35 45.54 41.58
N SER B 86 39.88 46.55 40.90
CA SER B 86 41.15 46.40 40.21
C SER B 86 42.25 46.94 41.11
N SER B 87 43.30 46.14 41.27
CA SER B 87 44.36 46.47 42.21
C SER B 87 45.59 45.65 41.86
N GLU B 88 46.48 45.48 42.85
CA GLU B 88 47.85 45.07 42.52
C GLU B 88 48.61 44.45 43.67
N GLU B 89 48.71 45.10 44.83
CA GLU B 89 49.48 44.61 45.97
C GLU B 89 49.05 43.17 46.24
N ASP B 90 49.59 42.26 45.43
CA ASP B 90 49.24 40.85 45.51
C ASP B 90 49.37 40.38 46.96
N GLU B 91 48.29 40.52 47.74
CA GLU B 91 48.39 40.33 49.18
C GLU B 91 47.14 40.85 49.88
N PRO B 92 47.19 41.11 51.19
CA PRO B 92 46.03 41.67 51.87
C PRO B 92 45.88 43.17 51.63
N VAL B 93 45.01 43.81 52.40
CA VAL B 93 44.80 45.25 52.34
C VAL B 93 43.44 45.56 52.93
N THR B 94 43.37 45.70 54.24
CA THR B 94 42.17 46.26 54.82
C THR B 94 41.99 47.68 54.33
N MET B 95 40.74 48.12 54.25
CA MET B 95 40.40 49.34 53.56
C MET B 95 39.09 49.86 54.12
N TYR B 96 39.03 51.17 54.33
CA TYR B 96 38.11 51.72 55.31
C TYR B 96 37.47 52.98 54.77
N LEU B 97 36.15 52.97 54.69
CA LEU B 97 35.36 54.10 54.21
C LEU B 97 34.21 54.32 55.17
N ARG B 98 33.83 55.57 55.37
CA ARG B 98 32.77 55.93 56.31
C ARG B 98 32.11 57.22 55.87
N LYS B 99 31.21 57.71 56.69
CA LYS B 99 30.44 58.91 56.40
C LYS B 99 29.24 59.02 57.31
N GLN B 100 29.26 59.95 58.25
CA GLN B 100 28.07 60.27 59.01
C GLN B 100 27.16 61.12 58.14
N GLY B 101 26.03 61.52 58.70
CA GLY B 101 25.01 62.13 57.89
C GLY B 101 24.50 61.13 56.88
N PRO B 102 23.21 61.21 56.56
CA PRO B 102 22.60 60.15 55.75
C PRO B 102 23.14 60.14 54.33
N GLY B 103 22.32 60.57 53.39
CA GLY B 103 22.63 60.31 52.00
C GLY B 103 22.76 58.83 51.81
N GLU B 104 23.52 58.48 50.79
CA GLU B 104 23.78 57.08 50.49
C GLU B 104 25.26 56.89 50.19
N VAL B 105 25.58 55.75 49.59
CA VAL B 105 26.96 55.37 49.42
C VAL B 105 27.12 54.57 48.14
N THR B 106 28.01 55.04 47.28
CA THR B 106 28.37 54.32 46.07
C THR B 106 29.73 53.67 46.28
N ALA B 107 30.34 53.30 45.16
CA ALA B 107 31.66 52.68 45.23
C ALA B 107 32.71 53.70 45.64
N GLY B 108 33.51 54.16 44.69
CA GLY B 108 34.63 55.07 44.91
C GLY B 108 34.48 56.04 46.06
N ASP B 109 33.35 56.03 46.75
CA ASP B 109 33.17 56.82 47.96
C ASP B 109 34.39 56.72 48.88
N ILE B 110 35.13 55.61 48.82
CA ILE B 110 36.35 55.43 49.61
C ILE B 110 37.54 55.72 48.72
N VAL B 111 38.73 55.46 49.26
CA VAL B 111 39.95 55.63 48.50
C VAL B 111 40.53 54.26 48.16
N PRO B 112 40.71 53.95 46.88
CA PRO B 112 41.63 52.88 46.51
C PRO B 112 43.04 53.41 46.44
N PRO B 113 43.81 53.30 47.51
CA PRO B 113 45.17 53.86 47.51
C PRO B 113 46.08 53.15 46.52
N ALA B 114 47.26 52.77 46.97
CA ALA B 114 48.25 52.22 46.07
C ALA B 114 47.71 51.00 45.34
N GLY B 115 48.21 50.78 44.11
CA GLY B 115 47.96 49.59 43.33
C GLY B 115 46.57 49.02 43.48
N VAL B 116 45.56 49.87 43.52
CA VAL B 116 44.19 49.46 43.79
C VAL B 116 43.25 50.51 43.20
N THR B 117 42.24 50.05 42.48
CA THR B 117 41.37 51.01 41.79
C THR B 117 39.94 50.52 41.75
N VAL B 118 39.09 51.43 41.28
CA VAL B 118 37.67 51.20 41.08
C VAL B 118 37.39 51.31 39.60
N HIS B 119 36.19 50.89 39.22
CA HIS B 119 35.68 51.00 37.87
C HIS B 119 34.17 51.10 37.86
N ASN B 120 33.60 51.82 38.81
CA ASN B 120 32.16 51.81 39.04
C ASN B 120 31.82 52.76 40.18
N PRO B 121 32.79 53.56 40.64
CA PRO B 121 32.65 54.18 41.97
C PRO B 121 31.25 54.69 42.27
N GLY B 122 30.54 55.16 41.26
CA GLY B 122 29.13 55.47 41.42
C GLY B 122 28.41 54.26 41.92
N MET B 123 28.99 53.08 41.68
CA MET B 123 28.54 51.86 42.31
C MET B 123 28.00 52.14 43.68
N HIS B 124 26.76 52.60 43.76
CA HIS B 124 26.17 52.78 45.08
C HIS B 124 26.41 51.54 45.91
N ILE B 125 26.36 51.73 47.22
CA ILE B 125 26.50 50.64 48.15
C ILE B 125 25.61 50.82 49.36
N ALA B 126 25.52 52.03 49.89
CA ALA B 126 24.97 52.20 51.22
C ALA B 126 24.12 53.44 51.25
N THR B 127 22.86 53.27 51.63
CA THR B 127 21.91 54.36 51.75
C THR B 127 21.80 54.72 53.21
N LEU B 128 22.30 55.88 53.59
CA LEU B 128 22.43 56.22 55.01
C LEU B 128 21.08 56.65 55.55
N ASN B 129 20.79 56.27 56.79
CA ASN B 129 19.55 56.72 57.43
C ASN B 129 19.83 57.84 58.40
N ASP B 130 19.69 57.54 59.69
CA ASP B 130 19.88 58.54 60.74
C ASP B 130 21.28 59.14 60.69
N LYS B 131 21.76 59.45 59.48
CA LYS B 131 22.99 60.21 59.33
C LYS B 131 24.22 59.39 59.71
N GLY B 132 24.03 58.11 59.95
CA GLY B 132 25.10 57.29 60.48
C GLY B 132 26.43 57.48 59.77
N LYS B 133 27.52 57.17 60.47
CA LYS B 133 28.82 57.00 59.85
C LYS B 133 29.35 55.62 60.19
N LEU B 134 30.43 55.21 59.53
CA LEU B 134 30.99 53.88 59.71
C LEU B 134 32.05 53.58 58.67
N GLU B 135 33.30 53.46 59.13
CA GLU B 135 34.36 52.90 58.29
C GLU B 135 34.10 51.41 58.18
N VAL B 136 34.77 50.76 57.23
CA VAL B 136 34.51 49.37 56.95
C VAL B 136 35.81 48.62 56.80
N GLU B 137 35.82 47.39 57.28
CA GLU B 137 37.00 46.54 57.27
C GLU B 137 37.01 45.79 55.94
N LEU B 138 38.01 46.06 55.10
CA LEU B 138 37.99 45.42 53.79
C LEU B 138 39.40 45.14 53.28
N VAL B 139 39.63 43.87 52.95
CA VAL B 139 40.85 43.44 52.26
C VAL B 139 40.43 42.79 50.95
N VAL B 140 41.36 42.78 50.00
CA VAL B 140 41.19 42.11 48.71
C VAL B 140 42.53 41.50 48.36
N GLU B 141 42.60 40.85 47.20
CA GLU B 141 43.84 40.21 46.80
C GLU B 141 43.63 39.48 45.50
N ARG B 142 44.71 39.29 44.76
CA ARG B 142 44.56 38.82 43.40
C ARG B 142 44.67 37.32 43.28
N GLY B 143 44.96 36.89 42.06
CA GLY B 143 44.99 35.49 41.72
C GLY B 143 44.09 35.25 40.54
N ARG B 144 44.17 34.04 40.00
CA ARG B 144 43.23 33.60 38.98
C ARG B 144 42.04 32.99 39.67
N GLY B 145 40.89 33.14 39.03
CA GLY B 145 39.75 32.42 39.52
C GLY B 145 39.32 32.85 40.92
N TYR B 146 38.09 33.36 40.98
CA TYR B 146 37.35 33.49 42.23
C TYR B 146 37.78 32.44 43.24
N VAL B 147 37.63 32.77 44.51
CA VAL B 147 37.84 31.83 45.60
C VAL B 147 36.63 31.92 46.52
N PRO B 148 36.09 30.79 47.00
CA PRO B 148 34.80 30.83 47.70
C PRO B 148 34.92 31.39 49.11
N ALA B 149 33.80 31.93 49.61
CA ALA B 149 33.73 32.44 50.96
C ALA B 149 34.09 31.36 51.98
N VAL B 150 35.26 30.74 51.81
CA VAL B 150 35.68 29.62 52.65
C VAL B 150 35.43 29.99 54.10
N GLN B 151 35.00 29.02 54.89
CA GLN B 151 35.06 29.12 56.34
C GLN B 151 36.36 29.78 56.74
N ASN B 152 36.34 31.10 56.89
CA ASN B 152 37.56 31.85 57.12
C ASN B 152 38.32 31.30 58.32
N ARG B 153 39.63 31.54 58.32
CA ARG B 153 40.58 30.87 59.22
C ARG B 153 40.58 31.46 60.62
N ALA B 154 39.87 32.52 60.85
CA ALA B 154 39.86 32.96 62.24
C ALA B 154 39.18 31.94 63.15
N SER B 155 38.27 31.14 62.60
CA SER B 155 37.46 30.21 63.38
C SER B 155 36.95 30.89 64.65
N GLY B 156 36.62 32.17 64.52
CA GLY B 156 36.21 32.96 65.66
C GLY B 156 37.26 33.98 66.05
N ALA B 157 38.53 33.61 65.89
CA ALA B 157 39.63 34.51 66.20
C ALA B 157 39.46 35.87 65.59
N GLU B 158 38.58 36.01 64.61
CA GLU B 158 38.38 37.26 63.92
C GLU B 158 37.45 38.17 64.69
N ILE B 159 37.57 39.48 64.41
CA ILE B 159 36.65 40.47 64.92
C ILE B 159 35.34 40.47 64.16
N GLY B 160 35.19 39.63 63.16
CA GLY B 160 33.97 39.62 62.37
C GLY B 160 34.21 39.71 60.89
N ARG B 161 35.47 39.85 60.48
CA ARG B 161 35.78 39.82 59.06
C ARG B 161 35.34 38.46 58.52
N ILE B 162 34.26 38.47 57.76
CA ILE B 162 33.45 37.26 57.59
C ILE B 162 34.00 36.42 56.45
N PRO B 163 34.07 35.11 56.61
CA PRO B 163 34.66 34.26 55.57
C PRO B 163 34.08 34.51 54.19
N VAL B 164 34.24 35.72 53.66
CA VAL B 164 33.49 36.14 52.48
C VAL B 164 34.16 35.56 51.24
N ASP B 165 33.69 36.00 50.08
CA ASP B 165 34.18 35.48 48.81
C ASP B 165 35.25 36.38 48.22
N SER B 166 35.58 36.12 46.96
CA SER B 166 36.58 36.86 46.22
C SER B 166 36.93 36.10 44.95
N ILE B 167 36.69 36.75 43.82
CA ILE B 167 36.90 36.15 42.51
C ILE B 167 38.28 36.58 42.03
N TYR B 168 39.23 35.66 42.02
CA TYR B 168 40.48 35.97 41.36
C TYR B 168 40.29 36.02 39.86
N SER B 169 39.14 35.54 39.38
CA SER B 169 38.86 35.46 37.96
C SER B 169 38.00 36.63 37.49
N PRO B 170 38.63 37.71 37.01
CA PRO B 170 37.84 38.87 36.56
C PRO B 170 36.93 38.59 35.37
N VAL B 171 36.99 37.41 34.77
CA VAL B 171 36.09 37.07 33.69
C VAL B 171 34.68 37.06 34.24
N LEU B 172 33.73 36.76 33.37
CA LEU B 172 32.34 36.83 33.76
C LEU B 172 31.41 35.84 33.09
N LYS B 173 31.86 35.07 32.09
CA LYS B 173 31.00 34.05 31.50
C LYS B 173 31.54 33.63 30.14
N VAL B 174 30.86 32.68 29.51
CA VAL B 174 31.35 32.00 28.33
C VAL B 174 30.16 31.54 27.49
N THR B 175 30.41 31.32 26.21
CA THR B 175 29.49 30.61 25.35
C THR B 175 30.19 30.34 24.04
N TYR B 176 29.61 29.46 23.23
CA TYR B 176 30.42 28.80 22.22
C TYR B 176 29.68 27.56 21.73
N LYS B 177 30.43 26.74 21.02
CA LYS B 177 30.13 25.37 20.66
C LYS B 177 30.70 25.12 19.27
N VAL B 178 30.39 23.95 18.73
CA VAL B 178 31.02 23.46 17.52
C VAL B 178 30.02 23.55 16.37
N ASP B 179 30.56 23.52 15.15
CA ASP B 179 29.75 23.69 13.95
C ASP B 179 30.39 22.92 12.81
N ALA B 180 29.81 21.78 12.49
CA ALA B 180 30.22 21.00 11.32
C ALA B 180 29.82 21.75 10.06
N THR B 181 30.74 21.88 9.12
CA THR B 181 30.48 22.70 7.95
C THR B 181 31.36 22.32 6.78
N ARG B 182 31.04 22.90 5.62
CA ARG B 182 31.70 22.61 4.35
C ARG B 182 32.03 21.12 4.24
N VAL B 183 31.20 20.45 3.44
CA VAL B 183 31.19 18.99 3.45
C VAL B 183 31.59 18.40 2.11
N GLU B 184 30.88 18.69 1.04
CA GLU B 184 31.35 18.34 -0.29
C GLU B 184 32.82 18.67 -0.45
N GLN B 185 33.17 19.95 -0.33
CA GLN B 185 34.57 20.31 -0.28
C GLN B 185 35.20 19.93 1.05
N ARG B 186 35.44 20.89 1.93
CA ARG B 186 36.08 20.65 3.21
C ARG B 186 35.40 19.55 4.00
N THR B 187 35.08 18.43 3.35
CA THR B 187 34.36 17.29 3.93
C THR B 187 33.93 17.56 5.37
N ASP B 188 32.97 18.48 5.48
CA ASP B 188 32.39 18.87 6.75
C ASP B 188 33.47 19.11 7.79
N PHE B 189 34.00 20.32 7.79
CA PHE B 189 35.01 20.67 8.77
C PHE B 189 34.43 21.67 9.75
N ASP B 190 34.97 21.65 10.96
CA ASP B 190 34.37 22.27 12.13
C ASP B 190 34.18 23.75 11.89
N LYS B 191 33.40 24.37 12.77
CA LYS B 191 33.07 25.78 12.66
C LYS B 191 32.83 26.32 14.06
N LEU B 192 33.39 27.48 14.34
CA LEU B 192 33.62 27.89 15.71
C LEU B 192 32.55 28.87 16.20
N ILE B 193 32.69 29.25 17.48
CA ILE B 193 31.63 29.89 18.26
C ILE B 193 32.25 30.45 19.52
N LEU B 194 32.40 31.77 19.63
CA LEU B 194 33.34 32.23 20.64
C LEU B 194 32.91 33.49 21.38
N ASP B 195 31.86 33.38 22.20
CA ASP B 195 31.59 34.47 23.13
C ASP B 195 31.91 33.99 24.53
N VAL B 196 31.82 34.88 25.50
CA VAL B 196 32.45 34.69 26.79
C VAL B 196 32.51 36.04 27.47
N GLU B 197 32.37 36.04 28.79
CA GLU B 197 32.06 37.25 29.53
C GLU B 197 33.16 37.61 30.51
N THR B 198 33.50 38.89 30.53
CA THR B 198 34.64 39.41 31.27
C THR B 198 34.14 40.32 32.36
N LYS B 199 35.05 40.81 33.19
CA LYS B 199 34.78 42.07 33.86
C LYS B 199 34.97 43.19 32.87
N ASN B 200 34.32 44.32 33.10
CA ASN B 200 34.64 45.54 32.39
C ASN B 200 36.14 45.70 32.19
N SER B 201 36.89 45.37 33.24
CA SER B 201 38.31 45.73 33.32
C SER B 201 39.05 45.50 32.01
N ILE B 202 38.70 44.47 31.25
CA ILE B 202 39.53 44.10 30.11
C ILE B 202 38.66 43.45 29.05
N SER B 203 39.23 43.28 27.86
CA SER B 203 38.59 42.52 26.81
C SER B 203 38.95 41.06 26.97
N PRO B 204 38.13 40.16 26.42
CA PRO B 204 38.51 38.75 26.38
C PRO B 204 39.90 38.54 25.83
N ARG B 205 39.99 38.32 24.52
CA ARG B 205 41.01 38.99 23.75
C ARG B 205 42.27 39.26 24.53
N ASP B 206 42.16 40.05 25.59
CA ASP B 206 43.23 40.26 26.54
C ASP B 206 43.81 38.97 27.06
N ALA B 207 43.80 38.75 28.37
CA ALA B 207 44.27 37.51 28.97
C ALA B 207 44.00 36.33 28.06
N LEU B 208 42.86 36.31 27.38
CA LEU B 208 42.71 35.49 26.20
C LEU B 208 44.02 35.28 25.47
N ALA B 209 44.58 36.35 24.94
CA ALA B 209 45.98 36.34 24.58
C ALA B 209 46.78 35.46 25.52
N SER B 210 46.94 35.91 26.77
CA SER B 210 47.57 35.07 27.78
C SER B 210 47.01 33.66 27.73
N ALA B 211 45.69 33.54 27.79
CA ALA B 211 45.06 32.24 27.70
C ALA B 211 45.83 31.34 26.73
N GLY B 212 45.67 31.59 25.43
CA GLY B 212 46.48 30.87 24.46
C GLY B 212 47.90 30.72 24.92
N LYS B 213 48.45 31.77 25.52
CA LYS B 213 49.78 31.67 26.09
C LYS B 213 49.83 30.59 27.16
N THR B 214 49.82 31.00 28.42
CA THR B 214 49.35 30.18 29.50
C THR B 214 49.07 28.77 29.07
N LEU B 215 47.81 28.46 28.83
CA LEU B 215 47.41 27.53 27.79
C LEU B 215 48.58 26.76 27.21
N VAL B 216 49.19 27.27 26.15
CA VAL B 216 50.28 26.55 25.52
C VAL B 216 51.33 26.17 26.53
N GLU B 217 51.88 27.18 27.21
CA GLU B 217 52.91 27.02 28.21
C GLU B 217 52.98 25.60 28.76
N LEU B 218 51.92 25.15 29.42
CA LEU B 218 51.66 23.75 29.60
C LEU B 218 52.28 22.88 28.52
N PHE B 219 51.67 22.90 27.35
CA PHE B 219 52.07 22.04 26.25
C PHE B 219 53.56 22.03 26.04
N GLY B 220 54.19 23.20 26.09
CA GLY B 220 55.64 23.25 26.04
C GLY B 220 56.24 22.01 26.67
N LEU B 221 56.03 21.83 27.97
CA LEU B 221 56.30 20.54 28.60
C LEU B 221 56.14 19.40 27.62
N ALA B 222 54.95 18.79 27.63
CA ALA B 222 54.66 17.72 26.69
C ALA B 222 55.41 17.92 25.40
N ARG B 223 55.11 18.99 24.68
CA ARG B 223 55.92 19.32 23.54
C ARG B 223 57.40 19.29 23.90
N GLU B 224 57.89 20.33 24.57
CA GLU B 224 59.29 20.37 24.97
C GLU B 224 59.64 19.14 25.79
N LEU B 225 60.01 18.08 25.10
CA LEU B 225 60.37 16.83 25.73
C LEU B 225 61.19 15.94 24.83
N ASN B 226 61.34 16.32 23.57
CA ASN B 226 61.83 15.42 22.53
C ASN B 226 61.29 15.98 21.21
N VAL B 227 61.74 17.18 20.87
CA VAL B 227 61.22 17.92 19.71
C VAL B 227 61.02 16.99 18.53
N GLU B 228 61.77 15.90 18.50
CA GLU B 228 61.66 14.86 17.50
C GLU B 228 60.22 14.40 17.37
N ALA B 229 59.31 15.33 17.22
CA ALA B 229 57.88 15.06 17.06
C ALA B 229 57.47 15.51 15.66
N GLU B 230 56.32 15.03 15.21
CA GLU B 230 55.86 15.27 13.85
C GLU B 230 54.69 16.25 13.92
N GLY B 231 54.60 16.95 15.06
CA GLY B 231 53.56 17.93 15.31
C GLY B 231 53.09 18.61 14.04
N ILE B 232 51.88 18.25 13.62
CA ILE B 232 51.35 18.70 12.34
C ILE B 232 51.33 20.21 12.33
N GLU B 233 51.27 20.79 11.14
CA GLU B 233 51.53 22.20 10.97
C GLU B 233 50.35 22.95 10.36
N ILE B 234 50.36 24.25 10.56
CA ILE B 234 49.45 25.17 9.90
C ILE B 234 50.05 25.69 8.60
N GLY B 235 51.34 26.00 8.64
CA GLY B 235 51.95 26.96 7.75
C GLY B 235 52.25 28.20 8.56
N PRO B 236 52.93 29.17 7.98
CA PRO B 236 53.25 30.39 8.73
C PRO B 236 52.05 31.29 8.87
N SER B 237 52.32 32.59 8.87
CA SER B 237 51.26 33.58 8.83
C SER B 237 50.25 33.25 7.75
N ASN C 24 26.55 -33.62 24.41
CA ASN C 24 26.86 -35.04 24.36
C ASN C 24 26.71 -35.57 22.94
N SER C 25 27.28 -36.75 22.69
CA SER C 25 27.09 -37.43 21.42
C SER C 25 27.53 -36.57 20.25
N VAL C 26 28.49 -35.69 20.50
CA VAL C 26 28.89 -34.71 19.50
C VAL C 26 30.34 -34.94 19.12
N PRO C 27 30.63 -35.43 17.92
CA PRO C 27 32.04 -35.63 17.54
C PRO C 27 32.85 -34.36 17.67
N GLY C 28 32.54 -33.34 16.88
CA GLY C 28 33.25 -32.09 16.99
C GLY C 28 32.82 -31.26 18.18
N ALA C 29 32.35 -31.92 19.23
CA ALA C 29 31.72 -31.20 20.34
C ALA C 29 32.71 -30.31 21.09
N PRO C 30 32.32 -29.07 21.37
CA PRO C 30 32.90 -28.35 22.50
C PRO C 30 31.98 -28.43 23.69
N ASN C 31 31.94 -27.37 24.49
CA ASN C 31 30.89 -27.23 25.51
C ASN C 31 30.52 -25.77 25.74
N ARG C 32 29.35 -25.42 25.26
CA ARG C 32 28.64 -24.23 25.70
C ARG C 32 27.94 -24.56 27.00
N VAL C 33 28.71 -24.62 28.08
CA VAL C 33 28.15 -25.11 29.33
C VAL C 33 26.82 -24.46 29.61
N SER C 34 25.81 -25.29 29.89
CA SER C 34 24.43 -24.87 30.07
C SER C 34 24.01 -24.88 31.52
N PHE C 35 22.70 -24.86 31.74
CA PHE C 35 22.14 -24.88 33.08
C PHE C 35 21.15 -26.00 33.31
N ALA C 36 21.46 -27.21 32.88
CA ALA C 36 20.47 -28.27 33.00
C ALA C 36 20.18 -28.57 34.46
N LYS C 37 19.08 -28.01 34.93
CA LYS C 37 18.51 -28.45 36.20
C LYS C 37 17.79 -29.78 36.06
N LEU C 38 17.76 -30.37 34.89
CA LEU C 38 16.82 -31.43 34.61
C LEU C 38 17.49 -32.55 33.82
N ARG C 39 16.67 -33.44 33.28
CA ARG C 39 17.13 -34.50 32.41
C ARG C 39 16.05 -34.88 31.42
N GLU C 40 16.49 -35.15 30.19
CA GLU C 40 15.65 -35.80 29.19
C GLU C 40 16.35 -37.04 28.72
N PRO C 41 15.92 -38.19 29.19
CA PRO C 41 16.31 -39.44 28.54
C PRO C 41 16.18 -39.32 27.04
N LEU C 42 15.07 -38.75 26.57
CA LEU C 42 14.88 -38.47 25.16
C LEU C 42 16.05 -37.67 24.63
N GLU C 43 16.13 -37.58 23.31
CA GLU C 43 17.11 -36.76 22.65
C GLU C 43 16.60 -36.28 21.30
N VAL C 44 17.40 -35.45 20.65
CA VAL C 44 16.96 -34.65 19.52
C VAL C 44 16.54 -35.51 18.34
N PRO C 45 15.29 -35.41 17.92
CA PRO C 45 14.87 -36.05 16.67
C PRO C 45 15.65 -35.52 15.47
N GLY C 46 15.09 -35.71 14.27
CA GLY C 46 15.76 -35.32 13.06
C GLY C 46 14.92 -34.43 12.16
N LEU C 47 13.69 -34.17 12.56
CA LEU C 47 12.91 -33.16 11.85
C LEU C 47 12.78 -33.49 10.39
N LEU C 48 13.02 -32.48 9.57
CA LEU C 48 13.68 -32.63 8.29
C LEU C 48 13.25 -33.89 7.58
N ASP C 49 13.56 -35.04 8.17
CA ASP C 49 12.94 -36.30 7.81
C ASP C 49 11.62 -36.05 7.09
N VAL C 50 10.55 -35.85 7.85
CA VAL C 50 9.30 -35.33 7.32
C VAL C 50 8.92 -35.93 5.98
N GLN C 51 8.15 -35.20 5.18
CA GLN C 51 7.85 -35.49 3.78
C GLN C 51 8.71 -36.61 3.23
N THR C 52 9.59 -36.31 2.29
CA THR C 52 10.78 -37.14 2.09
C THR C 52 10.43 -38.60 2.24
N ASP C 53 10.77 -39.14 3.40
CA ASP C 53 10.01 -40.22 4.00
C ASP C 53 8.72 -40.47 3.23
N SER C 54 7.77 -39.54 3.33
CA SER C 54 6.66 -39.50 2.39
C SER C 54 7.12 -39.88 1.00
N PHE C 55 7.41 -38.89 0.16
CA PHE C 55 8.25 -39.07 -1.01
C PHE C 55 8.87 -40.45 -1.02
N GLU C 56 9.90 -40.62 -0.20
CA GLU C 56 10.42 -41.92 0.15
C GLU C 56 9.28 -42.93 0.19
N TRP C 57 8.55 -43.01 1.29
CA TRP C 57 7.29 -43.74 1.25
C TRP C 57 6.50 -43.52 -0.03
N LEU C 58 6.20 -42.28 -0.38
CA LEU C 58 5.50 -42.01 -1.61
C LEU C 58 6.06 -42.87 -2.72
N ILE C 59 7.32 -42.64 -3.05
CA ILE C 59 8.12 -43.70 -3.64
C ILE C 59 7.77 -45.00 -2.94
N GLY C 60 8.17 -45.12 -1.70
CA GLY C 60 7.99 -46.32 -0.94
C GLY C 60 9.22 -47.20 -0.84
N SER C 61 10.39 -46.61 -0.96
CA SER C 61 11.63 -47.37 -1.01
C SER C 61 11.65 -48.58 -0.10
N PRO C 62 12.17 -49.71 -0.58
CA PRO C 62 12.59 -50.78 0.34
C PRO C 62 13.35 -50.23 1.50
N ARG C 63 13.91 -49.03 1.36
CA ARG C 63 14.03 -48.17 2.52
C ARG C 63 12.70 -48.09 3.21
N TRP C 64 12.17 -46.87 3.35
CA TRP C 64 10.85 -46.71 3.95
C TRP C 64 10.12 -48.02 4.05
N ARG C 65 9.93 -48.69 2.91
CA ARG C 65 9.49 -50.08 2.96
C ARG C 65 10.00 -50.75 4.21
N GLU C 66 11.32 -50.92 4.30
CA GLU C 66 11.89 -51.25 5.58
C GLU C 66 11.40 -50.28 6.65
N SER C 67 11.41 -48.99 6.36
CA SER C 67 11.16 -48.00 7.40
C SER C 67 9.87 -48.33 8.13
N ALA C 68 8.77 -47.74 7.69
CA ALA C 68 7.44 -48.24 8.02
C ALA C 68 7.50 -49.69 8.44
N ALA C 69 7.62 -50.56 7.45
CA ALA C 69 7.91 -51.97 7.67
C ALA C 69 8.26 -52.31 9.09
N GLU C 70 9.10 -51.54 9.75
CA GLU C 70 9.56 -51.88 11.08
C GLU C 70 8.44 -51.83 12.10
N ARG C 71 8.59 -50.99 13.12
CA ARG C 71 7.48 -50.47 13.91
C ARG C 71 6.15 -51.03 13.43
N GLY C 72 6.00 -52.33 13.55
CA GLY C 72 4.83 -52.97 12.99
C GLY C 72 4.61 -52.51 11.57
N ASP C 73 3.35 -52.21 11.25
CA ASP C 73 2.99 -51.67 9.95
C ASP C 73 2.82 -52.80 8.95
N VAL C 74 1.55 -53.13 8.69
CA VAL C 74 1.22 -54.34 7.94
C VAL C 74 1.81 -54.28 6.54
N ASN C 75 1.02 -53.80 5.58
CA ASN C 75 1.41 -53.84 4.18
C ASN C 75 1.44 -52.44 3.62
N PRO C 76 2.19 -51.53 4.24
CA PRO C 76 2.32 -50.18 3.69
C PRO C 76 2.73 -50.24 2.23
N VAL C 77 2.68 -49.08 1.59
CA VAL C 77 2.87 -49.01 0.15
C VAL C 77 3.46 -47.66 -0.25
N GLY C 78 4.52 -47.70 -1.04
CA GLY C 78 5.02 -46.50 -1.66
C GLY C 78 3.89 -45.75 -2.30
N GLY C 79 3.69 -44.48 -1.93
CA GLY C 79 2.59 -43.73 -2.48
C GLY C 79 2.47 -43.90 -3.98
N LEU C 80 2.05 -45.07 -4.43
CA LEU C 80 2.16 -45.39 -5.85
C LEU C 80 1.08 -46.38 -6.29
N GLU C 81 1.48 -47.60 -6.63
CA GLU C 81 0.58 -48.76 -6.62
C GLU C 81 -0.84 -48.38 -6.92
N GLU C 82 -1.76 -48.79 -6.05
CA GLU C 82 -2.57 -47.72 -5.54
C GLU C 82 -3.11 -46.87 -6.67
N VAL C 83 -2.50 -45.72 -6.92
CA VAL C 83 -2.43 -45.18 -8.26
C VAL C 83 -2.79 -46.23 -9.29
N LEU C 84 -1.74 -46.92 -9.75
CA LEU C 84 -1.91 -48.18 -10.44
C LEU C 84 -3.26 -48.79 -10.12
N TYR C 85 -3.38 -49.37 -8.94
CA TYR C 85 -4.51 -50.24 -8.68
C TYR C 85 -5.78 -49.47 -8.41
N GLU C 86 -5.70 -48.37 -7.66
CA GLU C 86 -6.86 -47.49 -7.56
C GLU C 86 -7.53 -47.31 -8.90
N LEU C 87 -6.77 -47.39 -10.00
CA LEU C 87 -7.42 -47.77 -11.25
C LEU C 87 -6.99 -49.15 -11.69
N SER C 88 -5.70 -49.31 -12.02
CA SER C 88 -5.24 -50.54 -12.64
C SER C 88 -5.82 -51.74 -11.90
N PRO C 89 -6.11 -52.83 -12.63
CA PRO C 89 -5.81 -52.87 -14.06
C PRO C 89 -6.78 -52.06 -14.90
N ILE C 90 -7.12 -52.61 -16.07
CA ILE C 90 -7.73 -51.82 -17.12
C ILE C 90 -8.77 -52.65 -17.85
N GLU C 91 -9.54 -52.01 -18.72
CA GLU C 91 -10.35 -52.73 -19.68
C GLU C 91 -11.21 -51.77 -20.47
N ASP C 92 -11.62 -52.20 -21.66
CA ASP C 92 -12.58 -51.50 -22.47
C ASP C 92 -13.91 -51.40 -21.75
N PHE C 93 -14.86 -50.72 -22.40
CA PHE C 93 -16.27 -50.84 -22.04
C PHE C 93 -16.94 -51.98 -22.77
N SER C 94 -16.32 -52.48 -23.85
CA SER C 94 -16.83 -53.66 -24.50
C SER C 94 -16.60 -54.91 -23.68
N GLY C 95 -15.92 -54.76 -22.54
CA GLY C 95 -15.60 -55.93 -21.74
C GLY C 95 -14.80 -56.98 -22.48
N SER C 96 -13.89 -56.56 -23.36
CA SER C 96 -13.17 -57.49 -24.21
C SER C 96 -11.69 -57.16 -24.35
N MET C 97 -11.24 -56.01 -23.87
CA MET C 97 -9.82 -55.70 -23.86
C MET C 97 -9.40 -55.38 -22.44
N SER C 98 -8.46 -56.16 -21.93
CA SER C 98 -8.05 -56.03 -20.54
C SER C 98 -6.59 -55.61 -20.46
N LEU C 99 -6.37 -54.41 -19.95
CA LEU C 99 -5.04 -53.92 -19.63
C LEU C 99 -4.81 -53.97 -18.12
N SER C 100 -3.57 -54.22 -17.74
CA SER C 100 -3.14 -54.02 -16.36
C SER C 100 -1.73 -53.46 -16.38
N PHE C 101 -1.15 -53.31 -15.20
CA PHE C 101 0.10 -52.55 -15.08
C PHE C 101 1.22 -53.41 -14.50
N SER C 102 2.23 -52.75 -13.96
CA SER C 102 3.28 -53.34 -13.14
C SER C 102 4.60 -52.63 -13.44
N ASP C 103 5.63 -53.00 -12.68
CA ASP C 103 6.93 -52.35 -12.68
C ASP C 103 6.85 -50.94 -12.14
N PRO C 104 6.01 -50.70 -11.14
CA PRO C 104 6.04 -49.39 -10.48
C PRO C 104 7.47 -49.13 -10.03
N ARG C 105 8.12 -48.13 -10.62
CA ARG C 105 9.50 -47.87 -10.32
C ARG C 105 10.07 -46.85 -11.30
N PHE C 106 11.36 -46.59 -11.15
CA PHE C 106 12.08 -45.63 -11.97
C PHE C 106 13.43 -46.15 -12.40
N ASP C 107 14.14 -45.32 -13.16
CA ASP C 107 15.52 -45.57 -13.50
C ASP C 107 16.39 -44.79 -12.53
N ASP C 108 17.26 -43.94 -13.06
CA ASP C 108 18.18 -43.17 -12.24
C ASP C 108 18.64 -41.90 -12.94
N VAL C 109 19.01 -40.92 -12.12
CA VAL C 109 19.31 -39.59 -12.63
C VAL C 109 20.53 -39.64 -13.53
N LYS C 110 21.47 -38.71 -13.29
CA LYS C 110 22.44 -38.38 -14.31
C LYS C 110 23.12 -37.04 -14.02
N ALA C 111 23.39 -36.76 -12.75
CA ALA C 111 24.01 -35.47 -12.45
C ALA C 111 24.42 -35.36 -10.98
N PRO C 112 25.39 -34.49 -10.68
CA PRO C 112 25.59 -34.08 -9.29
C PRO C 112 24.42 -33.21 -8.85
N VAL C 113 23.35 -33.29 -9.63
CA VAL C 113 22.32 -32.27 -9.52
C VAL C 113 22.97 -30.92 -9.70
N ASP C 114 23.80 -30.54 -8.72
CA ASP C 114 24.96 -29.70 -8.99
C ASP C 114 25.18 -29.47 -10.47
N GLU C 115 25.23 -30.54 -11.24
CA GLU C 115 25.19 -30.38 -12.68
C GLU C 115 24.07 -29.44 -13.09
N CYS C 116 22.82 -29.95 -13.09
CA CYS C 116 21.66 -29.12 -13.43
C CYS C 116 21.81 -27.72 -12.86
N LYS C 117 21.85 -27.63 -11.53
CA LYS C 117 22.48 -26.50 -10.86
C LYS C 117 23.21 -25.60 -11.82
N ASP C 118 24.46 -25.91 -12.13
CA ASP C 118 25.08 -25.23 -13.25
C ASP C 118 24.31 -25.44 -14.54
N LYS C 119 23.95 -26.68 -14.83
CA LYS C 119 23.39 -26.95 -16.14
C LYS C 119 21.95 -26.50 -16.29
N ASP C 120 21.39 -25.84 -15.29
CA ASP C 120 20.23 -25.00 -15.50
C ASP C 120 18.96 -25.78 -15.67
N MET C 121 19.04 -27.03 -16.11
CA MET C 121 17.89 -27.90 -16.18
C MET C 121 17.59 -28.37 -14.77
N THR C 122 16.53 -29.13 -14.62
CA THR C 122 16.23 -29.65 -13.31
C THR C 122 16.72 -31.07 -13.17
N TYR C 123 16.73 -31.57 -11.95
CA TYR C 123 17.31 -32.87 -11.64
C TYR C 123 16.19 -33.90 -11.61
N ALA C 124 16.48 -35.10 -12.09
CA ALA C 124 15.43 -36.10 -12.27
C ALA C 124 16.06 -37.42 -12.68
N ALA C 125 15.24 -38.46 -12.68
CA ALA C 125 15.68 -39.80 -13.04
C ALA C 125 14.53 -40.52 -13.73
N PRO C 126 14.83 -41.44 -14.64
CA PRO C 126 13.80 -41.96 -15.55
C PRO C 126 12.86 -42.92 -14.86
N LEU C 127 11.68 -43.07 -15.44
CA LEU C 127 10.69 -43.98 -14.92
C LEU C 127 10.45 -45.09 -15.92
N PHE C 128 10.58 -46.33 -15.48
CA PHE C 128 10.02 -47.44 -16.23
C PHE C 128 8.98 -48.10 -15.36
N VAL C 129 8.00 -48.70 -16.00
CA VAL C 129 6.97 -49.47 -15.35
C VAL C 129 6.44 -50.41 -16.40
N THR C 130 5.76 -51.47 -15.98
CA THR C 130 5.43 -52.56 -16.88
C THR C 130 3.99 -52.98 -16.71
N ALA C 131 3.08 -52.18 -17.26
CA ALA C 131 1.68 -52.57 -17.33
C ALA C 131 1.56 -53.87 -18.11
N GLU C 132 0.34 -54.37 -18.20
CA GLU C 132 0.05 -55.41 -19.16
C GLU C 132 -1.40 -55.39 -19.59
N PHE C 133 -1.61 -55.16 -20.87
CA PHE C 133 -2.88 -55.42 -21.49
C PHE C 133 -3.09 -56.91 -21.61
N ILE C 134 -4.35 -57.28 -21.77
CA ILE C 134 -4.77 -58.64 -22.00
C ILE C 134 -6.08 -58.57 -22.76
N ASN C 135 -6.18 -59.32 -23.85
CA ASN C 135 -7.47 -59.45 -24.47
C ASN C 135 -8.47 -59.91 -23.42
N ASN C 136 -9.75 -59.71 -23.72
CA ASN C 136 -10.75 -60.46 -22.99
C ASN C 136 -11.36 -61.55 -23.85
N ASN C 137 -11.40 -61.32 -25.15
CA ASN C 137 -11.86 -62.34 -26.09
C ASN C 137 -11.06 -63.62 -25.89
N THR C 138 -10.02 -63.79 -26.67
CA THR C 138 -8.99 -64.74 -26.31
C THR C 138 -8.35 -64.44 -24.98
N GLY C 139 -8.29 -63.18 -24.59
CA GLY C 139 -7.46 -62.80 -23.48
C GLY C 139 -6.02 -63.11 -23.81
N GLU C 140 -5.16 -62.11 -23.73
CA GLU C 140 -3.79 -62.30 -24.14
C GLU C 140 -2.87 -61.35 -23.38
N ILE C 141 -1.67 -61.18 -23.91
CA ILE C 141 -0.61 -60.60 -23.10
C ILE C 141 -0.11 -59.29 -23.69
N LYS C 142 -0.11 -58.25 -22.86
CA LYS C 142 0.56 -57.03 -23.26
C LYS C 142 1.20 -56.32 -22.08
N SER C 143 2.19 -56.97 -21.48
CA SER C 143 3.14 -56.30 -20.61
C SER C 143 4.16 -55.61 -21.50
N GLN C 144 5.03 -54.80 -20.88
CA GLN C 144 5.93 -53.93 -21.62
C GLN C 144 6.55 -52.96 -20.63
N THR C 145 7.70 -53.34 -20.09
CA THR C 145 8.30 -52.56 -19.01
C THR C 145 8.53 -51.13 -19.47
N VAL C 146 7.46 -50.40 -19.67
CA VAL C 146 7.49 -49.11 -20.33
C VAL C 146 8.27 -48.13 -19.47
N PHE C 147 9.13 -47.35 -20.12
CA PHE C 147 9.60 -46.11 -19.53
C PHE C 147 8.40 -45.29 -19.13
N MET C 148 8.59 -44.46 -18.11
CA MET C 148 7.50 -43.56 -17.80
C MET C 148 7.97 -42.13 -17.77
N GLY C 149 8.93 -41.81 -16.93
CA GLY C 149 9.41 -40.45 -16.84
C GLY C 149 10.68 -40.37 -16.04
N ASP C 150 11.69 -39.77 -16.65
CA ASP C 150 12.69 -39.10 -15.84
C ASP C 150 11.98 -38.30 -14.78
N PHE C 151 12.55 -38.26 -13.61
CA PHE C 151 11.60 -37.70 -12.68
C PHE C 151 12.18 -36.77 -11.62
N PRO C 152 11.41 -35.76 -11.23
CA PRO C 152 11.73 -35.01 -10.02
C PRO C 152 12.45 -35.86 -8.99
N MET C 153 13.75 -35.60 -8.85
CA MET C 153 14.57 -36.35 -7.92
C MET C 153 14.98 -35.44 -6.76
N MET C 154 14.62 -35.88 -5.56
CA MET C 154 14.72 -35.06 -4.36
C MET C 154 16.17 -34.67 -4.12
N THR C 155 16.39 -33.95 -3.04
CA THR C 155 17.74 -33.60 -2.63
C THR C 155 18.05 -34.23 -1.28
N GLU C 156 19.33 -34.40 -1.01
CA GLU C 156 19.72 -34.62 0.37
C GLU C 156 19.16 -33.54 1.25
N LYS C 157 19.06 -32.33 0.72
CA LYS C 157 18.18 -31.39 1.37
C LYS C 157 16.72 -31.74 1.16
N GLY C 158 16.44 -32.99 0.80
CA GLY C 158 15.09 -33.39 0.52
C GLY C 158 14.34 -32.44 -0.37
N THR C 159 14.88 -32.10 -1.53
CA THR C 159 14.30 -31.02 -2.28
C THR C 159 14.41 -31.26 -3.77
N PHE C 160 14.06 -30.23 -4.52
CA PHE C 160 13.77 -30.32 -5.94
C PHE C 160 13.91 -28.94 -6.58
N ILE C 161 15.11 -28.66 -7.06
CA ILE C 161 15.51 -27.32 -7.46
C ILE C 161 15.36 -27.19 -8.96
N ILE C 162 14.12 -26.97 -9.39
CA ILE C 162 13.75 -26.98 -10.81
C ILE C 162 14.82 -26.27 -11.59
N ASN C 163 15.35 -26.94 -12.59
CA ASN C 163 16.24 -26.27 -13.52
C ASN C 163 17.25 -25.44 -12.77
N GLY C 164 18.04 -26.11 -11.93
CA GLY C 164 18.85 -25.44 -10.96
C GLY C 164 18.11 -24.47 -10.08
N THR C 165 16.79 -24.62 -9.96
CA THR C 165 16.00 -23.61 -9.27
C THR C 165 14.85 -24.26 -8.53
N GLU C 166 14.90 -24.20 -7.21
CA GLU C 166 13.85 -24.81 -6.41
C GLU C 166 13.05 -23.76 -5.67
N ARG C 167 11.75 -23.98 -5.59
CA ARG C 167 10.93 -23.38 -4.57
C ARG C 167 11.00 -24.24 -3.32
N VAL C 168 9.85 -24.40 -2.67
CA VAL C 168 9.74 -25.10 -1.40
C VAL C 168 8.27 -25.31 -1.10
N VAL C 169 7.90 -26.52 -0.74
CA VAL C 169 6.50 -26.84 -0.46
C VAL C 169 6.31 -27.11 1.02
N VAL C 170 5.27 -26.53 1.58
CA VAL C 170 4.73 -26.89 2.88
C VAL C 170 3.35 -27.52 2.66
N SER C 171 2.89 -28.25 3.67
CA SER C 171 1.59 -28.91 3.62
C SER C 171 0.50 -28.01 4.18
N GLN C 172 -0.66 -28.05 3.52
CA GLN C 172 -1.84 -27.34 3.96
C GLN C 172 -2.56 -28.15 5.02
N LEU C 173 -2.67 -27.58 6.20
CA LEU C 173 -3.40 -28.22 7.28
C LEU C 173 -4.82 -28.45 6.83
N VAL C 174 -5.45 -29.47 7.37
CA VAL C 174 -6.70 -29.92 6.79
C VAL C 174 -7.49 -30.67 7.85
N ARG C 175 -8.50 -30.02 8.41
CA ARG C 175 -9.34 -30.69 9.39
C ARG C 175 -9.90 -31.93 8.71
N SER C 176 -9.78 -33.08 9.36
CA SER C 176 -10.25 -34.34 8.81
C SER C 176 -11.66 -34.31 8.24
N PRO C 177 -11.81 -34.72 6.97
CA PRO C 177 -13.10 -34.75 6.29
C PRO C 177 -13.95 -35.91 6.81
N GLY C 178 -15.25 -35.77 6.69
CA GLY C 178 -16.17 -36.78 7.17
C GLY C 178 -17.45 -36.17 7.68
N VAL C 179 -18.43 -37.02 7.87
CA VAL C 179 -19.73 -36.64 8.40
C VAL C 179 -19.53 -36.18 9.84
N TYR C 180 -19.83 -34.93 10.12
CA TYR C 180 -19.38 -34.32 11.37
C TYR C 180 -20.52 -33.57 12.03
N PHE C 181 -20.37 -33.33 13.32
CA PHE C 181 -21.49 -33.28 14.24
C PHE C 181 -21.45 -32.05 15.12
N ASP C 182 -22.63 -31.67 15.59
CA ASP C 182 -22.77 -30.50 16.43
C ASP C 182 -24.18 -30.43 16.99
N GLU C 183 -24.34 -29.62 18.02
CA GLU C 183 -25.63 -29.10 18.39
C GLU C 183 -25.86 -27.83 17.58
N THR C 184 -27.12 -27.52 17.33
CA THR C 184 -27.48 -26.21 16.84
C THR C 184 -28.79 -25.77 17.46
N ILE C 185 -28.77 -24.59 18.08
CA ILE C 185 -29.89 -24.05 18.85
C ILE C 185 -30.73 -23.19 17.91
N ASP C 186 -31.90 -22.77 18.38
CA ASP C 186 -32.72 -21.82 17.65
C ASP C 186 -33.36 -20.81 18.59
N LYS C 187 -32.71 -19.65 18.74
CA LYS C 187 -33.28 -18.55 19.52
C LYS C 187 -34.77 -18.44 19.37
N SER C 188 -35.30 -18.71 18.18
CA SER C 188 -36.72 -18.99 18.05
C SER C 188 -37.26 -19.63 19.31
N THR C 189 -37.11 -20.95 19.41
CA THR C 189 -37.38 -21.64 20.65
C THR C 189 -36.13 -21.91 21.46
N ASP C 190 -34.96 -21.88 20.84
CA ASP C 190 -33.70 -22.17 21.50
C ASP C 190 -33.42 -23.67 21.47
N LYS C 191 -34.31 -24.41 20.81
CA LYS C 191 -34.16 -25.85 20.71
C LYS C 191 -32.83 -26.15 20.05
N THR C 192 -32.34 -27.37 20.24
CA THR C 192 -30.98 -27.75 19.92
C THR C 192 -30.94 -28.59 18.66
N LEU C 193 -31.38 -27.99 17.56
CA LEU C 193 -31.38 -28.64 16.26
C LEU C 193 -29.96 -29.06 15.91
N HIS C 194 -29.39 -29.94 16.72
CA HIS C 194 -28.11 -30.58 16.44
C HIS C 194 -28.08 -31.02 14.98
N SER C 195 -26.94 -31.53 14.54
CA SER C 195 -26.88 -32.25 13.29
C SER C 195 -25.45 -32.66 12.91
N VAL C 196 -25.33 -33.14 11.68
CA VAL C 196 -24.09 -33.63 11.11
C VAL C 196 -24.20 -33.57 9.60
N LYS C 197 -23.05 -33.40 8.96
CA LYS C 197 -23.00 -33.47 7.52
C LYS C 197 -22.48 -34.83 7.12
N VAL C 198 -22.41 -35.04 5.81
CA VAL C 198 -21.56 -36.04 5.20
C VAL C 198 -20.63 -35.26 4.29
N ILE C 199 -19.37 -35.67 4.21
CA ILE C 199 -18.42 -35.07 3.28
C ILE C 199 -17.43 -36.12 2.80
N PRO C 200 -17.85 -37.03 1.94
CA PRO C 200 -16.92 -38.01 1.37
C PRO C 200 -16.02 -37.34 0.35
N SER C 201 -14.74 -37.63 0.47
CA SER C 201 -13.82 -37.21 -0.58
C SER C 201 -14.53 -37.50 -1.89
N ARG C 202 -14.77 -36.45 -2.68
CA ARG C 202 -15.18 -36.70 -4.06
C ARG C 202 -16.61 -37.23 -4.11
N GLY C 203 -17.00 -37.87 -3.02
CA GLY C 203 -18.39 -38.20 -2.77
C GLY C 203 -19.13 -36.91 -2.41
N ALA C 204 -20.31 -36.74 -2.98
CA ALA C 204 -21.14 -35.56 -2.75
C ALA C 204 -21.51 -35.46 -1.28
N TRP C 205 -22.69 -34.90 -1.02
CA TRP C 205 -23.12 -34.66 0.34
C TRP C 205 -24.54 -35.16 0.56
N LEU C 206 -25.01 -34.98 1.80
CA LEU C 206 -26.25 -35.58 2.29
C LEU C 206 -26.10 -35.58 3.81
N GLU C 207 -27.11 -35.04 4.50
CA GLU C 207 -26.90 -34.69 5.89
C GLU C 207 -28.19 -34.78 6.67
N PHE C 208 -28.06 -35.19 7.92
CA PHE C 208 -29.21 -35.23 8.81
C PHE C 208 -29.00 -34.24 9.94
N ASP C 209 -30.14 -33.70 10.37
CA ASP C 209 -30.14 -32.43 11.06
C ASP C 209 -31.34 -32.37 12.02
N VAL C 210 -31.04 -32.16 13.28
CA VAL C 210 -32.08 -32.07 14.30
C VAL C 210 -33.08 -31.04 13.78
N ASP C 211 -34.23 -31.50 13.29
CA ASP C 211 -35.25 -30.57 12.85
C ASP C 211 -35.78 -29.76 14.01
N LYS C 212 -36.24 -28.55 13.68
CA LYS C 212 -37.04 -27.76 14.61
C LYS C 212 -38.19 -28.60 15.16
N ARG C 213 -39.41 -28.21 14.83
CA ARG C 213 -40.50 -29.14 14.76
C ARG C 213 -39.97 -30.41 14.12
N ASP C 214 -40.41 -31.56 14.62
CA ASP C 214 -40.18 -32.85 13.98
C ASP C 214 -39.88 -32.69 12.49
N THR C 215 -38.88 -33.41 12.02
CA THR C 215 -38.07 -34.34 12.80
C THR C 215 -36.68 -34.36 12.21
N VAL C 216 -36.69 -34.73 10.93
CA VAL C 216 -35.55 -35.31 10.23
C VAL C 216 -34.84 -34.25 9.40
N GLY C 217 -33.63 -33.91 9.82
CA GLY C 217 -32.75 -33.14 8.96
C GLY C 217 -32.36 -33.96 7.74
N VAL C 218 -33.36 -34.42 7.01
CA VAL C 218 -33.18 -35.42 5.97
C VAL C 218 -32.24 -34.97 4.87
N ARG C 219 -32.72 -34.09 3.99
CA ARG C 219 -32.16 -33.93 2.66
C ARG C 219 -30.67 -34.17 2.54
N ILE C 220 -30.26 -34.61 1.36
CA ILE C 220 -28.87 -34.92 1.10
C ILE C 220 -28.10 -33.67 0.75
N ASP C 221 -27.08 -33.84 -0.08
CA ASP C 221 -26.29 -32.74 -0.61
C ASP C 221 -27.17 -31.67 -1.23
N ARG C 222 -28.04 -31.07 -0.41
CA ARG C 222 -28.84 -29.92 -0.82
C ARG C 222 -30.08 -30.35 -1.59
N LYS C 223 -31.09 -30.80 -0.84
CA LYS C 223 -32.33 -31.26 -1.43
C LYS C 223 -33.46 -31.14 -0.43
N ARG C 224 -33.72 -29.93 0.02
CA ARG C 224 -34.92 -29.69 0.81
C ARG C 224 -34.98 -30.51 2.08
N ARG C 225 -35.53 -31.71 1.97
CA ARG C 225 -35.79 -32.57 3.11
C ARG C 225 -36.68 -33.72 2.69
N GLN C 226 -36.60 -34.83 3.42
CA GLN C 226 -37.50 -35.95 3.19
C GLN C 226 -37.73 -36.67 4.50
N PRO C 227 -38.22 -37.90 4.46
CA PRO C 227 -38.53 -38.61 5.69
C PRO C 227 -37.50 -39.70 5.92
N VAL C 228 -36.29 -39.41 5.49
CA VAL C 228 -35.22 -40.38 5.61
C VAL C 228 -35.71 -41.76 5.18
N THR C 229 -36.39 -42.49 6.07
CA THR C 229 -36.81 -43.85 5.77
C THR C 229 -37.28 -44.04 4.35
N VAL C 230 -38.12 -43.13 3.86
CA VAL C 230 -38.34 -43.04 2.42
C VAL C 230 -37.05 -43.39 1.68
N LEU C 231 -35.94 -42.83 2.14
CA LEU C 231 -34.67 -43.40 1.75
C LEU C 231 -34.38 -44.67 2.52
N LEU C 232 -34.41 -44.61 3.84
CA LEU C 232 -34.19 -45.84 4.60
C LEU C 232 -35.03 -46.96 4.06
N LYS C 233 -36.30 -47.00 4.47
CA LYS C 233 -37.26 -47.88 3.81
C LYS C 233 -36.95 -47.98 2.33
N ALA C 234 -36.69 -46.83 1.68
CA ALA C 234 -36.38 -46.84 0.26
C ALA C 234 -35.44 -47.97 -0.11
N LEU C 235 -34.47 -48.29 0.75
CA LEU C 235 -33.64 -49.45 0.55
C LEU C 235 -34.31 -50.73 1.03
N GLY C 236 -35.43 -50.62 1.73
CA GLY C 236 -36.08 -51.81 2.23
C GLY C 236 -36.17 -51.79 3.74
N TRP C 237 -37.20 -51.15 4.26
CA TRP C 237 -37.31 -50.89 5.69
C TRP C 237 -38.77 -50.77 6.07
N THR C 238 -39.33 -51.83 6.63
CA THR C 238 -40.67 -51.73 7.17
C THR C 238 -40.69 -50.62 8.20
N SER C 239 -41.58 -49.66 8.01
CA SER C 239 -41.79 -48.67 9.05
C SER C 239 -41.73 -49.31 10.43
N GLU C 240 -42.30 -50.51 10.59
CA GLU C 240 -41.95 -51.35 11.72
C GLU C 240 -40.44 -51.38 11.96
N GLN C 241 -39.72 -52.09 11.10
CA GLN C 241 -38.31 -52.40 11.35
C GLN C 241 -37.64 -51.27 12.12
N ILE C 242 -37.97 -50.05 11.76
CA ILE C 242 -37.41 -48.89 12.43
C ILE C 242 -37.96 -48.78 13.84
N VAL C 243 -39.11 -48.11 13.98
CA VAL C 243 -39.80 -48.01 15.25
C VAL C 243 -39.46 -49.16 16.17
N GLU C 244 -39.78 -50.38 15.76
CA GLU C 244 -39.10 -51.54 16.28
C GLU C 244 -37.72 -51.17 16.79
N ARG C 245 -36.75 -51.17 15.89
CA ARG C 245 -35.39 -50.81 16.29
C ARG C 245 -35.30 -49.33 16.60
N PHE C 246 -36.42 -48.61 16.49
CA PHE C 246 -36.41 -47.16 16.46
C PHE C 246 -37.75 -46.57 16.88
N GLY C 247 -38.29 -47.03 18.00
CA GLY C 247 -39.45 -46.42 18.61
C GLY C 247 -39.22 -45.95 20.02
N PHE C 248 -38.56 -44.81 20.21
CA PHE C 248 -38.01 -44.47 21.51
C PHE C 248 -37.02 -43.29 21.53
N SER C 249 -36.51 -42.75 20.41
CA SER C 249 -36.80 -43.02 19.00
C SER C 249 -38.25 -42.68 18.65
N GLU C 250 -38.75 -41.64 19.30
CA GLU C 250 -40.11 -41.17 19.10
C GLU C 250 -40.18 -40.02 18.11
N ILE C 251 -39.36 -38.98 18.29
CA ILE C 251 -39.30 -37.90 17.32
C ILE C 251 -39.35 -38.48 15.92
N MET C 252 -38.53 -39.47 15.64
CA MET C 252 -38.68 -40.22 14.40
C MET C 252 -40.08 -40.76 14.21
N ARG C 253 -40.71 -41.24 15.27
CA ARG C 253 -42.07 -41.74 15.12
C ARG C 253 -42.92 -40.74 14.35
N SER C 254 -42.80 -39.46 14.73
CA SER C 254 -43.33 -38.40 13.89
C SER C 254 -42.93 -38.61 12.44
N THR C 255 -41.65 -38.87 12.19
CA THR C 255 -41.20 -39.13 10.83
C THR C 255 -42.10 -40.16 10.17
N LEU C 256 -42.38 -41.27 10.87
CA LEU C 256 -43.31 -42.24 10.35
C LEU C 256 -44.71 -41.67 10.27
N GLU C 257 -44.91 -40.49 10.84
CA GLU C 257 -46.21 -39.86 10.77
C GLU C 257 -46.32 -39.00 9.52
N LYS C 258 -45.81 -37.79 9.60
CA LYS C 258 -45.76 -36.86 8.47
C LYS C 258 -45.19 -37.49 7.21
N ASP C 259 -44.45 -38.60 7.34
CA ASP C 259 -43.92 -39.28 6.18
C ASP C 259 -45.01 -39.62 5.18
N ASN C 260 -46.27 -39.47 5.58
CA ASN C 260 -47.43 -39.57 4.70
C ASN C 260 -47.21 -40.53 3.54
N THR C 261 -46.33 -40.20 2.62
CA THR C 261 -46.01 -41.05 1.49
C THR C 261 -45.43 -42.36 1.99
N VAL C 262 -45.49 -43.38 1.14
CA VAL C 262 -44.99 -44.71 1.47
C VAL C 262 -44.25 -45.23 0.24
N GLY C 263 -44.18 -46.55 0.11
CA GLY C 263 -43.54 -47.19 -1.02
C GLY C 263 -42.21 -46.55 -1.35
N THR C 264 -41.17 -47.12 -0.75
CA THR C 264 -39.79 -46.78 -1.09
C THR C 264 -39.74 -46.26 -2.52
N ASP C 265 -39.86 -47.18 -3.47
CA ASP C 265 -40.24 -46.84 -4.83
C ASP C 265 -41.11 -45.61 -4.89
N GLU C 266 -42.40 -45.74 -4.56
CA GLU C 266 -43.30 -44.60 -4.51
C GLU C 266 -42.56 -43.33 -4.11
N ALA C 267 -42.01 -43.30 -2.91
CA ALA C 267 -40.94 -42.37 -2.61
C ALA C 267 -39.84 -42.42 -3.66
N LEU C 268 -38.69 -43.03 -3.33
CA LEU C 268 -37.70 -43.41 -4.33
C LEU C 268 -37.86 -42.60 -5.61
N LEU C 269 -38.41 -43.23 -6.63
CA LEU C 269 -38.87 -42.49 -7.79
C LEU C 269 -39.28 -41.07 -7.43
N ASP C 270 -40.30 -40.92 -6.58
CA ASP C 270 -40.70 -39.58 -6.17
C ASP C 270 -39.50 -38.78 -5.69
N ILE C 271 -38.76 -39.35 -4.75
CA ILE C 271 -37.47 -38.79 -4.36
C ILE C 271 -36.72 -38.34 -5.60
N TYR C 272 -35.81 -39.20 -6.08
CA TYR C 272 -35.44 -39.25 -7.49
C TYR C 272 -35.89 -38.02 -8.26
N ARG C 273 -37.18 -37.72 -8.24
CA ARG C 273 -37.64 -36.43 -8.71
C ARG C 273 -37.07 -35.34 -7.83
N LYS C 274 -37.41 -35.37 -6.54
CA LYS C 274 -36.60 -34.67 -5.55
C LYS C 274 -35.16 -34.52 -6.01
N LEU C 275 -34.62 -35.57 -6.62
CA LEU C 275 -33.30 -35.48 -7.25
C LEU C 275 -33.33 -34.56 -8.45
N ARG C 276 -33.42 -35.15 -9.64
CA ARG C 276 -33.22 -34.53 -10.94
C ARG C 276 -33.46 -33.02 -10.91
N PRO C 277 -34.69 -32.55 -10.69
CA PRO C 277 -35.94 -33.30 -10.56
C PRO C 277 -36.56 -33.58 -11.92
N GLY C 278 -37.74 -34.18 -11.91
CA GLY C 278 -38.41 -34.48 -13.15
C GLY C 278 -37.65 -35.50 -13.99
N GLU C 279 -38.17 -36.72 -14.04
CA GLU C 279 -37.57 -37.77 -14.84
C GLU C 279 -38.36 -39.05 -14.66
N PRO C 280 -38.55 -39.82 -15.72
CA PRO C 280 -39.24 -41.10 -15.60
C PRO C 280 -38.47 -42.02 -14.65
N PRO C 281 -39.02 -42.27 -13.47
CA PRO C 281 -38.29 -43.05 -12.48
C PRO C 281 -38.08 -44.48 -12.95
N THR C 282 -37.17 -44.63 -13.90
CA THR C 282 -36.72 -45.95 -14.29
C THR C 282 -36.11 -46.60 -13.07
N LYS C 283 -35.82 -47.89 -13.18
CA LYS C 283 -35.23 -48.61 -12.06
C LYS C 283 -34.00 -47.90 -11.52
N GLU C 284 -33.24 -47.26 -12.39
CA GLU C 284 -32.27 -46.27 -11.93
C GLU C 284 -32.85 -45.50 -10.75
N SER C 285 -33.86 -44.68 -11.02
CA SER C 285 -34.64 -44.04 -9.97
C SER C 285 -34.89 -44.98 -8.81
N ALA C 286 -35.08 -46.26 -9.09
CA ALA C 286 -35.36 -47.26 -8.07
C ALA C 286 -34.10 -47.75 -7.37
N GLN C 287 -32.92 -47.29 -7.78
CA GLN C 287 -31.70 -47.84 -7.21
C GLN C 287 -30.40 -47.38 -7.83
N THR C 288 -30.23 -47.59 -9.13
CA THR C 288 -28.89 -47.65 -9.71
C THR C 288 -27.99 -46.56 -9.17
N LEU C 289 -27.99 -45.40 -9.82
CA LEU C 289 -27.20 -44.28 -9.36
C LEU C 289 -27.29 -44.13 -7.85
N LEU C 290 -28.49 -44.30 -7.32
CA LEU C 290 -28.71 -44.15 -5.89
C LEU C 290 -27.56 -44.80 -5.14
N GLU C 291 -27.47 -46.11 -5.19
CA GLU C 291 -26.25 -46.79 -4.85
C GLU C 291 -25.02 -46.07 -5.40
N ASN C 292 -24.88 -46.04 -6.72
CA ASN C 292 -23.86 -45.20 -7.36
C ASN C 292 -23.62 -43.94 -6.54
N LEU C 293 -24.48 -42.95 -6.69
CA LEU C 293 -24.54 -41.80 -5.79
C LEU C 293 -23.59 -41.89 -4.63
N PHE C 294 -23.67 -42.94 -3.82
CA PHE C 294 -22.74 -43.11 -2.73
C PHE C 294 -22.43 -44.56 -2.44
N PHE C 295 -22.83 -45.48 -3.32
CA PHE C 295 -22.21 -46.79 -3.40
C PHE C 295 -21.50 -46.93 -4.72
N LYS C 296 -20.54 -46.05 -4.98
CA LYS C 296 -19.89 -45.93 -6.27
C LYS C 296 -18.43 -45.57 -6.03
N GLU C 297 -17.73 -46.44 -5.30
CA GLU C 297 -16.30 -46.27 -5.18
C GLU C 297 -15.70 -46.21 -6.57
N LYS C 298 -16.39 -46.79 -7.54
CA LYS C 298 -16.22 -46.30 -8.89
C LYS C 298 -16.09 -44.80 -8.96
N ARG C 299 -16.88 -44.04 -8.22
CA ARG C 299 -16.74 -42.60 -8.18
C ARG C 299 -17.03 -42.02 -6.81
N TYR C 300 -18.13 -42.43 -6.18
CA TYR C 300 -18.36 -42.20 -4.76
C TYR C 300 -17.16 -42.71 -3.98
N ASP C 301 -16.32 -41.80 -3.48
CA ASP C 301 -14.99 -42.22 -3.05
C ASP C 301 -14.49 -41.35 -1.91
N LEU C 302 -15.02 -41.56 -0.72
CA LEU C 302 -14.48 -40.95 0.48
C LEU C 302 -13.02 -41.34 0.70
N ALA C 303 -12.58 -41.22 1.94
CA ALA C 303 -11.19 -41.43 2.30
C ALA C 303 -11.05 -42.61 3.26
N ARG C 304 -10.31 -43.62 2.80
CA ARG C 304 -9.96 -44.72 3.68
C ARG C 304 -9.69 -44.24 5.10
N VAL C 305 -8.70 -43.38 5.27
CA VAL C 305 -8.45 -42.81 6.58
C VAL C 305 -9.76 -42.40 7.24
N GLY C 306 -10.54 -41.60 6.53
CA GLY C 306 -11.93 -41.43 6.94
C GLY C 306 -12.60 -42.76 7.13
N ARG C 307 -12.90 -43.45 6.03
CA ARG C 307 -13.20 -44.87 6.09
C ARG C 307 -12.67 -45.49 7.37
N TYR C 308 -11.37 -45.68 7.45
CA TYR C 308 -10.67 -45.82 8.70
C TYR C 308 -11.28 -44.99 9.82
N LYS C 309 -11.34 -43.68 9.64
CA LYS C 309 -11.98 -42.84 10.64
C LYS C 309 -13.25 -43.48 11.13
N VAL C 310 -14.40 -43.01 10.68
CA VAL C 310 -15.57 -43.88 10.68
C VAL C 310 -15.54 -44.83 11.86
N ASN C 311 -15.06 -46.04 11.64
CA ASN C 311 -14.69 -46.89 12.75
C ASN C 311 -14.06 -46.08 13.86
N LYS C 312 -12.95 -45.40 13.54
CA LYS C 312 -12.49 -44.33 14.41
C LYS C 312 -13.67 -43.58 14.99
N LYS C 313 -14.67 -43.28 14.16
CA LYS C 313 -15.81 -42.56 14.68
C LYS C 313 -16.47 -43.29 15.82
N LEU C 314 -16.44 -44.60 15.82
CA LEU C 314 -17.45 -45.26 16.61
C LEU C 314 -17.18 -46.73 16.92
N GLY C 315 -15.98 -47.09 17.34
CA GLY C 315 -15.73 -48.46 17.78
C GLY C 315 -16.48 -49.46 16.92
N LEU C 316 -16.54 -49.11 15.65
CA LEU C 316 -17.49 -49.69 14.72
C LEU C 316 -17.12 -51.14 14.45
N HIS C 317 -17.05 -51.51 13.18
CA HIS C 317 -16.41 -52.75 12.80
C HIS C 317 -15.08 -52.82 13.53
N VAL C 318 -14.42 -51.67 13.59
CA VAL C 318 -13.12 -51.51 14.25
C VAL C 318 -12.25 -52.73 14.00
N GLY C 319 -12.39 -53.77 14.82
CA GLY C 319 -11.60 -54.96 14.62
C GLY C 319 -11.60 -55.35 13.16
N GLU C 320 -10.97 -54.54 12.32
CA GLU C 320 -11.30 -54.50 10.91
C GLU C 320 -10.25 -53.72 10.12
N PRO C 321 -9.03 -54.23 10.00
CA PRO C 321 -8.04 -53.53 9.16
C PRO C 321 -8.60 -53.21 7.79
N ILE C 322 -9.58 -52.30 7.73
CA ILE C 322 -10.42 -52.11 6.57
C ILE C 322 -9.81 -51.13 5.58
N THR C 323 -10.63 -50.67 4.63
CA THR C 323 -10.20 -49.82 3.52
C THR C 323 -11.30 -49.83 2.47
N SER C 324 -11.80 -48.65 2.10
CA SER C 324 -12.78 -48.53 1.03
C SER C 324 -13.42 -47.16 1.08
N SER C 325 -14.29 -46.90 0.09
CA SER C 325 -15.33 -45.91 0.24
C SER C 325 -16.62 -46.57 0.66
N THR C 326 -16.59 -47.84 1.06
CA THR C 326 -17.78 -48.64 1.29
C THR C 326 -18.78 -47.88 2.15
N LEU C 327 -19.57 -47.03 1.53
CA LEU C 327 -20.70 -46.42 2.23
C LEU C 327 -21.56 -47.55 2.77
N THR C 328 -22.25 -47.29 3.88
CA THR C 328 -23.18 -48.28 4.38
C THR C 328 -24.33 -47.63 5.14
N GLU C 329 -25.51 -47.70 4.53
CA GLU C 329 -26.73 -47.38 5.26
C GLU C 329 -26.63 -47.89 6.68
N GLU C 330 -26.26 -49.16 6.83
CA GLU C 330 -25.78 -49.67 8.10
C GLU C 330 -25.32 -48.56 9.03
N ASP C 331 -24.03 -48.26 8.98
CA ASP C 331 -23.50 -47.19 9.79
C ASP C 331 -24.35 -45.95 9.64
N VAL C 332 -24.82 -45.72 8.42
CA VAL C 332 -25.63 -44.54 8.15
C VAL C 332 -26.61 -44.32 9.29
N VAL C 333 -27.77 -44.94 9.18
CA VAL C 333 -28.71 -45.00 10.29
C VAL C 333 -27.96 -45.03 11.59
N ALA C 334 -27.02 -45.98 11.73
CA ALA C 334 -26.33 -46.15 12.98
C ALA C 334 -26.07 -44.81 13.64
N THR C 335 -25.01 -44.15 13.20
CA THR C 335 -24.74 -42.80 13.66
C THR C 335 -25.98 -41.92 13.59
N ILE C 336 -26.97 -42.29 12.79
CA ILE C 336 -28.15 -41.43 12.74
C ILE C 336 -28.84 -41.44 14.09
N GLU C 337 -29.41 -42.59 14.45
CA GLU C 337 -29.86 -42.78 15.81
C GLU C 337 -28.83 -42.29 16.80
N TYR C 338 -27.55 -42.33 16.44
CA TYR C 338 -26.61 -41.57 17.24
C TYR C 338 -27.16 -40.18 17.45
N LEU C 339 -27.26 -39.42 16.37
CA LEU C 339 -27.95 -38.14 16.43
C LEU C 339 -29.10 -38.21 17.40
N VAL C 340 -30.15 -38.93 17.01
CA VAL C 340 -31.37 -38.89 17.83
C VAL C 340 -31.02 -39.04 19.30
N ARG C 341 -30.51 -40.20 19.68
CA ARG C 341 -30.03 -40.45 21.04
C ARG C 341 -29.41 -39.22 21.66
N LEU C 342 -28.53 -38.54 20.94
CA LEU C 342 -27.86 -37.38 21.49
C LEU C 342 -28.86 -36.27 21.75
N HIS C 343 -29.25 -35.56 20.70
CA HIS C 343 -30.33 -34.59 20.81
C HIS C 343 -31.44 -35.19 21.63
N GLU C 344 -31.41 -34.95 22.93
CA GLU C 344 -31.94 -35.89 23.90
C GLU C 344 -31.01 -36.00 25.08
N GLY C 345 -29.74 -35.72 24.85
CA GLY C 345 -28.73 -35.99 25.84
C GLY C 345 -28.60 -37.48 26.09
N GLN C 346 -27.43 -38.02 25.78
CA GLN C 346 -27.12 -39.41 26.10
C GLN C 346 -25.63 -39.60 26.00
N THR C 347 -25.06 -40.16 27.06
CA THR C 347 -23.64 -40.49 27.11
C THR C 347 -23.19 -41.32 25.93
N THR C 348 -22.79 -42.55 26.16
CA THR C 348 -22.40 -43.46 25.11
C THR C 348 -23.55 -44.37 24.72
N MET C 349 -23.19 -45.61 24.37
CA MET C 349 -24.12 -46.59 23.85
C MET C 349 -23.43 -47.38 22.76
N THR C 350 -23.69 -48.68 22.71
CA THR C 350 -23.11 -49.53 21.68
C THR C 350 -24.20 -49.99 20.74
N VAL C 351 -24.05 -49.63 19.48
CA VAL C 351 -24.87 -50.16 18.40
C VAL C 351 -24.75 -51.67 18.48
N PRO C 352 -25.68 -52.43 17.91
CA PRO C 352 -25.49 -53.89 17.89
C PRO C 352 -24.13 -54.24 17.37
N GLY C 353 -23.52 -55.28 17.93
CA GLY C 353 -22.16 -55.60 17.60
C GLY C 353 -21.18 -54.47 17.78
N GLY C 354 -21.24 -53.45 16.93
CA GLY C 354 -20.40 -52.29 17.07
C GLY C 354 -20.29 -51.86 18.52
N VAL C 355 -19.10 -52.01 19.08
CA VAL C 355 -18.86 -51.56 20.44
C VAL C 355 -19.33 -50.11 20.58
N GLU C 356 -19.58 -49.69 21.81
CA GLU C 356 -20.34 -48.47 21.99
C GLU C 356 -19.53 -47.23 21.67
N VAL C 357 -20.16 -46.08 21.84
CA VAL C 357 -19.50 -44.79 21.68
C VAL C 357 -20.26 -43.77 22.52
N PRO C 358 -19.56 -43.07 23.40
CA PRO C 358 -20.17 -41.92 24.07
C PRO C 358 -20.58 -40.85 23.07
N VAL C 359 -21.87 -40.55 23.09
CA VAL C 359 -22.48 -39.65 22.12
C VAL C 359 -21.90 -38.27 22.35
N GLU C 360 -22.13 -37.36 21.39
CA GLU C 360 -21.57 -36.01 21.46
C GLU C 360 -21.45 -35.45 20.05
N THR C 361 -21.36 -34.13 19.98
CA THR C 361 -21.22 -33.48 18.68
C THR C 361 -19.82 -33.72 18.13
N ASP C 362 -19.25 -32.69 17.53
CA ASP C 362 -17.89 -32.77 17.07
C ASP C 362 -17.12 -31.50 17.40
N ASP C 363 -16.12 -31.25 16.56
CA ASP C 363 -15.37 -30.01 16.51
C ASP C 363 -14.61 -29.92 15.20
N ILE C 364 -14.56 -28.73 14.64
CA ILE C 364 -13.60 -28.46 13.59
C ILE C 364 -12.31 -28.16 14.31
N ASP C 365 -12.43 -27.31 15.31
CA ASP C 365 -11.33 -26.67 16.00
C ASP C 365 -10.21 -27.64 16.33
N HIS C 366 -10.43 -28.53 17.29
CA HIS C 366 -9.39 -29.46 17.64
C HIS C 366 -8.76 -30.10 16.41
N PHE C 367 -7.58 -30.65 16.60
CA PHE C 367 -6.68 -30.98 15.51
C PHE C 367 -6.91 -32.37 14.99
N GLY C 368 -7.18 -33.33 15.88
CA GLY C 368 -7.73 -34.56 15.40
C GLY C 368 -8.87 -34.34 14.44
N ASN C 369 -9.57 -33.23 14.59
CA ASN C 369 -10.60 -32.83 13.65
C ASN C 369 -9.98 -32.57 12.29
N ARG C 370 -8.67 -32.65 12.22
CA ARG C 370 -7.91 -31.66 11.47
C ARG C 370 -6.59 -32.25 11.00
N ARG C 371 -6.62 -32.97 9.90
CA ARG C 371 -5.40 -33.53 9.39
C ARG C 371 -4.57 -32.47 8.65
N LEU C 372 -3.55 -32.95 7.95
CA LEU C 372 -2.64 -32.11 7.18
C LEU C 372 -2.19 -32.91 5.97
N ARG C 373 -1.74 -32.21 4.94
CA ARG C 373 -1.44 -32.87 3.68
C ARG C 373 0.07 -33.08 3.54
N THR C 374 0.48 -33.61 2.39
CA THR C 374 1.88 -33.94 2.16
C THR C 374 2.08 -34.33 0.70
N VAL C 375 3.21 -33.94 0.15
CA VAL C 375 3.58 -34.27 -1.23
C VAL C 375 2.77 -35.40 -1.85
N GLY C 376 3.35 -36.59 -1.99
CA GLY C 376 2.69 -37.65 -2.73
C GLY C 376 1.19 -37.51 -2.68
N GLU C 377 0.61 -37.70 -1.49
CA GLU C 377 -0.74 -37.22 -1.23
C GLU C 377 -1.17 -36.25 -2.29
N LEU C 378 -0.50 -35.10 -2.33
CA LEU C 378 -0.76 -34.09 -3.33
C LEU C 378 -0.68 -34.69 -4.72
N ILE C 379 0.35 -34.32 -5.47
CA ILE C 379 1.05 -35.30 -6.27
C ILE C 379 0.07 -36.32 -6.82
N GLN C 380 0.31 -37.60 -6.52
CA GLN C 380 -0.77 -38.49 -6.16
C GLN C 380 -2.14 -37.98 -6.56
N ASN C 381 -2.57 -36.88 -5.96
CA ASN C 381 -3.78 -36.24 -6.45
C ASN C 381 -3.51 -35.67 -7.82
N GLN C 382 -2.51 -34.80 -7.87
CA GLN C 382 -2.04 -34.26 -9.13
C GLN C 382 -1.96 -35.34 -10.19
N ILE C 383 -0.76 -35.86 -10.39
CA ILE C 383 -0.59 -37.20 -10.93
C ILE C 383 -1.94 -37.85 -11.18
N ARG C 384 -2.60 -38.23 -10.09
CA ARG C 384 -3.86 -38.95 -10.17
C ARG C 384 -4.66 -38.50 -11.36
N VAL C 385 -5.14 -37.26 -11.34
CA VAL C 385 -5.76 -36.77 -12.55
C VAL C 385 -4.83 -36.93 -13.73
N GLY C 386 -3.54 -36.67 -13.53
CA GLY C 386 -2.59 -36.82 -14.61
C GLY C 386 -2.87 -38.07 -15.43
N MET C 387 -2.52 -39.23 -14.89
CA MET C 387 -2.99 -40.46 -15.48
C MET C 387 -4.43 -40.32 -15.89
N SER C 388 -5.34 -40.41 -14.93
CA SER C 388 -6.74 -40.07 -15.12
C SER C 388 -6.98 -39.49 -16.48
N ARG C 389 -6.79 -38.19 -16.60
CA ARG C 389 -6.47 -37.51 -17.84
C ARG C 389 -5.87 -38.42 -18.89
N MET C 390 -4.58 -38.24 -19.16
CA MET C 390 -3.83 -39.13 -20.02
C MET C 390 -4.38 -40.54 -20.02
N GLU C 391 -4.51 -41.16 -18.86
CA GLU C 391 -5.33 -42.35 -18.79
C GLU C 391 -6.61 -42.17 -19.57
N ARG C 392 -7.51 -41.36 -19.03
CA ARG C 392 -8.88 -41.31 -19.54
C ARG C 392 -8.86 -41.04 -21.02
N VAL C 393 -8.25 -41.93 -21.77
CA VAL C 393 -7.87 -41.65 -23.13
C VAL C 393 -7.69 -42.99 -23.80
N VAL C 394 -6.60 -43.66 -23.47
CA VAL C 394 -6.46 -45.03 -23.93
C VAL C 394 -7.82 -45.71 -23.97
N ARG C 395 -8.55 -45.66 -22.86
CA ARG C 395 -9.97 -45.97 -22.91
C ARG C 395 -10.60 -45.51 -24.20
N GLU C 396 -11.02 -44.25 -24.25
CA GLU C 396 -11.13 -43.56 -25.52
C GLU C 396 -10.48 -44.31 -26.66
N ARG C 397 -9.16 -44.48 -26.60
CA ARG C 397 -8.45 -45.08 -27.72
C ARG C 397 -8.57 -46.60 -27.69
N MET C 398 -8.26 -47.22 -26.56
CA MET C 398 -8.54 -48.63 -26.33
C MET C 398 -9.57 -49.16 -27.30
N THR C 399 -10.82 -48.82 -27.08
CA THR C 399 -11.86 -48.86 -28.08
C THR C 399 -11.31 -48.64 -29.48
N THR C 400 -11.51 -47.44 -30.00
CA THR C 400 -10.98 -47.02 -31.29
C THR C 400 -9.66 -47.68 -31.60
N GLN C 401 -8.68 -47.58 -30.71
CA GLN C 401 -7.45 -48.33 -30.89
C GLN C 401 -7.84 -49.78 -31.13
N ASP C 402 -8.11 -50.07 -32.41
CA ASP C 402 -8.53 -51.40 -32.81
C ASP C 402 -7.79 -52.46 -32.01
N VAL C 403 -8.45 -53.60 -31.81
CA VAL C 403 -7.81 -54.70 -31.14
C VAL C 403 -6.53 -55.07 -31.86
N GLU C 404 -6.01 -56.26 -31.57
CA GLU C 404 -4.91 -56.78 -32.36
C GLU C 404 -3.67 -55.95 -32.10
N ALA C 405 -2.76 -55.91 -33.08
CA ALA C 405 -1.54 -55.14 -32.98
C ALA C 405 -1.75 -53.78 -32.34
N ILE C 406 -1.77 -53.70 -31.02
CA ILE C 406 -1.84 -52.44 -30.31
C ILE C 406 -1.12 -52.59 -28.99
N THR C 407 0.18 -52.92 -29.08
CA THR C 407 1.15 -53.18 -28.04
C THR C 407 0.81 -52.47 -26.75
N PRO C 408 1.26 -53.01 -25.62
CA PRO C 408 1.21 -52.23 -24.37
C PRO C 408 1.60 -50.79 -24.62
N GLN C 409 2.57 -50.60 -25.52
CA GLN C 409 2.75 -49.30 -26.12
C GLN C 409 1.52 -48.85 -26.90
N THR C 410 1.68 -48.53 -28.18
CA THR C 410 0.55 -48.10 -29.01
C THR C 410 -0.23 -46.95 -28.41
N LEU C 411 -0.47 -46.94 -27.11
CA LEU C 411 -1.45 -46.01 -26.57
C LEU C 411 -0.94 -45.23 -25.36
N ILE C 412 0.34 -44.89 -25.32
CA ILE C 412 0.96 -44.32 -24.14
C ILE C 412 1.26 -42.85 -24.45
N ASN C 413 1.51 -42.05 -23.42
CA ASN C 413 1.65 -40.60 -23.56
C ASN C 413 1.46 -39.91 -22.23
N ILE C 414 2.31 -40.23 -21.27
CA ILE C 414 2.24 -39.54 -19.98
C ILE C 414 2.47 -38.05 -20.17
N ARG C 415 3.31 -37.70 -21.14
CA ARG C 415 3.53 -36.32 -21.57
C ARG C 415 2.64 -35.32 -20.84
N PRO C 416 1.34 -35.29 -21.10
CA PRO C 416 0.47 -34.38 -20.34
C PRO C 416 0.67 -34.50 -18.85
N VAL C 417 1.14 -35.63 -18.37
CA VAL C 417 1.23 -35.83 -16.93
C VAL C 417 2.28 -34.90 -16.34
N VAL C 418 3.54 -35.34 -16.38
CA VAL C 418 4.65 -34.44 -16.16
C VAL C 418 4.30 -33.05 -16.63
N ALA C 419 3.73 -32.96 -17.84
CA ALA C 419 3.22 -31.69 -18.34
C ALA C 419 2.60 -30.89 -17.21
N ALA C 420 1.49 -31.36 -16.67
CA ALA C 420 1.12 -30.89 -15.34
C ALA C 420 2.25 -31.15 -14.38
N ILE C 421 2.03 -32.01 -13.39
CA ILE C 421 3.12 -32.51 -12.56
C ILE C 421 4.26 -31.50 -12.51
N LYS C 422 5.37 -31.87 -13.14
CA LYS C 422 6.25 -30.89 -13.75
C LYS C 422 5.66 -29.49 -13.67
N GLU C 423 4.93 -29.11 -14.71
CA GLU C 423 4.02 -28.00 -14.59
C GLU C 423 3.64 -27.74 -13.16
N PHE C 424 2.76 -28.57 -12.60
CA PHE C 424 2.30 -28.38 -11.24
C PHE C 424 3.22 -27.46 -10.46
N PHE C 425 4.49 -27.82 -10.41
CA PHE C 425 5.46 -26.95 -9.76
C PHE C 425 5.27 -25.52 -10.20
N GLY C 426 5.48 -25.24 -11.48
CA GLY C 426 4.85 -24.09 -12.10
C GLY C 426 3.40 -24.16 -11.73
N THR C 427 2.94 -23.16 -10.97
CA THR C 427 1.63 -23.12 -10.33
C THR C 427 1.66 -23.61 -8.91
N SER C 428 2.43 -24.68 -8.64
CA SER C 428 2.60 -25.19 -7.29
C SER C 428 2.93 -24.04 -6.34
N GLN C 429 2.01 -23.11 -6.20
CA GLN C 429 2.28 -21.91 -5.42
C GLN C 429 2.86 -22.24 -4.07
N LEU C 430 2.53 -23.40 -3.53
CA LEU C 430 3.02 -23.83 -2.24
C LEU C 430 4.48 -24.22 -2.26
N SER C 431 4.95 -24.87 -3.30
CA SER C 431 6.38 -24.89 -3.56
C SER C 431 6.73 -23.43 -3.65
N GLN C 432 7.72 -23.02 -2.88
CA GLN C 432 8.07 -21.62 -2.77
C GLN C 432 9.56 -21.49 -2.54
N PHE C 433 10.20 -20.77 -3.45
CA PHE C 433 11.65 -20.87 -3.56
C PHE C 433 12.30 -20.75 -2.20
N MET C 434 13.12 -21.74 -1.89
CA MET C 434 13.83 -21.72 -0.62
C MET C 434 14.59 -20.43 -0.43
N ASP C 435 14.07 -19.53 0.39
CA ASP C 435 14.87 -18.38 0.80
C ASP C 435 16.25 -18.81 1.29
N GLN C 436 17.14 -19.15 0.36
CA GLN C 436 18.52 -19.42 0.73
C GLN C 436 19.13 -18.09 1.18
N ASN C 437 18.60 -17.55 2.28
CA ASN C 437 19.19 -16.39 2.94
C ASN C 437 20.05 -16.80 4.13
N ASN C 438 19.54 -17.68 4.98
CA ASN C 438 20.43 -18.35 5.91
C ASN C 438 20.03 -19.80 5.88
N PRO C 439 20.67 -20.62 6.64
CA PRO C 439 20.21 -21.99 6.81
C PRO C 439 18.83 -22.03 7.39
N LEU C 440 18.77 -22.21 8.72
CA LEU C 440 17.49 -22.35 9.37
C LEU C 440 16.43 -21.48 8.72
N SER C 441 16.73 -20.21 8.49
CA SER C 441 15.80 -19.43 7.70
C SER C 441 15.16 -20.30 6.66
N GLY C 442 15.98 -20.79 5.73
CA GLY C 442 15.54 -21.89 4.90
C GLY C 442 14.81 -22.93 5.71
N LEU C 443 15.35 -23.29 6.88
CA LEU C 443 14.63 -24.27 7.66
C LEU C 443 13.21 -23.83 7.88
N THR C 444 12.90 -23.31 9.05
CA THR C 444 11.74 -22.45 9.19
C THR C 444 10.83 -22.49 7.99
N HIS C 445 11.28 -21.96 6.86
CA HIS C 445 10.65 -22.29 5.60
C HIS C 445 10.26 -23.75 5.60
N LYS C 446 11.22 -24.61 5.87
CA LYS C 446 10.95 -25.96 6.30
C LYS C 446 10.37 -25.96 7.71
N ARG C 447 9.54 -26.94 7.96
CA ARG C 447 8.61 -26.97 9.08
C ARG C 447 7.52 -25.95 8.91
N ARG C 448 7.81 -24.79 8.33
CA ARG C 448 6.77 -23.86 7.98
C ARG C 448 5.52 -24.63 7.55
N LEU C 449 4.35 -24.12 7.92
CA LEU C 449 3.12 -24.88 7.82
C LEU C 449 1.89 -24.00 7.89
N SER C 450 0.93 -24.27 7.02
CA SER C 450 -0.37 -23.61 7.05
C SER C 450 -1.43 -24.52 6.47
N ALA C 451 -2.60 -23.93 6.22
CA ALA C 451 -3.70 -24.65 5.61
C ALA C 451 -4.53 -23.76 4.72
N LEU C 452 -4.03 -23.42 3.53
CA LEU C 452 -4.62 -22.34 2.76
C LEU C 452 -4.21 -22.44 1.29
N GLY C 453 -5.01 -21.83 0.42
CA GLY C 453 -4.62 -21.68 -0.97
C GLY C 453 -5.32 -22.63 -1.92
N PRO C 454 -4.53 -23.28 -2.79
CA PRO C 454 -5.13 -24.05 -3.90
C PRO C 454 -6.15 -25.05 -3.38
N GLY C 455 -7.39 -24.85 -3.79
CA GLY C 455 -8.50 -25.49 -3.13
C GLY C 455 -8.66 -25.14 -1.67
N GLY C 456 -7.56 -24.79 -1.02
CA GLY C 456 -7.60 -24.42 0.39
C GLY C 456 -8.32 -23.11 0.60
N LEU C 457 -8.20 -22.61 1.82
CA LEU C 457 -8.93 -21.42 2.21
C LEU C 457 -8.57 -20.26 1.30
N SER C 458 -9.38 -19.22 1.39
CA SER C 458 -9.11 -17.90 0.85
C SER C 458 -9.37 -16.87 1.95
N ARG C 459 -8.29 -16.46 2.63
CA ARG C 459 -8.39 -15.65 3.83
C ARG C 459 -9.53 -14.65 3.79
N GLU C 460 -9.92 -14.18 2.61
CA GLU C 460 -11.15 -13.44 2.48
C GLU C 460 -12.35 -14.22 3.00
N ARG C 461 -12.15 -15.41 3.53
CA ARG C 461 -13.21 -16.22 4.10
C ARG C 461 -12.67 -17.13 5.20
N ALA C 462 -12.66 -16.65 6.44
CA ALA C 462 -12.17 -17.43 7.57
C ALA C 462 -12.32 -16.61 8.84
N GLY C 463 -13.02 -17.16 9.83
CA GLY C 463 -13.14 -16.49 11.11
C GLY C 463 -11.94 -16.74 12.00
N LEU C 464 -11.38 -15.63 12.49
CA LEU C 464 -10.24 -15.61 13.38
C LEU C 464 -9.91 -16.97 13.95
N GLU C 465 -10.89 -17.58 14.59
CA GLU C 465 -10.84 -18.99 14.98
C GLU C 465 -9.87 -19.78 14.14
N VAL C 466 -10.03 -19.72 12.82
CA VAL C 466 -8.92 -20.04 11.93
C VAL C 466 -7.59 -19.70 12.56
N ARG C 467 -7.38 -18.43 12.90
CA ARG C 467 -6.20 -18.00 13.63
C ARG C 467 -6.29 -18.36 15.11
N ASP C 468 -7.49 -18.71 15.56
CA ASP C 468 -7.76 -18.78 17.00
C ASP C 468 -6.76 -19.64 17.75
N VAL C 469 -6.60 -19.33 19.02
CA VAL C 469 -5.77 -20.12 19.91
C VAL C 469 -6.42 -21.48 20.11
N HIS C 470 -6.67 -21.85 21.36
CA HIS C 470 -7.21 -23.11 21.84
C HIS C 470 -6.21 -23.84 22.72
N PRO C 471 -6.68 -24.69 23.60
CA PRO C 471 -5.76 -25.59 24.30
C PRO C 471 -5.00 -26.46 23.32
N SER C 472 -5.29 -27.76 23.32
CA SER C 472 -4.49 -28.72 22.58
C SER C 472 -3.16 -28.14 22.18
N HIS C 473 -3.05 -27.69 20.94
CA HIS C 473 -1.95 -26.87 20.47
C HIS C 473 -0.60 -27.25 21.06
N TYR C 474 -0.46 -27.40 22.38
CA TYR C 474 0.87 -27.71 22.90
C TYR C 474 1.42 -28.92 22.17
N GLY C 475 2.74 -29.05 22.16
CA GLY C 475 3.38 -30.09 21.39
C GLY C 475 2.78 -30.29 20.02
N ARG C 476 2.73 -29.24 19.21
CA ARG C 476 2.03 -29.27 17.94
C ARG C 476 2.61 -28.26 16.95
N MET C 477 2.80 -27.03 17.40
CA MET C 477 3.50 -26.02 16.63
C MET C 477 3.85 -24.88 17.56
N CYS C 478 4.90 -24.14 17.21
CA CYS C 478 5.25 -22.97 18.00
C CYS C 478 3.98 -22.22 18.37
N PRO C 479 3.63 -22.20 19.59
CA PRO C 479 2.53 -21.32 20.00
C PRO C 479 2.77 -19.98 19.38
N ILE C 480 3.92 -19.43 19.70
CA ILE C 480 4.22 -18.07 19.28
C ILE C 480 4.09 -17.91 17.79
N GLU C 481 5.18 -18.20 17.08
CA GLU C 481 5.35 -17.67 15.73
C GLU C 481 4.19 -18.14 14.85
N THR C 482 4.25 -17.77 13.60
CA THR C 482 3.07 -17.61 12.78
C THR C 482 3.43 -16.72 11.62
N PRO C 483 2.52 -16.48 10.70
CA PRO C 483 2.70 -15.33 9.79
C PRO C 483 2.80 -14.05 10.60
N GLU C 484 2.29 -12.97 10.03
CA GLU C 484 2.41 -11.69 10.73
C GLU C 484 1.43 -10.64 10.26
N GLY C 485 1.41 -10.30 8.98
CA GLY C 485 0.42 -9.38 8.48
C GLY C 485 -0.95 -9.97 8.75
N PRO C 486 -1.90 -9.63 7.98
CA PRO C 486 -3.22 -10.26 8.08
C PRO C 486 -3.09 -11.77 8.01
N ASN C 487 -2.12 -12.32 8.71
CA ASN C 487 -1.47 -13.53 8.25
C ASN C 487 -1.24 -14.49 9.40
N ILE C 488 -0.85 -13.98 10.55
CA ILE C 488 -0.77 -14.80 11.75
C ILE C 488 -2.09 -15.55 11.91
N GLY C 489 -2.12 -16.50 12.82
CA GLY C 489 -3.24 -17.37 12.96
C GLY C 489 -3.60 -18.06 11.66
N LEU C 490 -2.64 -18.20 10.75
CA LEU C 490 -2.96 -18.74 9.45
C LEU C 490 -1.98 -19.81 9.03
N ILE C 491 -0.78 -19.81 9.61
CA ILE C 491 0.32 -20.60 9.09
C ILE C 491 1.29 -20.82 10.24
N GLY C 492 2.12 -21.84 10.13
CA GLY C 492 3.13 -22.09 11.11
C GLY C 492 3.99 -23.28 10.77
N SER C 493 3.95 -24.31 11.61
CA SER C 493 4.84 -25.44 11.46
C SER C 493 4.50 -26.48 12.50
N LEU C 494 5.52 -27.18 12.97
CA LEU C 494 5.34 -28.06 14.10
C LEU C 494 5.78 -27.35 15.37
N SER C 495 5.55 -27.99 16.50
CA SER C 495 6.12 -27.52 17.75
C SER C 495 7.60 -27.90 17.79
N VAL C 496 7.90 -29.09 18.29
CA VAL C 496 9.28 -29.55 18.30
C VAL C 496 9.36 -31.01 17.87
N TYR C 497 9.09 -31.91 18.81
CA TYR C 497 9.37 -33.31 18.60
C TYR C 497 8.22 -34.06 17.94
N ALA C 498 7.25 -34.49 18.74
CA ALA C 498 6.09 -35.28 18.33
C ALA C 498 5.97 -35.37 16.81
N ARG C 499 6.36 -36.51 16.27
CA ARG C 499 6.16 -36.77 14.86
C ARG C 499 4.66 -36.67 14.60
N VAL C 500 4.27 -36.99 13.38
CA VAL C 500 2.88 -36.84 13.00
C VAL C 500 2.38 -38.08 12.28
N ASN C 501 1.23 -38.53 12.69
CA ASN C 501 0.43 -39.61 12.14
C ASN C 501 0.88 -40.07 10.77
N PRO C 502 0.96 -41.37 10.53
CA PRO C 502 0.88 -41.87 9.17
C PRO C 502 -0.34 -41.36 8.45
N PHE C 503 -0.97 -40.32 8.98
CA PHE C 503 -2.23 -39.78 8.49
C PHE C 503 -2.45 -38.35 8.92
N GLY C 504 -1.39 -37.57 9.02
CA GLY C 504 -1.52 -36.14 9.21
C GLY C 504 -1.94 -35.75 10.59
N PHE C 505 -1.34 -36.38 11.60
CA PHE C 505 -1.64 -36.07 12.98
C PHE C 505 -0.43 -36.31 13.88
N ILE C 506 -0.13 -35.33 14.70
CA ILE C 506 1.06 -35.30 15.53
C ILE C 506 1.21 -36.63 16.26
N GLU C 507 2.39 -36.84 16.83
CA GLU C 507 2.75 -38.09 17.45
C GLU C 507 3.54 -37.84 18.73
N THR C 508 2.96 -37.02 19.61
CA THR C 508 3.76 -36.69 20.77
C THR C 508 3.89 -37.94 21.60
N PRO C 509 5.09 -38.37 21.91
CA PRO C 509 5.28 -39.34 23.00
C PRO C 509 5.10 -38.62 24.31
N TYR C 510 5.21 -39.30 25.44
CA TYR C 510 4.94 -38.66 26.72
C TYR C 510 5.59 -39.41 27.87
N ARG C 511 5.72 -38.70 28.99
CA ARG C 511 6.11 -39.30 30.24
C ARG C 511 4.88 -39.95 30.84
N LYS C 512 4.11 -40.61 29.99
CA LYS C 512 3.32 -41.75 30.40
C LYS C 512 3.83 -42.28 31.72
N VAL C 513 3.34 -41.69 32.81
CA VAL C 513 3.83 -41.98 34.15
C VAL C 513 3.34 -43.36 34.56
N VAL C 514 3.87 -43.85 35.68
CA VAL C 514 3.36 -45.06 36.31
C VAL C 514 3.72 -45.00 37.79
N ASP C 515 2.74 -44.67 38.63
CA ASP C 515 2.86 -44.83 40.08
C ASP C 515 4.06 -44.10 40.64
N GLY C 516 3.99 -42.78 40.68
CA GLY C 516 5.20 -42.03 41.00
C GLY C 516 6.42 -42.61 40.34
N VAL C 517 6.26 -43.15 39.13
CA VAL C 517 7.34 -43.78 38.40
C VAL C 517 6.91 -43.73 36.94
N VAL C 518 7.07 -42.58 36.30
CA VAL C 518 6.65 -42.45 34.92
C VAL C 518 7.22 -43.61 34.13
N SER C 519 6.49 -44.03 33.11
CA SER C 519 6.94 -45.08 32.23
C SER C 519 7.89 -44.49 31.19
N ASP C 520 9.19 -44.55 31.48
CA ASP C 520 10.24 -44.07 30.60
C ASP C 520 9.98 -44.45 29.17
N GLU C 521 9.05 -43.79 28.50
CA GLU C 521 8.49 -44.37 27.30
C GLU C 521 7.85 -43.34 26.42
N ILE C 522 8.29 -43.26 25.17
CA ILE C 522 7.55 -42.50 24.18
C ILE C 522 6.13 -43.02 24.10
N VAL C 523 5.24 -42.15 23.66
CA VAL C 523 3.94 -42.55 23.19
C VAL C 523 3.47 -41.49 22.22
N TYR C 524 4.01 -41.50 21.00
CA TYR C 524 3.45 -40.67 19.93
C TYR C 524 1.96 -40.58 20.16
N LEU C 525 1.39 -39.39 20.14
CA LEU C 525 -0.03 -39.30 20.41
C LEU C 525 -0.75 -38.28 19.56
N THR C 526 -1.87 -38.72 19.02
CA THR C 526 -2.85 -37.84 18.41
C THR C 526 -3.73 -37.26 19.51
N ALA C 527 -3.29 -36.12 20.06
CA ALA C 527 -4.05 -35.32 21.01
C ALA C 527 -5.27 -36.03 21.57
N ASP C 528 -6.15 -36.49 20.69
CA ASP C 528 -7.45 -37.07 21.01
C ASP C 528 -7.39 -37.98 22.23
N GLU C 529 -7.92 -39.19 22.09
CA GLU C 529 -7.49 -40.27 22.96
C GLU C 529 -7.08 -39.78 24.33
N GLU C 530 -5.85 -40.05 24.74
CA GLU C 530 -5.03 -38.96 25.25
C GLU C 530 -5.84 -37.89 25.96
N ASP C 531 -6.47 -37.01 25.18
CA ASP C 531 -7.47 -36.11 25.74
C ASP C 531 -8.19 -36.75 26.90
N ARG C 532 -8.54 -38.02 26.74
CA ARG C 532 -9.08 -38.82 27.82
C ARG C 532 -8.19 -38.79 29.07
N HIS C 533 -6.92 -38.45 28.91
CA HIS C 533 -5.93 -38.88 29.88
C HIS C 533 -5.43 -37.71 30.71
N VAL C 534 -4.33 -37.93 31.44
CA VAL C 534 -3.99 -37.10 32.58
C VAL C 534 -2.73 -36.30 32.25
N VAL C 535 -2.78 -35.00 32.49
CA VAL C 535 -1.75 -34.05 32.06
C VAL C 535 -0.74 -33.87 33.19
N ALA C 536 0.34 -34.62 33.13
CA ALA C 536 1.38 -34.44 34.15
C ALA C 536 2.28 -33.28 33.74
N GLN C 537 3.28 -33.00 34.56
CA GLN C 537 4.07 -31.79 34.43
C GLN C 537 5.56 -32.06 34.43
N ALA C 538 6.22 -31.57 33.37
CA ALA C 538 7.66 -31.72 33.27
C ALA C 538 8.37 -31.17 34.49
N ASN C 539 8.93 -29.97 34.37
CA ASN C 539 9.45 -29.20 35.49
C ASN C 539 8.74 -29.62 36.77
N SER C 540 9.18 -30.74 37.34
CA SER C 540 8.37 -31.18 38.45
C SER C 540 9.17 -32.14 39.33
N PRO C 541 9.20 -31.88 40.62
CA PRO C 541 10.10 -32.60 41.52
C PRO C 541 9.62 -33.99 41.89
N ILE C 542 10.11 -34.99 41.18
CA ILE C 542 9.89 -36.36 41.59
C ILE C 542 10.76 -36.71 42.76
N ASP C 543 10.27 -37.62 43.59
CA ASP C 543 11.09 -38.45 44.46
C ASP C 543 11.90 -39.39 43.58
N ALA C 544 12.83 -38.82 42.81
CA ALA C 544 13.85 -39.57 42.09
C ALA C 544 13.36 -40.89 41.53
N ASP C 545 12.07 -41.04 41.36
CA ASP C 545 11.49 -42.34 41.03
C ASP C 545 10.28 -42.24 40.13
N GLY C 546 9.99 -41.06 39.59
CA GLY C 546 8.68 -40.75 39.07
C GLY C 546 7.89 -40.08 40.17
N ARG C 547 8.35 -40.33 41.39
CA ARG C 547 7.66 -39.99 42.61
C ARG C 547 7.75 -38.49 42.86
N PHE C 548 7.13 -37.72 42.00
CA PHE C 548 6.99 -36.30 42.27
C PHE C 548 6.63 -36.14 43.73
N VAL C 549 7.45 -35.39 44.45
CA VAL C 549 7.52 -35.54 45.90
C VAL C 549 6.32 -34.87 46.56
N GLU C 550 5.42 -34.31 45.78
CA GLU C 550 4.22 -33.72 46.33
C GLU C 550 3.05 -34.68 46.19
N PRO C 551 2.04 -34.55 47.04
CA PRO C 551 0.86 -35.42 46.92
C PRO C 551 -0.11 -34.90 45.89
N ARG C 552 0.00 -33.61 45.59
CA ARG C 552 -0.96 -32.90 44.78
C ARG C 552 -0.23 -32.27 43.61
N VAL C 553 -0.93 -32.08 42.48
CA VAL C 553 -0.33 -31.42 41.33
C VAL C 553 -1.43 -30.77 40.52
N LEU C 554 -1.03 -30.07 39.46
CA LEU C 554 -1.96 -29.50 38.49
C LEU C 554 -1.94 -30.32 37.19
N VAL C 555 -2.79 -29.91 36.25
CA VAL C 555 -2.98 -30.63 35.00
C VAL C 555 -4.19 -30.14 34.22
N ARG C 556 -4.00 -29.87 32.92
CA ARG C 556 -5.08 -29.60 31.98
C ARG C 556 -6.11 -30.71 32.15
N ARG C 557 -7.37 -30.39 31.85
CA ARG C 557 -8.37 -31.42 31.93
C ARG C 557 -9.21 -31.44 30.66
N LYS C 558 -10.42 -31.97 30.80
CA LYS C 558 -11.33 -32.10 29.67
C LYS C 558 -11.22 -30.88 28.76
N ALA C 559 -11.50 -29.70 29.30
CA ALA C 559 -11.29 -28.49 28.52
C ALA C 559 -9.83 -28.08 28.55
N GLY C 560 -8.93 -29.06 28.62
CA GLY C 560 -7.56 -28.72 28.91
C GLY C 560 -7.54 -28.05 30.27
N GLU C 561 -8.66 -28.20 30.98
CA GLU C 561 -8.81 -27.59 32.29
C GLU C 561 -7.52 -27.73 33.08
N VAL C 562 -6.56 -26.87 32.75
CA VAL C 562 -5.32 -26.83 33.50
C VAL C 562 -5.68 -26.85 34.97
N GLU C 563 -5.81 -28.04 35.53
CA GLU C 563 -6.38 -28.18 36.84
C GLU C 563 -5.36 -28.78 37.80
N TYR C 564 -5.39 -28.33 39.05
CA TYR C 564 -4.52 -28.89 40.07
C TYR C 564 -5.12 -30.23 40.45
N VAL C 565 -4.47 -30.94 41.35
CA VAL C 565 -4.81 -32.34 41.54
C VAL C 565 -3.81 -32.97 42.49
N PRO C 566 -4.09 -34.15 43.02
CA PRO C 566 -3.11 -34.86 43.82
C PRO C 566 -2.24 -35.78 42.97
N SER C 567 -0.97 -35.39 42.87
CA SER C 567 0.04 -36.29 42.36
C SER C 567 -0.21 -37.68 42.92
N SER C 568 -0.49 -38.64 42.05
CA SER C 568 -0.94 -39.95 42.45
C SER C 568 -1.83 -40.61 41.42
N GLU C 569 -1.95 -40.03 40.23
CA GLU C 569 -3.21 -40.21 39.51
C GLU C 569 -3.04 -40.14 38.01
N VAL C 570 -2.13 -39.31 37.51
CA VAL C 570 -1.99 -39.17 36.07
C VAL C 570 -1.67 -40.53 35.47
N ASP C 571 -1.83 -40.65 34.17
CA ASP C 571 -1.22 -41.72 33.41
C ASP C 571 0.12 -41.34 32.84
N TYR C 572 0.23 -40.13 32.30
CA TYR C 572 1.40 -39.71 31.54
C TYR C 572 1.86 -38.36 32.04
N MET C 573 3.16 -38.17 32.07
CA MET C 573 3.63 -36.80 32.21
C MET C 573 3.81 -36.23 30.82
N ASP C 574 5.06 -36.14 30.42
CA ASP C 574 5.42 -35.22 29.36
C ASP C 574 6.55 -35.82 28.53
N VAL C 575 7.41 -34.95 28.00
CA VAL C 575 8.57 -35.45 27.28
C VAL C 575 9.76 -34.51 27.46
N SER C 576 9.62 -33.54 28.35
CA SER C 576 10.61 -32.50 28.55
C SER C 576 9.88 -31.26 29.02
N PRO C 577 10.55 -30.16 29.11
CA PRO C 577 9.84 -28.89 29.10
C PRO C 577 9.58 -28.54 27.66
N ARG C 578 9.09 -27.34 27.42
CA ARG C 578 9.33 -26.60 26.21
C ARG C 578 9.23 -27.45 24.95
N GLN C 579 8.11 -27.38 24.23
CA GLN C 579 7.87 -28.38 23.21
C GLN C 579 6.95 -27.88 22.12
N MET C 580 5.74 -27.44 22.48
CA MET C 580 4.95 -26.78 21.45
C MET C 580 5.71 -25.59 20.89
N VAL C 581 6.73 -25.18 21.59
CA VAL C 581 7.78 -24.29 21.12
C VAL C 581 8.05 -24.49 19.64
N SER C 582 8.77 -23.55 19.05
CA SER C 582 9.50 -23.80 17.83
C SER C 582 10.99 -23.71 18.12
N VAL C 583 11.77 -24.38 17.30
CA VAL C 583 13.18 -24.06 17.23
C VAL C 583 13.39 -22.57 17.36
N ALA C 584 13.20 -21.85 16.27
CA ALA C 584 13.21 -20.40 16.31
C ALA C 584 12.67 -19.90 17.61
N THR C 585 11.44 -20.27 17.93
CA THR C 585 11.01 -20.11 19.30
C THR C 585 12.13 -20.47 20.24
N ALA C 586 12.39 -21.73 20.36
CA ALA C 586 13.51 -22.18 21.12
C ALA C 586 14.74 -21.41 20.85
N MET C 587 15.00 -20.22 21.37
CA MET C 587 16.21 -19.53 20.98
C MET C 587 16.74 -18.52 22.00
N ILE C 588 15.89 -18.00 22.87
CA ILE C 588 16.29 -16.91 23.76
C ILE C 588 15.64 -17.11 25.11
N PRO C 589 16.37 -17.00 26.21
CA PRO C 589 15.76 -17.18 27.53
C PRO C 589 15.13 -15.89 28.01
N PHE C 590 14.84 -15.85 29.31
CA PHE C 590 14.32 -14.64 29.93
C PHE C 590 12.87 -14.42 29.50
N LEU C 591 12.48 -15.19 28.49
CA LEU C 591 11.09 -15.26 28.07
C LEU C 591 10.15 -14.77 29.14
N GLU C 592 9.90 -15.61 30.12
CA GLU C 592 9.26 -15.41 31.41
C GLU C 592 9.42 -14.05 31.95
N HIS C 593 9.97 -13.16 31.15
CA HIS C 593 10.14 -11.77 31.51
C HIS C 593 9.86 -10.85 30.33
N ASP C 594 9.33 -11.39 29.24
CA ASP C 594 9.52 -10.74 27.96
C ASP C 594 8.25 -10.85 27.10
N ASP C 595 8.03 -9.85 26.26
CA ASP C 595 6.83 -9.81 25.44
C ASP C 595 6.83 -10.86 24.34
N ALA C 596 5.90 -11.80 24.46
CA ALA C 596 5.57 -12.64 23.33
C ALA C 596 5.44 -11.82 22.06
N ASN C 597 4.60 -10.80 22.08
CA ASN C 597 4.52 -9.94 20.91
C ASN C 597 5.91 -9.62 20.42
N ARG C 598 6.54 -8.61 21.03
CA ARG C 598 7.98 -8.47 20.98
C ARG C 598 8.64 -9.78 20.62
N ALA C 599 8.24 -10.86 21.27
CA ALA C 599 8.85 -12.15 20.99
C ALA C 599 8.71 -12.51 19.52
N LEU C 600 7.79 -13.42 19.21
CA LEU C 600 7.51 -13.78 17.83
C LEU C 600 8.05 -12.74 16.89
N MET C 601 7.78 -11.48 17.18
CA MET C 601 8.49 -10.41 16.51
C MET C 601 9.94 -10.81 16.30
N GLY C 602 10.75 -10.74 17.34
CA GLY C 602 12.11 -11.23 17.24
C GLY C 602 12.17 -12.55 16.54
N ALA C 603 11.24 -13.44 16.87
CA ALA C 603 11.20 -14.73 16.21
C ALA C 603 11.42 -14.59 14.72
N ASN C 604 10.35 -14.37 13.95
CA ASN C 604 10.53 -14.00 12.57
C ASN C 604 11.79 -13.20 12.32
N MET C 605 11.95 -12.07 12.99
CA MET C 605 13.21 -11.36 13.01
C MET C 605 14.38 -12.29 12.86
N GLN C 606 14.81 -12.91 13.95
CA GLN C 606 15.72 -14.04 13.91
C GLN C 606 16.23 -14.34 12.53
N ARG C 607 15.33 -14.63 11.65
CA ARG C 607 15.81 -14.98 10.35
C ARG C 607 16.52 -13.92 9.71
N GLN C 608 16.05 -12.69 9.80
CA GLN C 608 16.50 -11.69 8.87
C GLN C 608 17.93 -11.25 9.12
N ALA C 609 18.69 -12.00 9.90
CA ALA C 609 20.12 -11.77 9.94
C ALA C 609 20.67 -11.71 8.53
N VAL C 610 21.96 -11.38 8.44
CA VAL C 610 22.61 -11.32 7.14
C VAL C 610 24.05 -11.79 7.31
N PRO C 611 24.38 -13.01 6.87
CA PRO C 611 25.71 -13.58 7.09
C PRO C 611 26.79 -12.66 6.55
N LEU C 612 27.16 -11.64 7.32
CA LEU C 612 28.22 -10.73 6.89
C LEU C 612 29.45 -11.54 6.53
N VAL C 613 30.30 -11.77 7.52
CA VAL C 613 31.64 -12.20 7.22
C VAL C 613 32.34 -12.82 8.41
N ARG C 614 32.45 -12.10 9.52
CA ARG C 614 33.39 -12.49 10.54
C ARG C 614 33.21 -13.91 11.02
N SER C 615 31.98 -14.33 11.30
CA SER C 615 31.74 -15.54 12.06
C SER C 615 31.93 -15.28 13.56
N GLU C 616 30.82 -15.39 14.28
CA GLU C 616 30.83 -15.32 15.72
C GLU C 616 29.63 -16.07 16.29
N ALA C 617 29.78 -16.51 17.53
CA ALA C 617 28.65 -16.99 18.26
C ALA C 617 28.52 -16.21 19.57
N PRO C 618 27.29 -15.98 20.01
CA PRO C 618 27.13 -15.46 21.37
C PRO C 618 27.84 -16.40 22.31
N LEU C 619 28.84 -15.88 23.00
CA LEU C 619 29.48 -16.70 24.03
C LEU C 619 28.43 -17.39 24.86
N VAL C 620 27.26 -16.78 24.99
CA VAL C 620 26.13 -17.36 25.67
C VAL C 620 25.15 -17.81 24.59
N GLY C 621 24.06 -18.41 25.00
CA GLY C 621 23.12 -19.06 24.12
C GLY C 621 22.86 -20.47 24.61
N THR C 622 21.64 -20.94 24.36
CA THR C 622 21.21 -22.24 24.85
C THR C 622 22.06 -23.33 24.21
N GLY C 623 21.44 -24.47 24.00
CA GLY C 623 22.09 -25.55 23.29
C GLY C 623 21.60 -25.75 21.88
N MET C 624 20.31 -25.47 21.62
CA MET C 624 19.79 -25.31 20.27
C MET C 624 20.89 -25.21 19.27
N GLU C 625 21.25 -23.98 18.93
CA GLU C 625 22.62 -23.73 18.55
C GLU C 625 23.04 -24.64 17.41
N LEU C 626 24.33 -24.91 17.32
CA LEU C 626 24.77 -25.79 16.27
C LEU C 626 24.11 -27.16 16.37
N ARG C 627 24.01 -27.72 17.57
CA ARG C 627 23.21 -28.92 17.73
C ARG C 627 21.87 -28.74 17.08
N ALA C 628 21.28 -27.57 17.21
CA ALA C 628 20.36 -27.15 16.19
C ALA C 628 21.09 -27.02 14.87
N ALA C 629 21.95 -26.02 14.74
CA ALA C 629 22.61 -25.75 13.47
C ALA C 629 22.99 -27.03 12.75
N ILE C 630 23.58 -27.99 13.45
CA ILE C 630 23.91 -29.26 12.80
C ILE C 630 22.79 -29.64 11.87
N ASP C 631 21.57 -29.46 12.31
CA ASP C 631 20.44 -29.72 11.45
C ASP C 631 20.37 -28.79 10.28
N ALA C 632 21.19 -27.73 10.28
CA ALA C 632 21.57 -27.23 8.99
C ALA C 632 21.86 -28.39 8.07
N GLY C 633 22.56 -29.40 8.57
CA GLY C 633 22.98 -30.48 7.73
C GLY C 633 23.48 -29.86 6.45
N ASP C 634 24.64 -29.21 6.52
CA ASP C 634 25.11 -28.39 5.43
C ASP C 634 26.63 -28.45 5.37
N VAL C 635 27.26 -27.93 6.42
CA VAL C 635 28.70 -28.05 6.64
C VAL C 635 29.16 -29.37 6.06
N VAL C 636 30.21 -29.31 5.25
CA VAL C 636 30.94 -30.54 4.99
C VAL C 636 31.17 -31.18 6.35
N VAL C 637 30.72 -32.42 6.51
CA VAL C 637 30.69 -33.06 7.80
C VAL C 637 30.94 -34.54 7.62
N ALA C 638 31.68 -35.11 8.57
CA ALA C 638 32.36 -36.38 8.36
C ALA C 638 31.46 -37.42 7.74
N GLU C 639 32.11 -38.39 7.08
CA GLU C 639 31.43 -39.48 6.40
C GLU C 639 31.98 -40.82 6.84
N GLU C 640 33.20 -40.82 7.37
CA GLU C 640 33.88 -42.01 7.84
C GLU C 640 34.84 -41.68 8.97
N SER C 641 34.91 -42.58 9.94
CA SER C 641 36.08 -42.58 10.78
C SER C 641 37.28 -42.81 9.87
N GLY C 642 37.57 -41.84 9.02
CA GLY C 642 38.75 -41.89 8.19
C GLY C 642 39.75 -40.89 8.72
N VAL C 643 41.05 -41.10 8.49
CA VAL C 643 42.04 -40.11 8.86
C VAL C 643 41.98 -39.05 7.78
N ILE C 644 42.47 -37.84 8.09
CA ILE C 644 42.34 -36.79 7.11
C ILE C 644 43.12 -37.17 5.88
N GLU C 645 42.99 -36.36 4.86
CA GLU C 645 43.69 -36.58 3.61
C GLU C 645 43.89 -35.19 3.02
N GLU C 646 44.68 -35.09 1.95
CA GLU C 646 44.91 -33.83 1.25
C GLU C 646 43.76 -32.87 1.39
N VAL C 647 44.07 -31.58 1.45
CA VAL C 647 43.08 -30.57 1.77
C VAL C 647 43.37 -29.30 1.01
N SER C 648 42.31 -28.67 0.51
CA SER C 648 42.42 -27.32 -0.01
C SER C 648 41.04 -26.81 -0.37
N ALA C 649 40.90 -25.49 -0.34
CA ALA C 649 39.59 -24.86 -0.26
C ALA C 649 38.68 -25.17 -1.43
N ASP C 650 38.60 -26.42 -1.88
CA ASP C 650 37.66 -26.73 -2.94
C ASP C 650 36.88 -27.99 -2.60
N TYR C 651 37.27 -28.62 -1.50
CA TYR C 651 37.15 -30.05 -1.34
C TYR C 651 38.28 -30.46 -0.44
N ILE C 652 38.30 -31.75 -0.11
CA ILE C 652 39.46 -32.33 0.53
C ILE C 652 39.42 -33.84 0.39
N THR C 653 40.52 -34.37 -0.11
CA THR C 653 40.77 -35.80 -0.08
C THR C 653 40.53 -36.30 1.32
N VAL C 654 40.01 -37.51 1.45
CA VAL C 654 39.53 -37.99 2.74
C VAL C 654 39.95 -39.43 2.96
N MET C 655 41.01 -39.63 3.72
CA MET C 655 41.48 -40.97 4.02
C MET C 655 40.34 -41.77 4.62
N HIS C 656 39.42 -42.22 3.78
CA HIS C 656 38.53 -43.25 4.26
C HIS C 656 39.38 -44.43 4.70
N ASP C 657 39.54 -44.54 6.00
CA ASP C 657 40.60 -45.40 6.53
C ASP C 657 40.54 -46.81 5.98
N ASN C 658 39.50 -47.16 5.22
CA ASN C 658 39.44 -48.43 4.51
C ASN C 658 40.39 -48.32 3.33
N GLY C 659 41.58 -47.81 3.58
CA GLY C 659 42.30 -47.26 2.46
C GLY C 659 41.45 -46.13 1.94
N THR C 660 40.47 -46.47 1.10
CA THR C 660 39.31 -45.62 0.80
C THR C 660 39.52 -44.13 1.04
N ARG C 661 39.18 -43.32 0.05
CA ARG C 661 39.17 -41.88 0.24
C ARG C 661 38.19 -41.21 -0.71
N ARG C 662 38.14 -39.89 -0.65
CA ARG C 662 37.21 -39.08 -1.42
C ARG C 662 37.43 -37.62 -1.13
N THR C 663 38.08 -36.91 -2.04
CA THR C 663 38.41 -35.52 -1.83
C THR C 663 37.14 -34.71 -1.64
N TYR C 664 36.36 -35.07 -0.63
CA TYR C 664 35.13 -34.35 -0.34
C TYR C 664 35.33 -32.87 -0.59
N ARG C 665 34.33 -32.23 -1.15
CA ARG C 665 34.47 -30.95 -1.82
C ARG C 665 34.31 -29.80 -0.85
N MET C 666 34.06 -28.62 -1.40
CA MET C 666 33.68 -27.45 -0.62
C MET C 666 33.45 -26.26 -1.52
N ARG C 667 32.35 -25.55 -1.28
CA ARG C 667 31.84 -24.58 -2.23
C ARG C 667 32.12 -23.17 -1.75
N LYS C 668 32.07 -22.22 -2.67
CA LYS C 668 32.41 -20.83 -2.41
C LYS C 668 31.84 -19.98 -3.53
N PHE C 669 31.68 -18.69 -3.26
CA PHE C 669 31.36 -17.71 -4.29
C PHE C 669 30.29 -18.23 -5.24
N ALA C 670 29.07 -18.27 -4.74
CA ALA C 670 27.93 -18.69 -5.55
C ALA C 670 26.65 -18.18 -4.91
N ARG C 671 25.88 -17.43 -5.69
CA ARG C 671 24.86 -16.57 -5.12
C ARG C 671 23.80 -17.33 -4.36
N SER C 672 23.15 -16.63 -3.45
CA SER C 672 21.91 -17.07 -2.84
C SER C 672 20.74 -16.71 -3.72
N ASN C 673 19.54 -16.96 -3.22
CA ASN C 673 18.37 -16.27 -3.71
C ASN C 673 18.48 -14.80 -3.44
N HIS C 674 19.59 -14.39 -2.83
CA HIS C 674 19.72 -13.10 -2.19
C HIS C 674 21.12 -12.53 -2.34
N GLY C 675 21.90 -13.07 -3.27
CA GLY C 675 23.20 -12.54 -3.57
C GLY C 675 24.26 -12.82 -2.53
N THR C 676 24.70 -14.06 -2.39
CA THR C 676 25.74 -14.40 -1.42
C THR C 676 26.58 -15.57 -1.92
N CYS C 677 27.79 -15.69 -1.38
CA CYS C 677 28.81 -16.64 -1.80
C CYS C 677 28.31 -18.06 -1.74
N ALA C 678 29.17 -19.00 -2.11
CA ALA C 678 28.98 -20.42 -1.85
C ALA C 678 29.90 -20.89 -0.73
N ASN C 679 30.55 -19.92 -0.08
CA ASN C 679 31.58 -20.18 0.91
C ASN C 679 31.20 -21.34 1.84
N GLN C 680 32.22 -22.08 2.23
CA GLN C 680 32.07 -23.31 2.98
C GLN C 680 33.39 -23.64 3.67
N CYS C 681 33.67 -22.94 4.77
CA CYS C 681 34.99 -22.93 5.39
C CYS C 681 35.34 -24.26 6.01
N PRO C 682 36.62 -24.63 6.00
CA PRO C 682 37.00 -25.99 6.39
C PRO C 682 36.85 -26.22 7.87
N ILE C 683 37.87 -26.87 8.42
CA ILE C 683 37.92 -27.20 9.84
C ILE C 683 39.34 -27.47 10.30
N VAL C 684 40.05 -28.34 9.59
CA VAL C 684 41.23 -28.97 10.16
C VAL C 684 42.30 -29.22 9.11
N ASP C 685 42.84 -30.45 9.11
CA ASP C 685 44.16 -30.73 8.58
C ASP C 685 44.24 -32.04 7.78
N ALA C 686 44.60 -31.92 6.50
CA ALA C 686 44.68 -33.03 5.56
C ALA C 686 45.27 -34.31 6.14
N GLY C 687 45.88 -34.25 7.30
CA GLY C 687 46.51 -35.44 7.85
C GLY C 687 45.77 -36.02 9.03
N ASP C 688 45.05 -35.18 9.76
CA ASP C 688 44.43 -35.62 11.00
C ASP C 688 43.53 -36.82 10.77
N ARG C 689 42.82 -37.23 11.81
CA ARG C 689 42.01 -38.43 11.77
C ARG C 689 40.69 -38.26 12.50
N VAL C 690 39.60 -38.59 11.81
CA VAL C 690 38.27 -38.44 12.40
C VAL C 690 37.30 -39.38 11.70
N GLU C 691 36.02 -39.14 11.96
CA GLU C 691 35.04 -40.21 11.90
C GLU C 691 33.72 -39.70 11.38
N ALA C 692 33.03 -40.59 10.67
CA ALA C 692 31.82 -40.25 9.94
C ALA C 692 30.94 -39.31 10.75
N GLY C 693 30.15 -38.52 10.04
CA GLY C 693 29.16 -37.66 10.63
C GLY C 693 29.72 -36.49 11.40
N GLN C 694 30.96 -36.57 11.85
CA GLN C 694 31.54 -35.41 12.51
C GLN C 694 31.76 -34.30 11.49
N VAL C 695 32.00 -33.10 11.97
CA VAL C 695 32.05 -31.94 11.10
C VAL C 695 33.06 -32.17 9.99
N ILE C 696 33.15 -31.21 9.06
CA ILE C 696 34.26 -31.15 8.13
C ILE C 696 34.57 -29.72 7.71
N ALA C 697 33.56 -28.84 7.65
CA ALA C 697 33.80 -27.49 7.17
C ALA C 697 32.49 -26.69 7.10
N ASP C 698 32.48 -25.54 7.77
CA ASP C 698 31.32 -24.65 7.75
C ASP C 698 31.18 -23.98 6.38
N GLY C 699 31.02 -22.66 6.43
CA GLY C 699 30.91 -21.85 5.23
C GLY C 699 30.02 -20.65 5.45
N PRO C 700 28.74 -20.81 5.16
CA PRO C 700 27.79 -19.71 5.36
C PRO C 700 27.53 -19.44 6.83
N CYS C 701 26.28 -19.11 7.19
CA CYS C 701 25.88 -18.91 8.58
C CYS C 701 26.51 -19.94 9.49
N THR C 702 27.83 -19.94 9.60
CA THR C 702 28.52 -21.12 10.05
C THR C 702 29.77 -20.73 10.83
N ASP C 703 29.54 -19.97 11.90
CA ASP C 703 30.62 -19.68 12.84
C ASP C 703 31.17 -21.02 13.29
N ASP C 704 32.28 -20.99 14.03
CA ASP C 704 32.96 -22.20 14.47
C ASP C 704 32.03 -23.40 14.50
N GLY C 705 31.75 -23.96 13.33
CA GLY C 705 30.72 -24.98 13.22
C GLY C 705 29.44 -24.54 13.90
N GLU C 706 28.70 -23.63 13.30
CA GLU C 706 27.61 -22.96 14.01
C GLU C 706 27.21 -21.69 13.30
N MET C 707 25.90 -21.48 13.18
CA MET C 707 25.37 -20.21 12.71
C MET C 707 26.10 -19.05 13.35
N ALA C 708 27.06 -18.50 12.62
CA ALA C 708 27.61 -17.19 13.01
C ALA C 708 26.45 -16.22 12.80
N LEU C 709 26.16 -15.42 13.82
CA LEU C 709 24.83 -14.81 13.84
C LEU C 709 24.80 -13.40 14.42
N GLY C 710 25.91 -12.82 14.83
CA GLY C 710 25.88 -11.57 15.53
C GLY C 710 27.21 -11.25 16.19
N LYS C 711 27.16 -10.37 17.18
CA LYS C 711 28.37 -9.88 17.79
C LYS C 711 28.16 -9.62 19.27
N ASN C 712 28.71 -10.54 20.07
CA ASN C 712 28.66 -10.45 21.52
C ASN C 712 29.25 -9.12 21.96
N LEU C 713 28.38 -8.14 22.13
CA LEU C 713 28.77 -6.76 21.99
C LEU C 713 28.33 -5.88 23.14
N LEU C 714 29.33 -5.37 23.85
CA LEU C 714 29.16 -4.25 24.76
C LEU C 714 28.29 -3.17 24.14
N VAL C 715 28.19 -2.04 24.84
CA VAL C 715 27.15 -1.03 24.69
C VAL C 715 26.54 -0.88 26.07
N ALA C 716 25.64 0.08 26.23
CA ALA C 716 24.95 0.25 27.50
C ALA C 716 23.74 1.17 27.36
N ILE C 717 23.50 1.91 28.43
CA ILE C 717 22.12 2.19 28.79
C ILE C 717 21.79 3.65 28.61
N MET C 718 22.53 4.30 27.91
CA MET C 718 21.75 5.49 28.09
C MET C 718 20.95 5.79 26.84
N PRO C 719 19.76 6.26 27.02
CA PRO C 719 19.23 7.26 26.09
C PRO C 719 20.12 8.48 26.16
N TRP C 720 20.54 8.99 25.01
CA TRP C 720 21.70 9.88 24.93
C TRP C 720 21.49 11.02 23.95
N GLU C 721 21.57 12.24 24.47
CA GLU C 721 21.55 13.44 23.63
C GLU C 721 20.46 13.35 22.58
N GLY C 722 19.39 12.65 22.88
CA GLY C 722 18.45 12.35 21.83
C GLY C 722 19.07 11.72 20.62
N HIS C 723 19.45 10.45 20.70
CA HIS C 723 19.98 9.76 19.54
C HIS C 723 19.70 8.27 19.63
N ASN C 724 19.14 7.86 20.75
CA ASN C 724 18.64 6.51 20.94
C ASN C 724 17.19 6.67 21.37
N TYR C 725 16.71 7.90 21.29
CA TYR C 725 15.33 8.26 21.53
C TYR C 725 14.45 7.46 20.59
N GLU C 726 13.21 7.90 20.43
CA GLU C 726 12.22 7.32 19.52
C GLU C 726 12.85 6.33 18.56
N ASP C 727 13.18 5.16 19.10
CA ASP C 727 13.80 4.13 18.34
C ASP C 727 15.21 4.57 18.03
N ALA C 728 15.52 5.84 18.25
CA ALA C 728 16.83 6.37 17.95
C ALA C 728 17.88 5.41 18.48
N ILE C 729 19.06 5.51 17.91
CA ILE C 729 20.09 4.50 18.10
C ILE C 729 21.45 5.11 17.85
N ILE C 730 22.35 4.88 18.79
CA ILE C 730 23.61 5.59 18.88
C ILE C 730 24.74 4.58 18.77
N LEU C 731 25.63 4.83 17.82
CA LEU C 731 26.45 3.75 17.28
C LEU C 731 27.90 4.19 17.17
N SER C 732 28.76 3.22 17.41
CA SER C 732 30.19 3.45 17.53
C SER C 732 30.79 3.89 16.20
N ASN C 733 31.87 3.22 15.83
CA ASN C 733 32.60 3.59 14.63
C ASN C 733 33.82 2.72 14.42
N ARG C 734 34.76 2.73 15.37
CA ARG C 734 35.84 1.75 15.39
C ARG C 734 35.49 0.54 14.55
N LEU C 735 34.34 -0.04 14.81
CA LEU C 735 33.53 -0.81 13.89
C LEU C 735 34.10 -0.84 12.49
N VAL C 736 34.28 0.33 11.88
CA VAL C 736 34.70 0.42 10.49
C VAL C 736 35.90 -0.46 10.21
N GLU C 737 37.03 0.15 9.92
CA GLU C 737 38.26 -0.23 10.62
C GLU C 737 38.18 -1.65 11.10
N GLU C 738 37.37 -1.87 12.14
CA GLU C 738 36.98 -3.18 12.61
C GLU C 738 36.32 -4.01 11.54
N ASP C 739 35.40 -3.41 10.79
CA ASP C 739 34.94 -4.00 9.55
C ASP C 739 33.79 -4.94 9.83
N VAL C 740 33.90 -5.62 10.98
CA VAL C 740 32.77 -6.29 11.62
C VAL C 740 31.51 -6.39 10.79
N LEU C 741 31.23 -5.41 9.93
CA LEU C 741 29.93 -5.22 9.31
C LEU C 741 30.03 -5.15 7.81
N THR C 742 30.01 -6.31 7.15
CA THR C 742 29.92 -6.36 5.70
C THR C 742 29.93 -7.79 5.22
N SER C 743 29.43 -7.99 4.02
CA SER C 743 29.75 -9.10 3.15
C SER C 743 29.69 -8.58 1.74
N ILE C 744 29.00 -9.31 0.90
CA ILE C 744 28.77 -8.91 -0.48
C ILE C 744 27.52 -9.59 -0.97
N HIS C 745 27.09 -9.20 -2.16
CA HIS C 745 25.76 -9.52 -2.62
C HIS C 745 25.78 -9.61 -4.13
N ILE C 746 24.78 -10.29 -4.67
CA ILE C 746 24.91 -10.91 -5.97
C ILE C 746 23.65 -10.65 -6.77
N GLU C 747 23.78 -9.85 -7.80
CA GLU C 747 22.86 -9.97 -8.92
C GLU C 747 23.48 -10.86 -9.97
N GLU C 748 22.63 -11.60 -10.66
CA GLU C 748 23.00 -12.20 -11.92
C GLU C 748 22.78 -11.13 -12.98
N HIS C 749 23.57 -11.16 -14.02
CA HIS C 749 23.54 -10.05 -14.93
C HIS C 749 23.41 -10.54 -16.36
N GLU C 750 22.22 -10.30 -16.92
CA GLU C 750 21.79 -10.99 -18.12
C GLU C 750 21.35 -9.98 -19.17
N ILE C 751 21.16 -10.48 -20.40
CA ILE C 751 20.97 -9.62 -21.55
C ILE C 751 21.15 -10.48 -22.80
N ASP C 752 20.03 -10.79 -23.45
CA ASP C 752 20.01 -11.81 -24.48
C ASP C 752 20.31 -11.23 -25.85
N ALA C 753 20.57 -12.12 -26.81
CA ALA C 753 20.69 -11.74 -28.20
C ALA C 753 19.49 -12.31 -28.95
N ARG C 754 18.73 -11.42 -29.57
CA ARG C 754 17.42 -11.79 -30.06
C ARG C 754 17.35 -11.74 -31.58
N ASP C 755 16.14 -11.96 -32.09
CA ASP C 755 15.87 -12.22 -33.50
C ASP C 755 14.48 -11.70 -33.79
N THR C 756 14.29 -11.05 -34.95
CA THR C 756 12.97 -10.49 -35.22
C THR C 756 12.87 -9.81 -36.59
N LYS C 757 11.99 -8.81 -36.63
CA LYS C 757 11.67 -8.12 -37.88
C LYS C 757 12.91 -7.53 -38.52
N LEU C 758 13.05 -6.21 -38.42
CA LEU C 758 14.19 -5.45 -38.92
C LEU C 758 15.52 -6.17 -38.78
N GLY C 759 15.54 -7.40 -38.28
CA GLY C 759 16.78 -8.12 -38.08
C GLY C 759 16.74 -8.90 -36.79
N ALA C 760 17.68 -8.62 -35.89
CA ALA C 760 17.77 -9.34 -34.63
C ALA C 760 18.64 -8.56 -33.67
N GLU C 761 18.99 -9.17 -32.55
CA GLU C 761 19.74 -8.45 -31.54
C GLU C 761 21.19 -8.90 -31.50
N GLU C 762 22.03 -8.22 -32.26
CA GLU C 762 23.45 -8.53 -32.30
C GLU C 762 24.08 -8.22 -30.96
N ILE C 763 25.26 -8.79 -30.74
CA ILE C 763 26.11 -8.43 -29.61
C ILE C 763 27.53 -8.35 -30.14
N THR C 764 27.88 -7.20 -30.70
CA THR C 764 29.23 -6.92 -31.15
C THR C 764 30.05 -6.36 -30.00
N ARG C 765 31.09 -5.63 -30.38
CA ARG C 765 31.66 -4.66 -29.47
C ARG C 765 31.74 -3.30 -30.13
N ASP C 766 31.80 -3.27 -31.45
CA ASP C 766 31.66 -2.02 -32.16
C ASP C 766 30.39 -1.30 -31.73
N ILE C 767 30.41 0.02 -31.89
CA ILE C 767 29.32 0.87 -31.40
C ILE C 767 29.32 2.19 -32.16
N PRO C 768 28.18 2.87 -32.21
CA PRO C 768 28.16 4.22 -32.80
C PRO C 768 29.09 5.16 -32.07
N ASN C 769 28.84 6.46 -32.19
CA ASN C 769 29.70 7.46 -31.58
C ASN C 769 29.84 7.20 -30.09
N ILE C 770 30.21 5.97 -29.74
CA ILE C 770 30.55 5.62 -28.37
C ILE C 770 31.89 6.23 -28.03
N SER C 771 32.07 6.58 -26.77
CA SER C 771 33.38 6.95 -26.28
C SER C 771 34.36 5.82 -26.57
N ASP C 772 35.64 6.09 -26.39
CA ASP C 772 36.65 5.06 -26.48
C ASP C 772 36.65 4.14 -25.28
N GLU C 773 37.56 4.36 -24.34
CA GLU C 773 37.65 3.63 -23.09
C GLU C 773 36.38 2.92 -22.72
N VAL C 774 35.29 3.67 -22.56
CA VAL C 774 33.97 3.11 -22.49
C VAL C 774 33.91 1.79 -23.27
N LEU C 775 34.41 1.78 -24.50
CA LEU C 775 34.70 0.50 -25.14
C LEU C 775 36.07 -0.01 -24.76
N ALA C 776 37.10 0.83 -24.82
CA ALA C 776 38.42 0.41 -24.40
C ALA C 776 38.40 -0.28 -23.06
N ASP C 777 37.74 -1.44 -22.99
CA ASP C 777 37.45 -2.08 -21.72
C ASP C 777 36.81 -3.45 -21.86
N LEU C 778 35.76 -3.59 -22.64
CA LEU C 778 35.01 -4.83 -22.69
C LEU C 778 35.83 -5.94 -23.32
N ASP C 779 35.20 -7.07 -23.62
CA ASP C 779 35.94 -8.10 -24.30
C ASP C 779 35.89 -7.85 -25.81
N GLU C 780 36.85 -8.45 -26.51
CA GLU C 780 36.94 -8.35 -27.97
C GLU C 780 35.67 -7.84 -28.62
N ARG C 781 34.52 -8.37 -28.23
CA ARG C 781 33.25 -8.14 -28.89
C ARG C 781 32.14 -7.85 -27.88
N GLY C 782 32.44 -7.01 -26.90
CA GLY C 782 31.46 -6.69 -25.88
C GLY C 782 32.05 -6.84 -24.50
N ILE C 783 31.18 -6.87 -23.50
CA ILE C 783 31.49 -6.84 -22.07
C ILE C 783 32.94 -7.18 -21.74
N VAL C 784 33.46 -6.56 -20.69
CA VAL C 784 34.84 -6.76 -20.28
C VAL C 784 35.06 -8.17 -19.78
N ARG C 785 35.78 -8.32 -18.67
CA ARG C 785 36.39 -9.56 -18.25
C ARG C 785 36.32 -9.74 -16.73
N ILE C 786 36.26 -11.00 -16.30
CA ILE C 786 35.78 -11.31 -14.95
C ILE C 786 36.53 -10.51 -13.91
N GLY C 787 35.93 -10.38 -12.74
CA GLY C 787 36.47 -9.54 -11.71
C GLY C 787 36.91 -8.20 -12.20
N ALA C 788 36.00 -7.40 -12.72
CA ALA C 788 36.35 -6.08 -13.21
C ALA C 788 35.46 -5.04 -12.55
N GLU C 789 36.03 -3.89 -12.24
CA GLU C 789 35.38 -2.91 -11.40
C GLU C 789 34.62 -1.93 -12.26
N VAL C 790 33.70 -1.19 -11.65
CA VAL C 790 32.79 -0.33 -12.39
C VAL C 790 32.23 0.80 -11.54
N ARG C 791 30.92 0.92 -11.56
CA ARG C 791 30.18 2.03 -10.96
C ARG C 791 28.76 1.98 -11.51
N ASP C 792 28.12 3.15 -11.60
CA ASP C 792 26.81 3.24 -12.21
C ASP C 792 26.96 3.50 -13.70
N GLY C 793 25.85 3.82 -14.37
CA GLY C 793 25.82 3.92 -15.80
C GLY C 793 26.52 2.78 -16.51
N ASP C 794 27.83 2.68 -16.35
CA ASP C 794 28.71 1.69 -16.97
C ASP C 794 28.03 0.85 -18.03
N ILE C 795 28.41 1.05 -19.28
CA ILE C 795 27.89 0.24 -20.37
C ILE C 795 28.37 -1.18 -20.14
N LEU C 796 27.75 -2.12 -20.82
CA LEU C 796 27.89 -3.50 -20.44
C LEU C 796 28.02 -4.42 -21.62
N VAL C 797 26.88 -4.76 -22.23
CA VAL C 797 26.80 -5.76 -23.27
C VAL C 797 27.69 -5.35 -24.43
N GLY C 798 27.77 -6.19 -25.46
CA GLY C 798 28.30 -5.79 -26.73
C GLY C 798 27.20 -5.80 -27.78
N LYS C 799 25.97 -5.62 -27.32
CA LYS C 799 24.78 -5.84 -28.11
C LYS C 799 24.76 -4.97 -29.36
N VAL C 800 23.60 -4.97 -30.01
CA VAL C 800 23.29 -4.10 -31.13
C VAL C 800 22.22 -4.78 -31.96
N THR C 801 21.43 -3.97 -32.64
CA THR C 801 20.26 -4.44 -33.37
C THR C 801 19.96 -3.49 -34.50
N PRO C 802 19.30 -3.96 -35.56
CA PRO C 802 18.93 -3.05 -36.64
C PRO C 802 18.05 -1.94 -36.12
N LYS C 803 18.16 -0.75 -36.74
CA LYS C 803 17.53 0.43 -36.17
C LYS C 803 16.14 0.66 -36.74
N GLY C 804 16.03 0.72 -38.05
CA GLY C 804 14.76 0.90 -38.72
C GLY C 804 14.94 1.25 -40.19
N GLU C 805 14.08 2.16 -40.65
CA GLU C 805 14.11 2.66 -42.02
C GLU C 805 12.94 3.62 -42.22
N THR C 806 13.16 4.88 -41.89
CA THR C 806 12.11 5.89 -42.01
C THR C 806 12.65 7.31 -42.17
N GLU C 807 13.71 7.50 -42.97
CA GLU C 807 14.23 8.81 -43.36
C GLU C 807 14.53 9.72 -42.18
N LEU C 808 15.30 10.78 -42.45
CA LEU C 808 15.43 11.89 -41.53
C LEU C 808 15.41 13.21 -42.29
N THR C 809 15.50 14.30 -41.54
CA THR C 809 15.62 15.58 -42.17
C THR C 809 16.92 15.64 -42.94
N PRO C 810 16.87 16.03 -44.19
CA PRO C 810 18.10 16.44 -44.88
C PRO C 810 18.96 17.21 -43.92
N GLU C 811 18.37 18.27 -43.37
CA GLU C 811 18.87 18.90 -42.16
C GLU C 811 19.96 18.06 -41.51
N GLU C 812 19.58 16.92 -40.97
CA GLU C 812 20.57 15.96 -40.51
C GLU C 812 21.49 15.52 -41.64
N ARG C 813 21.48 14.23 -41.98
CA ARG C 813 22.13 13.73 -43.19
C ARG C 813 23.03 14.77 -43.83
N LEU C 814 22.47 15.62 -44.68
CA LEU C 814 22.93 16.99 -44.77
C LEU C 814 23.93 17.32 -43.68
N LEU C 815 23.47 17.70 -42.51
CA LEU C 815 24.26 17.63 -41.29
C LEU C 815 25.27 16.51 -41.30
N ARG C 816 24.83 15.27 -41.44
CA ARG C 816 25.81 14.20 -41.53
C ARG C 816 26.74 14.45 -42.70
N ALA C 817 26.18 14.66 -43.89
CA ALA C 817 26.96 15.25 -44.97
C ALA C 817 27.70 16.48 -44.47
N ILE C 818 27.05 17.27 -43.62
CA ILE C 818 27.71 18.43 -43.03
C ILE C 818 28.93 17.99 -42.26
N PHE C 819 28.83 16.88 -41.54
CA PHE C 819 29.95 16.34 -40.78
C PHE C 819 30.31 14.92 -41.17
N GLY C 820 29.98 14.49 -42.37
CA GLY C 820 30.42 13.20 -42.87
C GLY C 820 30.16 12.01 -41.97
N GLU C 821 29.64 12.24 -40.78
CA GLU C 821 29.33 11.15 -39.85
C GLU C 821 28.29 10.29 -40.52
N LYS C 822 28.68 9.60 -41.58
CA LYS C 822 27.75 8.74 -42.29
C LYS C 822 27.09 7.77 -41.31
N ALA C 823 25.97 8.18 -40.76
CA ALA C 823 25.25 7.34 -39.81
C ALA C 823 25.03 5.95 -40.39
N ARG C 824 25.05 4.96 -39.51
CA ARG C 824 24.60 3.62 -39.89
C ARG C 824 23.07 3.61 -39.84
N GLU C 825 22.50 2.63 -39.15
CA GLU C 825 21.08 2.36 -39.30
C GLU C 825 20.60 1.24 -38.39
N VAL C 826 21.37 0.93 -37.35
CA VAL C 826 21.07 -0.23 -36.53
C VAL C 826 20.72 0.24 -35.13
N ARG C 827 19.72 -0.41 -34.57
CA ARG C 827 19.28 -0.10 -33.22
C ARG C 827 20.43 -0.36 -32.26
N ASP C 828 21.35 0.59 -32.25
CA ASP C 828 22.39 0.67 -31.24
C ASP C 828 21.74 0.26 -29.92
N THR C 829 22.15 -0.90 -29.43
CA THR C 829 21.46 -1.50 -28.30
C THR C 829 22.44 -2.36 -27.52
N SER C 830 22.26 -2.38 -26.20
CA SER C 830 23.09 -3.12 -25.27
C SER C 830 22.59 -2.91 -23.84
N LEU C 831 23.51 -2.98 -22.89
CA LEU C 831 23.18 -2.79 -21.48
C LEU C 831 24.28 -2.02 -20.79
N LYS C 832 23.94 -1.44 -19.65
CA LYS C 832 24.73 -0.44 -18.97
C LYS C 832 24.32 -0.42 -17.51
N VAL C 833 25.27 -0.11 -16.64
CA VAL C 833 24.95 -0.38 -15.23
C VAL C 833 24.04 0.71 -14.70
N PRO C 834 22.96 0.38 -14.04
CA PRO C 834 22.17 1.40 -13.35
C PRO C 834 22.89 2.01 -12.17
N HIS C 835 22.19 2.13 -11.06
CA HIS C 835 22.69 2.89 -9.93
C HIS C 835 23.05 1.97 -8.79
N GLY C 836 23.85 2.48 -7.86
CA GLY C 836 24.21 1.72 -6.70
C GLY C 836 24.67 0.36 -7.14
N GLU C 837 25.81 0.34 -7.82
CA GLU C 837 26.17 -0.82 -8.59
C GLU C 837 27.64 -0.72 -8.94
N SER C 838 28.39 -1.77 -8.63
CA SER C 838 29.80 -1.85 -8.97
C SER C 838 30.37 -3.11 -8.34
N GLY C 839 31.67 -3.32 -8.55
CA GLY C 839 32.31 -4.55 -8.15
C GLY C 839 33.07 -5.17 -9.31
N LYS C 840 33.06 -6.49 -9.36
CA LYS C 840 33.93 -7.14 -10.32
C LYS C 840 33.19 -8.25 -11.05
N VAL C 841 33.65 -8.49 -12.28
CA VAL C 841 32.98 -9.34 -13.24
C VAL C 841 32.84 -10.73 -12.65
N ILE C 842 31.79 -11.44 -13.06
CA ILE C 842 31.53 -12.74 -12.49
C ILE C 842 30.81 -13.62 -13.49
N GLY C 843 29.48 -13.59 -13.45
CA GLY C 843 28.68 -14.48 -14.26
C GLY C 843 29.07 -14.40 -15.73
N ILE C 844 28.75 -15.46 -16.45
CA ILE C 844 28.99 -15.56 -17.89
C ILE C 844 28.06 -16.63 -18.43
N ARG C 845 26.79 -16.55 -18.06
CA ARG C 845 25.82 -17.53 -18.49
C ARG C 845 25.40 -17.21 -19.91
N VAL C 846 26.40 -16.81 -20.70
CA VAL C 846 26.24 -16.49 -22.10
C VAL C 846 25.91 -17.77 -22.85
N PHE C 847 24.64 -17.97 -23.15
CA PHE C 847 24.15 -19.29 -23.54
C PHE C 847 23.29 -19.18 -24.78
N SER C 848 23.70 -19.89 -25.83
CA SER C 848 23.15 -19.66 -27.15
C SER C 848 22.26 -20.79 -27.63
N ARG C 849 20.97 -20.47 -27.70
CA ARG C 849 20.20 -20.90 -28.85
C ARG C 849 21.11 -21.33 -29.98
N GLU C 850 21.55 -20.35 -30.78
CA GLU C 850 22.47 -20.63 -31.87
C GLU C 850 23.52 -21.65 -31.48
N ASP C 851 24.19 -21.48 -30.36
CA ASP C 851 25.09 -22.50 -29.83
C ASP C 851 24.32 -23.66 -29.25
N GLU C 852 23.10 -23.90 -29.72
CA GLU C 852 22.34 -25.04 -29.29
C GLU C 852 21.76 -24.79 -27.91
N ASP C 853 22.40 -23.95 -27.10
CA ASP C 853 21.91 -23.66 -25.77
C ASP C 853 20.44 -23.29 -25.91
N GLU C 854 19.57 -24.29 -25.76
CA GLU C 854 18.15 -24.04 -25.92
C GLU C 854 17.78 -22.72 -25.28
N LEU C 855 16.90 -21.98 -25.94
CA LEU C 855 16.42 -20.77 -25.31
C LEU C 855 15.12 -20.29 -25.95
N PRO C 856 14.45 -19.34 -25.31
CA PRO C 856 13.15 -18.88 -25.81
C PRO C 856 13.24 -18.25 -27.18
N ALA C 857 12.08 -17.95 -27.75
CA ALA C 857 11.99 -17.63 -29.18
C ALA C 857 12.95 -16.51 -29.56
N GLY C 858 13.11 -16.34 -30.88
CA GLY C 858 13.79 -15.20 -31.46
C GLY C 858 15.09 -14.79 -30.81
N VAL C 859 15.64 -15.64 -29.97
CA VAL C 859 16.91 -15.36 -29.31
C VAL C 859 17.88 -16.43 -29.74
N ASN C 860 19.15 -16.10 -29.79
CA ASN C 860 20.14 -17.10 -30.13
C ASN C 860 21.20 -17.26 -29.06
N GLU C 861 21.15 -16.41 -28.03
CA GLU C 861 22.01 -16.60 -26.87
C GLU C 861 21.72 -15.51 -25.86
N LEU C 862 22.44 -15.61 -24.74
CA LEU C 862 22.22 -14.79 -23.56
C LEU C 862 23.30 -15.16 -22.57
N VAL C 863 23.84 -14.15 -21.91
CA VAL C 863 24.73 -14.37 -20.77
C VAL C 863 24.05 -13.86 -19.52
N ARG C 864 24.61 -14.23 -18.39
CA ARG C 864 24.18 -13.74 -17.10
C ARG C 864 25.41 -13.67 -16.20
N VAL C 865 25.56 -12.55 -15.51
CA VAL C 865 26.84 -12.23 -14.88
C VAL C 865 26.59 -11.67 -13.50
N TYR C 866 27.67 -11.46 -12.77
CA TYR C 866 27.60 -11.12 -11.36
C TYR C 866 28.74 -10.17 -11.06
N VAL C 867 28.65 -9.51 -9.91
CA VAL C 867 29.66 -8.56 -9.49
C VAL C 867 29.63 -8.44 -7.98
N ALA C 868 30.81 -8.35 -7.40
CA ALA C 868 30.94 -8.21 -5.97
C ALA C 868 30.60 -6.79 -5.55
N GLN C 869 30.18 -6.67 -4.29
CA GLN C 869 30.18 -5.40 -3.60
C GLN C 869 30.09 -5.68 -2.11
N LYS C 870 31.13 -5.26 -1.40
CA LYS C 870 31.23 -5.43 0.04
C LYS C 870 30.45 -4.31 0.71
N ARG C 871 29.37 -4.68 1.38
CA ARG C 871 28.51 -3.69 2.00
C ARG C 871 29.05 -3.31 3.38
N LYS C 872 29.63 -2.13 3.46
CA LYS C 872 30.37 -1.73 4.64
C LYS C 872 29.47 -0.93 5.55
N ILE C 873 28.26 -1.38 5.68
CA ILE C 873 27.38 -0.99 6.77
C ILE C 873 27.29 0.51 6.91
N SER C 874 26.14 1.06 6.54
CA SER C 874 25.79 2.43 6.92
C SER C 874 25.19 2.39 8.31
N ASP C 875 25.43 3.44 9.09
CA ASP C 875 24.66 3.60 10.30
C ASP C 875 23.21 3.85 9.93
N GLY C 876 22.54 4.67 10.71
CA GLY C 876 21.12 4.89 10.58
C GLY C 876 20.31 3.62 10.47
N ASP C 877 20.83 2.63 9.76
CA ASP C 877 20.06 1.49 9.31
C ASP C 877 19.42 0.78 10.48
N LYS C 878 19.47 -0.55 10.46
CA LYS C 878 18.91 -1.27 11.58
C LYS C 878 19.54 -2.64 11.73
N LEU C 879 19.78 -3.02 12.97
CA LEU C 879 20.12 -4.39 13.36
C LEU C 879 19.48 -4.69 14.70
N ALA C 880 20.03 -5.71 15.37
CA ALA C 880 19.56 -6.09 16.70
C ALA C 880 19.87 -7.55 16.93
N GLY C 881 19.33 -8.08 18.03
CA GLY C 881 19.50 -9.46 18.39
C GLY C 881 18.27 -10.05 19.05
N ARG C 882 18.51 -10.74 20.16
CA ARG C 882 17.49 -11.54 20.83
C ARG C 882 16.25 -10.74 21.16
N HIS C 883 15.82 -10.78 22.43
CA HIS C 883 14.67 -10.06 22.94
C HIS C 883 13.93 -9.27 21.88
N GLY C 884 13.58 -9.89 20.76
CA GLY C 884 13.17 -9.12 19.62
C GLY C 884 13.93 -7.84 19.47
N ASN C 885 13.77 -6.92 20.42
CA ASN C 885 14.76 -5.89 20.68
C ASN C 885 15.46 -5.46 19.40
N LYS C 886 14.68 -5.33 18.34
CA LYS C 886 15.17 -4.85 17.06
C LYS C 886 15.91 -3.55 17.31
N GLY C 887 16.53 -3.02 16.27
CA GLY C 887 17.25 -1.77 16.43
C GLY C 887 17.79 -1.17 15.16
N VAL C 888 17.24 -0.04 14.76
CA VAL C 888 17.81 0.73 13.67
C VAL C 888 19.27 1.01 13.99
N ILE C 889 19.85 1.92 13.22
CA ILE C 889 21.30 2.03 13.21
C ILE C 889 21.69 3.49 13.07
N GLY C 890 20.82 4.37 13.54
CA GLY C 890 21.10 5.80 13.57
C GLY C 890 22.48 6.28 13.14
N LYS C 891 23.28 6.74 14.09
CA LYS C 891 24.45 7.52 13.75
C LYS C 891 25.72 6.69 13.89
N ILE C 892 26.66 6.95 13.00
CA ILE C 892 28.03 6.46 13.12
C ILE C 892 28.72 7.45 14.04
N LEU C 893 29.70 6.99 14.81
CA LEU C 893 30.30 7.90 15.75
C LEU C 893 31.74 7.49 16.05
N PRO C 894 32.69 8.35 15.74
CA PRO C 894 34.08 7.99 15.95
C PRO C 894 34.33 7.45 17.34
N VAL C 895 35.39 6.67 17.45
CA VAL C 895 35.75 6.07 18.73
C VAL C 895 35.89 7.12 19.82
N GLU C 896 37.12 7.58 20.06
CA GLU C 896 37.43 8.65 21.00
C GLU C 896 36.22 9.22 21.70
N ASP C 897 35.82 10.43 21.36
CA ASP C 897 34.43 10.87 21.42
C ASP C 897 33.58 9.66 21.74
N MET C 898 33.55 9.31 23.01
CA MET C 898 32.84 8.11 23.40
C MET C 898 33.03 7.79 24.87
N PRO C 899 31.96 7.66 25.62
CA PRO C 899 32.06 7.05 26.94
C PRO C 899 32.77 5.73 26.84
N PHE C 900 33.47 5.33 27.89
CA PHE C 900 34.63 4.49 27.72
C PHE C 900 35.14 4.06 29.06
N LEU C 901 35.73 2.86 29.12
CA LEU C 901 36.27 2.41 30.38
C LEU C 901 36.95 3.54 31.10
N ALA C 902 36.60 3.72 32.37
CA ALA C 902 37.61 4.25 33.26
C ALA C 902 38.94 3.58 32.98
N ASP C 903 38.91 2.30 32.64
CA ASP C 903 40.03 1.66 31.98
C ASP C 903 40.09 1.99 30.51
N GLY C 904 39.73 3.21 30.14
CA GLY C 904 39.73 3.56 28.74
C GLY C 904 38.63 2.92 27.94
N THR C 905 38.76 1.62 27.67
CA THR C 905 37.99 0.96 26.63
C THR C 905 36.57 1.49 26.61
N PRO C 906 36.10 2.03 25.49
CA PRO C 906 34.74 2.56 25.44
C PRO C 906 33.74 1.48 25.06
N VAL C 907 32.64 1.93 24.43
CA VAL C 907 31.45 1.12 24.35
C VAL C 907 31.54 0.11 23.23
N ASP C 908 30.40 -0.54 22.95
CA ASP C 908 30.16 -0.98 21.59
C ASP C 908 29.14 -0.04 20.93
N ILE C 909 28.09 0.30 21.65
CA ILE C 909 27.45 1.60 21.52
C ILE C 909 26.84 1.91 22.87
N ILE C 910 25.63 2.46 22.85
CA ILE C 910 24.89 2.78 24.07
C ILE C 910 23.43 2.43 23.79
N LEU C 911 22.58 2.52 24.80
CA LEU C 911 21.19 2.17 24.60
C LEU C 911 20.26 3.06 25.41
N ASN C 912 19.40 3.76 24.71
CA ASN C 912 18.26 4.42 25.32
C ASN C 912 17.53 3.48 26.25
N THR C 913 16.56 4.02 26.97
CA THR C 913 15.83 3.24 27.94
C THR C 913 14.38 3.07 27.53
N HIS C 914 13.47 3.02 28.50
CA HIS C 914 12.09 3.38 28.21
C HIS C 914 11.26 2.25 27.66
N GLY C 915 11.61 1.70 26.50
CA GLY C 915 10.73 0.75 25.86
C GLY C 915 10.37 -0.40 26.76
N VAL C 916 11.34 -1.28 26.96
CA VAL C 916 11.20 -2.50 27.75
C VAL C 916 10.10 -2.35 28.78
N PRO C 917 10.19 -1.34 29.64
CA PRO C 917 9.08 -1.08 30.56
C PRO C 917 7.78 -1.29 29.85
N ARG C 918 7.40 -0.33 29.04
CA ARG C 918 6.26 -0.62 28.20
C ARG C 918 6.58 -1.65 27.15
N ARG C 919 7.61 -2.47 27.33
CA ARG C 919 7.95 -3.50 26.37
C ARG C 919 8.07 -4.89 26.98
N MET C 920 9.18 -5.16 27.68
CA MET C 920 9.43 -6.45 28.33
C MET C 920 10.38 -7.30 27.48
N ASN C 921 11.50 -7.69 28.10
CA ASN C 921 12.61 -8.32 27.39
C ASN C 921 13.90 -8.14 28.17
N ILE C 922 13.76 -7.70 29.41
CA ILE C 922 14.90 -7.28 30.20
C ILE C 922 15.99 -8.33 30.32
N GLY C 923 15.69 -9.61 30.14
CA GLY C 923 16.77 -10.57 30.02
C GLY C 923 17.96 -9.92 29.38
N GLN C 924 17.72 -9.32 28.21
CA GLN C 924 18.56 -8.27 27.66
C GLN C 924 19.44 -7.66 28.72
N ILE C 925 18.83 -7.08 29.73
CA ILE C 925 19.57 -6.73 30.91
C ILE C 925 20.37 -7.91 31.39
N LEU C 926 19.66 -8.98 31.75
CA LEU C 926 20.26 -10.04 32.54
C LEU C 926 21.38 -10.71 31.79
N GLU C 927 21.00 -11.69 30.97
CA GLU C 927 21.75 -12.09 29.79
C GLU C 927 22.98 -11.23 29.56
N THR C 928 22.89 -9.94 29.81
CA THR C 928 23.97 -9.06 29.41
C THR C 928 24.90 -8.83 30.56
N HIS C 929 24.34 -8.47 31.72
CA HIS C 929 25.01 -8.79 32.97
C HIS C 929 25.91 -9.98 32.75
N LEU C 930 25.31 -11.16 32.87
CA LEU C 930 25.79 -12.33 32.14
C LEU C 930 26.86 -11.96 31.15
N GLY C 931 26.51 -11.18 30.14
CA GLY C 931 27.40 -10.97 29.04
C GLY C 931 28.79 -10.61 29.52
N TRP C 932 28.97 -9.35 29.91
CA TRP C 932 30.20 -9.00 30.57
C TRP C 932 30.71 -10.13 31.45
N CYS C 933 29.82 -10.73 32.22
CA CYS C 933 30.22 -11.82 33.08
C CYS C 933 31.06 -12.83 32.30
N ALA C 934 30.39 -13.83 31.75
CA ALA C 934 31.02 -14.73 30.79
C ALA C 934 32.17 -14.08 30.07
N HIS C 935 31.87 -13.26 29.06
CA HIS C 935 32.86 -12.40 28.43
C HIS C 935 34.07 -12.14 29.29
N SER C 936 33.86 -12.22 30.59
CA SER C 936 34.77 -11.78 31.61
C SER C 936 35.08 -12.88 32.59
N GLY C 937 34.22 -13.90 32.61
CA GLY C 937 34.46 -15.03 33.49
C GLY C 937 34.58 -14.67 34.96
N TRP C 938 34.79 -15.67 35.80
CA TRP C 938 34.86 -15.52 37.23
C TRP C 938 35.30 -16.82 37.88
N LYS C 939 35.25 -16.83 39.21
CA LYS C 939 35.20 -18.09 39.94
C LYS C 939 34.40 -17.93 41.21
N VAL C 940 33.48 -18.86 41.43
CA VAL C 940 32.86 -18.98 42.73
C VAL C 940 33.94 -19.02 43.79
N ASP C 941 34.04 -17.98 44.58
CA ASP C 941 34.90 -18.13 45.74
C ASP C 941 34.23 -18.90 46.85
N ALA C 942 33.35 -19.85 46.54
CA ALA C 942 32.64 -20.63 47.55
C ALA C 942 33.55 -21.07 48.68
N ALA C 943 34.78 -21.46 48.33
CA ALA C 943 35.81 -21.79 49.28
C ALA C 943 35.27 -22.50 50.52
N LYS C 944 35.58 -21.99 51.71
CA LYS C 944 35.05 -22.48 52.97
C LYS C 944 33.75 -23.25 52.81
N GLY C 945 32.90 -22.80 51.91
CA GLY C 945 31.54 -23.28 51.89
C GLY C 945 30.81 -22.97 50.61
N VAL C 946 29.53 -22.65 50.72
CA VAL C 946 28.67 -22.66 49.55
C VAL C 946 27.93 -21.35 49.33
N PRO C 947 28.05 -20.77 48.15
CA PRO C 947 27.12 -19.71 47.74
C PRO C 947 25.72 -20.27 47.59
N ASP C 948 25.29 -21.02 48.60
CA ASP C 948 23.87 -21.29 48.78
C ASP C 948 23.12 -21.35 47.47
N TRP C 949 22.59 -20.22 47.01
CA TRP C 949 22.09 -20.15 45.65
C TRP C 949 22.97 -20.96 44.73
N ALA C 950 24.28 -20.84 44.88
CA ALA C 950 25.18 -21.89 44.45
C ALA C 950 24.69 -23.24 44.93
N ALA C 951 24.76 -23.46 46.25
CA ALA C 951 24.36 -24.71 46.88
C ALA C 951 23.36 -25.47 46.05
N ARG C 952 23.79 -26.08 44.95
CA ARG C 952 22.88 -26.51 43.91
C ARG C 952 23.54 -26.54 42.54
N LEU C 953 22.75 -26.58 41.49
CA LEU C 953 23.11 -26.05 40.18
C LEU C 953 24.37 -26.66 39.58
N PRO C 954 24.68 -26.32 38.33
CA PRO C 954 25.92 -26.79 37.72
C PRO C 954 27.14 -26.27 38.44
N ASP C 955 27.18 -26.52 39.74
CA ASP C 955 28.40 -26.56 40.52
C ASP C 955 29.60 -26.37 39.61
N GLU C 956 30.25 -27.48 39.28
CA GLU C 956 31.21 -27.57 38.20
C GLU C 956 31.72 -26.22 37.73
N LEU C 957 30.80 -25.35 37.28
CA LEU C 957 31.18 -23.99 36.91
C LEU C 957 32.06 -23.36 37.96
N LEU C 958 31.51 -23.04 39.11
CA LEU C 958 32.35 -22.66 40.23
C LEU C 958 33.13 -21.40 39.94
N GLU C 959 32.95 -20.83 38.76
CA GLU C 959 33.94 -19.93 38.21
C GLU C 959 33.58 -19.70 36.77
N ALA C 960 34.23 -18.71 36.18
CA ALA C 960 34.34 -18.67 34.74
C ALA C 960 35.74 -18.20 34.41
N GLN C 961 36.56 -19.12 33.92
CA GLN C 961 37.71 -18.72 33.17
C GLN C 961 37.35 -17.51 32.32
N PRO C 962 37.74 -16.32 32.75
CA PRO C 962 37.21 -15.09 32.17
C PRO C 962 36.89 -15.22 30.70
N ASN C 963 35.62 -15.51 30.43
CA ASN C 963 35.13 -15.61 29.06
C ASN C 963 35.29 -17.04 28.51
N ALA C 964 34.17 -17.68 28.21
CA ALA C 964 34.15 -19.05 27.68
C ALA C 964 32.73 -19.55 27.46
N ILE C 965 32.60 -20.75 26.90
CA ILE C 965 31.36 -21.19 26.28
C ILE C 965 30.28 -21.38 27.34
N VAL C 966 29.07 -20.96 27.03
CA VAL C 966 28.04 -20.86 28.05
C VAL C 966 26.67 -21.02 27.41
N SER C 967 25.97 -22.08 27.79
CA SER C 967 24.58 -22.22 27.41
C SER C 967 23.75 -22.36 28.66
N THR C 968 22.45 -22.55 28.46
CA THR C 968 21.53 -22.88 29.56
C THR C 968 20.32 -23.51 28.93
N PRO C 969 19.41 -23.98 29.74
CA PRO C 969 18.15 -24.53 29.21
C PRO C 969 17.16 -23.43 28.87
N VAL C 970 16.07 -23.78 28.21
CA VAL C 970 15.04 -22.79 27.95
C VAL C 970 14.36 -22.41 29.25
N PHE C 971 13.14 -22.87 29.45
CA PHE C 971 12.49 -22.74 30.74
C PHE C 971 13.33 -23.33 31.87
N ASP C 972 14.65 -23.27 31.77
CA ASP C 972 15.53 -23.75 32.83
C ASP C 972 16.84 -22.96 32.71
N GLY C 973 17.31 -22.46 33.83
CA GLY C 973 18.50 -21.65 33.88
C GLY C 973 18.56 -21.01 35.24
N ALA C 974 19.76 -20.60 35.63
CA ALA C 974 19.96 -20.09 36.97
C ALA C 974 19.07 -18.88 37.23
N GLN C 975 19.29 -18.26 38.38
CA GLN C 975 18.31 -17.38 38.95
C GLN C 975 18.97 -16.15 39.51
N GLU C 976 18.73 -15.02 38.86
CA GLU C 976 18.66 -13.77 39.60
C GLU C 976 19.70 -13.74 40.70
N ALA C 977 19.27 -13.59 41.94
CA ALA C 977 20.10 -13.82 43.09
C ALA C 977 21.39 -14.51 42.74
N GLU C 978 21.35 -15.83 42.60
CA GLU C 978 22.40 -16.53 41.89
C GLU C 978 23.08 -15.65 40.87
N LEU C 979 22.58 -15.76 39.64
CA LEU C 979 22.85 -14.81 38.59
C LEU C 979 23.32 -13.49 39.18
N GLN C 980 22.39 -12.79 39.81
CA GLN C 980 22.77 -11.72 40.71
C GLN C 980 24.05 -12.08 41.45
N GLY C 981 23.95 -12.81 42.55
CA GLY C 981 25.14 -13.26 43.24
C GLY C 981 26.27 -13.56 42.29
N LEU C 982 25.98 -14.17 41.16
CA LEU C 982 26.98 -14.26 40.14
C LEU C 982 27.63 -12.92 39.90
N LEU C 983 26.83 -11.89 39.64
CA LEU C 983 27.30 -10.53 39.77
C LEU C 983 28.33 -10.38 40.86
N SER C 984 27.93 -10.56 42.11
CA SER C 984 28.90 -10.62 43.19
C SER C 984 30.14 -11.39 42.82
N CYS C 985 29.99 -12.56 42.21
CA CYS C 985 31.15 -13.35 41.82
C CYS C 985 31.94 -12.54 40.82
N THR C 986 33.05 -13.08 40.34
CA THR C 986 33.92 -12.34 39.46
C THR C 986 35.20 -13.09 39.07
N LEU C 987 35.78 -12.64 37.98
CA LEU C 987 37.15 -12.87 37.54
C LEU C 987 37.80 -11.53 37.29
N PRO C 988 37.97 -10.75 38.35
CA PRO C 988 38.53 -9.40 38.20
C PRO C 988 39.76 -9.39 37.32
N ASN C 989 39.94 -8.28 36.61
CA ASN C 989 40.71 -8.28 35.37
C ASN C 989 42.19 -8.44 35.55
N ARG C 990 42.93 -7.96 34.56
CA ARG C 990 44.35 -7.66 34.70
C ARG C 990 44.69 -7.17 36.08
N ASP C 991 44.63 -5.87 36.31
CA ASP C 991 44.76 -5.31 37.64
C ASP C 991 43.72 -5.91 38.54
N GLY C 992 43.57 -7.25 38.46
CA GLY C 992 42.49 -7.96 39.08
C GLY C 992 41.28 -7.08 39.18
N ASP C 993 41.10 -6.24 38.17
CA ASP C 993 40.18 -5.12 38.33
C ASP C 993 38.81 -5.56 37.84
N VAL C 994 37.79 -4.87 38.33
CA VAL C 994 36.46 -4.92 37.76
C VAL C 994 35.85 -3.53 37.85
N LEU C 995 36.16 -2.68 36.88
CA LEU C 995 35.39 -1.46 36.75
C LEU C 995 33.92 -1.74 36.97
N VAL C 996 33.47 -2.90 36.49
CA VAL C 996 32.11 -3.37 36.65
C VAL C 996 31.76 -3.28 38.12
N ASP C 997 30.50 -3.02 38.41
CA ASP C 997 29.99 -3.01 39.76
C ASP C 997 29.20 -4.30 40.03
N ALA C 998 29.38 -4.85 41.24
CA ALA C 998 28.47 -5.91 41.66
C ALA C 998 27.06 -5.37 41.74
N ASP C 999 26.60 -4.76 40.65
CA ASP C 999 25.50 -3.81 40.71
C ASP C 999 24.92 -3.51 39.34
N GLY C 1000 25.74 -3.54 38.29
CA GLY C 1000 25.28 -3.22 36.96
C GLY C 1000 25.69 -1.86 36.45
N LYS C 1001 25.88 -0.89 37.33
CA LYS C 1001 26.20 0.46 36.91
C LYS C 1001 27.58 0.86 37.39
N ALA C 1002 28.48 1.06 36.45
CA ALA C 1002 29.79 1.61 36.76
C ALA C 1002 29.79 3.11 36.45
N MET C 1003 30.88 3.61 35.87
CA MET C 1003 31.03 5.04 35.62
C MET C 1003 32.16 5.35 34.63
N LEU C 1004 31.95 5.02 33.37
CA LEU C 1004 32.86 5.54 32.36
C LEU C 1004 32.78 7.04 32.35
N PHE C 1005 33.61 7.66 31.54
CA PHE C 1005 33.46 9.08 31.29
C PHE C 1005 33.30 9.32 29.80
N ASP C 1006 33.55 10.56 29.40
CA ASP C 1006 33.24 11.06 28.06
C ASP C 1006 34.46 10.95 27.17
N GLY C 1007 34.34 10.19 26.08
CA GLY C 1007 35.33 10.27 25.02
C GLY C 1007 35.40 11.64 24.38
N ARG C 1008 34.58 12.57 24.88
CA ARG C 1008 34.62 13.98 24.51
C ARG C 1008 34.92 14.84 25.73
N SER C 1009 34.00 15.74 26.09
CA SER C 1009 34.15 16.57 27.28
C SER C 1009 34.83 15.84 28.41
N GLY C 1010 34.50 14.57 28.60
CA GLY C 1010 35.35 13.65 29.31
C GLY C 1010 35.06 13.39 30.77
N GLU C 1011 34.43 14.33 31.45
CA GLU C 1011 34.44 14.25 32.90
C GLU C 1011 33.69 13.03 33.41
N PRO C 1012 33.58 12.91 34.72
CA PRO C 1012 32.77 11.84 35.29
C PRO C 1012 31.33 11.93 34.85
N PHE C 1013 30.53 11.05 35.41
CA PHE C 1013 29.11 11.05 35.12
C PHE C 1013 28.34 11.32 36.40
N PRO C 1014 27.02 11.49 36.31
CA PRO C 1014 26.23 11.63 37.54
C PRO C 1014 26.21 10.37 38.38
N TYR C 1015 25.97 9.21 37.79
CA TYR C 1015 25.75 8.04 38.63
C TYR C 1015 26.16 6.76 37.92
N PRO C 1016 26.20 5.66 38.63
CA PRO C 1016 26.79 4.45 38.09
C PRO C 1016 26.18 4.09 36.74
N VAL C 1017 26.87 3.21 36.04
CA VAL C 1017 26.69 3.00 34.62
C VAL C 1017 26.27 1.56 34.31
N THR C 1018 25.02 1.40 33.92
CA THR C 1018 24.55 0.11 33.45
C THR C 1018 25.10 -0.12 32.06
N VAL C 1019 25.47 -1.38 31.77
CA VAL C 1019 26.29 -1.69 30.60
C VAL C 1019 26.23 -3.18 30.30
N GLY C 1020 27.04 -3.61 29.34
CA GLY C 1020 27.17 -5.03 29.10
C GLY C 1020 27.70 -5.37 27.72
N TYR C 1021 26.93 -6.20 27.03
CA TYR C 1021 27.33 -6.86 25.79
C TYR C 1021 26.08 -7.43 25.12
N MET C 1022 26.12 -7.57 23.80
CA MET C 1022 25.14 -8.38 23.11
C MET C 1022 25.50 -8.62 21.66
N TYR C 1023 25.71 -9.88 21.35
CA TYR C 1023 25.62 -10.47 20.02
C TYR C 1023 24.32 -9.93 19.44
N ILE C 1024 24.28 -9.70 18.14
CA ILE C 1024 23.01 -9.34 17.52
C ILE C 1024 22.91 -10.03 16.17
N MET C 1025 22.26 -9.37 15.23
CA MET C 1025 22.32 -9.78 13.83
C MET C 1025 21.97 -8.59 12.93
N LYS C 1026 22.10 -8.81 11.63
CA LYS C 1026 22.13 -7.74 10.65
C LYS C 1026 21.11 -8.03 9.56
N LEU C 1027 20.90 -7.07 8.67
CA LEU C 1027 19.57 -6.98 8.09
C LEU C 1027 19.58 -7.08 6.58
N HIS C 1028 18.66 -7.90 6.07
CA HIS C 1028 18.37 -7.96 4.65
C HIS C 1028 17.35 -6.88 4.29
N HIS C 1029 17.48 -5.75 4.95
CA HIS C 1029 16.50 -4.71 4.71
C HIS C 1029 17.10 -3.36 4.99
N LEU C 1030 17.53 -2.68 3.93
CA LEU C 1030 17.93 -1.29 4.05
C LEU C 1030 17.70 -0.56 2.74
N VAL C 1031 18.37 0.60 2.63
CA VAL C 1031 18.07 1.57 1.58
C VAL C 1031 17.94 0.91 0.23
N ASP C 1032 19.03 0.39 -0.32
CA ASP C 1032 18.98 -0.14 -1.67
C ASP C 1032 17.91 -1.21 -1.79
N ASP C 1033 17.69 -2.00 -0.74
CA ASP C 1033 16.43 -2.72 -0.66
C ASP C 1033 15.26 -1.83 -1.03
N LYS C 1034 15.37 -0.53 -0.78
CA LYS C 1034 14.20 0.32 -0.91
C LYS C 1034 14.59 1.77 -1.24
N ILE C 1035 15.79 1.96 -1.78
CA ILE C 1035 16.35 3.30 -1.91
C ILE C 1035 15.94 3.91 -3.23
N HIS C 1036 14.85 4.68 -3.24
CA HIS C 1036 14.28 5.03 -4.53
C HIS C 1036 13.42 6.28 -4.45
N ALA C 1037 13.12 6.79 -5.63
CA ALA C 1037 12.19 7.87 -5.86
C ALA C 1037 11.74 7.77 -7.30
N ARG C 1038 12.04 8.81 -8.07
CA ARG C 1038 12.04 8.76 -9.53
C ARG C 1038 11.77 10.15 -10.07
N SER C 1039 12.69 10.65 -10.88
CA SER C 1039 12.57 11.94 -11.54
C SER C 1039 11.60 11.86 -12.71
N THR C 1040 11.58 10.72 -13.37
CA THR C 1040 10.88 10.59 -14.64
C THR C 1040 11.43 9.37 -15.34
N GLY C 1041 10.72 8.89 -16.35
CA GLY C 1041 11.20 7.80 -17.15
C GLY C 1041 10.12 7.25 -18.05
N PRO C 1042 9.70 6.04 -17.77
CA PRO C 1042 8.61 5.45 -18.56
C PRO C 1042 7.27 5.73 -17.94
N TYR C 1043 6.25 5.52 -18.75
CA TYR C 1043 4.92 6.05 -18.51
C TYR C 1043 3.91 5.26 -19.30
N SER C 1044 2.93 4.70 -18.60
CA SER C 1044 2.00 3.76 -19.21
C SER C 1044 1.60 4.17 -20.61
N MET C 1045 2.27 3.59 -21.61
CA MET C 1045 1.83 3.71 -23.00
C MET C 1045 0.32 3.79 -23.09
N ILE C 1046 -0.36 3.41 -22.02
CA ILE C 1046 -1.76 3.72 -21.88
C ILE C 1046 -1.94 4.92 -20.96
N THR C 1047 -2.29 4.66 -19.71
CA THR C 1047 -2.27 5.67 -18.66
C THR C 1047 -0.84 6.09 -18.39
N GLN C 1048 -0.23 6.75 -19.34
CA GLN C 1048 1.20 7.05 -19.35
C GLN C 1048 1.77 7.35 -17.97
N GLN C 1049 1.20 6.85 -16.90
CA GLN C 1049 1.75 7.17 -15.60
C GLN C 1049 3.16 6.63 -15.48
N PRO C 1050 3.86 7.02 -14.42
CA PRO C 1050 5.23 6.58 -14.23
C PRO C 1050 5.36 5.08 -14.42
N LEU C 1051 5.71 4.69 -15.63
CA LEU C 1051 6.04 3.29 -15.78
C LEU C 1051 7.11 2.96 -14.76
N GLY C 1052 6.68 2.50 -13.59
CA GLY C 1052 7.62 2.05 -12.59
C GLY C 1052 8.29 0.78 -13.04
N GLY C 1053 9.54 0.61 -12.61
CA GLY C 1053 10.28 -0.57 -13.02
C GLY C 1053 11.72 -0.61 -12.55
N LYS C 1054 12.42 -1.67 -12.92
CA LYS C 1054 13.83 -1.79 -12.55
C LYS C 1054 14.59 -0.55 -12.95
N ALA C 1055 14.87 -0.40 -14.23
CA ALA C 1055 15.39 0.84 -14.76
C ALA C 1055 14.71 2.04 -14.12
N GLN C 1056 13.40 1.97 -13.93
CA GLN C 1056 12.64 3.03 -13.29
C GLN C 1056 12.92 3.03 -11.80
N PHE C 1057 12.47 4.09 -11.13
CA PHE C 1057 12.48 4.07 -9.67
C PHE C 1057 11.09 3.69 -9.19
N GLY C 1058 10.30 3.16 -10.11
CA GLY C 1058 8.87 3.10 -9.94
C GLY C 1058 8.28 4.48 -10.08
N GLY C 1059 8.78 5.42 -9.27
CA GLY C 1059 8.11 6.70 -9.12
C GLY C 1059 6.89 6.52 -8.26
N GLN C 1060 7.05 6.74 -6.96
CA GLN C 1060 6.01 6.45 -6.00
C GLN C 1060 4.64 6.90 -6.44
N ARG C 1061 3.66 6.04 -6.21
CA ARG C 1061 2.24 6.36 -6.31
C ARG C 1061 1.87 7.28 -5.16
N PHE C 1062 0.68 7.85 -5.24
CA PHE C 1062 0.23 8.84 -4.27
C PHE C 1062 -1.16 8.49 -3.79
N GLY C 1063 -1.50 8.97 -2.60
CA GLY C 1063 -2.75 8.63 -1.95
C GLY C 1063 -3.79 9.72 -2.00
N GLU C 1064 -4.95 9.46 -1.41
CA GLU C 1064 -6.12 10.28 -1.69
C GLU C 1064 -6.47 11.16 -0.51
N MET C 1065 -6.50 10.58 0.69
CA MET C 1065 -6.40 11.38 1.89
C MET C 1065 -5.58 12.62 1.64
N GLU C 1066 -4.30 12.56 1.95
CA GLU C 1066 -3.32 13.27 1.15
C GLU C 1066 -3.94 14.46 0.44
N CYS C 1067 -4.35 14.23 -0.81
CA CYS C 1067 -5.24 15.16 -1.47
C CYS C 1067 -6.10 15.87 -0.45
N TRP C 1068 -6.78 15.09 0.36
CA TRP C 1068 -7.58 15.66 1.41
C TRP C 1068 -6.74 16.61 2.22
N ALA C 1069 -5.52 16.20 2.54
CA ALA C 1069 -4.62 17.11 3.24
C ALA C 1069 -4.59 18.46 2.54
N MET C 1070 -4.03 18.49 1.33
CA MET C 1070 -4.20 19.64 0.47
C MET C 1070 -5.42 20.42 0.87
N GLN C 1071 -6.57 19.84 0.58
CA GLN C 1071 -7.84 20.36 1.02
C GLN C 1071 -7.70 21.08 2.36
N ALA C 1072 -7.27 20.35 3.39
CA ALA C 1072 -7.04 20.97 4.68
C ALA C 1072 -6.16 22.19 4.55
N TYR C 1073 -5.46 22.31 3.43
CA TYR C 1073 -4.95 23.60 3.05
C TYR C 1073 -5.67 24.13 1.83
N GLY C 1074 -5.52 23.47 0.69
CA GLY C 1074 -6.11 23.96 -0.53
C GLY C 1074 -5.12 24.45 -1.56
N ALA C 1075 -3.87 23.99 -1.52
CA ALA C 1075 -2.82 24.40 -2.44
C ALA C 1075 -3.28 24.18 -3.87
N ALA C 1076 -4.40 23.50 -4.02
CA ALA C 1076 -5.03 23.44 -5.33
C ALA C 1076 -4.05 22.98 -6.37
N TYR C 1077 -3.93 23.74 -7.46
CA TYR C 1077 -2.67 23.81 -8.18
C TYR C 1077 -1.87 22.56 -7.97
N THR C 1078 -0.69 22.72 -7.39
CA THR C 1078 -0.27 21.80 -6.36
C THR C 1078 -0.69 20.40 -6.71
N LEU C 1079 -1.55 19.82 -5.90
CA LEU C 1079 -2.42 18.76 -6.40
C LEU C 1079 -2.71 18.90 -7.87
N GLN C 1080 -3.52 19.89 -8.20
CA GLN C 1080 -4.01 20.07 -9.54
C GLN C 1080 -2.94 19.72 -10.55
N GLU C 1081 -2.13 20.69 -10.93
CA GLU C 1081 -0.72 20.41 -11.18
C GLU C 1081 -0.43 18.93 -11.23
N LEU C 1082 -0.31 18.29 -10.07
CA LEU C 1082 -0.02 16.88 -10.03
C LEU C 1082 -0.81 16.15 -11.06
N LEU C 1083 -2.08 15.92 -10.73
CA LEU C 1083 -3.13 15.57 -11.67
C LEU C 1083 -2.72 15.83 -13.09
N THR C 1084 -2.25 17.03 -13.34
CA THR C 1084 -1.66 17.42 -14.61
C THR C 1084 -0.25 16.89 -14.70
N ILE C 1085 0.66 17.55 -14.00
CA ILE C 1085 2.08 17.31 -13.99
C ILE C 1085 2.38 15.84 -13.75
N LYS C 1086 3.53 15.58 -13.10
CA LYS C 1086 3.97 14.26 -12.73
C LYS C 1086 2.90 13.19 -12.81
N SER C 1087 1.63 13.52 -12.57
CA SER C 1087 0.54 12.66 -12.97
C SER C 1087 0.77 12.05 -14.34
N ASP C 1088 0.58 12.84 -15.41
CA ASP C 1088 0.88 12.54 -16.80
C ASP C 1088 0.62 13.72 -17.73
N ASP C 1089 0.78 14.95 -17.26
CA ASP C 1089 0.52 16.08 -18.12
C ASP C 1089 1.31 16.07 -19.42
N THR C 1090 0.93 15.18 -20.34
CA THR C 1090 1.63 15.10 -21.61
C THR C 1090 2.28 16.43 -21.95
N VAL C 1091 1.46 17.45 -22.17
CA VAL C 1091 1.95 18.80 -22.34
C VAL C 1091 2.93 19.23 -21.26
N GLY C 1092 2.55 20.19 -20.42
CA GLY C 1092 3.43 20.77 -19.42
C GLY C 1092 4.58 19.86 -19.11
N ARG C 1093 4.29 18.58 -18.89
CA ARG C 1093 5.35 17.60 -18.99
C ARG C 1093 6.30 18.04 -20.06
N VAL C 1094 5.95 17.78 -21.30
CA VAL C 1094 6.63 18.48 -22.37
C VAL C 1094 6.62 19.96 -22.08
N LYS C 1095 5.45 20.55 -21.97
CA LYS C 1095 5.39 21.99 -22.04
C LYS C 1095 6.29 22.64 -21.01
N VAL C 1096 5.75 23.02 -19.87
CA VAL C 1096 6.60 23.56 -18.82
C VAL C 1096 7.92 22.82 -18.75
N TYR C 1097 7.92 21.51 -18.98
CA TYR C 1097 9.19 20.82 -19.07
C TYR C 1097 10.21 21.69 -19.79
N GLU C 1098 9.92 22.02 -21.03
CA GLU C 1098 10.40 23.28 -21.56
C GLU C 1098 10.50 24.32 -20.47
N ALA C 1099 9.44 25.09 -20.27
CA ALA C 1099 9.45 26.22 -19.35
C ALA C 1099 10.71 26.21 -18.52
N ILE C 1100 10.68 25.49 -17.40
CA ILE C 1100 11.84 24.72 -16.94
C ILE C 1100 13.03 24.99 -17.84
N VAL C 1101 13.27 24.07 -18.77
CA VAL C 1101 14.18 24.25 -19.88
C VAL C 1101 14.45 25.71 -20.15
N LYS C 1102 13.41 26.52 -20.15
CA LYS C 1102 13.53 27.94 -20.38
C LYS C 1102 13.39 28.72 -19.11
N GLY C 1103 13.19 28.03 -17.99
CA GLY C 1103 13.07 28.65 -16.69
C GLY C 1103 12.39 29.99 -16.70
N GLU C 1104 11.07 30.03 -16.58
CA GLU C 1104 10.33 31.27 -16.72
C GLU C 1104 8.96 31.11 -16.08
N ASN C 1105 8.34 32.24 -15.75
CA ASN C 1105 7.04 32.21 -15.09
C ASN C 1105 6.17 31.13 -15.70
N ILE C 1106 6.45 29.91 -15.28
CA ILE C 1106 5.94 28.64 -15.80
C ILE C 1106 4.61 28.75 -16.53
N PRO C 1107 4.43 27.95 -17.58
CA PRO C 1107 3.10 27.86 -18.21
C PRO C 1107 2.06 27.62 -17.14
N GLU C 1108 1.46 28.70 -16.71
CA GLU C 1108 0.45 28.63 -15.68
C GLU C 1108 -0.41 27.38 -15.84
N PRO C 1109 -0.91 26.81 -14.78
CA PRO C 1109 -1.75 25.62 -14.90
C PRO C 1109 -2.87 25.75 -15.91
N GLY C 1110 -3.01 24.76 -16.78
CA GLY C 1110 -4.01 24.80 -17.82
C GLY C 1110 -5.34 24.20 -17.40
N ILE C 1111 -5.76 23.19 -18.15
CA ILE C 1111 -7.14 22.72 -18.03
C ILE C 1111 -7.16 21.19 -17.97
N PRO C 1112 -8.13 20.59 -17.28
CA PRO C 1112 -8.13 19.13 -17.12
C PRO C 1112 -8.28 18.42 -18.45
N GLU C 1113 -8.05 19.17 -19.53
CA GLU C 1113 -7.81 18.54 -20.80
C GLU C 1113 -8.70 17.32 -21.01
N SER C 1114 -8.14 16.20 -21.43
CA SER C 1114 -8.78 14.90 -21.35
C SER C 1114 -10.22 14.99 -20.93
N PHE C 1115 -10.47 15.20 -19.64
CA PHE C 1115 -11.70 15.82 -19.24
C PHE C 1115 -12.46 16.38 -20.41
N LYS C 1116 -11.92 17.38 -21.06
CA LYS C 1116 -12.22 17.68 -22.45
C LYS C 1116 -12.84 16.50 -23.16
N VAL C 1117 -12.09 15.41 -23.33
CA VAL C 1117 -12.65 14.19 -23.87
C VAL C 1117 -14.09 14.00 -23.44
N LEU C 1118 -14.29 13.38 -22.28
CA LEU C 1118 -15.59 13.44 -21.63
C LEU C 1118 -16.67 13.73 -22.64
N LEU C 1119 -17.37 14.84 -22.46
CA LEU C 1119 -17.88 15.57 -23.60
C LEU C 1119 -18.21 14.64 -24.74
N LYS C 1120 -17.41 14.72 -25.80
CA LYS C 1120 -17.14 13.57 -26.63
C LYS C 1120 -17.69 12.31 -26.00
N GLU C 1121 -16.91 11.72 -25.09
CA GLU C 1121 -17.35 10.56 -24.32
C GLU C 1121 -18.85 10.61 -24.10
N LEU C 1122 -19.39 11.80 -23.96
CA LEU C 1122 -20.78 11.91 -23.61
C LEU C 1122 -21.61 11.87 -24.86
N GLN C 1123 -21.87 13.04 -25.44
CA GLN C 1123 -22.22 13.12 -26.84
C GLN C 1123 -22.39 11.76 -27.42
N SER C 1124 -21.27 11.08 -27.67
CA SER C 1124 -21.17 9.64 -27.68
C SER C 1124 -22.51 8.95 -27.49
N LEU C 1125 -23.28 9.36 -26.49
CA LEU C 1125 -24.54 8.70 -26.23
C LEU C 1125 -25.71 9.65 -26.37
N CYS C 1126 -25.64 10.61 -27.27
CA CYS C 1126 -26.68 11.60 -27.41
C CYS C 1126 -26.71 12.51 -26.19
N LEU C 1127 -25.55 12.69 -25.58
CA LEU C 1127 -25.47 13.10 -24.19
C LEU C 1127 -25.42 14.61 -24.10
N ASN C 1128 -25.34 15.28 -25.26
CA ASN C 1128 -24.87 16.65 -25.33
C ASN C 1128 -25.57 17.52 -24.29
N VAL C 1129 -24.82 18.46 -23.76
CA VAL C 1129 -25.28 19.39 -22.74
C VAL C 1129 -24.34 20.56 -22.76
N GLU C 1130 -24.21 21.25 -21.64
CA GLU C 1130 -23.12 22.17 -21.40
C GLU C 1130 -23.36 23.00 -20.18
N VAL C 1131 -22.26 23.39 -19.57
CA VAL C 1131 -22.17 24.62 -18.79
C VAL C 1131 -22.29 25.78 -19.76
N LEU C 1132 -22.40 26.97 -19.22
CA LEU C 1132 -22.03 28.19 -19.92
C LEU C 1132 -21.25 29.07 -18.96
N SER C 1133 -21.83 30.20 -18.59
CA SER C 1133 -21.30 31.01 -17.52
C SER C 1133 -22.31 32.11 -17.20
N SER C 1134 -21.83 33.34 -17.16
CA SER C 1134 -22.71 34.49 -17.01
C SER C 1134 -23.66 34.56 -18.18
N VAL D 4 -11.64 28.01 -20.80
CA VAL D 4 -12.10 29.38 -20.97
C VAL D 4 -12.05 30.13 -19.66
N ASN D 5 -12.32 29.41 -18.57
CA ASN D 5 -12.12 29.87 -17.21
C ASN D 5 -13.39 30.34 -16.53
N PHE D 6 -14.53 30.33 -17.21
CA PHE D 6 -15.68 31.08 -16.74
C PHE D 6 -16.94 30.31 -17.13
N PHE D 7 -17.36 29.41 -16.26
CA PHE D 7 -18.22 28.32 -16.65
C PHE D 7 -19.44 28.27 -15.75
N ASP D 8 -20.57 28.62 -16.29
CA ASP D 8 -21.83 28.63 -15.56
C ASP D 8 -21.97 27.42 -14.66
N GLU D 9 -22.48 26.31 -15.18
CA GLU D 9 -22.52 25.07 -14.44
C GLU D 9 -22.31 23.94 -15.43
N LEU D 10 -23.40 23.58 -16.11
CA LEU D 10 -23.38 22.49 -17.07
C LEU D 10 -24.81 22.09 -17.34
N ARG D 11 -25.54 22.91 -18.08
CA ARG D 11 -26.89 22.51 -18.40
C ARG D 11 -26.82 21.29 -19.29
N ILE D 12 -27.89 20.52 -19.28
CA ILE D 12 -27.83 19.09 -19.56
C ILE D 12 -28.97 18.67 -20.48
N GLY D 13 -28.70 17.68 -21.31
CA GLY D 13 -29.70 17.20 -22.24
C GLY D 13 -29.11 16.16 -23.16
N LEU D 14 -29.76 15.99 -24.30
CA LEU D 14 -29.31 14.99 -25.24
C LEU D 14 -28.70 15.62 -26.47
N ALA D 15 -29.33 15.33 -27.61
CA ALA D 15 -28.91 15.84 -28.92
C ALA D 15 -29.83 15.27 -30.00
N THR D 16 -30.02 16.02 -31.08
CA THR D 16 -30.77 15.54 -32.22
C THR D 16 -29.83 14.97 -33.26
N ALA D 17 -30.31 13.96 -33.96
CA ALA D 17 -29.57 13.44 -35.09
C ALA D 17 -28.91 14.56 -35.88
N GLU D 18 -29.54 15.72 -35.92
CA GLU D 18 -28.94 16.90 -36.51
C GLU D 18 -27.54 17.12 -36.02
N ASP D 19 -27.36 18.04 -35.08
CA ASP D 19 -26.30 17.97 -34.11
C ASP D 19 -25.27 16.94 -34.51
N ILE D 20 -25.33 15.80 -33.83
CA ILE D 20 -25.07 14.52 -34.47
C ILE D 20 -24.68 14.69 -35.93
N ARG D 21 -25.59 14.36 -36.84
CA ARG D 21 -25.30 14.54 -38.25
C ARG D 21 -24.65 15.87 -38.51
N GLN D 22 -25.19 16.92 -37.91
CA GLN D 22 -24.59 18.23 -37.92
C GLN D 22 -23.18 18.20 -37.36
N TRP D 23 -22.78 17.07 -36.78
CA TRP D 23 -21.50 16.90 -36.11
C TRP D 23 -20.52 15.98 -36.83
N SER D 24 -20.94 14.78 -37.19
CA SER D 24 -19.98 13.79 -37.64
C SER D 24 -19.25 14.24 -38.90
N TYR D 25 -17.94 14.06 -38.86
CA TYR D 25 -17.14 14.10 -40.07
C TYR D 25 -17.56 12.98 -41.02
N GLY D 26 -18.78 13.05 -41.52
CA GLY D 26 -19.34 11.94 -42.24
C GLY D 26 -19.36 10.70 -41.40
N GLU D 27 -19.78 9.61 -42.01
CA GLU D 27 -19.84 8.29 -41.40
C GLU D 27 -18.93 7.37 -42.20
N VAL D 28 -19.33 6.13 -42.35
CA VAL D 28 -18.62 5.16 -43.18
C VAL D 28 -19.57 4.05 -43.58
N LYS D 29 -18.98 2.91 -43.95
CA LYS D 29 -19.76 1.70 -44.21
C LYS D 29 -18.89 0.53 -44.64
N LYS D 30 -18.02 0.05 -43.76
CA LYS D 30 -17.22 -1.08 -44.10
C LYS D 30 -16.68 -1.67 -42.81
N PRO D 31 -17.22 -2.73 -42.34
CA PRO D 31 -16.63 -3.44 -41.19
C PRO D 31 -15.13 -3.64 -41.40
N GLU D 32 -14.37 -2.55 -41.37
CA GLU D 32 -13.07 -2.50 -42.00
C GLU D 32 -12.24 -1.41 -41.33
N THR D 33 -10.95 -1.36 -41.64
CA THR D 33 -10.04 -0.47 -40.94
C THR D 33 -8.85 -0.07 -41.80
N ILE D 34 -7.90 -0.98 -42.00
CA ILE D 34 -6.62 -0.63 -42.61
C ILE D 34 -6.12 -1.83 -43.39
N ASN D 35 -4.95 -1.67 -44.01
CA ASN D 35 -4.25 -2.84 -44.50
C ASN D 35 -3.45 -3.49 -43.39
N TYR D 36 -4.13 -4.33 -42.63
CA TYR D 36 -3.49 -5.48 -41.99
C TYR D 36 -2.02 -5.59 -42.33
N ARG D 37 -1.65 -5.49 -43.61
CA ARG D 37 -0.28 -5.67 -44.01
C ARG D 37 0.47 -4.36 -44.16
N THR D 38 0.21 -3.59 -45.19
CA THR D 38 0.78 -2.27 -45.24
C THR D 38 0.44 -1.47 -44.00
N LEU D 39 -0.62 -1.86 -43.31
CA LEU D 39 -0.91 -1.29 -42.01
C LEU D 39 -1.57 0.06 -42.18
N LYS D 40 -2.48 0.15 -43.13
CA LYS D 40 -2.95 1.47 -43.40
C LYS D 40 -4.45 1.52 -43.59
N PRO D 41 -5.12 2.42 -42.88
CA PRO D 41 -6.57 2.32 -42.70
C PRO D 41 -7.32 2.59 -43.99
N GLU D 42 -8.64 2.70 -43.84
CA GLU D 42 -9.49 2.62 -44.99
C GLU D 42 -10.53 3.73 -44.98
N LYS D 43 -11.65 3.44 -45.61
CA LYS D 43 -12.74 4.38 -45.76
C LYS D 43 -14.04 3.59 -45.81
N ASP D 44 -15.00 3.97 -44.97
CA ASP D 44 -16.19 3.14 -44.69
C ASP D 44 -15.84 1.98 -43.79
N GLY D 45 -14.63 1.46 -43.96
CA GLY D 45 -13.97 0.72 -42.91
C GLY D 45 -13.36 1.70 -41.93
N LEU D 46 -13.35 1.28 -40.66
CA LEU D 46 -12.66 2.08 -39.67
C LEU D 46 -11.45 2.76 -40.26
N PHE D 47 -11.52 4.07 -40.28
CA PHE D 47 -10.38 4.97 -40.28
C PHE D 47 -10.14 5.60 -41.64
N CYS D 48 -11.15 6.23 -42.20
CA CYS D 48 -10.94 7.42 -42.99
C CYS D 48 -10.23 8.47 -42.16
N GLU D 49 -8.97 8.20 -41.85
CA GLU D 49 -8.15 9.25 -41.31
C GLU D 49 -8.52 10.59 -41.91
N LYS D 50 -8.68 10.63 -43.23
CA LYS D 50 -9.20 11.82 -43.85
C LYS D 50 -10.26 12.48 -42.98
N ILE D 51 -11.36 11.78 -42.72
CA ILE D 51 -12.32 12.26 -41.74
C ILE D 51 -11.84 12.04 -40.33
N PHE D 52 -10.63 11.55 -40.14
CA PHE D 52 -10.07 11.36 -38.83
C PHE D 52 -8.84 12.20 -38.58
N GLY D 53 -7.99 12.35 -39.57
CA GLY D 53 -6.69 12.94 -39.38
C GLY D 53 -5.66 11.87 -39.70
N PRO D 54 -4.43 12.26 -39.99
CA PRO D 54 -3.45 11.26 -40.40
C PRO D 54 -3.22 10.25 -39.30
N THR D 55 -2.04 9.68 -39.34
CA THR D 55 -1.39 9.25 -38.14
C THR D 55 -0.07 9.96 -37.99
N ARG D 56 0.03 11.12 -38.62
CA ARG D 56 1.29 11.67 -39.07
C ARG D 56 1.08 13.14 -39.36
N ASP D 57 2.06 13.95 -39.00
CA ASP D 57 1.78 15.36 -38.81
C ASP D 57 1.85 16.13 -40.12
N TRP D 58 0.69 16.52 -40.61
CA TRP D 58 0.64 17.24 -41.88
C TRP D 58 1.19 16.36 -42.99
N GLU D 59 0.35 15.52 -43.58
CA GLU D 59 0.82 14.56 -44.58
C GLU D 59 -0.34 14.00 -45.37
N CYS D 60 -0.87 14.78 -46.31
CA CYS D 60 -2.04 14.35 -47.07
C CYS D 60 -1.88 12.89 -47.47
N TYR D 61 -2.82 12.05 -47.02
CA TYR D 61 -2.61 10.62 -47.06
C TYR D 61 -2.05 10.17 -48.39
N CYS D 62 -2.60 10.69 -49.48
CA CYS D 62 -1.88 10.55 -50.73
C CYS D 62 -0.47 11.08 -50.57
N GLY D 63 0.21 10.70 -49.49
CA GLY D 63 1.44 11.33 -49.08
C GLY D 63 1.51 12.76 -49.54
N LYS D 64 1.76 12.90 -50.84
CA LYS D 64 1.74 14.19 -51.51
C LYS D 64 2.39 15.29 -50.69
N TYR D 65 1.95 15.54 -49.46
CA TYR D 65 2.62 16.53 -48.64
C TYR D 65 2.84 16.00 -47.25
N LYS D 66 3.75 16.63 -46.52
CA LYS D 66 4.08 16.28 -45.15
C LYS D 66 4.79 17.40 -44.39
N ARG D 67 4.98 18.55 -45.01
CA ARG D 67 5.71 19.65 -44.40
C ARG D 67 4.87 20.30 -43.31
N VAL D 68 5.08 21.60 -43.18
CA VAL D 68 4.29 22.41 -42.26
C VAL D 68 3.75 23.65 -42.94
N ARG D 69 4.57 24.35 -43.72
CA ARG D 69 4.02 25.37 -44.58
C ARG D 69 2.86 24.82 -45.40
N PHE D 70 2.93 23.56 -45.79
CA PHE D 70 1.75 22.75 -46.10
C PHE D 70 0.96 22.75 -44.79
N LYS D 71 -0.28 23.20 -44.84
CA LYS D 71 -1.07 23.32 -43.63
C LYS D 71 -2.40 23.95 -43.96
N GLY D 72 -3.44 23.51 -43.26
CA GLY D 72 -4.78 23.95 -43.54
C GLY D 72 -5.33 23.51 -44.88
N ILE D 73 -4.99 22.32 -45.35
CA ILE D 73 -5.02 22.04 -46.76
C ILE D 73 -5.94 20.86 -47.07
N ILE D 74 -6.64 20.95 -48.20
CA ILE D 74 -7.60 19.93 -48.62
C ILE D 74 -7.00 19.17 -49.80
N CYS D 75 -7.17 17.85 -49.81
CA CYS D 75 -6.38 17.00 -50.68
C CYS D 75 -7.17 16.49 -51.88
N GLU D 76 -7.32 17.35 -52.89
CA GLU D 76 -7.65 16.89 -54.23
C GLU D 76 -7.31 15.43 -54.45
N ARG D 77 -6.12 14.99 -54.05
CA ARG D 77 -5.76 13.60 -54.04
C ARG D 77 -6.48 12.83 -52.94
N CYS D 78 -5.77 12.48 -51.88
CA CYS D 78 -6.37 11.80 -50.76
C CYS D 78 -7.20 12.73 -49.90
N GLY D 79 -7.85 13.72 -50.49
CA GLY D 79 -8.85 14.52 -49.80
C GLY D 79 -8.49 15.07 -48.42
N VAL D 80 -7.71 14.32 -47.66
CA VAL D 80 -7.48 14.61 -46.25
C VAL D 80 -6.87 16.01 -46.15
N GLU D 81 -6.66 16.49 -44.94
CA GLU D 81 -5.97 17.76 -44.79
C GLU D 81 -4.48 17.57 -44.53
N VAL D 82 -4.06 17.90 -43.31
CA VAL D 82 -2.68 18.22 -43.02
C VAL D 82 -2.56 18.61 -41.55
N THR D 83 -1.95 17.75 -40.74
CA THR D 83 -1.50 18.12 -39.40
C THR D 83 -1.38 16.88 -38.53
N ARG D 84 -1.86 17.04 -37.30
CA ARG D 84 -1.67 16.06 -36.25
C ARG D 84 -2.92 15.19 -36.09
N ALA D 85 -2.81 13.92 -36.48
CA ALA D 85 -3.88 12.94 -36.37
C ALA D 85 -4.74 13.14 -35.14
N LYS D 86 -4.39 12.53 -34.01
CA LYS D 86 -4.83 13.01 -32.70
C LYS D 86 -6.17 13.70 -32.73
N VAL D 87 -6.27 14.81 -33.45
CA VAL D 87 -7.56 15.40 -33.79
C VAL D 87 -8.52 14.34 -34.28
N ARG D 88 -8.02 13.22 -34.74
CA ARG D 88 -8.79 12.02 -34.96
C ARG D 88 -9.71 11.76 -33.90
N ARG D 89 -9.31 10.86 -33.00
CA ARG D 89 -9.67 10.96 -31.61
C ARG D 89 -10.51 12.19 -31.34
N GLU D 90 -9.96 13.35 -31.65
CA GLU D 90 -10.57 14.62 -31.41
C GLU D 90 -11.69 14.92 -32.38
N ARG D 91 -11.63 14.42 -33.60
CA ARG D 91 -12.72 14.57 -34.55
C ARG D 91 -13.94 13.86 -33.99
N MET D 92 -14.92 13.62 -34.86
CA MET D 92 -16.04 12.75 -34.53
C MET D 92 -16.76 12.28 -35.78
N GLY D 93 -17.21 11.04 -35.70
CA GLY D 93 -17.96 10.42 -36.77
C GLY D 93 -19.29 9.90 -36.28
N HIS D 94 -20.20 9.65 -37.20
CA HIS D 94 -21.55 9.31 -36.81
C HIS D 94 -21.90 7.94 -37.34
N ILE D 95 -23.18 7.62 -37.21
CA ILE D 95 -23.73 6.38 -37.69
C ILE D 95 -25.13 6.67 -38.21
N GLU D 96 -25.60 5.82 -39.12
CA GLU D 96 -26.91 6.04 -39.73
C GLU D 96 -27.59 4.71 -39.97
N LEU D 97 -28.90 4.69 -39.76
CA LEU D 97 -29.61 3.42 -39.79
C LEU D 97 -30.35 3.26 -41.09
N ALA D 98 -31.16 2.22 -41.13
CA ALA D 98 -32.15 2.09 -42.17
C ALA D 98 -33.56 2.21 -41.63
N ALA D 99 -33.74 2.76 -40.43
CA ALA D 99 -35.09 2.89 -39.90
C ALA D 99 -35.04 3.49 -38.52
N PRO D 100 -36.17 3.82 -37.94
CA PRO D 100 -36.20 4.33 -36.56
C PRO D 100 -35.65 3.33 -35.58
N VAL D 101 -35.21 3.80 -34.42
CA VAL D 101 -34.73 2.92 -33.36
C VAL D 101 -34.97 3.62 -32.04
N THR D 102 -34.43 3.07 -30.97
CA THR D 102 -34.88 3.40 -29.64
C THR D 102 -33.69 3.49 -28.68
N HIS D 103 -33.87 4.23 -27.59
CA HIS D 103 -32.85 4.23 -26.55
C HIS D 103 -33.28 3.49 -25.31
N ILE D 104 -33.18 2.17 -25.37
CA ILE D 104 -32.99 1.40 -24.14
C ILE D 104 -33.83 1.92 -23.00
N TRP D 105 -33.37 2.98 -22.36
CA TRP D 105 -33.72 3.21 -20.97
C TRP D 105 -35.21 3.14 -20.73
N TYR D 106 -35.89 4.27 -20.84
CA TYR D 106 -37.32 4.38 -20.68
C TYR D 106 -38.07 3.18 -21.23
N PHE D 107 -37.44 2.45 -22.14
CA PHE D 107 -37.79 1.07 -22.43
C PHE D 107 -37.08 0.12 -21.49
N LYS D 108 -35.82 -0.13 -21.77
CA LYS D 108 -34.98 -1.01 -20.97
C LYS D 108 -35.00 -0.63 -19.50
N GLY D 109 -35.10 0.66 -19.20
CA GLY D 109 -35.12 1.12 -17.84
C GLY D 109 -36.12 0.38 -16.99
N VAL D 110 -36.16 0.73 -15.71
CA VAL D 110 -37.11 0.13 -14.82
C VAL D 110 -37.15 0.94 -13.53
N PRO D 111 -38.30 1.47 -13.17
CA PRO D 111 -39.33 1.23 -14.18
C PRO D 111 -39.20 2.24 -15.31
N SER D 112 -38.81 1.73 -16.48
CA SER D 112 -38.46 2.60 -17.60
C SER D 112 -39.66 3.43 -18.02
N ARG D 113 -39.40 4.69 -18.36
CA ARG D 113 -40.48 5.66 -18.50
C ARG D 113 -41.47 5.22 -19.55
N LEU D 114 -41.26 5.65 -20.79
CA LEU D 114 -42.01 5.15 -21.93
C LEU D 114 -43.45 4.81 -21.57
N GLY D 115 -43.66 3.76 -20.79
CA GLY D 115 -44.91 3.71 -20.06
C GLY D 115 -45.06 4.95 -19.23
N TYR D 116 -44.17 5.15 -18.27
CA TYR D 116 -43.99 6.46 -17.67
C TYR D 116 -43.92 7.54 -18.71
N LEU D 117 -43.46 7.19 -19.91
CA LEU D 117 -43.57 8.14 -21.00
C LEU D 117 -44.91 8.02 -21.71
N LEU D 118 -45.54 6.85 -21.65
CA LEU D 118 -46.81 6.65 -22.33
C LEU D 118 -47.86 5.97 -21.49
N ASP D 119 -47.48 5.18 -20.51
CA ASP D 119 -48.44 4.48 -19.69
C ASP D 119 -49.01 3.31 -20.47
N LEU D 120 -48.10 2.49 -20.98
CA LEU D 120 -48.49 1.44 -21.90
C LEU D 120 -47.80 0.13 -21.55
N ALA D 121 -48.32 -0.95 -22.12
CA ALA D 121 -47.97 -2.30 -21.71
C ALA D 121 -46.48 -2.55 -21.95
N PRO D 122 -45.63 -2.23 -20.99
CA PRO D 122 -44.19 -2.18 -21.28
C PRO D 122 -43.69 -3.45 -21.91
N LYS D 123 -43.36 -4.42 -21.07
CA LYS D 123 -43.44 -5.82 -21.44
C LYS D 123 -43.89 -6.01 -22.86
N ASP D 124 -45.03 -5.46 -23.18
CA ASP D 124 -45.57 -5.61 -24.50
C ASP D 124 -44.86 -4.72 -25.48
N LEU D 125 -45.52 -3.72 -26.04
CA LEU D 125 -44.82 -2.46 -26.24
C LEU D 125 -43.39 -2.69 -26.75
N GLU D 126 -42.47 -2.97 -25.83
CA GLU D 126 -41.33 -3.79 -26.20
C GLU D 126 -41.69 -4.65 -27.39
N LYS D 127 -42.59 -5.60 -27.17
CA LYS D 127 -43.07 -6.49 -28.20
C LYS D 127 -43.12 -5.75 -29.52
N ILE D 128 -43.66 -4.54 -29.50
CA ILE D 128 -43.53 -3.65 -30.64
C ILE D 128 -42.09 -3.62 -31.10
N ILE D 129 -41.24 -2.97 -30.31
CA ILE D 129 -39.85 -2.84 -30.72
C ILE D 129 -39.26 -4.20 -31.06
N TYR D 130 -39.55 -5.21 -30.26
CA TYR D 130 -39.21 -6.58 -30.59
C TYR D 130 -40.24 -7.18 -31.52
N PHE D 131 -41.17 -6.36 -31.97
CA PHE D 131 -42.11 -6.77 -33.00
C PHE D 131 -42.71 -8.12 -32.67
N ALA D 132 -43.44 -8.14 -31.56
CA ALA D 132 -44.20 -9.30 -31.15
C ALA D 132 -45.69 -9.16 -31.41
N ALA D 133 -46.14 -8.13 -32.14
CA ALA D 133 -47.56 -7.87 -32.34
C ALA D 133 -47.75 -6.38 -32.59
N TYR D 134 -48.44 -6.06 -33.67
CA TYR D 134 -48.60 -4.66 -34.05
C TYR D 134 -49.39 -3.91 -33.00
N VAL D 135 -50.00 -2.81 -33.43
CA VAL D 135 -50.88 -2.03 -32.57
C VAL D 135 -51.41 -0.83 -33.34
N ILE D 136 -52.37 -0.12 -32.73
CA ILE D 136 -53.07 0.98 -33.39
C ILE D 136 -52.14 2.16 -33.52
N THR D 137 -51.55 2.34 -34.70
CA THR D 137 -50.82 3.57 -34.97
C THR D 137 -51.63 4.60 -35.73
N SER D 138 -52.88 4.32 -36.07
CA SER D 138 -53.80 5.34 -36.55
C SER D 138 -55.21 4.80 -36.46
N VAL D 139 -56.18 5.62 -36.84
CA VAL D 139 -57.59 5.35 -36.54
C VAL D 139 -58.48 6.13 -37.51
N ASP D 140 -59.64 5.53 -37.85
CA ASP D 140 -60.62 6.17 -38.72
C ASP D 140 -61.60 7.04 -37.97
N GLU D 141 -62.63 6.42 -37.39
CA GLU D 141 -63.71 7.14 -36.74
C GLU D 141 -64.62 7.81 -37.76
N GLU D 142 -64.18 7.97 -39.00
CA GLU D 142 -65.04 8.62 -39.98
C GLU D 142 -65.78 7.60 -40.82
N MET D 143 -65.08 6.99 -41.76
CA MET D 143 -65.63 5.81 -42.39
C MET D 143 -66.22 4.89 -41.33
N ARG D 144 -65.41 4.49 -40.35
CA ARG D 144 -65.97 3.76 -39.22
C ARG D 144 -66.93 4.64 -38.45
N HIS D 145 -66.92 5.94 -38.74
CA HIS D 145 -68.02 6.82 -38.41
C HIS D 145 -69.11 6.70 -39.47
N ASN D 146 -69.78 7.80 -39.79
CA ASN D 146 -70.71 7.91 -40.91
C ASN D 146 -70.81 6.60 -41.70
N GLU D 147 -69.69 6.13 -42.22
CA GLU D 147 -69.71 4.91 -42.99
C GLU D 147 -70.06 3.70 -42.17
N LEU D 148 -69.59 3.63 -40.93
CA LEU D 148 -69.94 2.50 -40.07
C LEU D 148 -71.31 1.96 -40.43
N SER D 149 -72.27 2.88 -40.63
CA SER D 149 -73.49 2.56 -41.35
C SER D 149 -73.25 1.54 -42.46
N THR D 150 -73.18 2.03 -43.69
CA THR D 150 -72.66 1.27 -44.81
C THR D 150 -71.90 0.03 -44.36
N LEU D 151 -70.67 0.23 -43.90
CA LEU D 151 -69.80 -0.86 -43.45
C LEU D 151 -70.62 -2.01 -42.88
N GLU D 152 -71.05 -1.87 -41.63
CA GLU D 152 -71.83 -2.92 -41.01
C GLU D 152 -72.91 -3.43 -41.95
N ALA D 153 -73.53 -2.55 -42.75
CA ALA D 153 -74.46 -3.05 -43.75
C ALA D 153 -73.83 -4.20 -44.51
N GLU D 154 -72.58 -4.03 -44.91
CA GLU D 154 -71.90 -5.13 -45.59
C GLU D 154 -71.41 -6.17 -44.60
N MET D 155 -71.37 -5.82 -43.31
CA MET D 155 -71.17 -6.85 -42.30
C MET D 155 -72.30 -7.86 -42.36
N ALA D 156 -73.48 -7.46 -41.90
CA ALA D 156 -74.69 -8.26 -42.11
C ALA D 156 -74.67 -8.91 -43.49
N VAL D 157 -74.16 -8.19 -44.49
CA VAL D 157 -73.87 -8.83 -45.77
C VAL D 157 -73.11 -10.14 -45.53
N GLU D 158 -71.78 -10.06 -45.51
CA GLU D 158 -70.98 -11.26 -45.26
C GLU D 158 -71.71 -12.25 -44.36
N ARG D 159 -72.34 -11.75 -43.29
CA ARG D 159 -73.24 -12.56 -42.49
C ARG D 159 -74.18 -13.34 -43.37
N LYS D 160 -74.61 -12.74 -44.49
CA LYS D 160 -75.39 -13.46 -45.47
C LYS D 160 -74.77 -14.83 -45.73
N ALA D 161 -73.78 -14.87 -46.63
CA ALA D 161 -73.08 -16.11 -46.90
C ALA D 161 -72.88 -16.92 -45.64
N VAL D 162 -72.41 -16.28 -44.58
CA VAL D 162 -72.39 -16.92 -43.27
C VAL D 162 -73.56 -17.89 -43.14
N GLU D 163 -74.77 -17.36 -43.15
CA GLU D 163 -75.91 -18.19 -42.77
C GLU D 163 -76.46 -18.97 -43.94
N ASP D 164 -76.15 -18.54 -45.15
CA ASP D 164 -76.69 -19.20 -46.33
C ASP D 164 -76.28 -20.67 -46.36
N GLN D 165 -75.11 -20.95 -46.94
CA GLN D 165 -74.58 -22.29 -46.83
C GLN D 165 -74.27 -22.64 -45.39
N ARG D 166 -74.26 -21.66 -44.49
CA ARG D 166 -74.42 -22.00 -43.08
C ARG D 166 -75.62 -22.90 -42.89
N ASP D 167 -76.58 -22.81 -43.81
CA ASP D 167 -77.67 -23.77 -43.83
C ASP D 167 -77.41 -24.88 -44.82
N GLY D 168 -77.21 -24.54 -46.09
CA GLY D 168 -77.02 -25.54 -47.13
C GLY D 168 -76.11 -26.64 -46.63
N GLU D 169 -75.30 -26.28 -45.63
CA GLU D 169 -74.48 -27.25 -44.94
C GLU D 169 -75.35 -28.22 -44.14
N LEU D 170 -75.50 -27.96 -42.85
CA LEU D 170 -76.09 -28.94 -41.95
C LEU D 170 -77.42 -29.43 -42.49
N GLU D 171 -78.14 -28.57 -43.19
CA GLU D 171 -79.22 -29.09 -44.04
C GLU D 171 -78.69 -30.15 -44.98
N ALA D 172 -77.69 -29.80 -45.78
CA ALA D 172 -77.16 -30.73 -46.75
C ALA D 172 -76.78 -32.06 -46.10
N ARG D 173 -75.83 -32.03 -45.18
CA ARG D 173 -75.29 -33.29 -44.66
C ARG D 173 -76.30 -33.99 -43.75
N ALA D 174 -76.91 -33.26 -42.82
CA ALA D 174 -77.93 -33.85 -41.99
C ALA D 174 -78.93 -34.59 -42.86
N GLN D 175 -79.33 -33.95 -43.96
CA GLN D 175 -80.06 -34.62 -45.02
C GLN D 175 -79.35 -35.91 -45.44
N LYS D 176 -78.05 -35.83 -45.74
CA LYS D 176 -77.31 -37.02 -46.15
C LYS D 176 -77.56 -38.17 -45.17
N LEU D 177 -77.03 -38.05 -43.97
CA LEU D 177 -77.42 -38.93 -42.88
C LEU D 177 -78.85 -39.42 -43.05
N GLU D 178 -79.78 -38.50 -43.27
CA GLU D 178 -81.15 -38.87 -43.54
C GLU D 178 -81.24 -39.87 -44.68
N ALA D 179 -80.31 -39.79 -45.62
CA ALA D 179 -80.27 -40.77 -46.70
C ALA D 179 -79.73 -42.10 -46.20
N ASP D 180 -78.70 -42.05 -45.37
CA ASP D 180 -78.11 -43.30 -44.87
C ASP D 180 -79.10 -44.08 -44.02
N LEU D 181 -79.62 -43.49 -42.96
CA LEU D 181 -80.70 -44.16 -42.25
C LEU D 181 -81.88 -44.41 -43.17
N ALA D 182 -82.07 -43.52 -44.15
CA ALA D 182 -83.17 -43.68 -45.09
C ALA D 182 -83.13 -45.04 -45.79
N GLU D 183 -82.36 -45.15 -46.87
CA GLU D 183 -82.28 -46.42 -47.60
C GLU D 183 -81.86 -47.57 -46.68
N LEU D 184 -80.93 -47.30 -45.75
CA LEU D 184 -80.50 -48.34 -44.81
C LEU D 184 -81.71 -49.00 -44.16
N GLU D 185 -82.84 -48.30 -44.12
CA GLU D 185 -84.06 -48.83 -43.55
C GLU D 185 -85.02 -49.36 -44.61
N ALA D 186 -84.51 -50.09 -45.61
CA ALA D 186 -85.38 -50.59 -46.67
C ALA D 186 -85.42 -52.12 -46.67
N GLU D 187 -84.38 -52.76 -46.15
CA GLU D 187 -84.35 -54.21 -46.02
C GLU D 187 -84.68 -54.61 -44.58
N GLY D 188 -83.66 -54.55 -43.72
CA GLY D 188 -83.84 -54.89 -42.33
C GLY D 188 -82.57 -54.87 -41.50
N ALA D 189 -81.84 -53.75 -41.54
CA ALA D 189 -80.64 -53.58 -40.72
C ALA D 189 -81.07 -53.22 -39.31
N LYS D 190 -80.50 -53.93 -38.33
CA LYS D 190 -80.90 -53.71 -36.95
C LYS D 190 -80.68 -52.26 -36.55
N ALA D 191 -81.30 -51.85 -35.45
CA ALA D 191 -81.36 -50.44 -35.11
C ALA D 191 -79.98 -49.86 -34.81
N ASP D 192 -78.94 -50.69 -34.80
CA ASP D 192 -77.65 -50.24 -34.30
C ASP D 192 -76.88 -49.45 -35.35
N ALA D 193 -76.62 -50.04 -36.51
CA ALA D 193 -75.97 -49.29 -37.59
C ALA D 193 -76.83 -48.10 -38.00
N ARG D 194 -78.13 -48.19 -37.76
CA ARG D 194 -78.99 -47.03 -37.97
C ARG D 194 -78.70 -45.94 -36.97
N ARG D 195 -78.63 -46.27 -35.68
CA ARG D 195 -78.13 -45.32 -34.71
C ARG D 195 -76.81 -44.73 -35.18
N LYS D 196 -75.96 -45.57 -35.77
CA LYS D 196 -74.63 -45.15 -36.20
C LYS D 196 -74.73 -44.08 -37.28
N VAL D 197 -75.33 -44.44 -38.42
CA VAL D 197 -75.76 -43.46 -39.40
C VAL D 197 -76.17 -42.16 -38.70
N ARG D 198 -77.17 -42.26 -37.82
CA ARG D 198 -77.73 -41.08 -37.18
C ARG D 198 -76.66 -40.25 -36.49
N ASP D 199 -75.68 -40.90 -35.85
CA ASP D 199 -74.92 -40.24 -34.82
C ASP D 199 -73.55 -39.79 -35.32
N GLY D 200 -72.79 -40.70 -35.93
CA GLY D 200 -71.64 -40.24 -36.71
C GLY D 200 -72.08 -39.23 -37.75
N GLY D 201 -73.16 -39.54 -38.47
CA GLY D 201 -73.81 -38.52 -39.28
C GLY D 201 -74.02 -37.24 -38.51
N GLU D 202 -74.42 -37.33 -37.23
CA GLU D 202 -74.48 -36.12 -36.42
C GLU D 202 -73.13 -35.41 -36.44
N ARG D 203 -72.06 -36.16 -36.12
CA ARG D 203 -70.73 -35.60 -36.16
C ARG D 203 -70.55 -34.75 -37.40
N GLU D 204 -70.72 -35.36 -38.57
CA GLU D 204 -70.79 -34.59 -39.80
C GLU D 204 -71.69 -33.39 -39.63
N MET D 205 -72.77 -33.54 -38.87
CA MET D 205 -73.80 -32.51 -38.78
C MET D 205 -73.35 -31.35 -37.94
N ARG D 206 -73.64 -31.41 -36.64
CA ARG D 206 -73.21 -30.38 -35.71
C ARG D 206 -71.78 -29.96 -36.01
N GLN D 207 -70.91 -30.93 -36.24
CA GLN D 207 -69.71 -30.63 -37.02
C GLN D 207 -69.97 -29.50 -38.00
N ILE D 208 -70.80 -29.76 -38.99
CA ILE D 208 -71.19 -28.74 -39.95
C ILE D 208 -71.63 -27.46 -39.26
N ARG D 209 -72.79 -27.50 -38.62
CA ARG D 209 -73.33 -26.34 -37.92
C ARG D 209 -72.23 -25.46 -37.36
N ASP D 210 -71.56 -25.93 -36.31
CA ASP D 210 -70.25 -25.41 -35.96
C ASP D 210 -69.59 -24.75 -37.14
N ARG D 211 -69.13 -25.57 -38.08
CA ARG D 211 -68.30 -25.10 -39.18
C ARG D 211 -68.79 -23.76 -39.67
N ALA D 212 -70.05 -23.70 -40.07
CA ALA D 212 -70.66 -22.39 -40.27
C ALA D 212 -70.42 -21.53 -39.04
N GLN D 213 -71.42 -21.48 -38.17
CA GLN D 213 -71.26 -20.98 -36.80
C GLN D 213 -69.83 -20.56 -36.50
N ARG D 214 -69.18 -21.25 -35.56
CA ARG D 214 -67.77 -21.05 -35.23
C ARG D 214 -67.16 -19.86 -35.97
N GLU D 215 -66.15 -20.14 -36.78
CA GLU D 215 -65.88 -19.36 -37.97
C GLU D 215 -66.84 -18.20 -38.12
N LEU D 216 -67.99 -18.42 -38.77
CA LEU D 216 -68.90 -17.33 -39.08
C LEU D 216 -68.93 -16.31 -37.96
N ASP D 217 -68.92 -16.80 -36.74
CA ASP D 217 -69.27 -15.99 -35.60
C ASP D 217 -68.05 -15.23 -35.11
N ARG D 218 -67.06 -15.98 -34.62
CA ARG D 218 -65.70 -15.46 -34.58
C ARG D 218 -65.52 -14.31 -35.55
N LEU D 219 -65.66 -14.61 -36.83
CA LEU D 219 -65.82 -13.58 -37.84
C LEU D 219 -66.64 -12.43 -37.32
N GLU D 220 -67.84 -12.70 -36.84
CA GLU D 220 -68.66 -11.58 -36.41
C GLU D 220 -67.90 -10.67 -35.45
N ASP D 221 -67.19 -11.25 -34.49
CA ASP D 221 -66.42 -10.39 -33.59
C ASP D 221 -65.33 -9.65 -34.33
N ILE D 222 -64.45 -10.39 -35.03
CA ILE D 222 -63.36 -9.72 -35.71
C ILE D 222 -63.88 -8.45 -36.36
N TRP D 223 -65.11 -8.52 -36.90
CA TRP D 223 -65.90 -7.31 -37.04
C TRP D 223 -65.92 -6.52 -35.74
N SER D 224 -66.89 -6.80 -34.88
CA SER D 224 -67.01 -6.10 -33.60
C SER D 224 -65.73 -5.39 -33.23
N THR D 225 -64.81 -6.11 -32.61
CA THR D 225 -63.41 -5.95 -32.91
C THR D 225 -63.19 -4.72 -33.76
N PHE D 226 -63.22 -4.91 -35.08
CA PHE D 226 -63.32 -3.81 -36.03
C PHE D 226 -64.20 -2.69 -35.51
N THR D 227 -65.52 -2.89 -35.56
CA THR D 227 -66.48 -1.88 -35.12
C THR D 227 -65.87 -0.89 -34.14
N LYS D 228 -64.83 -1.32 -33.43
CA LYS D 228 -64.21 -0.56 -32.37
C LYS D 228 -62.73 -0.36 -32.61
N LEU D 229 -62.15 0.70 -32.10
CA LEU D 229 -60.74 0.98 -32.36
C LEU D 229 -60.24 2.05 -31.40
N ALA D 230 -58.93 2.22 -31.38
CA ALA D 230 -58.28 3.27 -30.61
C ALA D 230 -56.78 3.09 -30.77
N PRO D 231 -56.09 4.14 -31.15
CA PRO D 231 -54.63 4.09 -31.12
C PRO D 231 -54.16 3.46 -29.82
N LYS D 232 -52.97 2.88 -29.87
CA LYS D 232 -52.39 2.11 -28.79
C LYS D 232 -53.02 0.73 -28.68
N GLN D 233 -54.20 0.51 -29.23
CA GLN D 233 -54.80 -0.80 -29.13
C GLN D 233 -53.88 -1.83 -29.79
N LEU D 234 -53.38 -2.75 -28.96
CA LEU D 234 -52.59 -3.90 -29.39
C LEU D 234 -52.92 -4.37 -30.80
N ILE D 235 -51.99 -5.09 -31.41
CA ILE D 235 -52.25 -5.91 -32.59
C ILE D 235 -51.55 -7.25 -32.43
N VAL D 236 -52.32 -8.32 -32.31
CA VAL D 236 -51.77 -9.66 -32.17
C VAL D 236 -52.45 -10.67 -33.07
N ASP D 237 -53.68 -10.42 -33.52
CA ASP D 237 -54.38 -11.43 -34.30
C ASP D 237 -53.60 -11.83 -35.54
N GLU D 238 -53.13 -10.85 -36.30
CA GLU D 238 -52.50 -11.06 -37.59
C GLU D 238 -53.52 -11.23 -38.69
N ASN D 239 -53.93 -12.45 -38.98
CA ASN D 239 -54.97 -12.72 -39.95
C ASN D 239 -55.93 -11.55 -40.04
N LEU D 240 -56.83 -11.44 -39.07
CA LEU D 240 -57.65 -10.24 -38.99
C LEU D 240 -56.81 -9.01 -39.30
N TYR D 241 -55.84 -8.71 -38.44
CA TYR D 241 -54.98 -7.54 -38.64
C TYR D 241 -55.15 -7.01 -40.05
N ARG D 242 -54.57 -7.69 -41.02
CA ARG D 242 -54.91 -7.42 -42.41
C ARG D 242 -56.40 -7.45 -42.62
N GLU D 243 -56.96 -8.65 -42.60
CA GLU D 243 -58.35 -8.93 -42.97
C GLU D 243 -59.25 -7.70 -42.83
N LEU D 244 -59.10 -6.97 -41.73
CA LEU D 244 -59.82 -5.71 -41.66
C LEU D 244 -58.96 -4.58 -42.19
N VAL D 245 -57.66 -4.67 -42.03
CA VAL D 245 -56.80 -3.79 -42.81
C VAL D 245 -57.14 -3.93 -44.28
N ASP D 246 -56.32 -4.68 -45.02
CA ASP D 246 -56.66 -5.10 -46.36
C ASP D 246 -58.12 -4.86 -46.68
N ARG D 247 -59.00 -5.70 -46.15
CA ARG D 247 -60.43 -5.48 -46.21
C ARG D 247 -60.80 -4.52 -45.09
N TYR D 248 -60.83 -3.23 -45.41
CA TYR D 248 -61.10 -2.10 -44.53
C TYR D 248 -59.87 -1.24 -44.38
N GLY D 249 -58.87 -1.68 -43.61
CA GLY D 249 -57.58 -1.00 -43.54
C GLY D 249 -57.67 0.51 -43.64
N GLU D 250 -58.09 1.02 -44.80
CA GLU D 250 -58.28 2.44 -45.11
C GLU D 250 -58.46 3.34 -43.89
N TYR D 251 -58.55 2.80 -42.68
CA TYR D 251 -59.25 3.48 -41.62
C TYR D 251 -58.32 3.91 -40.49
N PHE D 252 -57.01 3.87 -40.71
CA PHE D 252 -56.12 3.88 -39.56
C PHE D 252 -54.68 3.63 -39.96
N THR D 253 -53.86 3.30 -38.96
CA THR D 253 -52.60 2.60 -39.17
C THR D 253 -52.37 1.76 -37.94
N GLY D 254 -52.05 0.49 -38.17
CA GLY D 254 -51.77 -0.43 -37.08
C GLY D 254 -50.58 -1.30 -37.43
N ALA D 255 -49.57 -1.23 -36.57
CA ALA D 255 -48.35 -1.99 -36.80
C ALA D 255 -47.51 -1.87 -35.53
N MET D 256 -46.22 -1.63 -35.71
CA MET D 256 -45.30 -1.69 -34.58
C MET D 256 -44.18 -0.68 -34.75
N GLY D 257 -43.06 -0.96 -34.11
CA GLY D 257 -41.87 -0.16 -34.25
C GLY D 257 -42.07 1.29 -33.81
N ALA D 258 -40.95 1.85 -33.34
CA ALA D 258 -40.91 3.29 -33.04
C ALA D 258 -41.73 4.06 -34.04
N GLU D 259 -41.08 4.56 -35.10
CA GLU D 259 -41.82 4.82 -36.31
C GLU D 259 -43.25 5.18 -35.98
N SER D 260 -44.21 4.43 -36.53
CA SER D 260 -45.48 4.25 -35.85
C SER D 260 -45.46 4.93 -34.49
N ILE D 261 -44.73 4.32 -33.55
CA ILE D 261 -44.55 4.94 -32.25
C ILE D 261 -44.13 6.38 -32.41
N GLN D 262 -42.82 6.64 -32.40
CA GLN D 262 -42.31 7.86 -33.00
C GLN D 262 -43.42 8.86 -33.27
N LYS D 263 -44.10 8.71 -34.40
CA LYS D 263 -45.37 9.37 -34.60
C LYS D 263 -46.10 9.49 -33.28
N LEU D 264 -46.43 8.36 -32.69
CA LEU D 264 -46.98 8.36 -31.35
C LEU D 264 -46.30 9.41 -30.49
N ILE D 265 -45.00 9.61 -30.70
CA ILE D 265 -44.44 10.82 -30.11
C ILE D 265 -45.16 12.01 -30.70
N GLU D 266 -44.75 12.40 -31.89
CA GLU D 266 -45.58 13.22 -32.76
C GLU D 266 -47.03 13.13 -32.33
N ASN D 267 -47.65 12.00 -32.64
CA ASN D 267 -48.98 11.65 -32.17
C ASN D 267 -49.10 11.94 -30.68
N PHE D 268 -49.22 13.19 -30.27
CA PHE D 268 -49.33 13.45 -28.85
C PHE D 268 -49.50 14.92 -28.56
N ASP D 269 -50.11 15.21 -27.41
CA ASP D 269 -50.02 16.51 -26.74
C ASP D 269 -49.70 16.32 -25.28
N ILE D 270 -48.84 17.18 -24.76
CA ILE D 270 -48.73 17.31 -23.31
C ILE D 270 -50.07 17.69 -22.73
N ASP D 271 -50.09 18.84 -22.07
CA ASP D 271 -51.30 19.65 -22.03
C ASP D 271 -52.52 18.79 -21.87
N ALA D 272 -53.17 18.44 -22.98
CA ALA D 272 -54.08 17.31 -22.99
C ALA D 272 -53.73 16.35 -21.89
N GLU D 273 -52.66 15.61 -22.08
CA GLU D 273 -52.16 14.79 -20.99
C GLU D 273 -51.93 15.61 -19.75
N ALA D 274 -51.40 16.82 -19.92
CA ALA D 274 -51.08 17.63 -18.75
C ALA D 274 -52.29 17.77 -17.85
N GLU D 275 -52.93 18.94 -17.91
CA GLU D 275 -54.18 19.15 -17.19
C GLU D 275 -54.97 17.86 -17.06
N SER D 276 -54.93 17.03 -18.10
CA SER D 276 -55.45 15.69 -17.96
C SER D 276 -55.16 15.15 -16.57
N LEU D 277 -53.95 14.64 -16.38
CA LEU D 277 -53.54 14.21 -15.05
C LEU D 277 -53.83 15.29 -14.02
N ARG D 278 -53.73 16.56 -14.43
CA ARG D 278 -54.04 17.63 -13.49
C ARG D 278 -55.31 17.30 -12.72
N ASP D 279 -56.48 17.64 -13.27
CA ASP D 279 -57.67 17.40 -12.49
C ASP D 279 -57.82 15.94 -12.13
N VAL D 280 -57.22 15.06 -12.94
CA VAL D 280 -57.05 13.68 -12.51
C VAL D 280 -56.78 13.63 -11.02
N ILE D 281 -55.50 13.75 -10.64
CA ILE D 281 -55.17 13.89 -9.23
C ILE D 281 -56.09 14.87 -8.52
N ARG D 282 -56.43 15.98 -9.18
CA ARG D 282 -57.20 17.03 -8.53
C ARG D 282 -58.40 16.46 -7.81
N ASN D 283 -58.86 15.29 -8.22
CA ASN D 283 -60.10 14.78 -7.67
C ASN D 283 -60.02 13.29 -7.36
N GLY D 284 -59.99 12.45 -8.39
CA GLY D 284 -59.69 11.06 -8.17
C GLY D 284 -58.36 10.97 -7.44
N LYS D 285 -57.94 9.80 -7.00
CA LYS D 285 -56.73 9.85 -6.20
C LYS D 285 -56.07 8.48 -6.06
N GLY D 286 -54.89 8.51 -5.48
CA GLY D 286 -54.14 7.34 -5.12
C GLY D 286 -53.62 6.58 -6.32
N GLN D 287 -52.72 5.64 -6.05
CA GLN D 287 -52.37 4.61 -7.01
C GLN D 287 -52.22 5.26 -8.37
N LYS D 288 -52.90 4.68 -9.35
CA LYS D 288 -53.58 5.48 -10.35
C LYS D 288 -53.21 6.94 -10.30
N LYS D 289 -53.87 7.74 -9.48
CA LYS D 289 -53.36 9.06 -9.21
C LYS D 289 -51.87 9.04 -9.00
N LEU D 290 -51.41 8.67 -7.80
CA LEU D 290 -50.00 8.41 -7.59
C LEU D 290 -49.35 7.94 -8.87
N ARG D 291 -49.76 6.77 -9.36
CA ARG D 291 -49.38 6.37 -10.71
C ARG D 291 -49.29 7.56 -11.64
N ALA D 292 -50.44 8.01 -12.15
CA ALA D 292 -50.49 9.19 -12.99
C ALA D 292 -49.55 10.25 -12.46
N LEU D 293 -50.11 11.26 -11.79
CA LEU D 293 -49.37 11.94 -10.74
C LEU D 293 -47.88 11.91 -11.02
N LYS D 294 -47.18 10.97 -10.42
CA LYS D 294 -45.88 10.58 -10.89
C LYS D 294 -45.73 10.82 -12.37
N ARG D 295 -46.24 9.91 -13.18
CA ARG D 295 -46.00 10.02 -14.61
C ARG D 295 -46.30 11.43 -15.08
N LEU D 296 -47.34 12.05 -14.54
CA LEU D 296 -47.52 13.48 -14.73
C LEU D 296 -46.22 14.22 -14.50
N LYS D 297 -45.40 13.73 -13.58
CA LYS D 297 -44.07 14.28 -13.42
C LYS D 297 -43.41 14.47 -14.77
N VAL D 298 -42.73 13.42 -15.22
CA VAL D 298 -42.11 13.44 -16.54
C VAL D 298 -42.94 14.25 -17.51
N VAL D 299 -44.25 14.03 -17.52
CA VAL D 299 -45.12 14.88 -18.31
C VAL D 299 -44.62 16.31 -18.29
N ALA D 300 -44.74 16.96 -17.13
CA ALA D 300 -44.11 18.24 -16.96
C ALA D 300 -42.70 18.21 -17.47
N ALA D 301 -41.92 17.21 -17.06
CA ALA D 301 -40.51 17.13 -17.43
C ALA D 301 -40.31 17.67 -18.83
N PHE D 302 -40.95 17.06 -19.81
CA PHE D 302 -41.10 17.79 -21.06
C PHE D 302 -41.89 19.06 -20.85
N GLN D 303 -43.19 19.01 -21.15
CA GLN D 303 -44.03 20.20 -21.12
C GLN D 303 -43.20 21.45 -20.86
N GLN D 304 -42.79 21.60 -19.60
CA GLN D 304 -41.66 22.44 -19.21
C GLN D 304 -40.72 22.75 -20.37
N SER D 305 -39.52 22.19 -20.30
CA SER D 305 -38.45 22.50 -21.23
C SER D 305 -38.94 22.29 -22.65
N GLY D 306 -38.32 23.04 -23.56
CA GLY D 306 -38.64 22.94 -24.96
C GLY D 306 -37.80 21.90 -25.67
N ASN D 307 -38.00 20.64 -25.33
CA ASN D 307 -37.26 19.56 -25.96
C ASN D 307 -38.23 18.41 -26.22
N SER D 308 -38.02 17.65 -27.28
CA SER D 308 -39.03 16.66 -27.62
C SER D 308 -38.57 15.27 -27.23
N PRO D 309 -39.46 14.45 -26.71
CA PRO D 309 -39.16 13.03 -26.59
C PRO D 309 -38.92 12.45 -27.94
N MET D 310 -39.64 12.95 -28.94
CA MET D 310 -39.38 12.62 -30.33
C MET D 310 -38.03 11.99 -30.53
N GLY D 311 -36.96 12.74 -30.31
CA GLY D 311 -35.62 12.21 -30.53
C GLY D 311 -35.42 10.80 -30.05
N MET D 312 -36.16 10.37 -29.03
CA MET D 312 -35.96 9.05 -28.45
C MET D 312 -35.82 7.95 -29.47
N VAL D 313 -36.29 8.16 -30.68
CA VAL D 313 -36.19 7.19 -31.75
C VAL D 313 -34.78 7.25 -32.30
N LEU D 314 -34.49 6.40 -33.28
CA LEU D 314 -33.10 6.22 -33.66
C LEU D 314 -32.94 5.75 -35.11
N ASP D 315 -32.29 6.58 -35.92
CA ASP D 315 -31.76 6.17 -37.21
C ASP D 315 -30.49 6.93 -37.59
N ALA D 316 -30.27 8.11 -37.03
CA ALA D 316 -28.96 8.74 -37.08
C ALA D 316 -28.20 8.30 -35.83
N VAL D 317 -26.89 8.20 -35.92
CA VAL D 317 -26.07 7.72 -34.81
C VAL D 317 -24.68 8.32 -34.92
N PRO D 318 -23.95 8.45 -33.84
CA PRO D 318 -22.62 9.04 -33.89
C PRO D 318 -21.57 7.96 -33.91
N VAL D 319 -20.34 8.34 -33.57
CA VAL D 319 -19.27 7.36 -33.44
C VAL D 319 -18.16 7.90 -32.57
N ILE D 320 -17.52 7.01 -31.83
CA ILE D 320 -16.16 7.16 -31.34
C ILE D 320 -15.24 7.63 -32.45
N PRO D 321 -14.60 8.77 -32.31
CA PRO D 321 -13.46 9.09 -33.15
C PRO D 321 -12.38 8.02 -33.06
N PRO D 322 -11.32 8.14 -33.87
CA PRO D 322 -10.36 7.03 -33.98
C PRO D 322 -9.67 6.67 -32.70
N GLU D 323 -8.36 6.49 -32.72
CA GLU D 323 -7.60 6.71 -31.52
C GLU D 323 -8.25 6.06 -30.33
N LEU D 324 -9.37 6.62 -29.93
CA LEU D 324 -10.21 6.22 -28.83
C LEU D 324 -10.33 4.72 -28.71
N ARG D 325 -10.47 4.04 -29.83
CA ARG D 325 -10.74 2.61 -29.87
C ARG D 325 -9.55 1.92 -30.52
N PRO D 326 -8.36 2.21 -30.04
CA PRO D 326 -7.15 1.89 -30.80
C PRO D 326 -6.78 0.43 -30.66
N MET D 327 -6.31 -0.15 -31.77
CA MET D 327 -5.80 -1.51 -31.73
C MET D 327 -4.32 -1.48 -32.03
N VAL D 328 -3.64 -0.43 -31.57
CA VAL D 328 -2.21 -0.25 -31.74
C VAL D 328 -1.53 -1.61 -31.78
N GLN D 329 -0.46 -1.70 -32.56
CA GLN D 329 0.25 -2.96 -32.63
C GLN D 329 0.75 -3.30 -31.24
N LEU D 330 0.21 -4.37 -30.71
CA LEU D 330 0.93 -5.13 -29.73
C LEU D 330 2.18 -5.68 -30.40
N ASP D 331 3.35 -5.34 -29.89
CA ASP D 331 4.55 -5.93 -30.45
C ASP D 331 4.41 -7.44 -30.50
N GLY D 332 5.48 -8.12 -30.87
CA GLY D 332 5.32 -9.50 -31.24
C GLY D 332 4.29 -9.70 -32.33
N GLY D 333 4.11 -8.70 -33.19
CA GLY D 333 3.16 -8.77 -34.28
C GLY D 333 1.74 -8.81 -33.80
N ARG D 334 1.42 -8.01 -32.80
CA ARG D 334 0.17 -8.16 -32.09
C ARG D 334 -0.53 -6.82 -32.02
N PHE D 335 -1.80 -6.85 -31.63
CA PHE D 335 -2.67 -5.70 -31.81
C PHE D 335 -3.84 -5.86 -30.86
N ALA D 336 -4.46 -4.74 -30.48
CA ALA D 336 -5.52 -4.77 -29.50
C ALA D 336 -6.28 -3.46 -29.47
N THR D 337 -7.59 -3.52 -29.62
CA THR D 337 -8.42 -2.31 -29.65
C THR D 337 -9.75 -2.52 -28.95
N SER D 338 -10.71 -1.69 -29.35
CA SER D 338 -11.97 -1.51 -28.66
C SER D 338 -13.05 -2.37 -29.28
N ASP D 339 -12.69 -3.60 -29.58
CA ASP D 339 -13.61 -4.64 -30.01
C ASP D 339 -14.93 -4.10 -30.50
N LEU D 340 -15.95 -4.13 -29.65
CA LEU D 340 -16.97 -3.09 -29.62
C LEU D 340 -17.08 -2.37 -30.93
N ASN D 341 -16.06 -1.62 -31.29
CA ASN D 341 -15.82 -1.39 -32.70
C ASN D 341 -16.54 -2.47 -33.49
N ASP D 342 -16.18 -3.71 -33.23
CA ASP D 342 -17.01 -4.85 -33.57
C ASP D 342 -18.47 -4.47 -33.58
N LEU D 343 -19.01 -4.13 -32.42
CA LEU D 343 -20.40 -3.68 -32.36
C LEU D 343 -20.70 -2.88 -33.60
N TYR D 344 -20.09 -1.69 -33.68
CA TYR D 344 -20.11 -0.92 -34.91
C TYR D 344 -20.21 -1.85 -36.11
N ARG D 345 -19.05 -2.26 -36.63
CA ARG D 345 -18.96 -3.42 -37.52
C ARG D 345 -20.28 -4.12 -37.66
N ARG D 346 -20.34 -5.34 -37.13
CA ARG D 346 -21.61 -5.96 -36.80
C ARG D 346 -22.75 -5.20 -37.41
N VAL D 347 -23.15 -4.13 -36.76
CA VAL D 347 -24.04 -3.18 -37.35
C VAL D 347 -23.72 -2.98 -38.82
N ILE D 348 -22.63 -2.26 -39.08
CA ILE D 348 -22.17 -2.05 -40.44
C ILE D 348 -22.55 -3.24 -41.29
N ASN D 349 -22.14 -4.43 -40.86
CA ASN D 349 -22.50 -5.65 -41.55
C ASN D 349 -23.99 -5.68 -41.79
N ARG D 350 -24.72 -5.02 -40.90
CA ARG D 350 -26.15 -5.21 -40.88
C ARG D 350 -26.83 -4.14 -41.70
N ASN D 351 -26.87 -2.91 -41.21
CA ASN D 351 -27.44 -1.86 -42.03
C ASN D 351 -26.96 -2.04 -43.46
N ASN D 352 -25.66 -2.08 -43.65
CA ASN D 352 -25.18 -2.63 -44.90
C ASN D 352 -26.01 -3.83 -45.30
N ARG D 353 -26.22 -4.73 -44.37
CA ARG D 353 -26.95 -5.95 -44.69
C ARG D 353 -28.42 -5.64 -44.90
N LEU D 354 -29.26 -6.13 -43.97
CA LEU D 354 -30.71 -5.98 -44.09
C LEU D 354 -31.08 -4.68 -44.79
N LYS D 355 -30.34 -3.60 -44.54
CA LYS D 355 -30.40 -2.52 -45.49
C LYS D 355 -30.31 -3.06 -46.89
N ARG D 356 -29.08 -3.24 -47.36
CA ARG D 356 -28.82 -3.80 -48.66
C ARG D 356 -29.90 -4.77 -49.08
N LEU D 357 -30.44 -5.54 -48.14
CA LEU D 357 -31.71 -6.18 -48.42
C LEU D 357 -32.71 -5.19 -48.96
N ILE D 358 -33.43 -4.52 -48.05
CA ILE D 358 -34.40 -3.50 -48.41
C ILE D 358 -34.80 -3.65 -49.86
N ASP D 359 -34.68 -2.57 -50.63
CA ASP D 359 -34.03 -2.67 -51.92
C ASP D 359 -34.59 -3.87 -52.68
N LEU D 360 -34.01 -5.03 -52.39
CA LEU D 360 -34.57 -6.28 -52.83
C LEU D 360 -36.03 -6.38 -52.42
N GLY D 361 -36.30 -6.59 -51.14
CA GLY D 361 -37.64 -6.79 -50.65
C GLY D 361 -37.98 -8.26 -50.50
N ALA D 362 -38.87 -8.60 -49.58
CA ALA D 362 -39.21 -10.00 -49.32
C ALA D 362 -40.10 -10.05 -48.10
N PRO D 363 -40.40 -11.25 -47.62
CA PRO D 363 -41.18 -11.36 -46.37
C PRO D 363 -40.41 -10.80 -45.19
N GLU D 364 -40.00 -9.54 -45.34
CA GLU D 364 -39.65 -8.71 -44.20
C GLU D 364 -39.20 -9.48 -42.98
N ILE D 365 -40.10 -10.28 -42.41
CA ILE D 365 -39.78 -11.12 -41.27
C ILE D 365 -38.29 -11.14 -41.02
N ILE D 366 -37.57 -11.97 -41.75
CA ILE D 366 -36.33 -11.55 -42.36
C ILE D 366 -35.82 -10.26 -41.74
N VAL D 367 -36.21 -9.17 -42.35
CA VAL D 367 -35.78 -7.85 -41.91
C VAL D 367 -36.10 -7.67 -40.44
N ASN D 368 -37.39 -7.67 -40.10
CA ASN D 368 -37.75 -7.73 -38.69
C ASN D 368 -36.66 -8.45 -37.94
N ASN D 369 -36.58 -9.75 -38.21
CA ASN D 369 -35.57 -10.59 -37.62
C ASN D 369 -34.32 -9.80 -37.35
N GLU D 370 -33.54 -9.48 -38.38
CA GLU D 370 -32.43 -8.60 -38.11
C GLU D 370 -32.91 -7.36 -37.40
N LYS D 371 -33.11 -6.28 -38.15
CA LYS D 371 -33.83 -5.15 -37.59
C LYS D 371 -33.71 -5.13 -36.10
N ARG D 372 -34.72 -5.67 -35.44
CA ARG D 372 -34.63 -5.98 -34.03
C ARG D 372 -33.26 -6.53 -33.69
N MET D 373 -32.94 -7.71 -34.21
CA MET D 373 -31.56 -8.20 -34.15
C MET D 373 -30.58 -7.05 -34.11
N LEU D 374 -30.68 -6.14 -35.07
CA LEU D 374 -29.86 -4.96 -34.96
C LEU D 374 -30.07 -4.29 -33.63
N GLN D 375 -31.00 -3.32 -33.61
CA GLN D 375 -31.50 -2.80 -32.34
C GLN D 375 -30.75 -3.41 -31.19
N GLU D 376 -31.24 -4.54 -30.72
CA GLU D 376 -30.44 -5.52 -30.00
C GLU D 376 -28.95 -5.22 -30.10
N SER D 377 -28.25 -5.95 -30.96
CA SER D 377 -26.85 -5.68 -31.24
C SER D 377 -26.47 -4.27 -30.85
N VAL D 378 -27.25 -3.30 -31.27
CA VAL D 378 -27.00 -1.94 -30.83
C VAL D 378 -26.92 -1.89 -29.33
N ASP D 379 -28.07 -1.69 -28.70
CA ASP D 379 -28.26 -2.06 -27.31
C ASP D 379 -27.01 -2.69 -26.73
N ALA D 380 -26.71 -3.91 -27.16
CA ALA D 380 -25.38 -4.45 -26.93
C ALA D 380 -24.37 -3.33 -26.90
N LEU D 381 -24.19 -2.65 -28.03
CA LEU D 381 -23.49 -1.37 -28.01
C LEU D 381 -23.76 -0.66 -26.70
N PHE D 382 -24.99 -0.21 -26.50
CA PHE D 382 -25.34 0.33 -25.20
C PHE D 382 -24.70 -0.50 -24.11
N ASP D 383 -25.29 -1.64 -23.81
CA ASP D 383 -24.68 -2.62 -22.93
C ASP D 383 -25.04 -4.00 -23.47
N ASN D 384 -24.39 -5.02 -22.91
CA ASN D 384 -24.52 -6.38 -23.40
C ASN D 384 -25.73 -7.05 -22.78
N GLY D 385 -25.52 -8.25 -22.26
CA GLY D 385 -26.54 -9.02 -21.62
C GLY D 385 -27.38 -8.27 -20.62
N ARG D 386 -27.04 -7.01 -20.32
CA ARG D 386 -28.00 -6.10 -19.70
C ARG D 386 -29.41 -6.53 -20.06
N ARG D 387 -29.66 -6.73 -21.34
CA ARG D 387 -30.77 -7.53 -21.81
C ARG D 387 -30.23 -8.90 -22.16
N GLY D 388 -30.97 -9.94 -21.79
CA GLY D 388 -30.66 -11.30 -22.18
C GLY D 388 -29.20 -11.71 -22.15
N ARG D 389 -28.88 -12.78 -22.89
CA ARG D 389 -27.54 -13.34 -22.90
C ARG D 389 -26.53 -12.29 -23.32
N PRO D 390 -25.76 -11.79 -22.39
CA PRO D 390 -24.64 -10.93 -22.76
C PRO D 390 -23.68 -11.66 -23.68
N VAL D 391 -23.41 -11.04 -24.83
CA VAL D 391 -22.33 -11.52 -25.68
C VAL D 391 -21.05 -11.58 -24.88
N THR D 392 -20.22 -12.56 -25.21
CA THR D 392 -18.96 -12.75 -24.53
C THR D 392 -17.94 -13.29 -25.53
N GLY D 393 -16.84 -12.58 -25.64
CA GLY D 393 -15.76 -13.04 -26.48
C GLY D 393 -15.43 -14.47 -26.11
N PRO D 394 -14.67 -15.15 -26.96
CA PRO D 394 -14.23 -16.50 -26.61
C PRO D 394 -13.67 -16.52 -25.21
N GLY D 395 -13.44 -17.71 -24.68
CA GLY D 395 -13.48 -17.84 -23.26
C GLY D 395 -14.74 -17.24 -22.70
N ASN D 396 -15.81 -17.23 -23.49
CA ASN D 396 -17.05 -16.56 -23.13
C ASN D 396 -16.76 -15.25 -22.42
N ARG D 397 -15.76 -14.55 -22.93
CA ARG D 397 -15.49 -13.32 -22.22
C ARG D 397 -16.52 -12.31 -22.67
N PRO D 398 -17.49 -11.99 -21.82
CA PRO D 398 -18.41 -10.92 -22.16
C PRO D 398 -17.62 -9.67 -22.40
N LEU D 399 -18.25 -8.66 -22.97
CA LEU D 399 -17.46 -7.59 -23.54
C LEU D 399 -17.90 -6.24 -22.99
N LYS D 400 -17.03 -5.25 -23.14
CA LYS D 400 -17.21 -3.97 -22.49
C LYS D 400 -18.28 -3.20 -23.23
N SER D 401 -19.26 -2.70 -22.49
CA SER D 401 -20.39 -2.00 -23.09
C SER D 401 -20.08 -0.51 -23.22
N LEU D 402 -20.91 0.21 -23.96
CA LEU D 402 -20.90 1.66 -23.85
C LEU D 402 -20.78 2.04 -22.39
N SER D 403 -21.90 2.42 -21.79
CA SER D 403 -22.20 1.94 -20.45
C SER D 403 -20.99 2.03 -19.53
N ASP D 404 -19.92 1.33 -19.87
CA ASP D 404 -18.82 1.13 -18.96
C ASP D 404 -18.11 2.42 -18.61
N LEU D 405 -16.84 2.53 -18.96
CA LEU D 405 -16.29 3.86 -19.09
C LEU D 405 -16.07 4.53 -17.75
N LEU D 406 -16.76 5.61 -17.47
CA LEU D 406 -16.91 6.00 -16.08
C LEU D 406 -17.77 5.03 -15.31
N LYS D 407 -18.24 3.97 -15.95
CA LYS D 407 -18.84 2.88 -15.21
C LYS D 407 -17.75 1.87 -14.87
N GLY D 408 -18.01 1.06 -13.85
CA GLY D 408 -17.01 0.16 -13.31
C GLY D 408 -15.86 0.94 -12.73
N LYS D 409 -15.16 0.35 -11.77
CA LYS D 409 -13.91 0.88 -11.24
C LYS D 409 -13.31 1.95 -12.12
N GLN D 410 -13.31 1.77 -13.42
CA GLN D 410 -12.75 2.76 -14.30
C GLN D 410 -13.67 3.95 -14.47
N GLY D 411 -14.68 4.09 -13.61
CA GLY D 411 -15.36 5.34 -13.50
C GLY D 411 -14.34 6.46 -13.50
N ARG D 412 -14.18 7.06 -14.68
CA ARG D 412 -13.38 8.28 -14.72
C ARG D 412 -13.78 9.18 -13.58
N PHE D 413 -15.03 9.10 -13.15
CA PHE D 413 -15.32 9.22 -11.73
C PHE D 413 -14.17 8.72 -10.89
N ARG D 414 -14.43 7.60 -10.21
CA ARG D 414 -13.45 6.78 -9.52
C ARG D 414 -12.03 7.09 -9.96
N GLN D 415 -11.76 6.93 -11.25
CA GLN D 415 -10.55 7.46 -11.88
C GLN D 415 -9.83 8.45 -10.98
N ASN D 416 -10.14 9.73 -11.12
CA ASN D 416 -9.48 10.73 -10.31
C ASN D 416 -9.29 10.28 -8.87
N LEU D 417 -10.38 10.08 -8.15
CA LEU D 417 -10.31 9.79 -6.73
C LEU D 417 -9.47 8.57 -6.41
N LEU D 418 -8.16 8.62 -6.59
CA LEU D 418 -7.38 7.41 -6.46
C LEU D 418 -5.89 7.63 -6.18
N GLY D 419 -5.42 8.87 -6.14
CA GLY D 419 -3.98 9.07 -5.99
C GLY D 419 -3.25 8.37 -7.12
N LYS D 420 -1.93 8.28 -7.05
CA LYS D 420 -1.21 7.66 -8.15
C LYS D 420 0.27 7.98 -8.04
N ARG D 421 1.06 7.37 -8.91
CA ARG D 421 2.49 7.60 -8.90
C ARG D 421 2.87 8.73 -9.84
N VAL D 422 3.88 9.50 -9.42
CA VAL D 422 4.35 10.65 -10.17
C VAL D 422 5.81 10.91 -9.84
N ASP D 423 6.40 11.86 -10.56
CA ASP D 423 7.84 12.07 -10.57
C ASP D 423 8.36 12.49 -9.20
N TYR D 424 9.61 12.15 -8.94
CA TYR D 424 10.38 12.74 -7.85
C TYR D 424 9.78 12.33 -6.51
N SER D 425 9.80 11.02 -6.27
CA SER D 425 9.10 10.42 -5.14
C SER D 425 10.06 10.22 -3.98
N GLY D 426 10.20 11.27 -3.18
CA GLY D 426 11.04 11.20 -2.02
C GLY D 426 10.46 10.24 -1.01
N ARG D 427 10.90 8.98 -1.10
CA ARG D 427 10.42 8.00 -0.14
C ARG D 427 11.60 7.16 0.31
N SER D 428 11.80 7.13 1.62
CA SER D 428 12.88 6.39 2.24
C SER D 428 12.75 6.48 3.74
N VAL D 429 13.44 5.60 4.42
CA VAL D 429 13.55 5.75 5.83
C VAL D 429 14.39 7.00 6.11
N ILE D 430 14.81 7.12 7.33
CA ILE D 430 14.79 8.40 7.99
C ILE D 430 15.56 8.36 9.29
N VAL D 431 15.90 9.53 9.77
CA VAL D 431 16.37 9.74 11.12
C VAL D 431 16.06 11.19 11.48
N VAL D 432 16.12 11.49 12.76
CA VAL D 432 16.08 12.86 13.22
C VAL D 432 17.43 13.47 12.87
N GLY D 433 17.78 14.54 13.58
CA GLY D 433 19.04 15.21 13.37
C GLY D 433 19.27 16.27 14.41
N PRO D 434 19.42 15.82 15.65
CA PRO D 434 19.37 16.73 16.80
C PRO D 434 19.60 18.20 16.46
N GLN D 435 20.84 18.55 16.12
CA GLN D 435 21.09 19.73 15.32
C GLN D 435 19.92 20.13 14.45
N LEU D 436 18.86 20.67 15.03
CA LEU D 436 17.62 20.82 14.28
C LEU D 436 17.16 22.27 14.27
N LYS D 437 16.33 22.58 13.28
CA LYS D 437 15.74 23.90 13.14
C LYS D 437 14.52 23.82 12.25
N LEU D 438 13.39 23.56 12.88
CA LEU D 438 12.14 23.64 12.15
C LEU D 438 12.29 23.15 10.72
N HIS D 439 11.60 23.78 9.77
CA HIS D 439 12.01 23.84 8.37
C HIS D 439 13.14 22.89 7.99
N GLN D 440 14.20 22.82 8.80
CA GLN D 440 15.32 21.94 8.55
C GLN D 440 14.80 20.56 8.19
N CYS D 441 15.69 19.72 7.64
CA CYS D 441 15.31 18.35 7.31
C CYS D 441 16.46 17.61 6.62
N GLY D 442 16.35 16.28 6.63
CA GLY D 442 17.41 15.44 6.10
C GLY D 442 17.72 15.73 4.66
N LEU D 443 18.77 15.10 4.14
CA LEU D 443 19.05 15.45 2.75
C LEU D 443 20.01 14.46 2.10
N PRO D 444 19.57 13.23 1.84
CA PRO D 444 20.44 12.23 1.19
C PRO D 444 20.95 12.60 -0.19
N LYS D 445 21.07 13.91 -0.43
CA LYS D 445 21.77 14.37 -1.60
C LYS D 445 21.50 13.55 -2.84
N LEU D 446 22.31 12.51 -3.10
CA LEU D 446 22.25 11.85 -4.39
C LEU D 446 20.82 11.55 -4.78
N MET D 447 19.97 11.47 -3.77
CA MET D 447 18.60 11.95 -3.82
C MET D 447 18.32 12.97 -4.93
N ALA D 448 17.43 13.93 -4.66
CA ALA D 448 17.02 14.87 -5.69
C ALA D 448 18.22 15.52 -6.33
N LEU D 449 19.34 15.54 -5.61
CA LEU D 449 20.60 15.45 -6.32
C LEU D 449 20.40 14.83 -7.66
N GLU D 450 20.33 13.52 -7.71
CA GLU D 450 19.59 12.88 -8.77
C GLU D 450 18.48 13.79 -9.28
N LEU D 451 17.47 14.00 -8.46
CA LEU D 451 16.24 14.54 -8.99
C LEU D 451 16.45 15.96 -9.49
N PHE D 452 16.68 16.89 -8.57
CA PHE D 452 16.67 18.32 -8.82
C PHE D 452 17.21 18.70 -10.17
N LYS D 453 18.50 18.54 -10.39
CA LYS D 453 18.96 18.35 -11.76
C LYS D 453 18.21 19.24 -12.74
N PRO D 454 17.16 18.77 -13.42
CA PRO D 454 16.55 19.60 -14.46
C PRO D 454 16.69 21.07 -14.23
N PHE D 455 16.57 21.50 -12.98
CA PHE D 455 16.94 22.86 -12.64
C PHE D 455 18.25 23.24 -13.28
N VAL D 456 19.33 23.10 -12.52
CA VAL D 456 20.65 23.31 -13.07
C VAL D 456 20.70 22.86 -14.50
N MET D 457 20.14 21.68 -14.77
CA MET D 457 20.02 21.24 -16.15
C MET D 457 19.78 22.43 -17.06
N LYS D 458 18.94 23.36 -16.63
CA LYS D 458 18.90 24.64 -17.33
C LYS D 458 20.01 25.55 -16.83
N ARG D 459 20.36 25.43 -15.56
CA ARG D 459 21.51 26.19 -15.11
C ARG D 459 22.79 25.72 -15.77
N LEU D 460 23.67 25.03 -15.06
CA LEU D 460 24.84 24.43 -15.68
C LEU D 460 25.51 25.33 -16.69
N VAL D 461 25.72 24.83 -17.91
CA VAL D 461 26.27 25.61 -19.01
C VAL D 461 26.00 27.10 -18.85
N ASP D 462 25.02 27.50 -18.02
CA ASP D 462 24.97 28.91 -17.65
C ASP D 462 26.33 29.32 -17.10
N LEU D 463 26.97 28.40 -16.38
CA LEU D 463 28.41 28.35 -16.35
C LEU D 463 28.82 27.45 -17.49
N ASN D 464 29.01 28.05 -18.65
CA ASN D 464 29.07 27.34 -19.92
C ASN D 464 30.11 26.25 -19.88
N HIS D 465 29.83 25.22 -19.12
CA HIS D 465 30.83 24.19 -18.93
C HIS D 465 30.39 22.88 -19.52
N ALA D 466 29.08 22.72 -19.72
CA ALA D 466 28.58 21.73 -20.65
C ALA D 466 28.18 22.46 -21.92
N GLN D 467 27.74 21.69 -22.91
CA GLN D 467 27.20 22.30 -24.13
C GLN D 467 25.69 22.39 -24.06
N ASN D 468 24.99 21.47 -24.71
CA ASN D 468 23.55 21.41 -24.59
C ASN D 468 23.23 21.09 -23.14
N ILE D 469 22.47 20.02 -22.97
CA ILE D 469 22.35 19.41 -21.65
C ILE D 469 22.83 17.98 -21.70
N LYS D 470 22.43 17.23 -22.72
CA LYS D 470 23.13 15.98 -23.00
C LYS D 470 24.59 16.13 -22.68
N SER D 471 25.19 17.18 -23.22
CA SER D 471 26.35 17.75 -22.59
C SER D 471 26.34 17.50 -21.10
N ALA D 472 25.71 18.39 -20.34
CA ALA D 472 25.62 18.21 -18.89
C ALA D 472 25.03 16.86 -18.57
N LYS D 473 23.80 16.84 -18.08
CA LYS D 473 22.94 15.69 -18.34
C LYS D 473 23.74 14.42 -18.47
N ARG D 474 23.99 14.01 -19.71
CA ARG D 474 24.98 12.99 -19.96
C ARG D 474 26.12 13.07 -18.95
N MET D 475 26.64 14.27 -18.72
CA MET D 475 27.55 14.42 -17.60
C MET D 475 26.85 14.10 -16.28
N VAL D 476 25.56 14.38 -16.19
CA VAL D 476 24.84 13.88 -15.02
C VAL D 476 25.17 12.42 -14.82
N GLU D 477 25.35 11.69 -15.92
CA GLU D 477 26.03 10.42 -15.87
C GLU D 477 27.45 10.59 -15.37
N ARG D 478 28.19 11.53 -15.97
CA ARG D 478 29.52 11.80 -15.45
C ARG D 478 29.50 12.06 -13.97
N GLN D 479 28.53 12.83 -13.48
CA GLN D 479 28.37 12.93 -12.04
C GLN D 479 29.61 13.61 -11.46
N ARG D 480 29.65 14.91 -11.60
CA ARG D 480 30.95 15.53 -11.60
C ARG D 480 31.09 16.56 -10.51
N PRO D 481 32.18 16.48 -9.75
CA PRO D 481 32.37 17.36 -8.59
C PRO D 481 31.73 18.72 -8.76
N GLN D 482 31.86 19.30 -9.94
CA GLN D 482 31.18 20.52 -10.28
C GLN D 482 29.71 20.45 -9.88
N VAL D 483 29.08 19.31 -10.14
CA VAL D 483 27.66 19.14 -9.81
C VAL D 483 27.39 19.57 -8.39
N TRP D 484 28.05 18.92 -7.44
CA TRP D 484 27.88 19.18 -6.03
C TRP D 484 27.85 20.66 -5.78
N ASP D 485 28.50 21.42 -6.65
CA ASP D 485 28.64 22.83 -6.47
C ASP D 485 27.32 23.56 -6.66
N VAL D 486 27.23 24.43 -7.65
CA VAL D 486 25.99 25.17 -7.90
C VAL D 486 24.78 24.31 -7.59
N LEU D 487 24.89 23.01 -7.85
CA LEU D 487 24.12 22.08 -7.05
C LEU D 487 23.71 22.76 -5.75
N GLU D 488 24.70 23.08 -4.94
CA GLU D 488 24.56 24.09 -3.91
C GLU D 488 23.57 25.18 -4.29
N GLU D 489 23.88 25.97 -5.32
CA GLU D 489 22.97 27.06 -5.61
C GLU D 489 21.53 26.61 -5.63
N VAL D 490 21.10 25.98 -6.71
CA VAL D 490 19.76 25.44 -6.78
C VAL D 490 19.27 25.04 -5.41
N ILE D 491 20.12 24.37 -4.64
CA ILE D 491 19.81 24.11 -3.25
C ILE D 491 19.24 25.34 -2.60
N ALA D 492 19.48 26.51 -3.18
CA ALA D 492 18.83 27.73 -2.74
C ALA D 492 17.47 27.45 -2.14
N GLU D 493 17.19 28.11 -1.02
CA GLU D 493 16.01 27.84 -0.20
C GLU D 493 14.85 27.34 -1.04
N HIS D 494 14.77 26.04 -1.18
CA HIS D 494 13.69 25.41 -1.91
C HIS D 494 12.90 24.51 -0.96
N PRO D 495 11.59 24.67 -0.94
CA PRO D 495 10.75 23.83 -0.09
C PRO D 495 10.91 22.36 -0.42
N VAL D 496 10.00 21.54 0.11
CA VAL D 496 10.09 20.10 -0.05
C VAL D 496 8.73 19.45 0.13
N LEU D 497 8.49 18.35 -0.57
CA LEU D 497 7.25 17.59 -0.42
C LEU D 497 7.54 16.40 0.48
N LEU D 498 6.56 15.99 1.28
CA LEU D 498 6.86 15.10 2.40
C LEU D 498 5.64 14.33 2.87
N ASN D 499 5.80 13.03 3.06
CA ASN D 499 4.88 12.29 3.90
C ASN D 499 5.41 10.90 4.14
N ARG D 500 4.90 10.28 5.19
CA ARG D 500 4.84 8.85 5.31
C ARG D 500 3.38 8.46 5.46
N ALA D 501 2.83 7.81 4.46
CA ALA D 501 1.47 7.53 4.91
C ALA D 501 1.50 6.44 5.98
N PRO D 502 0.36 6.11 6.61
CA PRO D 502 -0.99 6.48 6.19
C PRO D 502 -1.27 7.93 6.35
N THR D 503 -2.54 8.24 6.60
CA THR D 503 -2.98 9.60 6.83
C THR D 503 -3.84 9.62 8.08
N LEU D 504 -3.78 10.74 8.79
CA LEU D 504 -4.72 10.99 9.87
C LEU D 504 -5.33 12.35 9.72
N HIS D 505 -4.70 13.20 8.91
CA HIS D 505 -5.06 14.59 8.89
C HIS D 505 -3.93 15.44 8.34
N ARG D 506 -4.37 16.52 7.71
CA ARG D 506 -3.54 17.56 7.13
C ARG D 506 -2.15 17.61 7.74
N LEU D 507 -2.07 17.66 9.05
CA LEU D 507 -0.78 17.75 9.69
C LEU D 507 0.23 16.83 9.03
N GLY D 508 0.11 15.52 9.28
CA GLY D 508 1.10 14.52 8.89
C GLY D 508 1.96 14.73 7.66
N ILE D 509 2.23 15.97 7.30
CA ILE D 509 3.01 16.30 6.13
C ILE D 509 3.32 17.77 6.18
N GLN D 510 4.44 18.17 5.59
CA GLN D 510 4.74 19.57 5.33
C GLN D 510 5.85 19.68 4.32
N ALA D 511 6.28 20.91 4.11
CA ALA D 511 7.41 21.22 3.26
C ALA D 511 8.46 21.92 4.08
N PHE D 512 9.70 21.91 3.59
CA PHE D 512 10.85 22.24 4.41
C PHE D 512 12.06 22.51 3.55
N GLU D 513 13.14 22.88 4.24
CA GLU D 513 14.42 23.01 3.60
C GLU D 513 15.40 22.10 4.33
N PRO D 514 16.20 21.33 3.63
CA PRO D 514 17.14 20.44 4.32
C PRO D 514 18.54 20.98 4.20
N MET D 515 19.40 20.12 3.66
CA MET D 515 20.79 20.44 3.37
C MET D 515 21.55 19.13 3.31
N LEU D 516 22.19 18.88 2.18
CA LEU D 516 22.54 17.53 1.77
C LEU D 516 23.42 16.86 2.81
N VAL D 517 23.19 15.57 2.99
CA VAL D 517 24.07 14.76 3.81
C VAL D 517 24.02 13.34 3.25
N GLU D 518 24.89 12.50 3.75
CA GLU D 518 25.12 11.22 3.11
C GLU D 518 24.06 10.22 3.54
N GLY D 519 24.51 9.17 4.23
CA GLY D 519 23.63 8.09 4.60
C GLY D 519 22.68 7.76 3.47
N LYS D 520 21.46 7.38 3.84
CA LYS D 520 20.48 7.08 2.81
C LYS D 520 19.05 7.17 3.34
N ALA D 521 18.86 6.94 4.64
CA ALA D 521 17.56 7.15 5.26
C ALA D 521 17.18 8.60 5.11
N ILE D 522 16.97 9.27 6.24
CA ILE D 522 16.46 10.62 6.24
C ILE D 522 16.79 11.25 7.58
N GLN D 523 16.88 12.56 7.57
CA GLN D 523 17.37 13.30 8.73
C GLN D 523 16.28 14.23 9.21
N LEU D 524 15.89 14.09 10.47
CA LEU D 524 14.67 14.75 10.95
C LEU D 524 14.85 15.44 12.29
N HIS D 525 13.74 15.84 12.83
CA HIS D 525 13.41 16.43 14.09
C HIS D 525 12.60 15.45 14.92
N PRO D 526 12.60 15.62 16.23
CA PRO D 526 11.59 14.94 17.05
C PRO D 526 10.19 15.35 16.71
N LEU D 527 9.46 15.93 17.68
CA LEU D 527 8.07 16.36 17.53
C LEU D 527 7.55 16.22 16.12
N VAL D 528 8.28 16.73 15.13
CA VAL D 528 7.95 16.51 13.74
C VAL D 528 7.60 15.05 13.61
N CYS D 529 8.28 14.22 14.40
CA CYS D 529 7.92 12.82 14.57
C CYS D 529 6.48 12.62 15.03
N GLU D 530 6.28 11.85 16.09
CA GLU D 530 5.09 11.93 16.93
C GLU D 530 3.94 12.63 16.22
N ALA D 531 3.95 13.96 16.24
CA ALA D 531 3.11 14.71 15.34
C ALA D 531 2.93 13.95 14.04
N PHE D 532 3.98 13.91 13.25
CA PHE D 532 3.95 13.02 12.10
C PHE D 532 4.24 11.60 12.50
N ASN D 533 4.06 11.30 13.78
CA ASN D 533 3.97 9.95 14.28
C ASN D 533 5.17 9.11 13.95
N ALA D 534 5.17 8.48 12.78
CA ALA D 534 6.10 7.44 12.39
C ALA D 534 7.33 7.40 13.30
N ASP D 535 7.63 6.22 13.81
CA ASP D 535 8.72 6.02 14.73
C ASP D 535 9.83 5.25 14.06
N PHE D 536 11.06 5.48 14.51
CA PHE D 536 12.21 4.84 13.90
C PHE D 536 12.28 3.35 14.21
N ASP D 537 11.13 2.71 14.33
CA ASP D 537 11.03 1.26 14.32
C ASP D 537 11.69 0.64 13.11
N GLY D 538 12.04 1.46 12.12
CA GLY D 538 12.31 0.98 10.80
C GLY D 538 11.15 1.35 9.92
N ASP D 539 11.23 2.50 9.27
CA ASP D 539 10.15 2.97 8.43
C ASP D 539 10.69 3.74 7.22
N GLN D 540 9.92 4.74 6.81
CA GLN D 540 10.34 5.65 5.76
C GLN D 540 9.47 6.88 5.76
N MET D 541 9.34 7.45 4.56
CA MET D 541 8.29 8.39 4.23
C MET D 541 8.15 8.50 2.74
N ALA D 542 7.40 9.53 2.36
CA ALA D 542 7.21 9.95 0.99
C ALA D 542 7.44 11.45 0.93
N VAL D 543 7.85 11.91 -0.23
CA VAL D 543 8.39 13.25 -0.39
C VAL D 543 8.50 13.52 -1.88
N HIS D 544 8.32 14.78 -2.25
CA HIS D 544 8.35 15.17 -3.63
C HIS D 544 8.80 16.60 -3.79
N LEU D 545 8.65 17.09 -5.00
CA LEU D 545 9.21 18.36 -5.38
C LEU D 545 8.19 19.47 -5.25
N PRO D 546 8.26 20.27 -4.20
CA PRO D 546 7.76 21.62 -4.29
C PRO D 546 8.07 22.19 -5.66
N LEU D 547 7.05 22.76 -6.29
CA LEU D 547 7.16 23.17 -7.68
C LEU D 547 6.73 24.60 -7.90
N SER D 548 5.58 24.82 -8.53
CA SER D 548 5.08 26.17 -8.69
C SER D 548 5.32 26.92 -7.39
N ALA D 549 6.31 27.80 -7.41
CA ALA D 549 6.38 28.76 -6.33
C ALA D 549 4.98 29.22 -5.96
N GLU D 550 4.12 29.38 -6.96
CA GLU D 550 2.70 29.22 -6.70
C GLU D 550 2.52 28.32 -5.51
N ALA D 551 2.72 27.03 -5.71
CA ALA D 551 2.80 26.13 -4.59
C ALA D 551 3.83 26.61 -3.60
N GLN D 552 5.11 26.38 -3.90
CA GLN D 552 6.12 26.44 -2.86
C GLN D 552 5.85 27.56 -1.87
N ALA D 553 5.82 28.80 -2.36
CA ALA D 553 4.94 29.80 -1.77
C ALA D 553 3.88 29.15 -0.90
N GLU D 554 2.80 28.68 -1.52
CA GLU D 554 1.80 27.90 -0.81
C GLU D 554 2.39 27.28 0.44
N ALA D 555 3.37 26.42 0.25
CA ALA D 555 4.00 25.79 1.40
C ALA D 555 4.38 26.81 2.44
N ARG D 556 5.44 27.56 2.20
CA ARG D 556 5.91 28.49 3.20
C ARG D 556 4.76 29.18 3.87
N ILE D 557 3.77 29.57 3.11
CA ILE D 557 2.47 29.90 3.63
C ILE D 557 2.00 28.82 4.59
N LEU D 558 1.99 27.58 4.13
CA LEU D 558 1.24 26.52 4.76
C LEU D 558 2.11 25.64 5.64
N MET D 559 2.10 24.33 5.39
CA MET D 559 2.85 23.35 6.17
C MET D 559 4.23 23.83 6.55
N LEU D 560 4.57 25.07 6.19
CA LEU D 560 5.73 25.74 6.70
C LEU D 560 6.01 25.32 8.14
N SER D 561 6.59 24.11 8.28
CA SER D 561 7.25 23.70 9.50
C SER D 561 6.78 24.51 10.69
N SER D 562 7.36 25.68 10.86
CA SER D 562 6.79 26.73 11.69
C SER D 562 5.29 26.67 11.76
N ASN D 563 4.61 27.38 10.84
CA ASN D 563 3.17 27.51 10.81
C ASN D 563 2.46 26.49 11.65
N ASN D 564 3.07 25.33 11.77
CA ASN D 564 2.46 24.09 12.16
C ASN D 564 2.68 24.00 13.66
N ILE D 565 1.59 23.84 14.41
CA ILE D 565 1.57 24.26 15.79
C ILE D 565 0.84 23.27 16.69
N LEU D 566 -0.45 23.47 16.88
CA LEU D 566 -1.17 22.79 17.94
C LEU D 566 -2.30 21.94 17.39
N SER D 567 -3.43 21.93 18.10
CA SER D 567 -4.40 20.86 17.90
C SER D 567 -5.47 21.28 16.91
N PRO D 568 -5.11 21.82 15.74
CA PRO D 568 -6.06 22.64 14.98
C PRO D 568 -7.46 22.09 15.03
N ALA D 569 -7.62 20.78 14.89
CA ALA D 569 -8.83 20.14 15.34
C ALA D 569 -9.20 20.61 16.74
N SER D 570 -8.77 19.88 17.75
CA SER D 570 -8.88 20.35 19.13
C SER D 570 -8.01 21.56 19.40
N GLY D 571 -7.68 22.36 18.38
CA GLY D 571 -6.91 23.57 18.51
C GLY D 571 -5.76 23.52 19.49
N ARG D 572 -6.02 23.13 20.74
CA ARG D 572 -5.06 23.24 21.82
C ARG D 572 -3.66 22.84 21.38
N PRO D 573 -2.67 23.08 22.22
CA PRO D 573 -1.28 22.97 21.77
C PRO D 573 -0.96 21.58 21.27
N LEU D 574 0.22 21.48 20.68
CA LEU D 574 0.76 20.23 20.17
C LEU D 574 2.22 20.02 20.44
N ALA D 575 2.96 19.48 19.49
CA ALA D 575 4.34 19.08 19.65
C ALA D 575 5.03 19.74 20.83
N MET D 576 4.73 19.32 22.04
CA MET D 576 5.57 19.73 23.14
C MET D 576 6.71 18.72 23.30
N PRO D 577 7.84 19.14 23.80
CA PRO D 577 8.86 18.19 24.23
C PRO D 577 8.26 17.11 25.10
N ARG D 578 9.03 16.12 25.48
CA ARG D 578 8.38 14.94 25.97
C ARG D 578 9.40 14.05 26.66
N LEU D 579 8.92 12.90 27.13
CA LEU D 579 9.73 11.76 27.52
C LEU D 579 11.09 12.18 28.02
N ASP D 580 12.10 11.57 27.45
CA ASP D 580 13.46 12.01 27.63
C ASP D 580 13.51 13.53 27.74
N MET D 581 13.62 14.23 26.61
CA MET D 581 13.40 15.66 26.58
C MET D 581 12.77 16.14 27.87
N VAL D 582 11.48 15.92 28.03
CA VAL D 582 10.85 16.20 29.29
C VAL D 582 11.65 15.61 30.43
N THR D 583 11.58 14.30 30.60
CA THR D 583 12.15 13.73 31.79
C THR D 583 13.36 14.50 32.26
N GLY D 584 14.38 14.63 31.42
CA GLY D 584 15.44 15.57 31.69
C GLY D 584 14.88 16.87 32.23
N LEU D 585 13.85 17.39 31.58
CA LEU D 585 13.11 18.45 32.23
C LEU D 585 12.91 18.10 33.68
N TYR D 586 12.03 17.13 33.95
CA TYR D 586 11.72 16.81 35.33
C TYR D 586 12.95 16.92 36.20
N TYR D 587 13.85 15.95 36.05
CA TYR D 587 15.16 15.98 36.69
C TYR D 587 15.61 17.38 37.01
N LEU D 588 15.90 18.19 36.00
CA LEU D 588 16.22 19.55 36.34
C LEU D 588 15.08 20.21 37.08
N THR D 589 14.07 20.69 36.37
CA THR D 589 12.81 21.09 36.94
C THR D 589 12.61 20.51 38.32
N THR D 590 12.87 19.22 38.48
CA THR D 590 12.66 18.62 39.77
C THR D 590 13.79 18.99 40.72
N GLU D 591 13.38 19.53 41.86
CA GLU D 591 14.25 19.93 42.95
C GLU D 591 15.34 18.91 43.24
N VAL D 592 16.22 19.26 44.17
CA VAL D 592 17.09 18.30 44.84
C VAL D 592 17.36 18.84 46.23
N PRO D 593 16.44 18.69 47.18
CA PRO D 593 16.70 19.13 48.55
C PRO D 593 17.83 18.32 49.17
N GLY D 594 18.08 18.57 50.46
CA GLY D 594 19.18 17.90 51.14
C GLY D 594 20.48 17.85 50.36
N ASP D 595 20.97 18.98 49.89
CA ASP D 595 21.97 19.01 48.85
C ASP D 595 23.28 19.61 49.36
N THR D 596 24.33 19.39 48.58
CA THR D 596 25.55 20.16 48.73
C THR D 596 25.21 21.64 48.71
N GLY D 597 26.11 22.45 49.25
CA GLY D 597 25.90 23.89 49.27
C GLY D 597 24.52 24.32 49.72
N GLU D 598 23.51 23.48 49.48
CA GLU D 598 22.12 23.67 49.86
C GLU D 598 21.98 24.83 50.83
N TYR D 599 21.11 25.78 50.48
CA TYR D 599 21.04 27.04 51.19
C TYR D 599 21.24 26.81 52.67
N GLN D 600 22.00 27.67 53.29
CA GLN D 600 22.27 27.38 54.68
C GLN D 600 21.75 28.46 55.62
N PRO D 601 20.51 28.41 56.00
CA PRO D 601 20.02 29.42 56.92
C PRO D 601 20.71 29.32 58.27
N ALA D 602 22.04 29.32 58.27
CA ALA D 602 22.82 29.06 59.48
C ALA D 602 23.58 30.30 59.90
N SER D 603 22.89 31.43 60.01
CA SER D 603 23.53 32.60 60.57
C SER D 603 23.76 32.39 62.06
N GLY D 604 23.61 33.47 62.83
CA GLY D 604 23.73 33.38 64.28
C GLY D 604 25.11 33.00 64.76
N ASP D 605 25.88 32.38 63.87
CA ASP D 605 27.27 32.07 64.11
C ASP D 605 28.15 32.53 62.96
N HIS D 606 27.70 33.49 62.19
CA HIS D 606 28.22 33.90 60.90
C HIS D 606 27.00 33.94 59.99
N PRO D 607 27.16 34.10 58.69
CA PRO D 607 25.99 34.20 57.81
C PRO D 607 25.22 32.91 57.66
N GLU D 608 24.31 32.87 56.68
CA GLU D 608 23.61 31.63 56.36
C GLU D 608 24.12 31.03 55.07
N THR D 609 24.12 31.82 53.99
CA THR D 609 24.66 31.39 52.70
C THR D 609 23.67 30.53 51.93
N GLY D 610 23.64 30.73 50.61
CA GLY D 610 22.60 30.23 49.74
C GLY D 610 22.03 31.44 49.04
N VAL D 611 22.33 32.60 49.59
CA VAL D 611 21.93 33.89 49.05
C VAL D 611 23.02 34.35 48.09
N TYR D 612 22.63 34.76 46.89
CA TYR D 612 23.62 35.09 45.87
C TYR D 612 23.11 36.13 44.90
N SER D 613 23.74 37.29 44.94
CA SER D 613 23.41 38.32 43.99
C SER D 613 23.37 37.78 42.58
N SER D 614 24.51 37.64 41.95
CA SER D 614 24.50 37.25 40.55
C SER D 614 24.17 35.78 40.44
N PRO D 615 24.23 35.24 39.24
CA PRO D 615 24.03 33.80 39.09
C PRO D 615 25.31 33.07 38.85
N ALA D 616 25.91 33.27 37.68
CA ALA D 616 27.19 32.66 37.38
C ALA D 616 27.98 32.56 38.66
N GLU D 617 28.03 33.66 39.42
CA GLU D 617 28.27 33.61 40.86
C GLU D 617 28.41 32.19 41.37
N ALA D 618 27.46 31.73 42.16
CA ALA D 618 27.55 30.38 42.67
C ALA D 618 27.55 29.37 41.53
N ILE D 619 27.14 29.81 40.34
CA ILE D 619 27.29 28.94 39.19
C ILE D 619 28.72 28.45 39.12
N MET D 620 29.50 29.01 38.21
CA MET D 620 30.92 29.20 38.46
C MET D 620 31.36 28.49 39.72
N ALA D 621 30.83 28.91 40.87
CA ALA D 621 31.00 28.11 42.08
C ALA D 621 30.56 26.67 41.88
N ALA D 622 29.64 26.16 42.70
CA ALA D 622 28.99 24.87 42.48
C ALA D 622 29.57 24.11 41.29
N ASP D 623 29.62 24.74 40.12
CA ASP D 623 30.56 24.29 39.10
C ASP D 623 31.85 23.83 39.78
N ARG D 624 32.59 24.79 40.30
CA ARG D 624 33.30 24.55 41.55
C ARG D 624 32.48 23.57 42.37
N GLY D 625 32.79 22.29 42.23
CA GLY D 625 32.05 21.26 42.94
C GLY D 625 31.48 21.68 44.26
N VAL D 626 30.29 22.27 44.29
CA VAL D 626 29.84 22.97 45.49
C VAL D 626 28.35 22.77 45.72
N LEU D 627 27.63 22.25 44.74
CA LEU D 627 26.19 22.05 44.90
C LEU D 627 25.50 21.61 43.61
N SER D 628 24.38 20.91 43.77
CA SER D 628 23.50 20.51 42.67
C SER D 628 22.26 21.39 42.61
N VAL D 629 22.38 22.52 41.90
CA VAL D 629 21.29 23.49 41.78
C VAL D 629 19.97 23.01 42.33
N ARG D 630 19.43 21.93 41.76
CA ARG D 630 18.32 21.22 42.38
C ARG D 630 18.57 21.13 43.88
N ALA D 631 17.95 22.03 44.63
CA ALA D 631 18.39 22.41 45.96
C ALA D 631 18.28 23.91 46.09
N LYS D 632 17.31 24.38 46.86
CA LYS D 632 17.06 25.81 46.92
C LYS D 632 18.15 26.55 47.67
N ILE D 633 18.33 27.80 47.31
CA ILE D 633 19.05 28.76 48.11
C ILE D 633 18.43 30.13 47.86
N LYS D 634 19.29 31.14 47.73
CA LYS D 634 18.84 32.53 47.72
C LYS D 634 19.70 33.40 46.82
N VAL D 635 19.06 34.40 46.23
CA VAL D 635 19.74 35.26 45.26
C VAL D 635 18.92 36.51 44.99
N ARG D 636 18.74 36.81 43.71
CA ARG D 636 18.19 38.08 43.28
C ARG D 636 18.24 38.12 41.77
N LEU D 637 17.60 39.13 41.20
CA LEU D 637 17.61 39.31 39.75
C LEU D 637 17.59 40.78 39.37
N THR D 638 17.46 41.02 38.07
CA THR D 638 17.26 42.32 37.47
C THR D 638 16.57 42.18 36.13
N GLN D 639 16.77 41.04 35.45
CA GLN D 639 16.26 40.84 34.10
C GLN D 639 15.22 39.73 34.05
N LEU D 640 15.58 38.50 34.40
CA LEU D 640 14.59 37.47 34.58
C LEU D 640 13.53 38.01 35.50
N ARG D 641 12.56 38.69 34.93
CA ARG D 641 11.55 39.35 35.71
C ARG D 641 10.98 38.39 36.75
N PRO D 642 10.46 38.87 37.86
CA PRO D 642 9.68 38.01 38.72
C PRO D 642 8.32 37.81 38.09
N PRO D 643 7.58 36.80 38.50
CA PRO D 643 6.14 36.86 38.28
C PRO D 643 5.65 38.08 39.04
N VAL D 644 4.38 38.43 38.79
CA VAL D 644 3.83 39.62 39.41
C VAL D 644 4.06 39.58 40.91
N GLU D 645 3.00 39.33 41.68
CA GLU D 645 3.16 39.10 43.10
C GLU D 645 4.36 39.84 43.66
N ILE D 646 5.52 39.23 43.46
CA ILE D 646 6.81 39.89 43.63
C ILE D 646 6.72 41.35 43.22
N GLU D 647 7.33 41.65 42.09
CA GLU D 647 7.07 42.88 41.36
C GLU D 647 5.69 43.46 41.65
N ALA D 648 4.66 42.61 41.74
CA ALA D 648 3.34 43.13 42.06
C ALA D 648 3.44 44.23 43.10
N GLU D 649 4.24 44.00 44.12
CA GLU D 649 4.52 45.04 45.09
C GLU D 649 5.84 45.74 44.81
N LEU D 650 6.87 44.99 44.40
CA LEU D 650 8.18 45.61 44.22
C LEU D 650 8.07 46.87 43.41
N PHE D 651 7.10 46.90 42.53
CA PHE D 651 6.91 47.93 41.53
C PHE D 651 5.44 48.21 41.30
N GLY D 652 4.61 47.17 41.28
CA GLY D 652 3.22 47.34 40.89
C GLY D 652 3.11 48.13 39.60
N HIS D 653 3.66 49.33 39.60
CA HIS D 653 3.71 50.16 38.40
C HIS D 653 4.30 49.39 37.22
N SER D 654 5.52 48.87 37.39
CA SER D 654 6.23 48.26 36.26
C SER D 654 7.25 47.26 36.80
N GLY D 655 6.96 45.98 36.60
CA GLY D 655 7.87 44.93 36.99
C GLY D 655 8.84 44.58 35.89
N TRP D 656 8.85 45.41 34.84
CA TRP D 656 9.91 45.29 33.85
C TRP D 656 11.20 44.96 34.55
N GLN D 657 11.93 44.02 34.00
CA GLN D 657 13.28 43.75 34.47
C GLN D 657 14.31 44.05 33.39
N PRO D 658 14.00 44.94 32.46
CA PRO D 658 15.09 45.58 31.73
C PRO D 658 15.87 46.46 32.67
N GLY D 659 16.44 45.85 33.71
CA GLY D 659 17.10 46.60 34.75
C GLY D 659 16.63 46.22 36.12
N ASP D 660 15.94 47.15 36.79
CA ASP D 660 15.48 47.03 38.17
C ASP D 660 15.71 45.63 38.71
N ALA D 661 16.82 45.48 39.42
CA ALA D 661 17.14 44.22 40.08
C ALA D 661 15.99 43.78 40.97
N TRP D 662 15.78 42.47 41.05
CA TRP D 662 14.78 41.94 41.96
C TRP D 662 15.34 40.69 42.62
N MET D 663 15.20 40.62 43.92
CA MET D 663 15.85 39.58 44.70
C MET D 663 15.38 38.21 44.23
N ALA D 664 15.96 37.17 44.82
CA ALA D 664 15.70 35.83 44.34
C ALA D 664 16.32 34.84 45.31
N GLU D 665 16.20 33.56 44.99
CA GLU D 665 16.48 32.50 45.94
C GLU D 665 15.68 31.24 45.62
N THR D 666 16.35 30.21 45.11
CA THR D 666 15.78 28.86 45.02
C THR D 666 16.89 27.90 44.64
N THR D 667 16.58 27.05 43.67
CA THR D 667 17.53 26.32 42.87
C THR D 667 17.66 27.01 41.53
N LEU D 668 18.88 27.12 41.04
CA LEU D 668 19.03 27.63 39.70
C LEU D 668 18.29 26.75 38.71
N GLY D 669 19.04 25.99 37.91
CA GLY D 669 18.43 25.02 37.03
C GLY D 669 17.04 25.43 36.60
N ARG D 670 16.04 25.13 37.42
CA ARG D 670 14.76 25.79 37.24
C ARG D 670 14.97 27.24 36.86
N VAL D 671 15.70 27.97 37.69
CA VAL D 671 16.29 29.21 37.24
C VAL D 671 16.79 29.07 35.83
N MET D 672 17.65 28.07 35.59
CA MET D 672 18.20 27.92 34.26
C MET D 672 17.14 28.12 33.22
N PHE D 673 16.46 27.04 32.84
CA PHE D 673 15.23 27.17 32.08
C PHE D 673 14.73 28.59 32.07
N ASN D 674 14.11 29.01 33.17
CA ASN D 674 13.66 30.38 33.32
C ASN D 674 14.42 31.31 32.41
N GLU D 675 15.63 31.68 32.80
CA GLU D 675 16.61 32.27 31.92
C GLU D 675 16.28 32.13 30.45
N LEU D 676 15.64 31.04 30.05
CA LEU D 676 15.55 30.72 28.65
C LEU D 676 14.23 31.16 28.07
N LEU D 677 13.53 32.02 28.75
CA LEU D 677 12.09 32.03 28.58
C LEU D 677 11.57 33.32 27.99
N PRO D 678 10.25 33.44 27.83
CA PRO D 678 9.67 34.70 27.40
C PRO D 678 10.19 35.83 28.26
N LEU D 679 11.30 36.40 27.79
CA LEU D 679 11.76 37.66 28.33
C LEU D 679 10.61 38.48 28.89
N GLY D 680 9.78 39.03 28.01
CA GLY D 680 8.68 39.85 28.46
C GLY D 680 7.86 39.22 29.56
N TYR D 681 7.98 37.91 29.73
CA TYR D 681 7.23 37.30 30.79
C TYR D 681 7.87 37.63 32.15
N PRO D 682 7.06 37.86 33.17
CA PRO D 682 7.57 38.01 34.53
C PRO D 682 8.50 36.91 34.97
N PHE D 683 7.99 36.01 35.82
CA PHE D 683 8.75 34.84 36.22
C PHE D 683 7.84 33.71 36.71
N VAL D 684 8.42 32.52 36.82
CA VAL D 684 7.72 31.32 37.24
C VAL D 684 8.28 30.76 38.56
N ASN D 685 8.97 29.62 38.51
CA ASN D 685 9.52 28.91 39.67
C ASN D 685 8.74 27.63 39.98
N LYS D 686 9.39 26.76 40.75
CA LYS D 686 8.87 25.46 41.17
C LYS D 686 9.39 24.42 40.21
N GLN D 687 9.01 23.17 40.44
CA GLN D 687 9.01 22.25 39.31
C GLN D 687 7.60 22.18 38.76
N MET D 688 7.46 21.54 37.61
CA MET D 688 6.19 21.42 36.95
C MET D 688 6.11 20.02 36.35
N HIS D 689 4.99 19.76 35.70
CA HIS D 689 4.87 18.51 34.97
C HIS D 689 4.67 18.77 33.49
N LYS D 690 5.35 17.93 32.71
CA LYS D 690 5.00 17.73 31.32
C LYS D 690 3.84 18.61 30.92
N LYS D 691 2.63 18.17 31.21
CA LYS D 691 1.46 19.02 31.12
C LYS D 691 1.76 20.44 31.52
N VAL D 692 1.20 20.86 32.65
CA VAL D 692 1.67 22.04 33.35
C VAL D 692 2.27 23.02 32.36
N GLN D 693 3.53 23.36 32.56
CA GLN D 693 4.45 23.43 31.44
C GLN D 693 3.73 23.51 30.12
N ALA D 694 3.58 22.36 29.47
CA ALA D 694 2.74 22.29 28.28
C ALA D 694 1.62 23.28 28.36
N ALA D 695 0.72 23.08 29.33
CA ALA D 695 -0.41 23.99 29.47
C ALA D 695 0.01 25.42 29.26
N ILE D 696 0.80 25.93 30.19
CA ILE D 696 1.59 27.13 29.97
C ILE D 696 1.95 27.26 28.51
N ILE D 697 3.22 27.02 28.19
CA ILE D 697 3.59 26.76 26.80
C ILE D 697 2.52 27.23 25.85
N ASN D 698 1.57 26.33 25.59
CA ASN D 698 0.30 26.72 25.03
C ASN D 698 -0.01 28.16 25.38
N ASP D 699 -0.53 28.39 26.58
CA ASP D 699 -0.51 29.72 27.18
C ASP D 699 0.51 30.60 26.48
N LEU D 700 1.77 30.18 26.54
CA LEU D 700 2.83 31.09 26.19
C LEU D 700 2.60 31.67 24.81
N ALA D 701 2.80 30.85 23.78
CA ALA D 701 2.59 31.35 22.44
C ALA D 701 1.24 32.01 22.29
N GLU D 702 0.19 31.35 22.77
CA GLU D 702 -1.12 31.96 22.88
C GLU D 702 -0.97 33.46 23.02
N ARG D 703 -0.19 33.86 24.00
CA ARG D 703 0.04 35.27 24.22
C ARG D 703 0.74 35.93 23.06
N TYR D 704 1.33 35.17 22.16
CA TYR D 704 2.26 35.78 21.24
C TYR D 704 2.27 35.17 19.87
N PRO D 705 3.09 35.70 18.98
CA PRO D 705 3.18 35.16 17.63
C PRO D 705 3.86 33.82 17.59
N MET D 706 3.77 33.19 16.42
CA MET D 706 4.58 32.02 16.09
C MET D 706 6.02 32.18 16.51
N ILE D 707 6.94 32.02 15.55
CA ILE D 707 8.31 32.41 15.81
C ILE D 707 8.84 31.85 17.12
N VAL D 708 10.01 32.29 17.54
CA VAL D 708 10.27 32.33 18.96
C VAL D 708 9.88 31.03 19.63
N VAL D 709 8.66 30.99 20.14
CA VAL D 709 7.97 29.73 20.39
C VAL D 709 8.96 28.58 20.27
N ALA D 710 9.02 27.98 19.09
CA ALA D 710 10.04 26.98 18.84
C ALA D 710 11.38 27.45 19.34
N GLN D 711 11.87 28.55 18.77
CA GLN D 711 13.18 29.06 19.15
C GLN D 711 13.52 28.62 20.55
N THR D 712 12.77 29.15 21.51
CA THR D 712 12.74 28.54 22.82
C THR D 712 12.64 27.03 22.71
N VAL D 713 11.42 26.54 22.71
CA VAL D 713 11.11 25.13 22.48
C VAL D 713 12.37 24.32 22.24
N ASP D 714 12.76 24.23 20.97
CA ASP D 714 14.07 23.73 20.63
C ASP D 714 15.05 24.01 21.74
N LYS D 715 15.53 25.24 21.82
CA LYS D 715 16.48 25.60 22.86
C LYS D 715 16.22 24.77 24.11
N LEU D 716 14.95 24.60 24.43
CA LEU D 716 14.59 23.89 25.64
C LEU D 716 15.02 22.45 25.56
N LYS D 717 14.26 21.66 24.80
CA LYS D 717 14.66 20.28 24.52
C LYS D 717 16.16 20.17 24.56
N ASP D 718 16.84 21.08 23.88
CA ASP D 718 18.28 21.14 23.91
C ASP D 718 18.78 21.01 25.33
N ALA D 719 18.53 22.04 26.13
CA ALA D 719 18.93 21.96 27.53
C ALA D 719 18.67 20.58 28.08
N GLY D 720 17.45 20.07 27.90
CA GLY D 720 17.19 18.70 28.28
C GLY D 720 18.29 17.79 27.78
N PHE D 721 18.06 17.18 26.62
CA PHE D 721 19.14 16.65 25.79
C PHE D 721 20.45 16.63 26.55
N TYR D 722 21.03 17.81 26.72
CA TYR D 722 22.06 17.96 27.73
C TYR D 722 21.75 17.09 28.93
N TRP D 723 20.87 17.55 29.79
CA TRP D 723 20.54 16.79 30.97
C TRP D 723 20.19 15.35 30.69
N ALA D 724 19.23 15.13 29.79
CA ALA D 724 19.02 13.81 29.22
C ALA D 724 20.26 12.96 29.38
N THR D 725 21.22 13.16 28.48
CA THR D 725 22.59 12.75 28.76
C THR D 725 22.91 12.88 30.24
N ARG D 726 22.73 14.06 30.79
CA ARG D 726 22.93 14.23 32.21
C ARG D 726 21.96 13.40 33.01
N SER D 727 21.41 13.94 34.10
CA SER D 727 20.59 13.08 34.92
C SER D 727 21.28 11.79 35.28
N GLY D 728 21.36 10.87 34.34
CA GLY D 728 21.85 9.55 34.65
C GLY D 728 20.74 8.68 35.16
N VAL D 729 20.25 7.77 34.32
CA VAL D 729 19.34 6.72 34.73
C VAL D 729 19.43 5.57 33.76
N THR D 730 20.48 4.78 33.80
CA THR D 730 20.42 3.51 33.12
C THR D 730 19.41 2.65 33.86
N VAL D 731 19.66 1.35 33.98
CA VAL D 731 18.63 0.46 34.52
C VAL D 731 19.29 -0.71 35.23
N SER D 732 18.54 -1.36 36.13
CA SER D 732 19.03 -2.55 36.82
C SER D 732 17.88 -3.43 37.26
N MET D 733 17.83 -4.62 36.69
CA MET D 733 17.43 -5.75 37.51
C MET D 733 17.55 -5.41 38.98
N ALA D 734 18.71 -4.97 39.42
CA ALA D 734 18.80 -4.32 40.70
C ALA D 734 17.61 -3.40 40.93
N ASP D 735 17.38 -2.43 40.04
CA ASP D 735 16.21 -1.58 40.13
C ASP D 735 14.97 -2.37 40.46
N VAL D 736 14.96 -3.67 40.17
CA VAL D 736 13.79 -4.51 40.43
C VAL D 736 13.51 -4.40 41.92
N LEU D 737 12.95 -3.27 42.32
CA LEU D 737 12.46 -3.14 43.68
C LEU D 737 11.55 -4.33 43.99
N VAL D 738 11.39 -4.62 45.28
CA VAL D 738 10.78 -5.89 45.68
C VAL D 738 9.52 -5.71 46.50
N PRO D 739 8.39 -6.24 46.04
CA PRO D 739 7.21 -6.34 46.89
C PRO D 739 7.48 -7.29 48.04
N PRO D 740 7.44 -6.80 49.28
CA PRO D 740 7.80 -7.66 50.40
C PRO D 740 6.83 -8.81 50.61
N ARG D 741 6.21 -8.90 51.79
CA ARG D 741 5.37 -10.02 52.18
C ARG D 741 4.52 -10.47 51.03
N LYS D 742 3.73 -9.57 50.48
CA LYS D 742 3.20 -9.84 49.15
C LYS D 742 2.52 -11.19 49.09
N LYS D 743 3.31 -12.24 48.95
CA LYS D 743 2.82 -13.59 49.05
C LYS D 743 1.71 -13.72 50.07
N GLU D 744 2.05 -13.47 51.34
CA GLU D 744 1.08 -13.66 52.40
C GLU D 744 -0.27 -13.08 52.02
N ILE D 745 -0.26 -11.87 51.49
CA ILE D 745 -1.47 -11.34 50.86
C ILE D 745 -2.04 -12.34 49.90
N LEU D 746 -1.24 -12.72 48.91
CA LEU D 746 -1.66 -13.73 47.95
C LEU D 746 -2.43 -14.82 48.67
N ASP D 747 -1.70 -15.78 49.21
CA ASP D 747 -2.17 -16.62 50.30
C ASP D 747 -3.56 -16.22 50.75
N HIS D 748 -3.65 -15.30 51.71
CA HIS D 748 -4.90 -14.62 52.03
C HIS D 748 -5.95 -14.86 50.97
N TYR D 749 -5.84 -14.18 49.84
CA TYR D 749 -6.77 -14.46 48.77
C TYR D 749 -6.91 -15.94 48.51
N GLU D 750 -5.79 -16.66 48.46
CA GLU D 750 -5.82 -18.05 48.09
C GLU D 750 -6.85 -18.79 48.91
N GLU D 751 -6.64 -18.81 50.22
CA GLU D 751 -7.60 -19.45 51.11
C GLU D 751 -8.98 -18.86 50.86
N ARG D 752 -9.06 -17.53 50.84
CA ARG D 752 -10.33 -16.88 50.56
C ARG D 752 -11.11 -17.65 49.51
N ALA D 753 -10.76 -17.44 48.23
CA ALA D 753 -11.27 -18.31 47.18
C ALA D 753 -11.26 -19.76 47.62
N ASP D 754 -10.24 -20.52 47.21
CA ASP D 754 -9.82 -21.68 47.97
C ASP D 754 -10.98 -22.30 48.72
N LYS D 755 -11.03 -22.11 50.04
CA LYS D 755 -12.26 -22.21 50.79
C LYS D 755 -13.47 -22.09 49.89
N VAL D 756 -13.68 -20.90 49.32
CA VAL D 756 -14.78 -20.71 48.40
C VAL D 756 -14.83 -21.84 47.40
N GLU D 757 -13.69 -22.12 46.76
CA GLU D 757 -13.61 -23.23 45.83
C GLU D 757 -14.33 -24.44 46.40
N LYS D 758 -13.97 -24.85 47.61
CA LYS D 758 -14.78 -25.80 48.35
C LYS D 758 -16.25 -25.44 48.29
N GLN D 759 -16.55 -24.16 48.33
CA GLN D 759 -17.92 -23.75 48.58
C GLN D 759 -18.79 -24.03 47.37
N PHE D 760 -18.55 -23.31 46.27
CA PHE D 760 -19.11 -23.75 45.00
C PHE D 760 -18.98 -25.25 44.87
N GLN D 761 -17.74 -25.70 44.66
CA GLN D 761 -17.35 -27.09 44.88
C GLN D 761 -18.47 -27.94 45.44
N ARG D 762 -19.12 -27.47 46.52
CA ARG D 762 -20.34 -28.14 46.94
C ARG D 762 -21.43 -27.99 45.88
N GLY D 763 -21.03 -27.82 44.63
CA GLY D 763 -21.97 -27.43 43.61
C GLY D 763 -22.72 -26.22 44.08
N ALA D 764 -22.07 -25.41 44.90
CA ALA D 764 -22.77 -24.31 45.57
C ALA D 764 -23.69 -23.57 44.62
N LEU D 765 -23.12 -22.86 43.64
CA LEU D 765 -23.88 -22.05 42.72
C LEU D 765 -23.52 -22.40 41.29
N ASN D 766 -23.54 -21.39 40.43
CA ASN D 766 -23.09 -21.57 39.07
C ASN D 766 -21.57 -21.72 39.03
N HIS D 767 -21.09 -22.46 38.06
CA HIS D 767 -19.67 -22.44 37.75
C HIS D 767 -19.17 -21.01 37.78
N ASP D 768 -19.73 -20.17 36.93
CA ASP D 768 -19.27 -18.79 36.83
C ASP D 768 -19.36 -18.07 38.15
N GLU D 769 -20.45 -17.33 38.34
CA GLU D 769 -20.58 -16.37 39.43
C GLU D 769 -19.46 -16.54 40.44
N ARG D 770 -19.60 -17.52 41.32
CA ARG D 770 -18.48 -17.93 42.14
C ARG D 770 -17.18 -17.82 41.37
N ASN D 771 -17.11 -18.48 40.21
CA ASN D 771 -15.95 -18.31 39.36
C ASN D 771 -15.55 -16.84 39.31
N GLU D 772 -16.52 -15.96 39.12
CA GLU D 772 -16.18 -14.56 39.29
C GLU D 772 -15.58 -14.31 40.66
N ALA D 773 -16.44 -14.20 41.67
CA ALA D 773 -15.99 -13.87 43.02
C ALA D 773 -14.53 -14.23 43.20
N LEU D 774 -14.19 -15.49 42.95
CA LEU D 774 -12.82 -15.86 42.65
C LEU D 774 -12.10 -14.73 41.97
N VAL D 775 -12.37 -14.59 40.66
CA VAL D 775 -11.87 -13.46 39.89
C VAL D 775 -11.78 -12.22 40.76
N GLU D 776 -12.91 -11.82 41.33
CA GLU D 776 -12.91 -10.67 42.21
C GLU D 776 -11.70 -10.69 43.14
N ILE D 777 -11.83 -11.41 44.26
CA ILE D 777 -10.68 -11.88 45.01
C ILE D 777 -9.39 -11.45 44.35
N TRP D 778 -9.09 -12.03 43.20
CA TRP D 778 -7.95 -11.55 42.45
C TRP D 778 -7.95 -10.04 42.38
N LYS D 779 -8.80 -9.49 41.53
CA LYS D 779 -9.01 -8.04 41.44
C LYS D 779 -8.60 -7.33 42.72
N GLU D 780 -9.29 -7.64 43.80
CA GLU D 780 -8.80 -7.25 45.12
C GLU D 780 -7.30 -7.27 45.14
N ALA D 781 -6.72 -8.46 45.06
CA ALA D 781 -5.27 -8.58 45.04
C ALA D 781 -4.67 -7.53 44.14
N THR D 782 -4.82 -7.73 42.83
CA THR D 782 -4.57 -6.69 41.85
C THR D 782 -4.32 -5.35 42.52
N ASP D 783 -5.38 -4.71 42.98
CA ASP D 783 -5.20 -3.43 43.62
C ASP D 783 -4.19 -3.52 44.76
N GLU D 784 -4.54 -4.25 45.81
CA GLU D 784 -3.67 -4.35 46.98
C GLU D 784 -2.21 -4.42 46.58
N VAL D 785 -1.81 -5.56 46.00
CA VAL D 785 -0.45 -5.74 45.50
C VAL D 785 0.08 -4.45 44.87
N GLY D 786 -0.58 -3.98 43.82
CA GLY D 786 -0.09 -2.78 43.17
C GLY D 786 0.21 -1.68 44.17
N GLN D 787 -0.84 -1.10 44.75
CA GLN D 787 -0.67 -0.08 45.76
C GLN D 787 0.49 -0.39 46.68
N ALA D 788 0.20 -1.15 47.74
CA ALA D 788 1.18 -1.28 48.81
C ALA D 788 2.54 -1.59 48.26
N LEU D 789 2.60 -2.46 47.26
CA LEU D 789 3.83 -2.63 46.51
C LEU D 789 4.47 -1.29 46.21
N ARG D 790 4.08 -0.69 45.08
CA ARG D 790 4.29 0.73 44.86
C ARG D 790 4.71 1.44 46.13
N GLU D 791 3.74 1.94 46.88
CA GLU D 791 3.96 2.35 48.26
C GLU D 791 5.37 2.08 48.75
N HIS D 792 5.72 0.80 48.89
CA HIS D 792 6.98 0.42 49.50
C HIS D 792 8.15 1.21 48.94
N TYR D 793 8.25 1.27 47.62
CA TYR D 793 9.50 1.66 47.01
C TYR D 793 9.79 3.14 47.30
N PRO D 794 11.05 3.54 47.28
CA PRO D 794 11.39 4.94 47.58
C PRO D 794 11.24 5.83 46.37
N ASP D 795 11.29 7.13 46.63
CA ASP D 795 11.01 8.13 45.62
C ASP D 795 12.24 8.59 44.87
N ASP D 796 12.31 8.32 43.58
CA ASP D 796 13.55 8.41 42.81
C ASP D 796 13.63 7.36 41.73
N ASN D 797 13.03 6.20 41.96
CA ASN D 797 13.03 5.16 40.96
C ASN D 797 12.66 5.73 39.60
N PRO D 798 13.63 6.12 38.79
CA PRO D 798 13.30 6.80 37.54
C PRO D 798 12.12 6.13 36.87
N ILE D 799 12.30 4.85 36.55
CA ILE D 799 11.22 3.97 36.17
C ILE D 799 9.85 4.57 36.40
N ILE D 800 9.15 4.12 37.42
CA ILE D 800 7.98 4.85 37.86
C ILE D 800 8.20 6.35 37.79
N THR D 801 9.20 6.86 38.52
CA THR D 801 9.58 8.27 38.44
C THR D 801 9.32 8.82 37.06
N ILE D 802 9.89 8.18 36.05
CA ILE D 802 9.51 8.43 34.68
C ILE D 802 8.03 8.68 34.59
N VAL D 803 7.25 7.64 34.34
CA VAL D 803 5.82 7.78 34.45
C VAL D 803 5.47 8.79 35.52
N ASP D 804 5.96 8.54 36.73
CA ASP D 804 5.82 9.53 37.79
C ASP D 804 6.03 10.93 37.24
N SER D 805 7.15 11.15 36.58
CA SER D 805 7.38 12.41 35.87
C SER D 805 6.25 12.74 34.90
N GLY D 806 5.13 12.04 35.01
CA GLY D 806 4.11 12.11 33.99
C GLY D 806 4.73 11.67 32.69
N ALA D 807 5.80 10.87 32.78
CA ALA D 807 6.57 10.58 31.58
C ALA D 807 5.76 9.76 30.58
N THR D 808 4.92 8.87 31.10
CA THR D 808 4.13 7.97 30.25
C THR D 808 3.79 6.74 31.09
N GLY D 809 3.83 5.58 30.43
CA GLY D 809 3.62 4.33 31.10
C GLY D 809 2.39 4.34 32.00
N ASN D 810 2.33 3.35 32.87
CA ASN D 810 1.17 3.18 33.73
C ASN D 810 1.56 2.31 34.90
N PHE D 811 0.75 2.39 35.96
CA PHE D 811 1.01 1.55 37.10
C PHE D 811 0.76 0.09 36.76
N THR D 812 0.13 -0.17 35.62
CA THR D 812 0.03 -1.55 35.19
C THR D 812 1.42 -2.07 34.92
N GLN D 813 1.94 -1.73 33.75
CA GLN D 813 3.37 -1.85 33.49
C GLN D 813 4.11 -1.94 34.80
N THR D 814 3.88 -0.95 35.66
CA THR D 814 4.32 -1.05 37.03
C THR D 814 4.18 -2.47 37.55
N ARG D 815 3.06 -2.78 38.20
CA ARG D 815 2.90 -4.14 38.68
C ARG D 815 3.16 -5.13 37.58
N THR D 816 2.10 -5.53 36.86
CA THR D 816 2.23 -6.25 35.62
C THR D 816 3.63 -6.71 35.36
N LEU D 817 4.50 -5.78 34.99
CA LEU D 817 5.94 -5.98 35.12
C LEU D 817 6.24 -7.08 36.10
N ALA D 818 6.20 -6.76 37.38
CA ALA D 818 6.63 -7.68 38.41
C ALA D 818 5.46 -8.01 39.31
N GLY D 819 5.78 -8.52 40.49
CA GLY D 819 4.77 -9.06 41.37
C GLY D 819 3.89 -10.01 40.61
N MET D 820 2.63 -9.63 40.43
CA MET D 820 1.75 -10.44 39.61
C MET D 820 1.64 -9.77 38.26
N LYS D 821 1.04 -10.49 37.31
CA LYS D 821 0.60 -9.83 36.09
C LYS D 821 -0.91 -9.91 35.95
N GLY D 822 -1.58 -10.38 37.01
CA GLY D 822 -3.02 -10.23 37.09
C GLY D 822 -3.82 -11.27 36.37
N LEU D 823 -4.71 -10.82 35.50
CA LEU D 823 -5.70 -11.69 34.88
C LEU D 823 -5.35 -11.99 33.43
N VAL D 824 -6.22 -12.79 32.82
CA VAL D 824 -6.32 -12.93 31.39
C VAL D 824 -7.75 -13.30 31.08
N THR D 825 -8.16 -13.11 29.84
CA THR D 825 -9.53 -13.41 29.49
C THR D 825 -9.58 -14.55 28.47
N ASN D 826 -10.75 -15.15 28.35
CA ASN D 826 -11.03 -16.01 27.22
C ASN D 826 -10.48 -15.37 25.96
N PRO D 827 -9.63 -16.09 25.21
CA PRO D 827 -9.30 -15.59 23.87
C PRO D 827 -10.55 -15.27 23.06
N LYS D 828 -11.70 -15.71 23.54
CA LYS D 828 -12.96 -15.38 22.88
C LYS D 828 -13.77 -14.39 23.70
N GLY D 829 -13.53 -14.30 25.00
CA GLY D 829 -14.34 -13.41 25.81
C GLY D 829 -14.02 -13.36 27.29
N GLU D 830 -14.84 -14.02 28.10
CA GLU D 830 -14.69 -13.99 29.56
C GLU D 830 -13.24 -14.22 29.95
N PHE D 831 -12.91 -13.90 31.19
CA PHE D 831 -11.49 -13.90 31.51
C PHE D 831 -10.95 -15.32 31.57
N ILE D 832 -10.01 -15.53 32.48
CA ILE D 832 -9.33 -16.81 32.61
C ILE D 832 -9.31 -17.19 34.08
N PRO D 833 -9.93 -18.31 34.45
CA PRO D 833 -10.17 -18.60 35.87
C PRO D 833 -8.91 -18.63 36.73
N ARG D 834 -7.75 -18.42 36.14
CA ARG D 834 -6.54 -18.52 36.95
C ARG D 834 -6.51 -17.38 37.97
N PRO D 835 -5.79 -16.27 37.76
CA PRO D 835 -4.88 -15.79 36.72
C PRO D 835 -3.43 -15.58 37.13
N VAL D 836 -2.90 -14.41 36.75
CA VAL D 836 -1.50 -14.27 36.39
C VAL D 836 -0.62 -14.13 37.62
N LYS D 837 -0.77 -15.06 38.57
CA LYS D 837 -0.01 -15.09 39.81
C LYS D 837 1.30 -14.33 39.76
N SER D 838 2.35 -14.96 39.23
CA SER D 838 3.66 -14.37 39.32
C SER D 838 3.78 -13.16 38.39
N SER D 839 5.00 -12.94 37.90
CA SER D 839 5.27 -11.87 36.95
C SER D 839 6.50 -12.17 36.11
N PHE D 840 6.53 -11.55 34.93
CA PHE D 840 7.71 -11.55 34.08
C PHE D 840 9.00 -11.62 34.89
N ARG D 841 9.61 -10.48 35.15
CA ARG D 841 10.66 -10.32 36.14
C ARG D 841 10.79 -11.50 37.08
N GLU D 842 9.70 -11.93 37.68
CA GLU D 842 9.66 -13.20 38.36
C GLU D 842 9.84 -14.37 37.42
N GLY D 843 9.18 -14.35 36.26
CA GLY D 843 9.24 -15.44 35.33
C GLY D 843 8.21 -16.50 35.66
N LEU D 844 7.67 -17.19 34.65
CA LEU D 844 6.71 -18.25 34.89
C LEU D 844 6.80 -19.31 33.80
N THR D 845 6.00 -20.36 33.94
CA THR D 845 6.13 -21.51 33.07
C THR D 845 5.50 -21.23 31.72
N VAL D 846 4.98 -22.29 31.12
CA VAL D 846 4.30 -22.15 29.84
C VAL D 846 2.98 -21.48 30.04
N LEU D 847 1.91 -22.26 29.96
CA LEU D 847 0.73 -21.91 30.69
C LEU D 847 0.39 -20.46 30.44
N GLU D 848 -0.10 -19.77 31.45
CA GLU D 848 0.45 -18.45 31.68
C GLU D 848 0.64 -17.67 30.39
N TYR D 849 1.83 -17.10 30.23
CA TYR D 849 2.34 -16.71 28.92
C TYR D 849 1.66 -17.51 27.84
N PHE D 850 1.88 -18.83 27.85
CA PHE D 850 1.10 -19.71 27.01
C PHE D 850 -0.40 -19.39 27.07
N ILE D 851 -0.76 -18.25 27.63
CA ILE D 851 -2.15 -17.85 27.66
C ILE D 851 -2.26 -16.40 27.25
N ASN D 852 -1.43 -15.55 27.83
CA ASN D 852 -1.04 -14.37 27.08
C ASN D 852 -1.28 -14.57 25.61
N THR D 853 -0.43 -15.41 25.02
CA THR D 853 -0.76 -16.09 23.78
C THR D 853 -2.02 -15.57 23.13
N HIS D 854 -3.15 -15.80 23.77
CA HIS D 854 -4.39 -15.79 23.01
C HIS D 854 -4.75 -14.38 22.58
N GLY D 855 -5.55 -13.70 23.39
CA GLY D 855 -5.81 -12.30 23.09
C GLY D 855 -4.56 -11.59 22.64
N ALA D 856 -3.42 -11.91 23.25
CA ALA D 856 -2.15 -11.50 22.66
C ALA D 856 -2.27 -11.45 21.16
N ARG D 857 -2.49 -12.60 20.55
CA ARG D 857 -2.94 -12.69 19.17
C ARG D 857 -4.06 -11.70 18.91
N LYS D 858 -5.07 -11.69 19.78
CA LYS D 858 -6.29 -10.99 19.45
C LYS D 858 -6.08 -9.50 19.23
N GLY D 859 -6.17 -8.72 20.31
CA GLY D 859 -6.20 -7.28 20.16
C GLY D 859 -5.33 -6.80 19.03
N LEU D 860 -4.01 -6.90 19.22
CA LEU D 860 -3.16 -7.31 18.12
C LEU D 860 -3.93 -7.36 16.82
N ALA D 861 -4.68 -8.44 16.63
CA ALA D 861 -5.60 -8.49 15.51
C ALA D 861 -6.48 -7.25 15.45
N ASP D 862 -7.22 -6.98 16.52
CA ASP D 862 -8.07 -5.79 16.53
C ASP D 862 -7.38 -4.63 15.85
N THR D 863 -6.55 -3.92 16.62
CA THR D 863 -5.42 -3.23 16.04
C THR D 863 -5.45 -3.36 14.53
N ALA D 864 -5.00 -4.53 14.05
CA ALA D 864 -5.06 -4.84 12.64
C ALA D 864 -6.41 -4.52 12.01
N LEU D 865 -7.45 -4.34 12.80
CA LEU D 865 -8.72 -4.03 12.17
C LEU D 865 -9.11 -2.58 12.36
N ARG D 866 -9.28 -2.18 13.62
CA ARG D 866 -9.72 -0.81 13.90
C ARG D 866 -8.92 0.10 13.01
N THR D 867 -7.60 -0.16 12.96
CA THR D 867 -6.83 0.43 11.89
C THR D 867 -7.61 0.42 10.59
N ALA D 868 -7.99 -0.77 10.13
CA ALA D 868 -8.71 -0.87 8.88
C ALA D 868 -9.97 -0.03 8.89
N ASP D 869 -11.07 -0.61 9.31
CA ASP D 869 -12.38 -0.02 9.14
C ASP D 869 -12.44 1.42 9.58
N SER D 870 -11.65 1.76 10.60
CA SER D 870 -11.54 3.10 11.09
C SER D 870 -11.83 4.15 10.02
N GLY D 871 -10.81 4.60 9.30
CA GLY D 871 -11.03 5.62 8.31
C GLY D 871 -12.25 5.34 7.46
N TYR D 872 -12.16 4.32 6.61
CA TYR D 872 -13.31 3.92 5.81
C TYR D 872 -14.61 4.38 6.42
N LEU D 873 -14.97 3.79 7.55
CA LEU D 873 -15.87 4.48 8.45
C LEU D 873 -15.80 5.97 8.23
N THR D 874 -14.73 6.59 8.71
CA THR D 874 -14.47 7.98 8.38
C THR D 874 -14.73 8.22 6.90
N ARG D 875 -13.68 8.39 6.11
CA ARG D 875 -13.82 8.15 4.67
C ARG D 875 -15.22 8.46 4.18
N ARG D 876 -16.16 7.55 4.42
CA ARG D 876 -17.56 7.94 4.34
C ARG D 876 -17.79 9.23 5.11
N LEU D 877 -17.40 9.23 6.38
CA LEU D 877 -17.10 10.51 7.00
C LEU D 877 -16.45 11.44 5.99
N VAL D 878 -15.34 11.01 5.40
CA VAL D 878 -14.58 11.91 4.53
C VAL D 878 -15.51 12.76 3.71
N ASP D 879 -16.09 12.23 2.65
CA ASP D 879 -17.11 13.01 2.00
C ASP D 879 -18.23 13.38 2.93
N VAL D 880 -19.22 12.50 3.05
CA VAL D 880 -20.45 12.85 3.72
C VAL D 880 -20.94 14.23 3.33
N SER D 881 -20.12 15.26 3.51
CA SER D 881 -20.57 16.63 3.34
C SER D 881 -19.64 17.41 2.45
N GLN D 882 -18.39 17.52 2.89
CA GLN D 882 -17.45 18.44 2.29
C GLN D 882 -18.07 19.77 1.93
N ASP D 883 -17.48 20.50 1.01
CA ASP D 883 -18.12 21.64 0.37
C ASP D 883 -18.84 22.54 1.35
N VAL D 884 -19.74 21.96 2.13
CA VAL D 884 -20.24 22.58 3.34
C VAL D 884 -19.06 23.38 3.90
N ILE D 885 -19.04 24.68 3.65
CA ILE D 885 -17.97 25.53 4.16
C ILE D 885 -18.49 26.94 4.38
N VAL D 886 -17.57 27.89 4.31
CA VAL D 886 -17.88 29.25 4.72
C VAL D 886 -18.65 29.95 3.63
N ARG D 887 -19.70 30.64 4.03
CA ARG D 887 -20.21 31.72 3.22
C ARG D 887 -19.43 32.99 3.45
N GLU D 888 -19.25 33.36 4.70
CA GLU D 888 -19.01 34.75 5.03
C GLU D 888 -18.58 34.94 6.47
N HIS D 889 -18.78 36.18 6.87
CA HIS D 889 -18.58 36.60 8.24
C HIS D 889 -19.84 36.44 9.07
N ASP D 890 -20.95 36.99 8.60
CA ASP D 890 -22.09 37.19 9.48
C ASP D 890 -23.35 36.58 8.89
N CYS D 891 -23.64 35.33 9.27
CA CYS D 891 -24.94 34.79 8.93
C CYS D 891 -25.99 35.77 9.31
N GLN D 892 -25.80 36.42 10.45
CA GLN D 892 -26.57 37.58 10.81
C GLN D 892 -27.85 37.13 11.49
N THR D 893 -27.90 35.83 11.78
CA THR D 893 -28.95 35.24 12.58
C THR D 893 -28.95 35.89 13.95
N GLU D 894 -29.80 35.38 14.82
CA GLU D 894 -29.86 35.84 16.19
C GLU D 894 -30.47 34.73 17.02
N ARG D 895 -29.77 33.61 17.11
CA ARG D 895 -30.38 32.41 17.65
C ARG D 895 -29.32 31.45 18.17
N GLY D 896 -28.20 32.01 18.61
CA GLY D 896 -27.25 31.22 19.36
C GLY D 896 -27.92 30.76 20.63
N ILE D 897 -27.23 30.05 21.51
CA ILE D 897 -27.95 29.65 22.71
C ILE D 897 -27.16 30.13 23.90
N VAL D 898 -27.86 30.48 24.96
CA VAL D 898 -27.25 30.63 26.27
C VAL D 898 -26.59 29.31 26.59
N VAL D 899 -25.94 29.25 27.74
CA VAL D 899 -25.05 28.14 28.00
C VAL D 899 -24.83 27.95 29.48
N GLU D 900 -25.43 26.89 29.99
CA GLU D 900 -24.80 26.08 31.02
C GLU D 900 -23.85 26.88 31.89
N LEU D 901 -22.76 27.37 31.30
CA LEU D 901 -21.70 28.09 32.03
C LEU D 901 -21.48 27.44 33.40
N ALA D 902 -20.81 26.30 33.38
CA ALA D 902 -20.60 25.52 34.59
C ALA D 902 -21.94 25.06 35.17
N GLU D 903 -21.85 24.15 36.12
CA GLU D 903 -23.05 23.56 36.69
C GLU D 903 -23.49 24.33 37.93
N ARG D 904 -23.12 25.61 37.98
CA ARG D 904 -23.54 26.50 39.06
C ARG D 904 -23.37 25.77 40.39
N ALA D 905 -24.17 26.10 41.39
CA ALA D 905 -24.09 25.32 42.62
C ALA D 905 -24.98 25.89 43.71
N PRO D 906 -25.31 25.09 44.69
CA PRO D 906 -26.08 25.61 45.82
C PRO D 906 -25.16 26.34 46.76
N ASP D 907 -24.96 25.77 47.95
CA ASP D 907 -23.87 26.19 48.80
C ASP D 907 -22.62 26.52 48.00
N GLY D 908 -22.24 25.65 47.07
CA GLY D 908 -21.20 25.96 46.13
C GLY D 908 -21.54 27.08 45.19
N THR D 909 -22.81 27.51 45.17
CA THR D 909 -23.16 28.63 44.31
C THR D 909 -22.95 28.27 42.86
N LEU D 910 -21.72 27.90 42.52
CA LEU D 910 -21.28 27.73 41.14
C LEU D 910 -20.35 26.53 41.08
N ILE D 911 -20.48 25.72 40.02
CA ILE D 911 -19.60 24.58 39.80
C ILE D 911 -19.40 24.40 38.31
N ARG D 912 -18.17 24.10 37.93
CA ARG D 912 -17.79 24.05 36.54
C ARG D 912 -17.93 22.66 35.97
N ASP D 913 -18.82 22.52 34.99
CA ASP D 913 -18.60 21.44 34.05
C ASP D 913 -17.15 21.47 33.60
N PRO D 914 -16.42 20.38 33.75
CA PRO D 914 -15.18 20.26 33.01
C PRO D 914 -15.41 20.55 31.54
N TYR D 915 -16.45 19.94 31.00
CA TYR D 915 -16.67 19.89 29.56
C TYR D 915 -17.02 21.28 29.04
N ILE D 916 -17.45 22.11 29.99
CA ILE D 916 -17.46 23.55 29.77
C ILE D 916 -16.36 23.87 28.79
N GLU D 917 -15.13 23.77 29.29
CA GLU D 917 -13.96 23.93 28.46
C GLU D 917 -14.12 23.33 27.08
N THR D 918 -14.34 22.02 26.98
CA THR D 918 -14.61 21.37 25.70
C THR D 918 -15.37 22.26 24.77
N SER D 919 -16.32 22.99 25.29
CA SER D 919 -17.01 24.05 24.61
C SER D 919 -16.47 25.41 25.00
N ALA D 920 -17.31 26.27 25.56
CA ALA D 920 -16.84 27.40 26.33
C ALA D 920 -15.92 28.35 25.59
N TYR D 921 -15.36 27.97 24.45
CA TYR D 921 -14.31 28.78 23.88
C TYR D 921 -14.41 28.81 22.37
N ALA D 922 -13.65 29.72 21.76
CA ALA D 922 -13.87 30.06 20.37
C ALA D 922 -15.35 30.38 20.18
N ARG D 923 -15.90 31.07 21.17
CA ARG D 923 -17.34 31.16 21.32
C ARG D 923 -17.78 32.59 21.11
N THR D 924 -19.00 32.73 20.59
CA THR D 924 -19.50 34.01 20.11
C THR D 924 -20.45 34.60 21.12
N LEU D 925 -20.16 35.81 21.57
CA LEU D 925 -21.21 36.57 22.21
C LEU D 925 -22.46 36.52 21.35
N GLY D 926 -23.18 35.41 21.44
CA GLY D 926 -24.44 35.31 20.74
C GLY D 926 -25.27 36.54 21.04
N THR D 927 -25.24 36.96 22.29
CA THR D 927 -25.77 38.25 22.68
C THR D 927 -24.87 38.83 23.75
N ASP D 928 -25.43 39.72 24.54
CA ASP D 928 -24.60 40.65 25.29
C ASP D 928 -24.51 40.23 26.75
N ALA D 929 -23.38 39.63 27.09
CA ALA D 929 -23.09 39.22 28.46
C ALA D 929 -23.43 40.36 29.39
N VAL D 930 -24.58 40.28 30.05
CA VAL D 930 -24.95 41.26 31.05
C VAL D 930 -24.36 40.83 32.38
N ASP D 931 -24.05 41.78 33.24
CA ASP D 931 -23.60 41.40 34.58
C ASP D 931 -24.82 41.00 35.39
N GLU D 932 -24.62 40.75 36.67
CA GLU D 932 -25.75 40.50 37.55
C GLU D 932 -26.75 41.64 37.41
N ALA D 933 -27.56 41.57 36.37
CA ALA D 933 -28.46 42.67 36.02
C ALA D 933 -27.65 43.95 35.87
N GLY D 934 -27.15 44.47 37.00
CA GLY D 934 -26.31 45.64 37.07
C GLY D 934 -25.93 46.30 35.77
N ASN D 935 -25.62 45.49 34.76
CA ASN D 935 -25.22 46.01 33.46
C ASN D 935 -25.34 44.89 32.45
N VAL D 936 -24.74 45.10 31.28
CA VAL D 936 -24.55 44.00 30.34
C VAL D 936 -23.07 43.69 30.25
N ILE D 937 -22.57 43.01 31.27
CA ILE D 937 -21.15 42.78 31.47
C ILE D 937 -20.38 42.69 30.16
N VAL D 938 -20.93 41.99 29.17
CA VAL D 938 -20.31 41.96 27.86
C VAL D 938 -21.44 41.92 26.83
N GLU D 939 -21.11 41.60 25.59
CA GLU D 939 -21.96 42.00 24.47
C GLU D 939 -21.84 41.07 23.27
N ARG D 940 -23.00 40.58 22.86
CA ARG D 940 -23.20 39.91 21.58
C ARG D 940 -22.03 40.13 20.63
N GLY D 941 -21.58 39.05 20.03
CA GLY D 941 -20.42 39.08 19.16
C GLY D 941 -19.09 39.23 19.85
N GLN D 942 -18.55 38.15 20.43
CA GLN D 942 -17.16 38.08 20.85
C GLN D 942 -16.74 36.63 21.00
N ASP D 943 -15.43 36.40 20.89
CA ASP D 943 -14.89 35.06 21.06
C ASP D 943 -14.97 34.58 22.48
N LEU D 944 -15.00 35.49 23.44
CA LEU D 944 -15.37 35.13 24.78
C LEU D 944 -14.23 34.41 25.46
N GLY D 945 -13.03 34.84 25.07
CA GLY D 945 -11.80 34.20 25.52
C GLY D 945 -11.76 33.94 27.01
N ASP D 946 -10.68 33.33 27.43
CA ASP D 946 -10.48 33.07 28.84
C ASP D 946 -10.94 34.28 29.63
N PRO D 947 -10.23 35.40 29.54
CA PRO D 947 -10.58 36.54 30.40
C PRO D 947 -12.07 36.65 30.58
N GLU D 948 -12.78 36.89 29.50
CA GLU D 948 -14.20 36.59 29.44
C GLU D 948 -14.54 35.46 30.40
N ILE D 949 -14.03 34.28 30.11
CA ILE D 949 -14.29 33.11 30.93
C ILE D 949 -14.12 33.43 32.39
N ASP D 950 -13.43 34.52 32.70
CA ASP D 950 -12.71 34.61 33.95
C ASP D 950 -13.34 35.64 34.87
N ALA D 951 -13.39 36.89 34.42
CA ALA D 951 -14.26 37.85 35.08
C ALA D 951 -15.71 37.43 34.92
N LEU D 952 -16.15 37.30 33.67
CA LEU D 952 -17.44 36.70 33.42
C LEU D 952 -17.62 35.46 34.26
N LEU D 953 -16.63 34.58 34.22
CA LEU D 953 -16.49 33.62 35.30
C LEU D 953 -16.90 34.22 36.63
N ALA D 954 -16.41 35.42 36.93
CA ALA D 954 -16.84 36.09 38.14
C ALA D 954 -18.26 36.63 38.00
N ALA D 955 -18.91 36.36 36.87
CA ALA D 955 -20.29 36.80 36.73
C ALA D 955 -21.25 35.81 37.36
N GLY D 956 -20.72 34.84 38.10
CA GLY D 956 -21.55 33.87 38.79
C GLY D 956 -22.75 33.39 38.02
N ILE D 957 -22.70 33.42 36.70
CA ILE D 957 -23.85 33.11 35.86
C ILE D 957 -23.55 31.87 35.03
N THR D 958 -24.53 31.43 34.24
CA THR D 958 -24.45 30.10 33.65
C THR D 958 -25.18 29.97 32.32
N GLN D 959 -25.20 31.02 31.51
CA GLN D 959 -25.69 30.91 30.14
C GLN D 959 -25.27 32.13 29.35
N VAL D 960 -25.11 31.95 28.04
CA VAL D 960 -24.90 33.06 27.11
C VAL D 960 -25.27 32.58 25.72
N LYS D 961 -26.31 33.16 25.15
CA LYS D 961 -26.60 32.91 23.75
C LYS D 961 -25.36 33.21 22.95
N VAL D 962 -25.12 32.45 21.90
CA VAL D 962 -23.84 32.47 21.23
C VAL D 962 -24.04 32.21 19.74
N ARG D 963 -23.64 33.18 18.92
CA ARG D 963 -23.61 32.94 17.48
C ARG D 963 -22.85 31.65 17.21
N SER D 964 -23.44 30.54 17.63
CA SER D 964 -22.99 29.25 17.17
C SER D 964 -22.97 29.28 15.66
N VAL D 965 -23.68 28.31 15.09
CA VAL D 965 -23.51 28.01 13.69
C VAL D 965 -24.63 27.14 13.17
N LEU D 966 -24.84 25.97 13.76
CA LEU D 966 -26.03 25.22 13.44
C LEU D 966 -27.24 26.11 13.34
N THR D 967 -27.23 27.25 14.04
CA THR D 967 -28.15 28.34 13.80
C THR D 967 -27.62 29.30 12.73
N CYS D 968 -26.85 28.80 11.78
CA CYS D 968 -26.20 29.68 10.82
C CYS D 968 -27.21 30.34 9.90
N ALA D 969 -27.43 31.63 10.11
CA ALA D 969 -28.22 32.40 9.18
C ALA D 969 -27.68 32.32 7.77
N THR D 970 -26.37 32.15 7.60
CA THR D 970 -25.85 32.02 6.25
C THR D 970 -26.60 30.90 5.56
N SER D 971 -27.46 31.29 4.63
CA SER D 971 -28.18 30.33 3.81
C SER D 971 -27.33 29.10 3.56
N THR D 972 -26.65 29.08 2.42
CA THR D 972 -25.61 28.11 2.16
C THR D 972 -24.48 28.34 3.15
N GLY D 973 -23.43 27.53 3.06
CA GLY D 973 -22.24 27.66 3.85
C GLY D 973 -22.47 28.36 5.18
N VAL D 974 -21.57 29.28 5.51
CA VAL D 974 -21.52 29.80 6.86
C VAL D 974 -20.92 31.19 6.91
N CYS D 975 -20.94 31.76 8.10
CA CYS D 975 -20.42 33.09 8.33
C CYS D 975 -19.43 33.08 9.49
N ALA D 976 -18.39 33.89 9.34
CA ALA D 976 -17.52 34.14 10.47
C ALA D 976 -18.32 34.25 11.74
N THR D 977 -19.14 35.28 11.84
CA THR D 977 -20.03 35.41 12.97
C THR D 977 -20.50 34.06 13.46
N CYS D 978 -21.26 33.34 12.63
CA CYS D 978 -21.54 31.96 12.99
C CYS D 978 -20.30 31.28 13.53
N TYR D 979 -19.41 30.88 12.65
CA TYR D 979 -18.19 30.25 13.15
C TYR D 979 -17.28 31.24 13.82
N GLY D 980 -16.55 32.03 13.03
CA GLY D 980 -15.60 32.95 13.60
C GLY D 980 -14.19 32.41 13.76
N ARG D 981 -13.73 32.33 15.00
CA ARG D 981 -12.34 31.99 15.25
C ARG D 981 -12.05 30.52 15.14
N SER D 982 -10.94 30.22 14.48
CA SER D 982 -10.33 28.92 14.62
C SER D 982 -9.39 28.86 15.81
N MET D 983 -9.64 27.90 16.68
CA MET D 983 -8.56 27.41 17.52
C MET D 983 -7.37 27.01 16.69
N ALA D 984 -7.57 26.12 15.71
CA ALA D 984 -6.53 25.87 14.72
C ALA D 984 -5.84 27.17 14.35
N THR D 985 -6.60 28.25 14.23
CA THR D 985 -6.00 29.57 14.16
C THR D 985 -5.67 30.10 15.52
N GLY D 986 -6.32 29.59 16.54
CA GLY D 986 -6.57 30.45 17.67
C GLY D 986 -7.09 31.79 17.24
N LYS D 987 -7.74 31.86 16.08
CA LYS D 987 -8.22 33.12 15.54
C LYS D 987 -9.42 32.88 14.65
N LEU D 988 -10.11 33.97 14.39
CA LEU D 988 -11.18 33.98 13.41
C LEU D 988 -10.89 33.03 12.27
N VAL D 989 -11.95 32.56 11.63
CA VAL D 989 -11.81 31.75 10.44
C VAL D 989 -11.60 32.63 9.21
N ASP D 990 -11.82 32.06 8.02
CA ASP D 990 -11.63 32.79 6.78
C ASP D 990 -12.80 32.60 5.82
N ILE D 991 -12.71 33.31 4.70
CA ILE D 991 -13.85 33.57 3.84
C ILE D 991 -14.60 32.29 3.46
N GLY D 992 -13.90 31.16 3.40
CA GLY D 992 -14.54 29.94 2.93
C GLY D 992 -13.71 28.74 3.26
N GLU D 993 -14.15 27.94 4.23
CA GLU D 993 -13.20 27.09 4.90
C GLU D 993 -13.81 25.72 5.15
N ALA D 994 -12.95 24.70 5.26
CA ALA D 994 -13.37 23.32 5.02
C ALA D 994 -13.19 22.47 6.26
N VAL D 995 -13.31 23.13 7.41
CA VAL D 995 -13.53 22.41 8.66
C VAL D 995 -14.20 21.07 8.43
N GLY D 996 -15.20 21.01 7.56
CA GLY D 996 -15.75 19.75 7.11
C GLY D 996 -14.63 18.76 6.96
N ILE D 997 -13.57 19.20 6.29
CA ILE D 997 -12.33 18.44 6.37
C ILE D 997 -11.95 18.27 7.81
N VAL D 998 -10.73 18.68 8.16
CA VAL D 998 -10.59 19.37 9.41
C VAL D 998 -11.23 18.56 10.51
N ALA D 999 -12.22 19.14 11.17
CA ALA D 999 -13.15 18.31 11.89
C ALA D 999 -13.21 16.94 11.29
N ALA D 1000 -13.71 16.84 10.05
CA ALA D 1000 -13.68 15.55 9.39
C ALA D 1000 -12.42 14.80 9.75
N GLN D 1001 -11.26 15.45 9.67
CA GLN D 1001 -10.08 14.77 10.19
C GLN D 1001 -10.19 14.60 11.68
N SER D 1002 -9.63 15.54 12.43
CA SER D 1002 -10.23 15.94 13.69
C SER D 1002 -11.26 14.96 14.15
N ILE D 1003 -12.34 14.83 13.39
CA ILE D 1003 -13.39 13.91 13.73
C ILE D 1003 -12.94 12.46 13.65
N GLY D 1004 -12.77 11.95 12.45
CA GLY D 1004 -12.44 10.57 12.28
C GLY D 1004 -11.18 10.22 13.04
N GLU D 1005 -10.06 10.77 12.56
CA GLU D 1005 -8.76 10.38 13.08
C GLU D 1005 -8.83 9.89 14.52
N PRO D 1006 -9.27 10.67 15.45
CA PRO D 1006 -9.09 10.32 16.86
C PRO D 1006 -9.61 8.95 17.20
N GLY D 1007 -10.71 8.55 16.54
CA GLY D 1007 -11.18 7.20 16.72
C GLY D 1007 -10.02 6.25 16.91
N THR D 1008 -9.03 6.35 16.03
CA THR D 1008 -7.66 6.01 16.37
C THR D 1008 -7.54 4.95 17.43
N GLN D 1009 -8.02 5.21 18.64
CA GLN D 1009 -7.72 4.33 19.74
C GLN D 1009 -8.84 4.20 20.75
N LEU D 1010 -9.86 3.41 20.45
CA LEU D 1010 -10.87 3.08 21.44
C LEU D 1010 -11.10 1.57 21.41
N THR D 1011 -11.83 1.08 22.41
CA THR D 1011 -12.15 -0.35 22.49
C THR D 1011 -13.66 -0.52 22.49
N MET D 1012 -14.11 -1.73 22.82
CA MET D 1012 -15.52 -1.96 23.05
C MET D 1012 -16.33 -1.61 21.81
N ILE D 1024 -26.14 -2.34 23.21
CA ILE D 1024 -24.99 -2.02 24.05
C ILE D 1024 -23.66 -2.23 23.34
N THR D 1025 -23.10 -1.15 22.79
CA THR D 1025 -21.82 -1.18 22.11
C THR D 1025 -20.97 -0.02 22.58
N GLY D 1026 -19.68 -0.04 22.25
CA GLY D 1026 -18.79 1.01 22.68
C GLY D 1026 -18.24 1.84 21.54
N GLY D 1027 -17.00 1.59 21.18
CA GLY D 1027 -16.34 2.31 20.11
C GLY D 1027 -17.26 2.50 18.93
N LEU D 1028 -16.90 3.47 18.09
CA LEU D 1028 -17.58 3.67 16.82
C LEU D 1028 -18.81 2.82 16.63
N PRO D 1029 -18.71 1.55 16.23
CA PRO D 1029 -19.90 0.80 15.86
C PRO D 1029 -21.11 1.28 16.58
N ARG D 1030 -21.14 1.03 17.89
CA ARG D 1030 -22.02 1.78 18.75
C ARG D 1030 -22.21 3.16 18.18
N VAL D 1031 -21.16 3.97 18.26
CA VAL D 1031 -21.12 5.27 17.61
C VAL D 1031 -21.70 5.19 16.22
N GLN D 1032 -20.85 5.31 15.20
CA GLN D 1032 -21.18 4.71 13.93
C GLN D 1032 -22.67 4.74 13.65
N GLU D 1033 -23.42 3.73 14.08
CA GLU D 1033 -24.86 3.93 14.00
C GLU D 1033 -25.28 5.13 14.81
N LEU D 1034 -24.71 5.30 16.00
CA LEU D 1034 -24.86 6.57 16.72
C LEU D 1034 -24.70 7.71 15.75
N PHE D 1035 -23.89 7.53 14.73
CA PHE D 1035 -24.06 8.39 13.58
C PHE D 1035 -25.27 7.96 12.77
N GLU D 1036 -25.22 6.76 12.22
CA GLU D 1036 -26.27 6.41 11.28
C GLU D 1036 -27.62 6.29 11.95
N ALA D 1037 -27.67 6.38 13.29
CA ALA D 1037 -28.90 6.68 14.00
C ALA D 1037 -29.99 5.65 13.72
N ARG D 1038 -29.61 4.41 13.45
CA ARG D 1038 -30.63 3.40 13.19
C ARG D 1038 -31.52 3.26 14.42
N VAL D 1039 -31.12 2.36 15.32
CA VAL D 1039 -31.82 2.13 16.57
C VAL D 1039 -30.85 1.51 17.56
N PRO D 1040 -30.92 1.85 18.84
CA PRO D 1040 -30.08 1.14 19.82
C PRO D 1040 -30.64 -0.24 20.06
N ARG D 1041 -29.84 -1.26 19.72
CA ARG D 1041 -30.11 -2.57 20.29
C ARG D 1041 -30.37 -2.44 21.77
N GLY D 1042 -29.57 -1.61 22.44
CA GLY D 1042 -29.89 -1.15 23.77
C GLY D 1042 -30.95 -0.07 23.73
N LYS D 1043 -31.96 -0.27 22.89
CA LYS D 1043 -33.13 0.60 22.93
C LYS D 1043 -33.65 0.70 24.36
N ALA D 1044 -33.93 1.93 24.77
CA ALA D 1044 -34.38 2.22 26.13
C ALA D 1044 -35.63 3.09 26.06
N PRO D 1045 -36.72 2.71 26.72
CA PRO D 1045 -37.95 3.50 26.59
C PRO D 1045 -37.73 4.92 27.10
N ILE D 1046 -38.57 5.82 26.61
CA ILE D 1046 -38.40 7.24 26.81
C ILE D 1046 -39.74 7.89 27.04
N ALA D 1047 -39.88 8.57 28.18
CA ALA D 1047 -41.17 9.13 28.53
C ALA D 1047 -41.65 10.09 27.47
N ASP D 1048 -42.75 10.78 27.77
CA ASP D 1048 -43.49 11.51 26.75
C ASP D 1048 -44.13 12.79 27.26
N VAL D 1049 -45.32 12.71 27.84
CA VAL D 1049 -45.92 13.85 28.53
C VAL D 1049 -45.32 13.88 29.92
N THR D 1050 -46.16 13.74 30.94
CA THR D 1050 -45.68 13.51 32.30
C THR D 1050 -46.74 12.79 33.12
N GLY D 1051 -47.20 13.46 34.18
CA GLY D 1051 -48.06 12.82 35.16
C GLY D 1051 -47.29 11.73 35.85
N ARG D 1052 -47.94 10.86 36.62
CA ARG D 1052 -47.20 9.78 37.25
C ARG D 1052 -47.15 8.57 36.33
N VAL D 1053 -46.72 7.46 36.92
CA VAL D 1053 -46.39 6.26 36.17
C VAL D 1053 -46.94 5.05 36.89
N ARG D 1054 -47.57 4.16 36.14
CA ARG D 1054 -47.94 2.85 36.66
C ARG D 1054 -47.07 1.79 36.00
N LEU D 1055 -45.84 1.69 36.45
CA LEU D 1055 -44.98 0.55 36.19
C LEU D 1055 -45.72 -0.72 36.59
N GLU D 1056 -45.32 -1.85 36.03
CA GLU D 1056 -45.75 -3.17 36.47
C GLU D 1056 -44.88 -4.23 35.81
N ASP D 1057 -43.78 -4.58 36.45
CA ASP D 1057 -42.76 -5.40 35.83
C ASP D 1057 -43.29 -6.81 35.60
N GLY D 1058 -42.38 -7.78 35.61
CA GLY D 1058 -42.74 -9.16 35.44
C GLY D 1058 -41.89 -9.88 34.43
N GLU D 1059 -41.99 -11.22 34.41
CA GLU D 1059 -41.40 -12.10 33.40
C GLU D 1059 -40.35 -11.37 32.57
N ARG D 1060 -39.35 -10.82 33.24
CA ARG D 1060 -38.42 -9.89 32.63
C ARG D 1060 -39.18 -8.77 31.98
N PHE D 1061 -39.99 -9.06 30.96
CA PHE D 1061 -40.89 -8.06 30.39
C PHE D 1061 -41.64 -7.34 31.50
N TYR D 1062 -41.17 -6.17 31.91
CA TYR D 1062 -41.81 -5.46 32.99
C TYR D 1062 -43.27 -5.21 32.68
N LYS D 1063 -43.56 -4.15 31.93
CA LYS D 1063 -44.88 -3.57 31.81
C LYS D 1063 -44.98 -2.37 32.73
N ILE D 1064 -45.55 -1.28 32.22
CA ILE D 1064 -45.66 -0.04 32.97
C ILE D 1064 -46.75 0.80 32.32
N THR D 1065 -47.19 1.85 33.00
CA THR D 1065 -48.19 2.77 32.47
C THR D 1065 -48.08 4.09 33.21
N ILE D 1066 -47.56 5.10 32.54
CA ILE D 1066 -47.37 6.41 33.13
C ILE D 1066 -48.68 7.18 33.09
N VAL D 1067 -49.23 7.48 34.25
CA VAL D 1067 -50.25 8.50 34.38
C VAL D 1067 -49.75 9.72 33.63
N PRO D 1068 -50.22 9.96 32.41
CA PRO D 1068 -49.90 11.25 31.79
C PRO D 1068 -50.40 12.31 32.74
N ASP D 1069 -49.66 13.40 32.82
CA ASP D 1069 -50.17 14.47 33.66
C ASP D 1069 -51.42 15.08 33.06
N ASP D 1070 -51.73 14.69 31.82
CA ASP D 1070 -52.89 15.21 31.11
C ASP D 1070 -54.06 15.39 32.06
N GLY D 1071 -54.42 14.33 32.77
CA GLY D 1071 -53.70 13.08 32.72
C GLY D 1071 -54.30 12.02 31.81
N GLY D 1072 -55.21 11.25 32.38
CA GLY D 1072 -55.92 10.26 31.59
C GLY D 1072 -55.01 9.31 30.87
N GLU D 1073 -55.29 9.10 29.60
CA GLU D 1073 -54.72 7.98 28.88
C GLU D 1073 -53.21 7.95 29.04
N GLU D 1074 -52.72 6.87 29.64
CA GLU D 1074 -51.31 6.72 29.95
C GLU D 1074 -50.62 5.93 28.85
N VAL D 1075 -49.50 6.46 28.36
CA VAL D 1075 -48.66 5.74 27.42
C VAL D 1075 -48.10 4.55 28.18
N VAL D 1076 -48.32 3.37 27.65
CA VAL D 1076 -48.10 2.12 28.39
C VAL D 1076 -47.02 1.33 27.69
N TYR D 1077 -46.34 0.47 28.45
CA TYR D 1077 -45.30 -0.40 27.94
C TYR D 1077 -45.27 -1.64 28.80
N ASP D 1078 -44.86 -2.76 28.23
CA ASP D 1078 -45.25 -4.04 28.80
C ASP D 1078 -44.08 -5.02 28.83
N LYS D 1079 -43.93 -5.78 27.75
CA LYS D 1079 -42.76 -6.63 27.56
C LYS D 1079 -41.55 -5.74 27.75
N ILE D 1080 -40.94 -5.87 28.92
CA ILE D 1080 -39.87 -4.97 29.34
C ILE D 1080 -38.84 -5.79 30.09
N SER D 1081 -38.17 -6.69 29.39
CA SER D 1081 -37.28 -7.65 30.02
C SER D 1081 -36.47 -7.04 31.15
N LYS D 1082 -36.26 -7.84 32.20
CA LYS D 1082 -35.60 -7.33 33.40
C LYS D 1082 -34.14 -6.98 33.13
N ARG D 1083 -33.50 -7.67 32.19
CA ARG D 1083 -32.14 -7.30 31.82
C ARG D 1083 -31.98 -5.79 31.74
N GLN D 1084 -32.47 -5.17 30.67
CA GLN D 1084 -32.69 -3.75 30.73
C GLN D 1084 -33.73 -3.53 31.81
N ARG D 1085 -33.30 -3.68 33.06
CA ARG D 1085 -34.17 -3.43 34.18
C ARG D 1085 -34.55 -1.96 34.22
N LEU D 1086 -35.14 -1.55 35.32
CA LEU D 1086 -35.63 -0.19 35.41
C LEU D 1086 -34.46 0.80 35.31
N ARG D 1087 -34.79 2.07 35.41
CA ARG D 1087 -33.82 3.14 35.32
C ARG D 1087 -33.64 3.75 36.69
N VAL D 1088 -33.34 5.04 36.72
CA VAL D 1088 -33.13 5.80 37.93
C VAL D 1088 -33.31 7.26 37.54
N PHE D 1089 -33.32 8.15 38.53
CA PHE D 1089 -33.64 9.55 38.28
C PHE D 1089 -33.67 10.30 39.60
N LYS D 1090 -32.64 11.10 39.84
CA LYS D 1090 -32.62 11.88 41.06
C LYS D 1090 -33.36 13.18 40.82
N GLU D 1096 -36.57 10.60 43.79
CA GLU D 1096 -35.51 11.46 43.31
C GLU D 1096 -34.23 10.64 43.15
N ARG D 1097 -34.33 9.55 42.39
CA ARG D 1097 -33.20 8.66 42.13
C ARG D 1097 -33.64 7.44 41.35
N VAL D 1098 -33.35 6.25 41.87
CA VAL D 1098 -33.76 4.97 41.27
C VAL D 1098 -35.09 5.15 40.59
N LEU D 1099 -35.27 4.47 39.46
CA LEU D 1099 -36.59 4.32 38.89
C LEU D 1099 -37.53 3.83 39.99
N SER D 1100 -38.82 4.10 39.83
CA SER D 1100 -39.82 3.70 40.81
C SER D 1100 -41.20 4.02 40.26
N ASP D 1101 -42.10 3.03 40.32
CA ASP D 1101 -43.43 3.17 39.75
C ASP D 1101 -44.17 4.35 40.35
N GLY D 1102 -45.47 4.42 40.08
CA GLY D 1102 -46.32 5.40 40.71
C GLY D 1102 -45.90 6.83 40.50
N ASP D 1103 -44.63 7.13 40.64
CA ASP D 1103 -44.14 8.48 40.53
C ASP D 1103 -44.74 9.21 39.35
N HIS D 1104 -44.89 10.52 39.51
CA HIS D 1104 -45.04 11.43 38.39
C HIS D 1104 -43.99 11.08 37.34
N VAL D 1105 -44.20 11.57 36.12
CA VAL D 1105 -43.41 11.17 34.96
C VAL D 1105 -43.02 12.43 34.18
N GLU D 1106 -42.22 12.26 33.14
CA GLU D 1106 -41.66 13.41 32.43
C GLU D 1106 -41.79 13.24 30.92
N VAL D 1107 -41.45 14.30 30.19
CA VAL D 1107 -41.59 14.27 28.75
C VAL D 1107 -40.45 13.48 28.14
N GLY D 1108 -39.41 14.17 27.67
CA GLY D 1108 -38.29 13.50 27.06
C GLY D 1108 -37.78 12.39 27.94
N GLN D 1109 -38.11 12.49 29.23
CA GLN D 1109 -37.79 11.47 30.21
C GLN D 1109 -37.61 10.10 29.58
N GLN D 1110 -36.39 9.79 29.17
CA GLN D 1110 -36.08 8.40 28.88
C GLN D 1110 -36.64 7.51 29.98
N LEU D 1111 -37.58 6.64 29.61
CA LEU D 1111 -38.01 5.64 30.57
C LEU D 1111 -36.85 5.00 31.29
N MET D 1112 -36.21 4.03 30.66
CA MET D 1112 -35.27 3.16 31.32
C MET D 1112 -33.84 3.68 31.15
N GLU D 1113 -32.95 2.98 31.80
CA GLU D 1113 -31.56 2.89 31.42
C GLU D 1113 -31.44 2.60 29.92
N GLY D 1114 -30.34 3.05 29.33
CA GLY D 1114 -30.03 2.63 27.98
C GLY D 1114 -30.32 3.64 26.88
N SER D 1115 -30.12 3.24 25.62
CA SER D 1115 -30.26 4.13 24.48
C SER D 1115 -31.63 3.95 23.86
N ALA D 1116 -31.97 4.80 22.90
CA ALA D 1116 -33.27 4.74 22.26
C ALA D 1116 -33.29 5.51 20.94
N ASP D 1117 -34.48 5.92 20.52
CA ASP D 1117 -34.67 6.51 19.21
C ASP D 1117 -34.72 8.04 19.32
N PRO D 1118 -33.60 8.72 19.21
CA PRO D 1118 -33.66 10.17 19.07
C PRO D 1118 -34.65 10.56 18.00
N HIS D 1119 -34.62 9.87 16.87
CA HIS D 1119 -35.67 10.03 15.87
C HIS D 1119 -36.98 10.36 16.56
N GLU D 1120 -37.22 9.73 17.71
CA GLU D 1120 -38.33 10.14 18.53
C GLU D 1120 -38.08 11.50 19.15
N VAL D 1121 -36.94 11.65 19.82
CA VAL D 1121 -36.71 12.88 20.58
C VAL D 1121 -37.10 14.09 19.75
N LEU D 1122 -36.51 14.23 18.56
CA LEU D 1122 -37.19 15.03 17.56
C LEU D 1122 -38.66 14.75 17.58
N ARG D 1123 -39.03 13.55 17.14
CA ARG D 1123 -40.42 13.23 16.84
C ARG D 1123 -41.34 13.60 17.99
N VAL D 1124 -40.86 14.41 18.91
CA VAL D 1124 -41.45 14.51 20.23
C VAL D 1124 -40.92 15.72 20.96
N GLN D 1125 -40.19 16.58 20.26
CA GLN D 1125 -39.25 17.47 20.92
C GLN D 1125 -38.26 18.12 19.98
N GLY D 1126 -38.24 17.72 18.72
CA GLY D 1126 -37.28 18.27 17.82
C GLY D 1126 -35.89 18.07 18.37
N PRO D 1127 -34.91 18.45 17.60
CA PRO D 1127 -33.55 18.00 17.87
C PRO D 1127 -32.95 18.78 19.00
N ARG D 1128 -33.58 19.91 19.32
CA ARG D 1128 -32.88 20.93 20.07
C ARG D 1128 -31.85 20.34 21.02
N GLU D 1129 -32.26 19.75 22.12
CA GLU D 1129 -31.34 18.84 22.81
C GLU D 1129 -30.76 17.83 21.86
N VAL D 1130 -31.44 16.70 21.70
CA VAL D 1130 -31.08 15.71 20.68
C VAL D 1130 -29.70 15.99 20.18
N GLN D 1131 -29.62 16.72 19.06
CA GLN D 1131 -28.49 17.60 18.83
C GLN D 1131 -27.55 17.55 20.01
N ILE D 1132 -27.76 18.47 20.95
CA ILE D 1132 -27.15 18.39 22.27
C ILE D 1132 -27.00 16.95 22.68
N HIS D 1133 -28.11 16.19 22.65
CA HIS D 1133 -28.03 14.79 23.02
C HIS D 1133 -26.84 14.14 22.37
N LEU D 1134 -27.09 13.37 21.32
CA LEU D 1134 -26.13 13.16 20.26
C LEU D 1134 -24.76 13.66 20.67
N VAL D 1135 -24.41 14.84 20.20
CA VAL D 1135 -23.30 15.63 20.74
C VAL D 1135 -22.70 14.96 21.95
N ARG D 1136 -23.16 15.36 23.13
CA ARG D 1136 -22.71 14.73 24.35
C ARG D 1136 -22.49 13.26 24.13
N GLU D 1137 -23.52 12.56 23.63
CA GLU D 1137 -23.45 11.12 23.46
C GLU D 1137 -22.15 10.76 22.81
N VAL D 1138 -21.54 11.75 22.19
CA VAL D 1138 -20.41 11.54 21.33
C VAL D 1138 -19.13 11.98 22.02
N GLN D 1139 -19.03 13.28 22.27
CA GLN D 1139 -18.01 13.73 23.20
C GLN D 1139 -17.83 12.71 24.28
N GLU D 1140 -18.61 12.84 25.35
CA GLU D 1140 -19.11 11.69 26.07
C GLU D 1140 -18.33 10.44 25.75
N VAL D 1141 -18.53 9.88 24.57
CA VAL D 1141 -17.66 8.78 24.18
C VAL D 1141 -16.21 9.17 24.36
N TYR D 1142 -15.79 10.22 23.68
CA TYR D 1142 -14.43 10.67 23.88
C TYR D 1142 -14.12 10.87 25.35
N ARG D 1143 -15.06 11.42 26.09
CA ARG D 1143 -14.94 11.40 27.54
C ARG D 1143 -14.41 10.05 27.99
N ALA D 1144 -15.14 8.98 27.66
CA ALA D 1144 -14.60 7.64 27.82
C ALA D 1144 -13.15 7.55 27.41
N GLN D 1145 -12.74 8.38 26.48
CA GLN D 1145 -11.38 8.37 26.04
C GLN D 1145 -10.63 9.57 26.57
N GLY D 1146 -11.35 10.58 27.04
CA GLY D 1146 -10.71 11.83 27.41
C GLY D 1146 -9.76 12.33 26.36
N VAL D 1147 -10.20 13.22 25.49
CA VAL D 1147 -9.37 13.67 24.39
C VAL D 1147 -9.67 15.13 24.10
N SER D 1148 -8.73 15.78 23.43
CA SER D 1148 -8.88 17.17 23.01
C SER D 1148 -9.99 17.21 21.98
N ILE D 1149 -11.15 17.72 22.36
CA ILE D 1149 -12.36 17.55 21.57
C ILE D 1149 -13.15 18.85 21.59
N HIS D 1150 -13.74 19.22 20.45
CA HIS D 1150 -14.62 20.37 20.46
C HIS D 1150 -15.76 20.27 19.46
N ASP D 1151 -16.69 19.39 19.73
CA ASP D 1151 -18.06 19.81 19.49
C ASP D 1151 -18.35 20.11 18.03
N LYS D 1152 -17.79 21.20 17.53
CA LYS D 1152 -18.12 21.69 16.20
C LYS D 1152 -18.32 20.58 15.21
N HIS D 1153 -17.23 20.05 14.68
CA HIS D 1153 -17.21 18.74 14.06
C HIS D 1153 -18.61 18.18 13.97
N ILE D 1154 -19.17 17.82 15.11
CA ILE D 1154 -20.56 17.43 15.14
C ILE D 1154 -21.42 18.59 14.71
N GLU D 1155 -21.36 19.68 15.46
CA GLU D 1155 -22.14 20.86 15.14
C GLU D 1155 -22.29 20.99 13.64
N VAL D 1156 -21.28 21.57 13.01
CA VAL D 1156 -20.79 21.02 11.77
C VAL D 1156 -21.72 19.95 11.25
N ILE D 1157 -21.68 18.78 11.86
CA ILE D 1157 -22.62 17.75 11.48
C ILE D 1157 -24.01 18.25 11.73
N VAL D 1158 -24.72 17.64 12.66
CA VAL D 1158 -25.84 18.31 13.25
C VAL D 1158 -26.59 19.06 12.19
N ARG D 1159 -26.04 20.21 11.78
CA ARG D 1159 -26.42 20.84 10.54
C ARG D 1159 -26.74 19.78 9.49
N GLN D 1160 -26.23 18.58 9.67
CA GLN D 1160 -26.37 17.52 8.68
C GLN D 1160 -27.68 16.79 8.80
N MET D 1161 -27.65 15.48 9.07
CA MET D 1161 -28.81 14.60 8.96
C MET D 1161 -30.15 15.29 9.16
N LEU D 1162 -30.14 16.51 9.66
CA LEU D 1162 -31.33 17.35 9.67
C LEU D 1162 -31.19 18.50 8.70
N ARG D 1163 -31.80 18.37 7.53
CA ARG D 1163 -31.63 19.38 6.50
C ARG D 1163 -32.79 19.39 5.52
N ARG D 1164 -33.30 18.21 5.18
CA ARG D 1164 -34.52 18.09 4.42
C ARG D 1164 -35.65 17.71 5.35
N VAL D 1165 -36.81 18.31 5.14
CA VAL D 1165 -38.00 17.77 5.78
C VAL D 1165 -38.59 16.74 4.84
N THR D 1166 -39.49 15.93 5.37
CA THR D 1166 -40.13 14.89 4.57
C THR D 1166 -41.02 15.56 3.54
N ILE D 1167 -41.76 14.73 2.79
CA ILE D 1167 -42.73 15.23 1.83
C ILE D 1167 -44.03 14.49 2.11
N ILE D 1168 -44.70 14.85 3.19
CA ILE D 1168 -45.89 14.13 3.61
C ILE D 1168 -47.06 14.43 2.68
N ASP D 1169 -47.51 15.67 2.64
CA ASP D 1169 -48.77 16.01 2.01
C ASP D 1169 -48.60 17.30 1.22
N SER D 1170 -48.34 17.16 -0.07
CA SER D 1170 -48.32 18.33 -0.95
C SER D 1170 -49.57 19.18 -0.75
N GLY D 1171 -50.66 18.58 -0.29
CA GLY D 1171 -51.91 19.31 -0.23
C GLY D 1171 -52.18 19.92 -1.58
N SER D 1172 -51.30 20.83 -1.98
CA SER D 1172 -51.26 21.32 -3.33
C SER D 1172 -49.86 21.71 -3.78
N THR D 1173 -48.83 20.97 -3.37
CA THR D 1173 -47.46 21.24 -3.81
C THR D 1173 -47.02 20.06 -4.67
N GLU D 1174 -47.95 19.14 -4.88
CA GLU D 1174 -47.78 18.08 -5.87
C GLU D 1174 -46.44 17.39 -5.76
N PHE D 1175 -46.08 16.96 -4.56
CA PHE D 1175 -44.83 16.26 -4.32
C PHE D 1175 -45.18 14.96 -3.61
N LEU D 1176 -44.81 13.86 -4.23
CA LEU D 1176 -45.23 12.58 -3.71
C LEU D 1176 -44.96 12.48 -2.22
N PRO D 1177 -45.92 11.96 -1.47
CA PRO D 1177 -45.75 11.89 -0.02
C PRO D 1177 -44.50 11.12 0.36
N GLY D 1178 -44.35 10.91 1.66
CA GLY D 1178 -43.18 10.25 2.18
C GLY D 1178 -41.87 10.87 1.76
N SER D 1179 -41.66 11.08 0.48
CA SER D 1179 -40.47 11.71 -0.06
C SER D 1179 -39.97 12.85 0.85
N LEU D 1180 -38.73 13.26 0.60
CA LEU D 1180 -38.11 14.32 1.36
C LEU D 1180 -37.90 15.56 0.50
N ILE D 1181 -37.51 16.64 1.14
CA ILE D 1181 -36.99 17.81 0.47
C ILE D 1181 -36.11 18.55 1.43
N ASP D 1182 -35.02 19.11 0.91
CA ASP D 1182 -34.42 20.22 1.62
C ASP D 1182 -35.52 21.08 2.21
N ARG D 1183 -36.12 20.57 3.27
CA ARG D 1183 -36.63 21.44 4.31
C ARG D 1183 -36.48 22.90 3.88
N ALA D 1184 -35.25 23.42 3.96
CA ALA D 1184 -34.94 24.77 3.50
C ALA D 1184 -35.57 25.06 2.16
N GLU D 1185 -35.57 24.08 1.27
CA GLU D 1185 -36.40 24.23 0.09
C GLU D 1185 -37.86 24.39 0.51
N PHE D 1186 -38.68 23.36 0.28
CA PHE D 1186 -40.06 23.35 0.76
C PHE D 1186 -40.47 24.66 1.38
N GLU D 1187 -39.91 24.96 2.53
CA GLU D 1187 -39.90 26.32 3.02
C GLU D 1187 -39.75 27.31 1.88
N ALA D 1188 -38.50 27.51 1.45
CA ALA D 1188 -38.20 28.13 0.17
C ALA D 1188 -39.25 27.83 -0.86
N GLU D 1189 -39.44 26.56 -1.21
CA GLU D 1189 -40.66 26.16 -1.91
C GLU D 1189 -41.85 26.94 -1.37
N ASN D 1190 -42.41 26.48 -0.25
CA ASN D 1190 -43.56 27.11 0.38
C ASN D 1190 -43.77 28.53 -0.07
N ARG D 1191 -42.95 29.47 0.43
CA ARG D 1191 -43.03 30.84 -0.05
C ARG D 1191 -43.68 30.95 -1.41
N ARG D 1192 -43.22 30.15 -2.37
CA ARG D 1192 -43.90 30.05 -3.64
C ARG D 1192 -45.39 29.95 -3.42
N VAL D 1193 -45.78 29.24 -2.36
CA VAL D 1193 -47.16 29.17 -1.94
C VAL D 1193 -47.91 30.44 -2.30
N VAL D 1194 -47.39 31.59 -1.87
CA VAL D 1194 -47.93 32.87 -2.31
C VAL D 1194 -49.44 32.79 -2.39
N ALA D 1195 -50.04 32.21 -1.36
CA ALA D 1195 -51.42 31.76 -1.48
C ALA D 1195 -51.44 30.58 -2.43
N GLU D 1196 -51.63 30.83 -3.72
CA GLU D 1196 -51.76 29.72 -4.65
C GLU D 1196 -52.92 28.83 -4.23
N GLY D 1197 -53.68 29.29 -3.24
CA GLY D 1197 -54.55 28.41 -2.49
C GLY D 1197 -53.86 27.90 -1.24
N GLY D 1198 -52.78 28.57 -0.83
CA GLY D 1198 -52.02 28.13 0.32
C GLY D 1198 -51.48 26.72 0.14
N GLU D 1199 -50.57 26.55 -0.82
CA GLU D 1199 -50.02 25.26 -1.21
C GLU D 1199 -49.81 24.37 0.00
N PRO D 1200 -50.78 23.53 0.31
CA PRO D 1200 -50.75 22.76 1.58
C PRO D 1200 -49.77 21.59 1.54
N ALA D 1201 -48.49 21.93 1.44
CA ALA D 1201 -47.43 20.93 1.39
C ALA D 1201 -47.10 20.47 2.80
N ALA D 1202 -46.97 19.15 2.99
CA ALA D 1202 -46.69 18.58 4.29
C ALA D 1202 -45.38 17.81 4.25
N GLY D 1203 -44.38 18.30 4.98
CA GLY D 1203 -43.13 17.61 5.18
C GLY D 1203 -42.69 17.82 6.60
N ARG D 1204 -41.57 17.21 6.97
CA ARG D 1204 -41.36 17.24 8.40
C ARG D 1204 -39.92 17.08 8.79
N PRO D 1205 -39.63 17.25 10.07
CA PRO D 1205 -38.29 16.94 10.57
C PRO D 1205 -37.86 15.61 10.00
N VAL D 1206 -36.55 15.47 9.79
CA VAL D 1206 -36.03 14.34 9.04
C VAL D 1206 -34.58 14.08 9.40
N LEU D 1207 -34.36 13.05 10.21
CA LEU D 1207 -33.06 12.40 10.29
C LEU D 1207 -32.73 11.93 8.89
N MET D 1208 -31.44 11.76 8.61
CA MET D 1208 -31.07 11.31 7.28
C MET D 1208 -29.71 10.63 7.30
N GLY D 1209 -29.75 9.31 7.29
CA GLY D 1209 -28.58 8.48 7.50
C GLY D 1209 -27.42 8.73 6.57
N ILE D 1210 -26.34 9.23 7.18
CA ILE D 1210 -25.09 9.54 6.48
C ILE D 1210 -25.13 9.08 5.04
N THR D 1211 -25.34 7.80 4.83
CA THR D 1211 -25.41 7.28 3.48
C THR D 1211 -26.72 7.69 2.84
N LYS D 1212 -27.80 7.01 3.21
CA LYS D 1212 -29.11 7.49 2.82
C LYS D 1212 -29.17 9.00 2.90
N ALA D 1213 -28.54 9.58 3.91
CA ALA D 1213 -28.22 10.98 3.86
C ALA D 1213 -27.58 11.36 2.54
N SER D 1214 -26.34 11.86 2.57
CA SER D 1214 -25.47 11.84 1.41
C SER D 1214 -26.21 11.67 0.10
N LEU D 1215 -27.03 10.63 0.00
CA LEU D 1215 -27.89 10.48 -1.16
C LEU D 1215 -28.50 11.82 -1.54
N ALA D 1216 -29.13 12.48 -0.59
CA ALA D 1216 -29.61 13.83 -0.78
C ALA D 1216 -28.45 14.66 -1.28
N THR D 1217 -28.72 15.55 -2.22
CA THR D 1217 -27.65 16.25 -2.91
C THR D 1217 -28.19 17.07 -4.08
N ASP D 1218 -27.46 17.03 -5.17
CA ASP D 1218 -27.75 17.82 -6.35
C ASP D 1218 -26.72 17.62 -7.45
N SER D 1219 -25.43 17.55 -7.13
CA SER D 1219 -24.39 17.41 -8.13
C SER D 1219 -24.43 16.01 -8.69
N TRP D 1220 -25.61 15.61 -9.15
CA TRP D 1220 -25.75 14.44 -10.02
C TRP D 1220 -24.45 13.68 -10.14
N LEU D 1221 -23.73 13.89 -11.24
CA LEU D 1221 -22.36 13.44 -11.43
C LEU D 1221 -21.73 12.96 -10.14
N SER D 1222 -21.97 13.67 -9.03
CA SER D 1222 -21.67 13.08 -7.74
C SER D 1222 -22.21 11.66 -7.67
N ALA D 1223 -23.41 11.52 -7.10
CA ALA D 1223 -24.06 10.22 -7.02
C ALA D 1223 -23.82 9.39 -8.27
N ALA D 1224 -23.85 10.04 -9.43
CA ALA D 1224 -23.26 9.41 -10.59
C ALA D 1224 -22.05 8.59 -10.20
N SER D 1225 -21.13 9.18 -9.45
CA SER D 1225 -20.08 8.45 -8.77
C SER D 1225 -20.61 7.56 -7.67
N PHE D 1226 -21.86 7.13 -7.74
CA PHE D 1226 -22.44 6.38 -6.65
C PHE D 1226 -23.49 5.39 -7.15
N GLN D 1227 -23.11 4.55 -8.10
CA GLN D 1227 -23.87 3.37 -8.51
C GLN D 1227 -24.85 3.75 -9.60
N GLU D 1228 -25.27 2.73 -10.35
CA GLU D 1228 -26.27 2.87 -11.40
C GLU D 1228 -26.08 4.17 -12.15
N THR D 1229 -26.35 5.25 -11.42
CA THR D 1229 -26.35 6.54 -12.08
C THR D 1229 -27.20 6.46 -13.32
N THR D 1230 -26.66 5.86 -14.38
CA THR D 1230 -27.48 5.47 -15.52
C THR D 1230 -28.71 6.35 -15.62
N ARG D 1231 -29.84 5.84 -15.18
CA ARG D 1231 -30.96 6.73 -14.94
C ARG D 1231 -30.52 8.05 -14.36
N VAL D 1232 -29.83 8.03 -13.23
CA VAL D 1232 -29.14 9.23 -12.80
C VAL D 1232 -28.61 9.99 -14.00
N LEU D 1233 -28.13 9.28 -15.02
CA LEU D 1233 -27.96 9.98 -16.28
C LEU D 1233 -29.27 10.56 -16.76
N THR D 1234 -30.25 9.70 -17.01
CA THR D 1234 -31.46 10.13 -17.73
C THR D 1234 -32.02 11.42 -17.21
N ASP D 1235 -33.05 11.35 -16.36
CA ASP D 1235 -33.37 12.38 -15.40
C ASP D 1235 -32.63 13.68 -15.65
N ALA D 1236 -31.30 13.63 -15.63
CA ALA D 1236 -30.52 14.81 -16.00
C ALA D 1236 -31.10 15.48 -17.23
N ALA D 1237 -30.66 15.06 -18.42
CA ALA D 1237 -31.26 15.61 -19.63
C ALA D 1237 -32.75 15.76 -19.45
N ILE D 1238 -33.39 14.75 -18.86
CA ILE D 1238 -34.73 14.96 -18.35
C ILE D 1238 -34.79 16.25 -17.56
N ASN D 1239 -34.16 16.26 -16.40
CA ASN D 1239 -33.97 17.48 -15.64
C ASN D 1239 -33.45 18.54 -16.57
N CYS D 1240 -32.56 18.13 -17.48
CA CYS D 1240 -31.93 19.04 -18.41
C CYS D 1240 -31.07 20.05 -17.66
N ARG D 1241 -30.93 19.85 -16.36
CA ARG D 1241 -30.31 20.83 -15.48
C ARG D 1241 -28.91 21.20 -15.94
N SER D 1242 -28.31 22.15 -15.23
CA SER D 1242 -26.89 22.42 -15.31
C SER D 1242 -26.21 21.77 -14.12
N ASP D 1243 -25.61 22.59 -13.25
CA ASP D 1243 -25.21 22.13 -11.94
C ASP D 1243 -24.30 23.10 -11.20
N LYS D 1244 -24.70 23.43 -9.98
CA LYS D 1244 -23.96 24.24 -9.02
C LYS D 1244 -22.46 24.22 -9.23
N LEU D 1245 -21.92 23.12 -9.73
CA LEU D 1245 -20.48 23.06 -10.00
C LEU D 1245 -19.74 23.69 -8.84
N ASN D 1246 -19.66 22.96 -7.73
CA ASN D 1246 -19.10 23.53 -6.53
C ASN D 1246 -18.43 22.43 -5.71
N GLY D 1247 -18.98 21.23 -5.80
CA GLY D 1247 -18.61 20.14 -4.90
C GLY D 1247 -17.16 19.76 -4.92
N LEU D 1248 -16.28 20.70 -5.27
CA LEU D 1248 -14.85 20.44 -5.26
C LEU D 1248 -14.60 19.13 -5.99
N LYS D 1249 -15.01 18.02 -5.38
CA LYS D 1249 -15.21 16.80 -6.11
C LYS D 1249 -15.53 17.05 -7.56
N GLU D 1250 -16.60 17.80 -7.81
CA GLU D 1250 -16.71 18.57 -9.03
C GLU D 1250 -15.34 18.99 -9.54
N ASN D 1251 -14.84 20.13 -9.08
CA ASN D 1251 -13.47 20.48 -9.37
C ASN D 1251 -12.63 19.22 -9.53
N VAL D 1252 -12.58 18.39 -8.49
CA VAL D 1252 -12.02 17.05 -8.66
C VAL D 1252 -12.52 16.45 -9.95
N ILE D 1253 -13.82 16.29 -10.04
CA ILE D 1253 -14.44 15.80 -11.26
C ILE D 1253 -13.75 16.39 -12.47
N ILE D 1254 -14.30 17.48 -12.98
CA ILE D 1254 -13.65 18.34 -13.94
C ILE D 1254 -12.14 18.23 -13.82
N GLY D 1255 -11.64 18.46 -12.63
CA GLY D 1255 -10.29 18.92 -12.49
C GLY D 1255 -10.16 20.41 -12.31
N LYS D 1256 -10.97 21.21 -13.00
CA LYS D 1256 -10.88 22.64 -12.80
C LYS D 1256 -10.82 22.96 -11.32
N LEU D 1257 -9.84 23.78 -10.96
CA LEU D 1257 -9.43 23.88 -9.58
C LEU D 1257 -10.63 24.17 -8.70
N ILE D 1258 -10.45 23.96 -7.39
CA ILE D 1258 -11.56 24.04 -6.45
C ILE D 1258 -12.15 25.43 -6.49
N PRO D 1259 -13.09 25.74 -5.61
CA PRO D 1259 -13.66 27.10 -5.54
C PRO D 1259 -12.90 27.96 -4.54
N ALA D 1260 -12.24 27.32 -3.60
CA ALA D 1260 -11.74 28.00 -2.42
C ALA D 1260 -10.28 27.67 -2.22
N GLY D 1261 -9.95 27.34 -0.97
CA GLY D 1261 -8.58 27.06 -0.57
C GLY D 1261 -7.64 27.97 -1.30
N THR D 1262 -6.60 27.41 -1.90
CA THR D 1262 -5.85 28.19 -2.85
C THR D 1262 -6.54 28.27 -4.18
N GLY D 1263 -7.50 29.19 -4.32
CA GLY D 1263 -8.23 29.31 -5.56
C GLY D 1263 -9.60 29.89 -5.33
N ILE D 1264 -9.72 31.21 -5.51
CA ILE D 1264 -10.97 31.86 -5.18
C ILE D 1264 -11.11 33.17 -5.94
N ASN D 1265 -11.99 33.15 -6.93
CA ASN D 1265 -12.70 34.35 -7.34
C ASN D 1265 -11.99 35.61 -6.93
N ARG D 1266 -12.73 36.48 -6.22
CA ARG D 1266 -12.14 37.55 -5.45
C ARG D 1266 -10.63 37.45 -5.41
N TYR D 1267 -10.10 36.61 -4.54
CA TYR D 1267 -8.71 36.24 -4.51
C TYR D 1267 -8.10 36.18 -5.90
N ARG D 1268 -7.91 34.97 -6.39
CA ARG D 1268 -7.25 34.70 -7.66
C ARG D 1268 -7.62 35.67 -8.77
N ASN D 1269 -8.27 36.79 -8.47
CA ASN D 1269 -8.50 37.79 -9.49
C ASN D 1269 -7.95 39.12 -9.02
N ILE D 1270 -6.95 39.05 -8.19
CA ILE D 1270 -6.47 40.18 -7.40
C ILE D 1270 -6.16 41.36 -8.31
N ALA D 1271 -5.98 42.53 -7.70
CA ALA D 1271 -5.82 43.79 -8.42
C ALA D 1271 -4.54 44.47 -7.96
N VAL D 1272 -3.40 43.94 -8.37
CA VAL D 1272 -2.15 44.17 -7.67
C VAL D 1272 -1.21 44.97 -8.56
N GLN D 1273 -0.23 45.60 -7.94
CA GLN D 1273 0.91 46.18 -8.61
C GLN D 1273 1.61 47.08 -7.61
N PRO D 1274 2.76 47.64 -7.97
CA PRO D 1274 3.59 48.33 -6.98
C PRO D 1274 2.98 49.62 -6.48
N THR D 1275 3.42 50.04 -5.29
CA THR D 1275 3.15 51.39 -4.82
C THR D 1275 4.06 52.37 -5.55
N GLU D 1276 3.43 53.33 -6.23
CA GLU D 1276 4.15 54.09 -7.24
C GLU D 1276 5.46 54.65 -6.70
N GLU D 1277 5.43 55.90 -6.24
CA GLU D 1277 6.57 56.53 -5.60
C GLU D 1277 7.85 55.74 -5.80
N ALA D 1278 7.92 54.57 -5.19
CA ALA D 1278 8.99 53.63 -5.55
C ALA D 1278 9.09 53.52 -7.06
N ARG D 1279 8.06 52.95 -7.68
CA ARG D 1279 7.98 53.03 -9.13
C ARG D 1279 8.30 54.43 -9.59
N ALA D 1280 7.59 55.42 -9.05
CA ALA D 1280 8.02 56.79 -9.25
C ALA D 1280 9.51 56.91 -8.99
N ALA D 1281 9.97 56.31 -7.90
CA ALA D 1281 11.39 56.32 -7.59
C ALA D 1281 12.18 55.66 -8.71
N ALA D 1282 11.50 54.99 -9.62
CA ALA D 1282 12.15 54.47 -10.80
C ALA D 1282 13.30 53.55 -10.42
N GLY E 27 9.52 44.36 19.91
CA GLY E 27 9.61 43.18 19.06
C GLY E 27 10.92 42.43 19.19
N GLY E 28 11.77 42.90 20.09
CA GLY E 28 13.05 42.25 20.33
C GLY E 28 12.91 40.76 20.53
N TYR E 29 12.84 40.02 19.44
CA TYR E 29 12.62 38.58 19.49
C TYR E 29 13.90 37.81 19.19
N ASP E 30 14.63 38.19 18.13
CA ASP E 30 15.70 37.42 17.53
C ASP E 30 15.87 37.88 16.08
N THR E 31 16.33 36.96 15.25
CA THR E 31 16.61 37.23 13.85
C THR E 31 16.22 36.03 13.00
N PRO E 32 15.47 36.21 11.91
CA PRO E 32 15.13 35.08 11.07
C PRO E 32 16.36 34.57 10.34
N LEU E 33 16.12 33.92 9.22
CA LEU E 33 17.15 33.18 8.52
C LEU E 33 16.60 32.86 7.14
N GLY E 34 16.87 33.76 6.19
CA GLY E 34 16.40 33.56 4.84
C GLY E 34 15.02 32.99 4.87
N ILE E 35 14.94 31.67 5.01
CA ILE E 35 13.64 31.05 5.23
C ILE E 35 12.86 31.82 6.28
N THR E 36 13.14 31.57 7.54
CA THR E 36 12.55 32.39 8.58
C THR E 36 12.59 33.88 8.25
N ASN E 37 13.48 34.32 7.41
CA ASN E 37 13.25 35.64 6.91
C ASN E 37 12.08 35.64 5.95
N PRO E 38 11.09 36.49 6.17
CA PRO E 38 11.05 37.21 7.42
C PRO E 38 9.96 36.62 8.24
N PRO E 39 9.54 37.34 9.26
CA PRO E 39 8.43 36.85 10.09
C PRO E 39 7.10 37.24 9.49
N ILE E 40 6.41 36.23 8.94
CA ILE E 40 5.03 36.45 8.57
C ILE E 40 4.33 37.27 9.62
N ASP E 41 4.50 36.87 10.88
CA ASP E 41 3.82 37.51 11.98
C ASP E 41 3.62 38.99 11.69
N GLU E 42 4.70 39.73 11.59
CA GLU E 42 4.71 40.96 10.82
C GLU E 42 3.95 40.84 9.52
N LEU E 43 4.67 40.72 8.43
CA LEU E 43 4.17 40.27 7.14
C LEU E 43 2.66 40.17 7.13
N LEU E 44 2.15 39.03 7.58
CA LEU E 44 0.76 38.86 7.92
C LEU E 44 0.08 40.16 8.25
N ASP E 45 0.58 40.84 9.26
CA ASP E 45 0.05 42.13 9.64
C ASP E 45 -0.34 42.96 8.45
N ARG E 46 0.60 43.21 7.54
CA ARG E 46 0.32 43.92 6.29
C ARG E 46 -1.13 43.84 5.87
N VAL E 47 -1.69 42.63 5.82
CA VAL E 47 -2.93 42.40 5.11
C VAL E 47 -3.63 41.20 5.72
N SER E 48 -4.86 40.97 5.26
CA SER E 48 -5.66 39.87 5.78
C SER E 48 -5.22 38.54 5.23
N SER E 49 -6.07 37.91 4.43
CA SER E 49 -5.94 36.50 4.08
C SER E 49 -4.59 36.25 3.44
N LYS E 50 -3.72 35.61 4.19
CA LYS E 50 -2.61 34.86 3.62
C LYS E 50 -2.74 34.64 2.13
N TYR E 51 -3.95 34.38 1.65
CA TYR E 51 -4.15 33.87 0.30
C TYR E 51 -3.48 34.75 -0.74
N ALA E 52 -4.30 35.44 -1.52
CA ALA E 52 -3.80 36.40 -2.50
C ALA E 52 -2.46 36.93 -2.07
N LEU E 53 -2.46 38.01 -1.33
CA LEU E 53 -1.43 38.19 -0.32
C LEU E 53 -0.16 37.46 -0.71
N VAL E 54 -0.06 36.20 -0.32
CA VAL E 54 0.90 35.33 -0.94
C VAL E 54 0.82 35.46 -2.44
N ILE E 55 -0.17 34.78 -3.01
CA ILE E 55 -0.53 34.91 -4.40
C ILE E 55 0.02 36.18 -4.99
N TYR E 56 -0.80 37.22 -5.00
CA TYR E 56 -0.29 38.57 -4.83
C TYR E 56 1.21 38.59 -5.06
N ALA E 57 1.96 38.15 -4.05
CA ALA E 57 3.38 37.95 -4.28
C ALA E 57 3.61 37.14 -5.54
N ALA E 58 3.00 35.96 -5.61
CA ALA E 58 3.06 35.16 -6.82
C ALA E 58 2.97 36.04 -8.04
N LYS E 59 1.78 36.61 -8.27
CA LYS E 59 1.64 37.57 -9.35
C LYS E 59 2.92 38.38 -9.52
N ARG E 60 3.38 39.01 -8.44
CA ARG E 60 4.63 39.74 -8.53
C ARG E 60 5.71 38.90 -9.14
N ALA E 61 6.49 38.23 -8.30
CA ALA E 61 7.62 37.44 -8.76
C ALA E 61 7.42 37.01 -10.20
N ARG E 62 6.31 36.31 -10.47
CA ARG E 62 5.88 36.14 -11.84
C ARG E 62 6.34 37.31 -12.66
N GLN E 63 5.71 38.46 -12.44
CA GLN E 63 6.23 39.72 -12.92
C GLN E 63 7.74 39.74 -12.86
N ILE E 64 8.30 39.49 -11.69
CA ILE E 64 9.73 39.64 -11.52
C ILE E 64 10.46 38.89 -12.63
N ASN E 65 10.70 37.60 -12.42
CA ASN E 65 10.89 36.68 -13.53
C ASN E 65 10.72 37.39 -14.86
N ASP E 66 9.47 37.64 -15.24
CA ASP E 66 9.19 38.36 -16.46
C ASP E 66 10.28 39.36 -16.76
N TYR E 67 10.27 40.47 -16.01
CA TYR E 67 11.41 41.36 -15.98
C TYR E 67 12.67 40.60 -16.32
N TYR E 68 13.11 39.76 -15.40
CA TYR E 68 14.24 38.90 -15.73
C TYR E 68 13.94 38.06 -16.95
N ASN E 69 12.87 37.25 -16.90
CA ASN E 69 12.42 36.58 -18.10
C ASN E 69 12.70 37.39 -19.34
N GLN E 70 12.24 38.62 -19.37
CA GLN E 70 12.49 39.51 -20.47
C GLN E 70 13.84 40.16 -20.34
N LEU E 71 14.10 40.72 -19.16
CA LEU E 71 15.26 41.56 -18.89
C LEU E 71 16.13 41.79 -20.11
N GLY E 72 16.96 40.83 -20.49
CA GLY E 72 17.85 41.03 -21.60
C GLY E 72 17.12 41.00 -22.94
N GLU E 73 16.91 42.17 -23.53
CA GLU E 73 16.24 42.29 -24.82
C GLU E 73 15.66 43.70 -24.99
N GLY E 74 15.11 43.98 -26.17
CA GLY E 74 14.35 45.19 -26.37
C GLY E 74 13.33 45.29 -25.27
N ILE E 75 13.78 45.65 -24.07
CA ILE E 75 13.04 45.32 -22.88
C ILE E 75 11.66 45.95 -22.87
N LEU E 76 10.77 45.34 -22.10
CA LEU E 76 9.50 45.91 -21.72
C LEU E 76 9.74 46.85 -20.55
N GLU E 77 8.96 47.94 -20.53
CA GLU E 77 8.83 48.76 -19.35
C GLU E 77 9.20 48.05 -18.05
N TYR E 78 8.80 46.79 -17.91
CA TYR E 78 8.90 46.08 -16.64
C TYR E 78 10.01 46.61 -15.76
N VAL E 79 9.59 47.17 -14.64
CA VAL E 79 10.50 47.73 -13.66
C VAL E 79 10.84 46.64 -12.65
N GLY E 80 11.16 47.06 -11.43
CA GLY E 80 11.65 46.14 -10.45
C GLY E 80 12.77 45.33 -11.04
N PRO E 81 13.16 44.25 -10.37
CA PRO E 81 12.72 44.05 -8.99
C PRO E 81 13.26 45.19 -8.16
N LEU E 82 12.34 46.01 -7.67
CA LEU E 82 12.68 47.34 -7.19
C LEU E 82 13.97 47.34 -6.39
N VAL E 83 13.88 47.07 -5.10
CA VAL E 83 15.04 46.83 -4.26
C VAL E 83 15.99 45.91 -5.01
N GLU E 84 17.28 46.22 -4.94
CA GLU E 84 18.34 45.48 -5.60
C GLU E 84 18.22 43.99 -5.32
N PRO E 85 19.10 43.18 -5.89
CA PRO E 85 18.94 41.73 -5.79
C PRO E 85 19.51 41.12 -4.52
N GLY E 86 19.84 39.83 -4.61
CA GLY E 86 20.34 39.06 -3.50
C GLY E 86 20.75 37.67 -3.93
N LEU E 87 21.55 37.63 -4.99
CA LEU E 87 22.05 36.36 -5.50
C LEU E 87 20.92 35.52 -6.07
N GLN E 88 21.14 34.22 -6.16
CA GLN E 88 20.20 33.28 -6.76
C GLN E 88 18.81 33.58 -6.21
N GLU E 89 18.78 34.20 -5.04
CA GLU E 89 17.57 34.52 -4.29
C GLU E 89 16.34 34.22 -5.11
N LYS E 90 15.58 33.24 -4.67
CA LYS E 90 14.31 32.94 -5.31
C LYS E 90 13.57 34.25 -5.56
N PRO E 91 13.18 34.49 -6.80
CA PRO E 91 12.32 35.64 -7.05
C PRO E 91 11.33 35.85 -5.95
N LEU E 92 10.45 34.88 -5.79
CA LEU E 92 10.02 34.48 -4.47
C LEU E 92 10.48 35.48 -3.42
N SER E 93 11.68 35.30 -2.89
CA SER E 93 12.16 36.15 -1.82
C SER E 93 11.97 37.62 -2.12
N ILE E 94 13.04 38.30 -2.49
CA ILE E 94 12.91 39.38 -3.44
C ILE E 94 11.55 40.01 -3.32
N ALA E 95 10.58 39.50 -4.08
CA ALA E 95 9.20 39.78 -3.79
C ALA E 95 9.01 39.91 -2.29
N LEU E 96 9.06 38.78 -1.59
CA LEU E 96 8.99 38.78 -0.14
C LEU E 96 9.56 40.06 0.42
N ARG E 97 10.79 40.36 0.02
CA ARG E 97 11.42 41.59 0.44
C ARG E 97 10.46 42.77 0.26
N GLU E 98 10.38 43.28 -0.96
CA GLU E 98 9.68 44.53 -1.19
C GLU E 98 8.27 44.45 -0.62
N ILE E 99 7.67 43.28 -0.72
CA ILE E 99 6.57 42.91 0.15
C ILE E 99 6.75 43.53 1.50
N HIS E 100 7.27 42.76 2.46
CA HIS E 100 7.48 43.35 3.76
C HIS E 100 8.24 44.65 3.65
N ALA E 101 9.09 44.78 2.64
CA ALA E 101 9.56 46.11 2.32
C ALA E 101 8.39 47.03 2.03
N ASP E 102 7.29 46.50 1.51
CA ASP E 102 6.04 47.23 1.46
C ASP E 102 6.08 48.29 0.36
N LEU E 103 5.80 47.84 -0.85
CA LEU E 103 6.07 48.65 -2.02
C LEU E 103 4.97 48.62 -3.07
N LEU E 104 4.00 47.73 -2.97
CA LEU E 104 3.03 47.63 -4.04
C LEU E 104 1.64 47.61 -3.45
N GLU E 105 0.66 47.35 -4.31
CA GLU E 105 -0.74 47.25 -3.94
C GLU E 105 -1.44 46.24 -4.84
N HIS E 106 -2.75 46.17 -4.69
CA HIS E 106 -3.45 44.93 -4.97
C HIS E 106 -4.93 45.10 -4.69
N THR E 107 -5.46 44.09 -4.00
CA THR E 107 -6.88 43.90 -3.74
C THR E 107 -7.38 42.86 -4.71
N GLU E 108 -8.32 42.03 -4.26
CA GLU E 108 -8.74 40.79 -4.92
C GLU E 108 -9.18 40.99 -6.36
N GLY E 109 -10.10 40.12 -6.76
CA GLY E 109 -10.76 40.21 -8.04
C GLY E 109 -12.00 39.33 -8.08
N PHE F 205 -44.85 -35.05 5.32
CA PHE F 205 -44.58 -33.67 5.68
C PHE F 205 -43.07 -33.44 5.80
N VAL F 206 -42.31 -34.50 5.58
CA VAL F 206 -40.86 -34.48 5.78
C VAL F 206 -40.18 -33.55 4.79
N TRP F 207 -40.89 -32.49 4.42
CA TRP F 207 -40.37 -31.46 3.55
C TRP F 207 -39.79 -30.34 4.40
N ASP F 208 -38.60 -29.87 4.03
CA ASP F 208 -38.00 -28.79 4.81
C ASP F 208 -38.91 -27.56 4.77
N GLU F 209 -38.96 -26.86 3.65
CA GLU F 209 -39.84 -25.71 3.55
C GLU F 209 -39.76 -24.98 2.21
N ASP F 210 -38.91 -23.98 2.13
CA ASP F 210 -39.00 -22.93 1.11
C ASP F 210 -38.62 -23.39 -0.29
N GLU F 211 -38.91 -24.64 -0.63
CA GLU F 211 -38.73 -25.04 -2.02
C GLU F 211 -39.42 -24.05 -2.94
N SER F 212 -40.60 -23.59 -2.54
CA SER F 212 -41.36 -22.65 -3.36
C SER F 212 -40.60 -21.34 -3.54
N GLU F 213 -41.27 -20.22 -3.21
CA GLU F 213 -40.59 -18.94 -3.07
C GLU F 213 -39.43 -18.82 -4.03
N ALA F 214 -38.27 -19.31 -3.62
CA ALA F 214 -37.13 -19.49 -4.52
C ALA F 214 -37.52 -20.25 -5.78
N LEU F 215 -37.75 -21.56 -5.66
CA LEU F 215 -38.15 -22.34 -6.83
C LEU F 215 -39.30 -21.66 -7.57
N ARG F 216 -40.15 -20.94 -6.83
CA ARG F 216 -41.30 -20.33 -7.48
C ARG F 216 -40.90 -19.16 -8.37
N GLN F 217 -39.97 -18.33 -7.91
CA GLN F 217 -39.40 -17.37 -8.83
C GLN F 217 -38.56 -18.05 -9.89
N ALA F 218 -37.36 -18.52 -9.52
CA ALA F 218 -36.44 -19.11 -10.49
C ALA F 218 -37.18 -19.88 -11.57
N ARG F 219 -38.27 -20.55 -11.19
CA ARG F 219 -39.27 -20.95 -12.17
C ARG F 219 -39.81 -19.73 -12.91
N LYS F 220 -40.53 -18.88 -12.20
CA LYS F 220 -41.10 -17.66 -12.76
C LYS F 220 -40.10 -16.91 -13.62
N ASP F 221 -39.23 -16.12 -13.00
CA ASP F 221 -38.17 -15.48 -13.74
C ASP F 221 -37.60 -16.42 -14.79
N ALA F 222 -37.16 -17.62 -14.37
CA ALA F 222 -36.66 -18.59 -15.34
C ALA F 222 -37.35 -18.44 -16.68
N GLU F 223 -38.66 -18.68 -16.71
CA GLU F 223 -39.48 -18.13 -17.79
C GLU F 223 -38.95 -16.80 -18.27
N LEU F 224 -38.91 -15.81 -17.37
CA LEU F 224 -38.47 -14.49 -17.78
C LEU F 224 -37.23 -14.58 -18.67
N THR F 225 -36.24 -15.37 -18.25
CA THR F 225 -35.15 -15.71 -19.14
C THR F 225 -35.67 -16.24 -20.45
N ALA F 226 -36.65 -17.14 -20.40
CA ALA F 226 -37.28 -17.60 -21.62
C ALA F 226 -37.76 -16.43 -22.47
N SER F 227 -37.77 -15.23 -21.90
CA SER F 227 -37.91 -14.00 -22.68
C SER F 227 -36.57 -13.48 -23.19
N ALA F 228 -36.04 -14.06 -24.27
CA ALA F 228 -34.76 -13.63 -24.81
C ALA F 228 -34.38 -14.25 -26.15
N ASP F 229 -33.66 -15.37 -26.16
CA ASP F 229 -33.12 -15.92 -27.41
C ASP F 229 -34.19 -16.03 -28.48
N SER F 230 -34.73 -14.88 -28.87
CA SER F 230 -35.55 -14.75 -30.06
C SER F 230 -35.49 -15.97 -30.95
N VAL F 231 -34.59 -15.97 -31.94
CA VAL F 231 -34.38 -17.09 -32.84
C VAL F 231 -35.21 -18.29 -32.42
N ARG F 232 -34.89 -18.88 -31.28
CA ARG F 232 -35.89 -19.67 -30.59
C ARG F 232 -37.29 -19.24 -30.96
N ALA F 233 -37.70 -18.07 -30.47
CA ALA F 233 -38.93 -17.45 -30.93
C ALA F 233 -38.96 -17.35 -32.45
N TYR F 234 -37.80 -17.17 -33.08
CA TYR F 234 -37.73 -17.31 -34.53
C TYR F 234 -38.02 -18.77 -34.90
N LEU F 235 -37.11 -19.42 -35.62
CA LEU F 235 -36.97 -20.87 -35.48
C LEU F 235 -38.31 -21.55 -35.28
N LYS F 236 -38.86 -21.42 -34.08
CA LYS F 236 -40.27 -21.71 -33.85
C LYS F 236 -41.14 -20.83 -34.72
N GLN F 237 -41.36 -19.59 -34.27
CA GLN F 237 -41.71 -18.49 -35.15
C GLN F 237 -41.64 -18.90 -36.61
N ILE F 238 -40.43 -19.13 -37.11
CA ILE F 238 -40.35 -19.47 -38.52
C ILE F 238 -41.06 -20.78 -38.78
N GLY F 239 -40.99 -21.71 -37.83
CA GLY F 239 -41.62 -23.00 -38.02
C GLY F 239 -43.07 -22.88 -38.44
N LYS F 240 -43.68 -21.74 -38.12
CA LYS F 240 -44.97 -21.41 -38.69
C LYS F 240 -45.06 -21.76 -40.17
N VAL F 241 -43.94 -21.69 -40.87
CA VAL F 241 -43.86 -22.05 -42.27
C VAL F 241 -44.53 -23.40 -42.50
N ALA F 242 -44.90 -23.65 -43.76
CA ALA F 242 -45.57 -24.88 -44.15
C ALA F 242 -44.87 -25.48 -45.37
N LEU F 243 -44.19 -26.60 -45.15
CA LEU F 243 -43.51 -27.26 -46.24
C LEU F 243 -44.52 -27.74 -47.27
N LEU F 244 -44.03 -28.26 -48.39
CA LEU F 244 -44.88 -28.57 -49.53
C LEU F 244 -44.29 -29.73 -50.33
N ASN F 245 -44.66 -29.76 -51.63
CA ASN F 245 -44.30 -30.89 -52.49
C ASN F 245 -43.00 -30.64 -53.25
N ALA F 246 -42.99 -30.98 -54.53
CA ALA F 246 -41.86 -30.69 -55.40
C ALA F 246 -42.30 -30.50 -56.83
N GLU F 247 -43.46 -29.87 -57.02
CA GLU F 247 -44.05 -29.73 -58.33
C GLU F 247 -45.05 -28.59 -58.45
N GLU F 248 -45.81 -28.29 -57.39
CA GLU F 248 -46.56 -27.05 -57.37
C GLU F 248 -45.81 -25.97 -58.12
N GLU F 249 -44.65 -25.60 -57.58
CA GLU F 249 -43.67 -24.82 -58.29
C GLU F 249 -43.67 -25.08 -59.78
N VAL F 250 -43.74 -26.35 -60.20
CA VAL F 250 -43.63 -26.61 -61.63
C VAL F 250 -44.39 -25.56 -62.39
N GLU F 251 -45.71 -25.55 -62.22
CA GLU F 251 -46.42 -24.31 -62.50
C GLU F 251 -45.80 -23.14 -61.77
N LEU F 252 -46.29 -22.87 -60.56
CA LEU F 252 -45.86 -21.71 -59.79
C LEU F 252 -44.84 -20.86 -60.54
N ALA F 253 -43.58 -21.30 -60.56
CA ALA F 253 -42.62 -20.76 -61.52
C ALA F 253 -43.32 -20.45 -62.84
N LYS F 254 -43.94 -21.44 -63.46
CA LYS F 254 -44.87 -21.17 -64.54
C LYS F 254 -45.81 -20.04 -64.16
N ARG F 255 -46.32 -20.06 -62.93
CA ARG F 255 -47.05 -18.90 -62.44
C ARG F 255 -46.13 -17.70 -62.38
N ILE F 256 -46.00 -17.10 -61.19
CA ILE F 256 -44.82 -16.30 -60.86
C ILE F 256 -44.09 -15.85 -62.12
N GLU F 257 -43.07 -16.60 -62.52
CA GLU F 257 -42.44 -16.47 -63.82
C GLU F 257 -43.42 -15.98 -64.89
N ALA F 258 -44.51 -16.73 -65.09
CA ALA F 258 -45.61 -16.17 -65.87
C ALA F 258 -45.86 -14.73 -65.48
N GLY F 259 -45.61 -14.41 -64.21
CA GLY F 259 -45.61 -13.02 -63.80
C GLY F 259 -44.49 -12.21 -64.45
N LEU F 260 -43.24 -12.65 -64.27
CA LEU F 260 -42.13 -11.92 -64.89
C LEU F 260 -42.50 -11.49 -66.28
N TYR F 261 -43.10 -12.39 -67.04
CA TYR F 261 -43.66 -11.96 -68.31
C TYR F 261 -44.83 -11.01 -68.08
N ALA F 262 -45.55 -11.20 -66.98
CA ALA F 262 -46.73 -10.38 -66.73
C ALA F 262 -46.36 -8.91 -66.74
N THR F 263 -45.54 -8.46 -65.80
CA THR F 263 -44.98 -7.13 -65.95
C THR F 263 -44.34 -6.99 -67.31
N GLN F 264 -43.62 -8.02 -67.73
CA GLN F 264 -42.87 -7.95 -68.98
C GLN F 264 -43.73 -7.37 -70.10
N LEU F 265 -44.32 -8.25 -70.92
CA LEU F 265 -45.25 -7.77 -71.93
C LEU F 265 -46.16 -6.70 -71.37
N MET F 266 -46.68 -6.92 -70.18
CA MET F 266 -47.32 -5.82 -69.46
C MET F 266 -46.56 -4.54 -69.70
N THR F 267 -45.29 -4.51 -69.27
CA THR F 267 -44.45 -3.35 -69.56
C THR F 267 -44.64 -2.88 -71.00
N GLU F 268 -44.79 -3.80 -71.94
CA GLU F 268 -45.09 -3.40 -73.31
C GLU F 268 -46.39 -2.60 -73.36
N LEU F 269 -47.47 -3.19 -72.85
CA LEU F 269 -48.72 -2.48 -72.67
C LEU F 269 -48.47 -1.06 -72.19
N SER F 270 -48.01 -0.94 -70.94
CA SER F 270 -47.66 0.38 -70.38
C SER F 270 -47.00 1.28 -71.41
N GLU F 271 -45.95 0.77 -72.06
CA GLU F 271 -45.20 1.61 -72.98
C GLU F 271 -46.10 2.18 -74.06
N ARG F 272 -46.77 1.31 -74.82
CA ARG F 272 -47.77 1.85 -75.72
C ARG F 272 -49.02 2.30 -75.00
N GLY F 273 -49.09 2.11 -73.69
CA GLY F 273 -50.38 2.22 -73.03
C GLY F 273 -51.27 1.07 -73.45
N GLU F 274 -52.17 1.36 -74.39
CA GLU F 274 -52.95 0.34 -75.09
C GLU F 274 -53.60 -0.63 -74.09
N LYS F 275 -53.79 -0.13 -72.88
CA LYS F 275 -54.26 -0.96 -71.78
C LYS F 275 -55.42 -1.83 -72.21
N LEU F 276 -55.35 -3.09 -71.85
CA LEU F 276 -56.47 -3.98 -72.11
C LEU F 276 -57.56 -3.66 -71.09
N PRO F 277 -58.79 -4.09 -71.32
CA PRO F 277 -59.87 -3.75 -70.39
C PRO F 277 -59.52 -4.08 -68.96
N ALA F 278 -60.26 -3.48 -68.02
CA ALA F 278 -59.96 -3.65 -66.61
C ALA F 278 -59.66 -5.11 -66.28
N ALA F 279 -60.59 -6.00 -66.60
CA ALA F 279 -60.40 -7.41 -66.31
C ALA F 279 -59.00 -7.88 -66.69
N GLN F 280 -58.56 -7.61 -67.92
CA GLN F 280 -57.20 -7.96 -68.31
C GLN F 280 -56.20 -7.50 -67.26
N ARG F 281 -56.40 -6.32 -66.67
CA ARG F 281 -55.42 -5.82 -65.73
C ARG F 281 -55.54 -6.53 -64.39
N ARG F 282 -56.77 -6.81 -63.96
CA ARG F 282 -56.96 -7.50 -62.68
C ARG F 282 -56.42 -8.91 -62.74
N ASP F 283 -56.88 -9.70 -63.70
CA ASP F 283 -56.39 -11.06 -63.80
C ASP F 283 -54.89 -11.08 -64.10
N MET F 284 -54.39 -10.05 -64.79
CA MET F 284 -52.95 -9.92 -64.90
C MET F 284 -52.35 -9.47 -63.56
N MET F 285 -51.95 -8.21 -63.47
CA MET F 285 -51.34 -7.68 -62.25
C MET F 285 -51.75 -8.48 -61.03
N TRP F 286 -53.05 -8.67 -60.84
CA TRP F 286 -53.48 -9.68 -59.90
C TRP F 286 -52.68 -10.97 -60.06
N ILE F 287 -52.71 -11.57 -61.25
CA ILE F 287 -52.00 -12.82 -61.42
C ILE F 287 -50.54 -12.64 -61.04
N CYS F 288 -50.00 -11.48 -61.37
CA CYS F 288 -48.75 -11.05 -60.77
C CYS F 288 -48.78 -11.29 -59.27
N ARG F 289 -49.94 -11.08 -58.65
CA ARG F 289 -50.06 -11.34 -57.23
C ARG F 289 -49.92 -12.83 -56.95
N ASP F 290 -50.63 -13.64 -57.74
CA ASP F 290 -50.33 -15.06 -57.80
C ASP F 290 -48.84 -15.32 -57.69
N GLY F 291 -48.10 -15.09 -58.77
CA GLY F 291 -46.69 -15.38 -58.76
C GLY F 291 -46.01 -14.92 -57.48
N ASP F 292 -46.38 -13.73 -57.01
CA ASP F 292 -45.80 -13.21 -55.78
C ASP F 292 -45.99 -14.18 -54.62
N ARG F 293 -47.21 -14.26 -54.11
CA ARG F 293 -47.53 -15.21 -53.06
C ARG F 293 -46.90 -16.56 -53.34
N ALA F 294 -47.41 -17.24 -54.37
CA ALA F 294 -46.93 -18.58 -54.72
C ALA F 294 -45.43 -18.70 -54.51
N LYS F 295 -44.66 -17.80 -55.09
CA LYS F 295 -43.24 -17.79 -54.80
C LYS F 295 -43.00 -17.64 -53.31
N ASN F 296 -42.88 -16.39 -52.85
CA ASN F 296 -42.57 -16.13 -51.45
C ASN F 296 -43.06 -17.27 -50.57
N HIS F 297 -44.35 -17.26 -50.30
CA HIS F 297 -45.09 -18.50 -50.17
C HIS F 297 -44.16 -19.71 -50.13
N LEU F 298 -43.87 -20.27 -51.28
CA LEU F 298 -43.02 -21.45 -51.30
C LEU F 298 -41.67 -21.18 -50.63
N LEU F 299 -40.98 -20.14 -51.10
CA LEU F 299 -39.69 -19.78 -50.56
C LEU F 299 -39.63 -20.11 -49.08
N GLU F 300 -40.34 -19.33 -48.29
CA GLU F 300 -40.90 -19.80 -47.04
C GLU F 300 -40.90 -21.32 -46.97
N ALA F 301 -41.83 -21.94 -47.72
CA ALA F 301 -41.93 -23.40 -47.68
C ALA F 301 -40.64 -24.07 -48.11
N ASN F 302 -39.52 -23.39 -47.95
CA ASN F 302 -38.21 -23.89 -48.29
C ASN F 302 -37.20 -23.52 -47.24
N LEU F 303 -37.52 -22.51 -46.45
CA LEU F 303 -36.58 -21.99 -45.49
C LEU F 303 -36.29 -23.04 -44.42
N ARG F 304 -37.34 -23.61 -43.85
CA ARG F 304 -37.18 -24.80 -43.01
C ARG F 304 -35.98 -25.61 -43.44
N LEU F 305 -35.85 -25.88 -44.74
CA LEU F 305 -34.59 -26.38 -45.26
C LEU F 305 -33.47 -25.40 -45.01
N VAL F 306 -33.61 -24.19 -45.56
CA VAL F 306 -32.64 -23.13 -45.31
C VAL F 306 -32.07 -23.27 -43.91
N VAL F 307 -32.66 -22.53 -42.96
CA VAL F 307 -32.89 -23.07 -41.64
C VAL F 307 -32.04 -24.30 -41.39
N SER F 308 -32.51 -25.45 -41.87
CA SER F 308 -31.81 -26.70 -41.65
C SER F 308 -30.34 -26.57 -41.98
N LEU F 309 -29.99 -26.82 -43.24
CA LEU F 309 -28.58 -26.89 -43.60
C LEU F 309 -27.80 -25.76 -42.94
N ALA F 310 -28.42 -24.60 -42.77
CA ALA F 310 -27.83 -23.60 -41.90
C ALA F 310 -27.33 -24.20 -40.60
N LYS F 311 -28.24 -24.63 -39.73
CA LYS F 311 -27.86 -25.24 -38.48
C LYS F 311 -26.66 -26.15 -38.61
N ARG F 312 -25.53 -25.81 -37.99
CA ARG F 312 -24.40 -26.71 -37.74
C ARG F 312 -23.10 -25.94 -37.81
N TYR F 313 -22.93 -25.15 -38.86
CA TYR F 313 -21.65 -24.51 -39.12
C TYR F 313 -21.33 -23.46 -38.08
N THR F 314 -22.08 -23.43 -36.99
CA THR F 314 -21.91 -22.47 -35.91
C THR F 314 -20.53 -22.60 -35.29
N GLY F 315 -20.44 -22.19 -34.03
CA GLY F 315 -19.18 -22.22 -33.30
C GLY F 315 -18.01 -21.61 -34.03
N ARG F 316 -18.25 -20.63 -34.91
CA ARG F 316 -17.21 -20.05 -35.76
C ARG F 316 -17.91 -19.07 -36.69
N GLY F 317 -17.29 -17.91 -36.88
CA GLY F 317 -17.72 -16.96 -37.87
C GLY F 317 -18.68 -15.89 -37.40
N MET F 318 -19.98 -16.16 -37.43
CA MET F 318 -20.95 -15.06 -37.38
C MET F 318 -22.21 -15.47 -36.64
N ALA F 319 -23.02 -14.47 -36.35
CA ALA F 319 -24.34 -14.67 -35.79
C ALA F 319 -25.08 -15.73 -36.58
N PHE F 320 -25.13 -16.92 -35.99
CA PHE F 320 -26.14 -17.90 -36.35
C PHE F 320 -27.10 -17.33 -37.36
N LEU F 321 -27.88 -16.35 -36.94
CA LEU F 321 -28.78 -15.68 -37.85
C LEU F 321 -28.02 -15.06 -39.01
N ASP F 322 -27.45 -13.86 -38.77
CA ASP F 322 -26.62 -13.22 -39.78
C ASP F 322 -26.06 -14.23 -40.76
N LEU F 323 -25.25 -15.16 -40.25
CA LEU F 323 -24.97 -16.39 -40.98
C LEU F 323 -26.11 -16.72 -41.92
N ILE F 324 -27.23 -17.16 -41.35
CA ILE F 324 -28.45 -17.31 -42.11
C ILE F 324 -28.57 -16.23 -43.15
N GLN F 325 -28.97 -15.03 -42.73
CA GLN F 325 -29.03 -13.87 -43.62
C GLN F 325 -28.32 -14.13 -44.90
N GLU F 326 -27.08 -14.57 -44.79
CA GLU F 326 -26.28 -14.80 -45.97
C GLU F 326 -26.72 -16.09 -46.63
N GLY F 327 -27.11 -17.08 -45.82
CA GLY F 327 -27.79 -18.22 -46.38
C GLY F 327 -29.00 -17.82 -47.19
N ASN F 328 -29.95 -17.16 -46.54
CA ASN F 328 -31.03 -16.49 -47.25
C ASN F 328 -30.54 -15.95 -48.58
N LEU F 329 -29.40 -15.28 -48.56
CA LEU F 329 -28.82 -14.80 -49.81
C LEU F 329 -28.61 -15.95 -50.79
N GLY F 330 -27.62 -16.80 -50.53
CA GLY F 330 -27.35 -17.91 -51.44
C GLY F 330 -28.62 -18.52 -51.99
N LEU F 331 -29.61 -18.68 -51.13
CA LEU F 331 -31.00 -18.67 -51.57
C LEU F 331 -31.21 -17.58 -52.60
N ILE F 332 -32.14 -16.66 -52.33
CA ILE F 332 -32.21 -15.40 -53.03
C ILE F 332 -31.55 -15.51 -54.39
N ARG F 333 -30.22 -15.47 -54.40
CA ARG F 333 -29.44 -15.78 -55.59
C ARG F 333 -29.97 -17.01 -56.28
N ALA F 334 -29.42 -18.17 -55.90
CA ALA F 334 -29.88 -19.43 -56.48
C ALA F 334 -31.40 -19.43 -56.61
N VAL F 335 -32.10 -19.03 -55.56
CA VAL F 335 -33.54 -18.80 -55.65
C VAL F 335 -33.90 -18.38 -57.07
N GLU F 336 -33.69 -17.12 -57.40
CA GLU F 336 -33.98 -16.70 -58.75
C GLU F 336 -33.15 -17.46 -59.76
N LYS F 337 -32.32 -18.38 -59.30
CA LYS F 337 -31.50 -19.21 -60.17
C LYS F 337 -31.98 -20.67 -60.18
N PHE F 338 -33.00 -20.98 -60.97
CA PHE F 338 -33.31 -22.37 -61.24
C PHE F 338 -34.44 -22.51 -62.24
N ASP F 339 -34.09 -23.05 -63.40
CA ASP F 339 -35.03 -23.56 -64.38
C ASP F 339 -35.64 -24.85 -63.89
N TYR F 340 -36.76 -24.73 -63.20
CA TYR F 340 -37.50 -25.91 -62.77
C TYR F 340 -37.70 -26.93 -63.89
N THR F 341 -38.08 -26.49 -65.09
CA THR F 341 -38.24 -27.42 -66.20
C THR F 341 -37.03 -28.32 -66.35
N LYS F 342 -35.90 -27.95 -65.75
CA LYS F 342 -34.74 -28.82 -65.74
C LYS F 342 -34.93 -30.03 -64.84
N GLY F 343 -35.87 -29.98 -63.90
CA GLY F 343 -36.13 -31.11 -63.03
C GLY F 343 -35.02 -31.36 -62.04
N TYR F 344 -35.03 -30.63 -60.93
CA TYR F 344 -34.02 -30.76 -59.90
C TYR F 344 -34.54 -30.25 -58.57
N LYS F 345 -34.21 -30.98 -57.51
CA LYS F 345 -34.39 -30.43 -56.18
C LYS F 345 -33.56 -29.17 -56.05
N PHE F 346 -33.84 -28.20 -56.92
CA PHE F 346 -33.02 -27.01 -56.97
C PHE F 346 -32.49 -26.64 -55.62
N SER F 347 -33.38 -26.32 -54.68
CA SER F 347 -33.00 -26.22 -53.28
C SER F 347 -31.68 -26.92 -53.04
N THR F 348 -31.63 -28.20 -53.36
CA THR F 348 -30.35 -28.90 -53.42
C THR F 348 -29.37 -28.14 -54.30
N TYR F 349 -29.78 -27.76 -55.51
CA TYR F 349 -28.88 -26.94 -56.31
C TYR F 349 -28.39 -25.73 -55.53
N ALA F 350 -29.19 -24.66 -55.51
CA ALA F 350 -28.96 -23.55 -54.58
C ALA F 350 -27.94 -23.91 -53.52
N THR F 351 -28.04 -25.11 -52.95
CA THR F 351 -27.16 -25.52 -51.87
C THR F 351 -25.70 -25.19 -52.18
N TRP F 352 -25.41 -24.76 -53.41
CA TRP F 352 -24.24 -23.93 -53.63
C TRP F 352 -24.34 -22.69 -52.77
N TRP F 353 -24.36 -21.53 -53.42
CA TRP F 353 -25.15 -20.38 -52.98
C TRP F 353 -25.54 -20.51 -51.51
N ILE F 354 -26.63 -21.23 -51.27
CA ILE F 354 -26.84 -21.83 -49.96
C ILE F 354 -25.52 -22.05 -49.24
N ARG F 355 -24.95 -23.25 -49.36
CA ARG F 355 -23.64 -23.54 -48.81
C ARG F 355 -22.61 -22.53 -49.27
N GLN F 356 -21.83 -22.89 -50.29
CA GLN F 356 -20.93 -21.96 -50.94
C GLN F 356 -21.18 -20.53 -50.50
N ALA F 357 -22.12 -19.85 -51.14
CA ALA F 357 -22.35 -18.43 -50.90
C ALA F 357 -21.97 -18.05 -49.48
N ILE F 358 -22.62 -18.66 -48.49
CA ILE F 358 -22.23 -18.37 -47.12
C ILE F 358 -20.79 -18.77 -46.90
N THR F 359 -20.44 -19.99 -47.28
CA THR F 359 -19.04 -20.36 -47.17
C THR F 359 -18.17 -19.14 -47.42
N ARG F 360 -18.34 -18.53 -48.59
CA ARG F 360 -17.90 -17.15 -48.77
C ARG F 360 -18.17 -16.32 -47.53
N ALA F 361 -19.44 -16.22 -47.15
CA ALA F 361 -19.83 -15.40 -46.01
C ALA F 361 -18.75 -15.44 -44.93
N MET F 362 -18.49 -16.62 -44.37
CA MET F 362 -17.30 -16.75 -43.54
C MET F 362 -16.11 -16.17 -44.26
N ALA F 363 -15.95 -16.51 -45.55
CA ALA F 363 -14.94 -15.87 -46.36
C ALA F 363 -15.23 -14.40 -46.56
N ASP F 364 -15.84 -13.75 -45.56
CA ASP F 364 -16.32 -12.40 -45.77
C ASP F 364 -16.23 -11.59 -44.49
N GLN F 365 -17.03 -11.93 -43.49
CA GLN F 365 -17.02 -11.20 -42.23
C GLN F 365 -16.35 -11.99 -41.12
N ALA F 366 -15.45 -12.91 -41.47
CA ALA F 366 -14.72 -13.68 -40.49
C ALA F 366 -13.93 -12.82 -39.51
N ARG F 367 -12.93 -12.10 -39.99
CA ARG F 367 -12.03 -11.33 -39.15
C ARG F 367 -12.49 -9.88 -39.08
N THR F 368 -12.12 -9.20 -38.01
CA THR F 368 -12.35 -7.77 -37.96
C THR F 368 -11.39 -7.10 -38.92
N ILE F 369 -10.20 -7.66 -39.05
CA ILE F 369 -9.42 -7.47 -40.25
C ILE F 369 -9.19 -8.84 -40.84
N ARG F 370 -9.99 -9.16 -41.86
CA ARG F 370 -9.97 -10.46 -42.50
C ARG F 370 -8.62 -10.72 -43.15
N ILE F 371 -8.65 -11.29 -44.35
CA ILE F 371 -7.46 -11.77 -45.03
C ILE F 371 -7.73 -11.94 -46.52
N PRO F 372 -6.76 -11.76 -47.38
CA PRO F 372 -6.98 -12.03 -48.80
C PRO F 372 -7.36 -13.47 -49.05
N VAL F 373 -8.40 -13.64 -49.87
CA VAL F 373 -8.93 -14.97 -50.17
C VAL F 373 -7.82 -16.01 -50.17
N HIS F 374 -7.10 -16.11 -51.29
CA HIS F 374 -5.97 -17.01 -51.42
C HIS F 374 -5.28 -17.31 -50.10
N MET F 375 -4.79 -16.29 -49.42
CA MET F 375 -4.13 -16.50 -48.14
C MET F 375 -4.91 -17.51 -47.30
N VAL F 376 -6.03 -17.08 -46.74
CA VAL F 376 -6.85 -17.99 -45.94
C VAL F 376 -6.97 -19.32 -46.62
N GLU F 377 -7.39 -19.32 -47.88
CA GLU F 377 -7.49 -20.55 -48.65
C GLU F 377 -6.41 -21.53 -48.25
N VAL F 378 -5.18 -21.28 -48.73
CA VAL F 378 -4.06 -22.10 -48.35
C VAL F 378 -3.93 -22.20 -46.84
N ILE F 379 -4.68 -21.39 -46.09
CA ILE F 379 -4.58 -21.42 -44.64
C ILE F 379 -5.43 -22.54 -44.07
N ASN F 380 -6.74 -22.32 -43.97
CA ASN F 380 -7.68 -23.42 -43.80
C ASN F 380 -7.04 -24.72 -44.23
N LYS F 381 -6.62 -24.77 -45.48
CA LYS F 381 -5.64 -25.75 -45.89
C LYS F 381 -4.62 -26.00 -44.79
N LEU F 382 -3.87 -24.97 -44.42
CA LEU F 382 -2.86 -25.12 -43.38
C LEU F 382 -3.45 -25.65 -42.09
N GLY F 383 -3.94 -24.75 -41.23
CA GLY F 383 -4.39 -25.18 -39.92
C GLY F 383 -5.04 -26.53 -39.94
N ARG F 384 -5.93 -26.75 -40.91
CA ARG F 384 -6.33 -28.10 -41.26
C ARG F 384 -5.13 -29.04 -41.20
N ILE F 385 -4.08 -28.70 -41.94
CA ILE F 385 -2.80 -29.40 -41.81
C ILE F 385 -2.44 -29.56 -40.35
N GLN F 386 -2.35 -28.44 -39.62
CA GLN F 386 -2.01 -28.50 -38.20
C GLN F 386 -2.67 -29.68 -37.53
N ARG F 387 -4.00 -29.67 -37.46
CA ARG F 387 -4.72 -30.85 -37.03
C ARG F 387 -4.09 -32.11 -37.60
N GLU F 388 -3.90 -32.12 -38.92
CA GLU F 388 -3.38 -33.31 -39.57
C GLU F 388 -2.20 -33.89 -38.82
N LEU F 389 -1.26 -33.03 -38.45
CA LEU F 389 0.06 -33.57 -38.12
C LEU F 389 0.34 -33.51 -36.64
N LEU F 390 -0.47 -32.78 -35.87
CA LEU F 390 -0.52 -33.09 -34.45
C LEU F 390 -1.36 -34.32 -34.21
N GLN F 391 -2.66 -34.22 -34.49
CA GLN F 391 -3.54 -35.38 -34.45
C GLN F 391 -2.83 -36.63 -34.90
N ASP F 392 -2.25 -36.60 -36.10
CA ASP F 392 -1.67 -37.80 -36.67
C ASP F 392 -0.24 -38.00 -36.18
N LEU F 393 0.49 -36.90 -36.00
CA LEU F 393 1.79 -36.95 -35.35
C LEU F 393 1.69 -37.31 -33.88
N GLY F 394 0.49 -37.53 -33.35
CA GLY F 394 0.34 -37.73 -31.92
C GLY F 394 0.99 -36.63 -31.11
N ARG F 395 0.83 -35.39 -31.53
CA ARG F 395 1.63 -34.26 -31.08
C ARG F 395 1.81 -33.35 -32.28
N GLU F 396 1.80 -32.06 -32.04
CA GLU F 396 1.80 -31.14 -33.17
C GLU F 396 3.14 -31.23 -33.91
N PRO F 397 3.17 -30.95 -35.19
CA PRO F 397 4.44 -30.90 -35.92
C PRO F 397 5.47 -29.95 -35.33
N THR F 398 6.37 -29.47 -36.17
CA THR F 398 7.34 -28.45 -35.82
C THR F 398 7.64 -27.61 -37.05
N PRO F 399 7.65 -26.29 -36.90
CA PRO F 399 7.58 -25.40 -38.06
C PRO F 399 8.18 -26.00 -39.33
N GLU F 400 9.46 -25.70 -39.55
CA GLU F 400 10.27 -26.40 -40.52
C GLU F 400 9.64 -27.73 -40.91
N GLU F 401 9.40 -28.60 -39.93
CA GLU F 401 8.77 -29.87 -40.19
C GLU F 401 7.46 -29.67 -40.94
N LEU F 402 6.83 -28.51 -40.75
CA LEU F 402 5.61 -28.23 -41.50
C LEU F 402 5.93 -27.58 -42.84
N ALA F 403 6.59 -26.42 -42.80
CA ALA F 403 6.95 -25.71 -44.03
C ALA F 403 7.36 -26.69 -45.10
N LYS F 404 8.37 -27.51 -44.81
CA LYS F 404 8.63 -28.64 -45.67
C LYS F 404 7.48 -29.63 -45.66
N GLU F 405 7.11 -30.12 -44.48
CA GLU F 405 5.91 -30.93 -44.34
C GLU F 405 4.84 -30.52 -45.34
N MET F 406 4.55 -29.23 -45.40
CA MET F 406 3.67 -28.71 -46.41
C MET F 406 4.45 -28.07 -47.55
N ASP F 407 5.78 -28.04 -47.44
CA ASP F 407 6.68 -27.88 -48.59
C ASP F 407 6.96 -26.42 -48.89
N ILE F 408 7.49 -25.70 -47.91
CA ILE F 408 7.83 -24.28 -48.07
C ILE F 408 8.80 -23.88 -46.97
N THR F 409 8.78 -22.60 -46.67
CA THR F 409 9.61 -22.02 -45.64
C THR F 409 8.79 -21.78 -44.38
N PRO F 410 9.25 -22.30 -43.25
CA PRO F 410 8.43 -22.21 -42.02
C PRO F 410 8.02 -20.79 -41.70
N GLU F 411 8.97 -19.86 -41.76
CA GLU F 411 8.63 -18.44 -41.83
C GLU F 411 7.26 -18.24 -42.44
N LYS F 412 7.03 -18.81 -43.63
CA LYS F 412 5.70 -18.75 -44.22
C LYS F 412 4.64 -19.07 -43.19
N VAL F 413 4.52 -20.33 -42.79
CA VAL F 413 3.48 -20.69 -41.82
C VAL F 413 3.41 -19.64 -40.72
N LEU F 414 4.53 -19.41 -40.04
CA LEU F 414 4.61 -18.33 -39.07
C LEU F 414 3.70 -17.18 -39.47
N GLU F 415 4.10 -16.42 -40.48
CA GLU F 415 3.27 -15.30 -40.90
C GLU F 415 1.83 -15.72 -41.06
N ILE F 416 1.58 -16.92 -41.58
CA ILE F 416 0.20 -17.40 -41.63
C ILE F 416 -0.43 -17.21 -40.27
N GLN F 417 -0.06 -18.04 -39.31
CA GLN F 417 -0.62 -17.94 -37.97
C GLN F 417 -0.70 -16.50 -37.54
N GLN F 418 0.42 -15.79 -37.59
CA GLN F 418 0.39 -14.34 -37.49
C GLN F 418 -0.86 -13.78 -38.14
N TYR F 419 -1.36 -14.47 -39.15
CA TYR F 419 -2.61 -14.08 -39.76
C TYR F 419 -3.76 -14.82 -39.09
N ALA F 420 -3.44 -15.90 -38.36
CA ALA F 420 -4.47 -16.69 -37.72
C ALA F 420 -5.20 -15.89 -36.68
N ARG F 421 -5.49 -16.52 -35.55
CA ARG F 421 -5.90 -15.83 -34.35
C ARG F 421 -5.47 -14.37 -34.40
N GLU F 422 -6.41 -13.47 -34.26
CA GLU F 422 -6.08 -12.07 -34.19
C GLU F 422 -5.21 -11.82 -32.97
N PRO F 423 -4.49 -10.74 -32.95
CA PRO F 423 -3.50 -10.51 -31.90
C PRO F 423 -4.17 -10.17 -30.60
N ILE F 424 -5.31 -10.78 -30.34
CA ILE F 424 -6.06 -10.50 -29.13
C ILE F 424 -6.62 -9.09 -29.20
N SER F 425 -7.78 -8.89 -28.62
CA SER F 425 -8.18 -7.54 -28.26
C SER F 425 -7.14 -6.96 -27.33
N LEU F 426 -7.42 -5.76 -26.85
CA LEU F 426 -6.89 -5.33 -25.56
C LEU F 426 -8.00 -5.34 -24.54
N ASP F 427 -9.21 -5.06 -25.00
CA ASP F 427 -10.36 -4.81 -24.16
C ASP F 427 -10.45 -5.79 -23.00
N GLN F 428 -9.92 -6.99 -23.17
CA GLN F 428 -9.75 -7.87 -22.03
C GLN F 428 -8.93 -7.19 -20.96
N THR F 429 -9.42 -7.23 -19.72
CA THR F 429 -8.62 -6.75 -18.60
C THR F 429 -7.28 -7.48 -18.59
N ILE F 430 -6.47 -7.17 -17.60
CA ILE F 430 -5.14 -7.77 -17.52
C ILE F 430 -5.37 -9.14 -16.91
N GLY F 431 -4.89 -10.16 -17.61
CA GLY F 431 -5.20 -11.55 -17.30
C GLY F 431 -5.09 -11.89 -15.84
N ASP F 432 -6.18 -11.69 -15.09
CA ASP F 432 -6.22 -11.93 -13.65
C ASP F 432 -7.21 -10.92 -13.07
N GLU F 433 -7.22 -10.82 -11.76
CA GLU F 433 -7.31 -9.51 -11.16
C GLU F 433 -5.90 -8.91 -11.20
N GLY F 434 -5.57 -8.27 -12.30
CA GLY F 434 -6.50 -8.10 -13.40
C GLY F 434 -7.06 -6.70 -13.38
N ASP F 435 -6.83 -6.01 -12.27
CA ASP F 435 -7.25 -4.62 -12.13
C ASP F 435 -6.68 -3.71 -13.21
N SER F 436 -5.88 -4.24 -14.12
CA SER F 436 -5.65 -3.55 -15.38
C SER F 436 -6.11 -4.43 -16.52
N GLN F 437 -6.13 -3.88 -17.72
CA GLN F 437 -6.38 -4.71 -18.87
C GLN F 437 -5.08 -5.14 -19.48
N LEU F 438 -5.22 -5.74 -20.65
CA LEU F 438 -4.10 -5.87 -21.57
C LEU F 438 -3.11 -4.73 -21.43
N GLY F 439 -3.33 -3.62 -22.12
CA GLY F 439 -2.33 -2.58 -22.27
C GLY F 439 -1.58 -2.24 -21.00
N ASP F 440 -2.28 -1.61 -20.07
CA ASP F 440 -1.78 -1.28 -18.74
C ASP F 440 -0.27 -1.24 -18.66
N PHE F 441 0.40 -2.30 -19.08
CA PHE F 441 1.81 -2.50 -18.79
C PHE F 441 2.65 -2.49 -20.04
N ILE F 442 2.57 -1.44 -20.85
CA ILE F 442 3.40 -1.33 -22.03
C ILE F 442 3.64 0.15 -22.30
N GLU F 443 4.62 0.45 -23.14
CA GLU F 443 5.02 1.81 -23.43
C GLU F 443 5.87 1.79 -24.70
N ASP F 444 5.27 2.13 -25.83
CA ASP F 444 5.88 1.88 -27.12
C ASP F 444 7.30 2.42 -27.18
N SER F 445 8.20 1.60 -27.69
CA SER F 445 9.48 2.08 -28.16
C SER F 445 9.38 3.49 -28.70
N GLU F 446 8.58 3.70 -29.74
CA GLU F 446 8.14 5.03 -30.11
C GLU F 446 7.78 5.83 -28.87
N ALA F 447 8.62 6.79 -28.51
CA ALA F 447 8.48 7.43 -27.21
C ALA F 447 9.02 8.86 -27.24
N VAL F 448 8.18 9.79 -26.80
CA VAL F 448 8.51 11.21 -26.83
C VAL F 448 9.66 11.44 -25.86
N VAL F 449 10.86 11.53 -26.41
CA VAL F 449 11.95 12.06 -25.64
C VAL F 449 11.58 13.46 -25.21
N ALA F 450 12.19 13.93 -24.15
CA ALA F 450 12.05 15.31 -23.71
C ALA F 450 13.32 16.11 -23.88
N VAL F 451 13.67 16.47 -25.11
CA VAL F 451 14.90 17.21 -25.38
C VAL F 451 15.07 17.25 -26.88
N ASP F 452 14.21 16.53 -27.56
CA ASP F 452 14.32 16.46 -29.00
C ASP F 452 13.94 17.79 -29.62
N ALA F 453 12.86 17.78 -30.40
CA ALA F 453 12.21 19.02 -30.81
C ALA F 453 12.71 20.18 -30.00
N VAL F 454 12.27 20.24 -28.75
CA VAL F 454 13.11 20.72 -27.67
C VAL F 454 14.37 21.35 -28.23
N SER F 455 15.50 20.67 -28.08
CA SER F 455 16.66 21.03 -28.85
C SER F 455 16.32 21.21 -30.31
N PHE F 456 16.49 20.16 -31.11
CA PHE F 456 15.89 20.10 -32.44
C PHE F 456 15.61 21.47 -33.00
N THR F 457 14.69 22.19 -32.39
CA THR F 457 14.46 23.56 -32.82
C THR F 457 15.48 24.49 -32.19
N LEU F 458 15.76 24.29 -30.92
CA LEU F 458 16.99 24.82 -30.37
C LEU F 458 18.09 24.70 -31.40
N LEU F 459 18.38 23.46 -31.78
CA LEU F 459 19.03 23.18 -33.04
C LEU F 459 18.47 24.02 -34.17
N GLN F 460 18.15 23.38 -35.29
CA GLN F 460 17.11 23.87 -36.18
C GLN F 460 17.19 25.37 -36.35
N ASP F 461 16.42 26.10 -35.56
CA ASP F 461 16.49 27.55 -35.65
C ASP F 461 17.84 28.06 -35.21
N GLN F 462 18.30 27.66 -34.02
CA GLN F 462 19.70 27.86 -33.68
C GLN F 462 20.57 27.78 -34.92
N LEU F 463 20.48 26.65 -35.63
CA LEU F 463 21.04 26.61 -36.97
C LEU F 463 20.73 27.89 -37.71
N GLN F 464 19.53 27.94 -38.29
CA GLN F 464 19.06 29.09 -39.07
C GLN F 464 19.87 30.33 -38.77
N SER F 465 19.91 30.74 -37.51
CA SER F 465 20.94 31.64 -37.03
C SER F 465 22.25 31.36 -37.74
N VAL F 466 22.85 30.21 -37.43
CA VAL F 466 24.07 29.83 -38.14
C VAL F 466 23.85 29.97 -39.65
N LEU F 467 22.75 29.40 -40.15
CA LEU F 467 22.30 29.61 -41.53
C LEU F 467 22.42 31.05 -41.97
N ASP F 468 22.78 31.96 -41.07
CA ASP F 468 22.97 33.34 -41.45
C ASP F 468 24.38 33.80 -41.14
N THR F 469 25.11 33.03 -40.35
CA THR F 469 26.50 33.28 -40.04
C THR F 469 27.37 33.48 -41.28
N LEU F 470 26.81 33.36 -42.47
CA LEU F 470 27.51 33.72 -43.69
C LEU F 470 26.54 34.44 -44.64
N SER F 471 26.61 34.08 -45.92
CA SER F 471 26.08 34.94 -46.97
C SER F 471 24.59 34.73 -47.19
N GLU F 472 24.25 34.46 -48.46
CA GLU F 472 22.90 34.72 -48.92
C GLU F 472 22.37 33.58 -49.79
N ARG F 473 22.38 33.77 -51.12
CA ARG F 473 22.00 32.74 -52.07
C ARG F 473 22.21 31.35 -51.49
N GLU F 474 23.44 31.09 -51.04
CA GLU F 474 23.81 29.84 -50.40
C GLU F 474 22.66 29.23 -49.62
N ALA F 475 21.72 30.04 -49.15
CA ALA F 475 20.48 29.51 -48.61
C ALA F 475 19.79 28.63 -49.64
N GLY F 476 18.68 29.11 -50.20
CA GLY F 476 17.98 28.36 -51.23
C GLY F 476 18.90 27.53 -52.10
N VAL F 477 20.08 28.07 -52.41
CA VAL F 477 21.20 27.23 -52.80
C VAL F 477 21.14 25.91 -52.07
N VAL F 478 21.10 25.97 -50.75
CA VAL F 478 21.37 24.80 -49.94
C VAL F 478 20.11 24.31 -49.27
N ARG F 479 19.42 25.20 -48.56
CA ARG F 479 18.05 24.91 -48.18
C ARG F 479 17.37 24.16 -49.30
N LEU F 480 17.35 24.74 -50.50
CA LEU F 480 16.99 23.95 -51.67
C LEU F 480 17.91 22.77 -51.86
N ARG F 481 19.21 22.94 -51.58
CA ARG F 481 20.13 21.82 -51.75
C ARG F 481 19.56 20.54 -51.15
N PHE F 482 18.58 20.68 -50.27
CA PHE F 482 17.76 19.58 -49.84
C PHE F 482 16.31 19.98 -49.79
N GLY F 483 15.94 21.08 -50.45
CA GLY F 483 14.63 21.65 -50.28
C GLY F 483 14.43 22.11 -48.86
N LEU F 484 15.44 21.82 -48.04
CA LEU F 484 15.56 22.30 -46.67
C LEU F 484 14.68 23.52 -46.45
N THR F 485 14.87 24.53 -47.29
CA THR F 485 13.96 25.66 -47.33
C THR F 485 12.53 25.19 -47.60
N ASP F 486 12.30 24.55 -48.74
CA ASP F 486 10.94 24.23 -49.15
C ASP F 486 10.60 22.79 -48.82
N GLY F 487 11.48 22.12 -48.09
CA GLY F 487 11.31 20.72 -47.76
C GLY F 487 11.37 19.78 -48.94
N GLN F 488 12.41 19.80 -49.76
CA GLN F 488 12.51 18.89 -50.90
C GLN F 488 13.81 19.07 -51.66
N PRO F 489 14.75 18.12 -51.57
CA PRO F 489 16.00 18.24 -52.31
C PRO F 489 15.76 18.40 -53.80
N ARG F 490 16.85 18.63 -54.54
CA ARG F 490 16.75 19.13 -55.90
C ARG F 490 17.96 18.68 -56.71
N THR F 491 18.36 19.53 -57.66
CA THR F 491 19.52 19.26 -58.48
C THR F 491 20.30 20.56 -58.74
N LEU F 492 21.62 20.44 -58.88
CA LEU F 492 22.45 21.61 -59.12
C LEU F 492 21.81 22.51 -60.15
N ASP F 493 21.38 21.93 -61.28
CA ASP F 493 20.61 22.69 -62.23
C ASP F 493 19.23 23.04 -61.69
N GLU F 494 18.63 22.16 -60.90
CA GLU F 494 17.34 22.50 -60.30
C GLU F 494 17.40 23.88 -59.68
N ILE F 495 18.25 24.05 -58.67
CA ILE F 495 18.39 25.34 -58.02
C ILE F 495 19.14 26.31 -58.92
N GLY F 496 20.48 26.27 -58.90
CA GLY F 496 21.33 27.17 -59.66
C GLY F 496 20.71 27.58 -60.97
N GLN F 497 20.00 26.62 -61.57
CA GLN F 497 18.90 26.97 -62.46
C GLN F 497 18.41 28.37 -62.18
N VAL F 498 17.87 28.60 -60.98
CA VAL F 498 17.53 29.95 -60.55
C VAL F 498 18.67 30.94 -60.76
N TYR F 499 19.83 30.70 -60.17
CA TYR F 499 20.96 31.58 -60.35
C TYR F 499 21.51 31.50 -61.76
N GLY F 500 21.09 30.47 -62.51
CA GLY F 500 21.62 30.28 -63.83
C GLY F 500 23.13 30.18 -63.87
N VAL F 501 23.68 28.97 -63.85
CA VAL F 501 25.11 28.78 -63.86
C VAL F 501 25.42 27.37 -64.36
N THR F 502 26.03 26.57 -63.51
CA THR F 502 26.42 25.21 -63.84
C THR F 502 26.40 24.36 -62.58
N ARG F 503 25.80 23.17 -62.68
CA ARG F 503 26.03 22.14 -61.70
C ARG F 503 27.46 22.22 -61.20
N GLU F 504 28.40 22.27 -62.14
CA GLU F 504 29.67 22.93 -61.90
C GLU F 504 29.53 24.10 -60.94
N ARG F 505 29.24 25.29 -61.50
CA ARG F 505 29.04 26.48 -60.66
C ARG F 505 28.27 26.15 -59.40
N ILE F 506 27.30 25.26 -59.49
CA ILE F 506 26.50 24.90 -58.34
C ILE F 506 27.36 24.33 -57.22
N ARG F 507 27.55 23.02 -57.26
CA ARG F 507 28.19 22.32 -56.16
C ARG F 507 29.59 22.85 -55.90
N GLN F 508 30.15 23.59 -56.85
CA GLN F 508 31.47 24.15 -56.58
C GLN F 508 31.42 25.06 -55.35
N ILE F 509 30.87 26.25 -55.50
CA ILE F 509 30.64 27.11 -54.35
C ILE F 509 29.96 26.30 -53.25
N GLU F 510 29.03 25.43 -53.64
CA GLU F 510 28.33 24.63 -52.64
C GLU F 510 29.30 24.00 -51.65
N SER F 511 29.87 22.85 -52.03
CA SER F 511 30.83 22.17 -51.17
C SER F 511 31.85 23.14 -50.62
N LYS F 512 32.15 24.19 -51.37
CA LYS F 512 33.08 25.17 -50.84
C LYS F 512 32.58 25.70 -49.51
N THR F 513 31.53 26.50 -49.53
CA THR F 513 30.95 27.01 -48.30
C THR F 513 30.74 25.90 -47.29
N MET F 514 30.55 24.66 -47.76
CA MET F 514 30.74 23.53 -46.85
C MET F 514 32.05 23.66 -46.12
N SER F 515 33.16 23.59 -46.85
CA SER F 515 34.47 23.83 -46.27
C SER F 515 34.43 25.00 -45.31
N LYS F 516 33.93 26.15 -45.77
CA LYS F 516 33.65 27.25 -44.86
C LYS F 516 33.17 26.71 -43.53
N LEU F 517 32.05 26.00 -43.57
CA LEU F 517 31.46 25.44 -42.36
C LEU F 517 32.12 24.13 -41.99
N ARG F 518 32.66 23.40 -42.98
CA ARG F 518 33.50 22.27 -42.65
C ARG F 518 34.55 22.68 -41.62
N HIS F 519 35.03 23.91 -41.72
CA HIS F 519 35.74 24.54 -40.63
C HIS F 519 35.10 24.19 -39.27
N PRO F 520 35.89 24.13 -38.20
CA PRO F 520 35.33 23.71 -36.91
C PRO F 520 34.46 24.74 -36.21
N SER F 521 34.95 25.95 -35.96
CA SER F 521 34.10 26.91 -35.25
C SER F 521 32.76 27.01 -35.93
N ARG F 522 32.74 26.89 -37.26
CA ARG F 522 31.50 26.63 -37.95
C ARG F 522 30.74 25.50 -37.28
N SER F 523 31.47 24.53 -36.74
CA SER F 523 30.89 23.33 -36.13
C SER F 523 30.50 23.51 -34.67
N GLN F 524 31.49 23.47 -33.77
CA GLN F 524 31.18 23.43 -32.34
C GLN F 524 30.07 24.40 -32.01
N VAL F 525 30.06 25.57 -32.63
CA VAL F 525 28.91 26.46 -32.57
C VAL F 525 27.60 25.71 -32.66
N LEU F 526 27.60 24.54 -33.29
CA LEU F 526 26.44 23.68 -33.31
C LEU F 526 26.79 22.24 -33.01
N ARG F 527 27.96 22.01 -32.42
CA ARG F 527 28.47 20.65 -32.37
C ARG F 527 27.67 19.77 -31.45
N ASP F 528 27.47 20.18 -30.19
CA ASP F 528 26.66 19.41 -29.27
C ASP F 528 25.35 18.97 -29.91
N TYR F 529 24.88 19.73 -30.89
CA TYR F 529 23.82 19.23 -31.76
C TYR F 529 24.22 17.89 -32.38
N LEU F 530 25.49 17.54 -32.31
CA LEU F 530 25.91 16.21 -32.69
C LEU F 530 25.02 15.15 -32.05
N ALA G 2 0.92 -11.73 -20.15
CA ALA G 2 2.32 -11.99 -19.79
C ALA G 2 2.93 -10.81 -19.04
N ASP G 3 2.64 -10.68 -17.75
CA ASP G 3 3.01 -9.47 -17.02
C ASP G 3 4.51 -9.21 -17.07
N ARG G 4 4.88 -8.14 -17.75
CA ARG G 4 6.28 -7.78 -17.98
C ARG G 4 6.29 -6.76 -19.12
N VAL G 5 6.19 -5.48 -18.77
CA VAL G 5 5.95 -4.44 -19.75
C VAL G 5 7.01 -4.49 -20.84
N LEU G 6 6.57 -4.77 -22.05
CA LEU G 6 7.31 -4.45 -23.25
C LEU G 6 6.72 -3.17 -23.84
N ARG G 7 6.92 -2.98 -25.14
CA ARG G 7 6.25 -1.94 -25.88
C ARG G 7 5.57 -2.54 -27.09
N GLY G 8 4.24 -2.44 -27.12
CA GLY G 8 3.47 -2.98 -28.23
C GLY G 8 3.96 -2.46 -29.55
N SER G 9 3.60 -1.21 -29.86
CA SER G 9 4.01 -0.52 -31.08
C SER G 9 2.79 0.06 -31.76
N ARG G 10 2.87 1.34 -32.05
CA ARG G 10 1.77 2.03 -32.70
C ARG G 10 1.99 2.13 -34.20
N LEU G 11 1.51 3.22 -34.77
CA LEU G 11 1.64 3.50 -36.20
C LEU G 11 1.39 4.98 -36.38
N GLY G 12 2.08 5.60 -37.32
CA GLY G 12 1.88 6.98 -37.67
C GLY G 12 3.06 7.83 -37.24
N ALA G 13 3.49 8.70 -38.13
CA ALA G 13 4.67 9.52 -37.89
C ALA G 13 4.45 10.39 -36.67
N VAL G 14 5.49 11.13 -36.30
CA VAL G 14 5.49 11.99 -35.13
C VAL G 14 6.35 13.21 -35.42
N SER G 15 5.77 14.19 -36.09
CA SER G 15 6.50 15.37 -36.52
C SER G 15 7.15 16.01 -35.30
N TYR G 16 8.38 16.40 -35.45
CA TYR G 16 8.87 17.53 -34.70
C TYR G 16 8.41 18.83 -35.29
N GLU G 17 7.40 18.76 -36.16
CA GLU G 17 6.94 19.94 -36.89
C GLU G 17 6.57 21.04 -35.91
N THR G 18 7.57 21.51 -35.18
CA THR G 18 7.50 22.75 -34.43
C THR G 18 6.68 23.74 -35.22
N ASP G 19 5.40 23.85 -34.89
CA ASP G 19 4.52 24.65 -35.73
C ASP G 19 4.76 26.13 -35.55
N ARG G 20 4.50 26.88 -36.60
CA ARG G 20 4.42 28.32 -36.57
C ARG G 20 2.99 28.70 -36.84
N ASN G 21 2.79 29.86 -37.44
CA ASN G 21 1.62 30.16 -38.24
C ASN G 21 1.83 31.36 -39.12
N HIS G 22 1.83 31.16 -40.44
CA HIS G 22 2.26 32.17 -41.38
C HIS G 22 3.05 31.47 -42.46
N ASP G 23 3.38 32.23 -43.50
CA ASP G 23 4.39 31.80 -44.46
C ASP G 23 3.98 30.51 -45.18
N LEU G 24 2.96 29.86 -44.66
CA LEU G 24 2.54 28.55 -45.12
C LEU G 24 2.18 28.60 -46.60
N ALA G 25 1.55 27.51 -47.04
CA ALA G 25 1.16 27.40 -48.42
C ALA G 25 -0.19 28.10 -48.64
N PRO G 26 -0.24 29.11 -49.47
CA PRO G 26 -1.53 29.69 -49.85
C PRO G 26 -2.47 28.62 -50.39
N ARG G 27 -3.74 28.96 -50.48
CA ARG G 27 -4.76 27.96 -50.76
C ARG G 27 -5.76 28.42 -51.80
N GLN G 28 -6.99 27.91 -51.61
CA GLN G 28 -8.09 28.04 -52.56
C GLN G 28 -9.22 27.22 -52.00
N ILE G 29 -10.31 27.12 -52.74
CA ILE G 29 -11.52 26.54 -52.19
C ILE G 29 -12.41 25.94 -53.27
N ALA G 30 -13.04 24.82 -52.94
CA ALA G 30 -14.28 24.36 -53.53
C ALA G 30 -15.36 24.49 -52.48
N ARG G 31 -16.62 24.25 -52.86
CA ARG G 31 -17.73 24.51 -51.96
C ARG G 31 -18.95 23.74 -52.45
N TYR G 32 -18.70 22.58 -53.03
CA TYR G 32 -19.62 22.01 -53.99
C TYR G 32 -21.04 21.93 -53.45
N ARG G 33 -21.99 21.95 -54.39
CA ARG G 33 -23.39 21.90 -54.03
C ARG G 33 -23.79 20.49 -53.66
N THR G 34 -24.72 20.39 -52.72
CA THR G 34 -25.17 19.10 -52.21
C THR G 34 -26.63 18.90 -52.62
N ASP G 35 -27.00 17.64 -52.87
CA ASP G 35 -28.41 17.30 -53.09
C ASP G 35 -29.35 18.30 -52.42
N ASN G 36 -29.39 18.30 -51.10
CA ASN G 36 -30.17 19.30 -50.36
C ASN G 36 -29.90 20.70 -50.89
N GLY G 37 -28.65 20.94 -51.30
CA GLY G 37 -28.28 22.24 -51.80
C GLY G 37 -26.98 22.71 -51.19
N GLU G 38 -26.53 22.04 -50.15
CA GLU G 38 -25.40 22.51 -49.37
C GLU G 38 -24.22 22.78 -50.28
N GLU G 39 -23.22 23.39 -49.70
CA GLU G 39 -22.03 23.81 -50.43
C GLU G 39 -20.83 23.55 -49.56
N PHE G 40 -20.82 22.41 -48.87
CA PHE G 40 -19.68 21.99 -48.07
C PHE G 40 -18.44 22.60 -48.67
N GLU G 41 -18.23 23.87 -48.38
CA GLU G 41 -17.22 24.64 -49.07
C GLU G 41 -15.87 23.99 -48.85
N VAL G 42 -15.35 23.40 -49.92
CA VAL G 42 -14.14 22.60 -49.89
C VAL G 42 -12.96 23.44 -50.35
N PRO G 43 -12.35 24.23 -49.47
CA PRO G 43 -11.14 24.95 -49.84
C PRO G 43 -10.09 24.00 -50.39
N PHE G 44 -8.98 24.57 -50.81
CA PHE G 44 -7.89 23.75 -51.31
C PHE G 44 -6.60 24.54 -51.25
N ALA G 45 -5.52 23.82 -51.48
CA ALA G 45 -4.21 24.42 -51.58
C ALA G 45 -4.24 25.66 -52.44
N ASP G 46 -3.11 26.36 -52.51
CA ASP G 46 -3.09 27.58 -53.29
C ASP G 46 -3.65 27.33 -54.68
N ASP G 47 -3.48 26.11 -55.19
CA ASP G 47 -3.91 25.75 -56.54
C ASP G 47 -4.07 24.25 -56.68
N ALA G 48 -4.87 23.86 -57.68
CA ALA G 48 -4.99 22.49 -58.17
C ALA G 48 -6.32 22.32 -58.87
N GLU G 49 -6.49 21.15 -59.48
CA GLU G 49 -7.81 20.71 -59.94
C GLU G 49 -8.78 20.81 -58.78
N ILE G 50 -10.04 21.09 -59.09
CA ILE G 50 -11.07 20.88 -58.07
C ILE G 50 -12.25 20.18 -58.70
N PRO G 51 -12.86 19.19 -58.03
CA PRO G 51 -13.73 18.24 -58.72
C PRO G 51 -14.93 18.90 -59.39
N GLY G 52 -15.86 18.05 -59.78
CA GLY G 52 -17.16 18.50 -60.25
C GLY G 52 -18.14 18.35 -59.13
N THR G 53 -17.99 17.25 -58.40
CA THR G 53 -18.78 17.00 -57.23
C THR G 53 -17.85 16.63 -56.09
N TRP G 54 -18.42 15.98 -55.08
CA TRP G 54 -17.67 15.56 -53.93
C TRP G 54 -18.60 14.95 -52.91
N LEU G 55 -18.25 13.77 -52.42
CA LEU G 55 -19.07 13.14 -51.40
C LEU G 55 -19.07 14.02 -50.17
N CYS G 56 -20.26 14.37 -49.71
CA CYS G 56 -20.43 15.30 -48.60
C CYS G 56 -20.06 14.65 -47.27
N ARG G 57 -19.44 15.45 -46.41
CA ARG G 57 -19.42 15.13 -44.98
C ARG G 57 -20.80 14.70 -44.53
N ASN G 58 -21.83 15.20 -45.22
CA ASN G 58 -23.16 14.61 -45.17
C ASN G 58 -23.15 13.17 -45.66
N GLY G 59 -21.99 12.53 -45.71
CA GLY G 59 -21.88 11.20 -46.31
C GLY G 59 -22.39 11.12 -47.72
N MET G 60 -23.40 11.92 -48.07
CA MET G 60 -23.79 12.10 -49.45
C MET G 60 -22.64 12.73 -50.20
N GLU G 61 -22.93 13.22 -51.39
CA GLU G 61 -21.90 13.86 -52.19
C GLU G 61 -22.35 15.24 -52.61
N GLY G 62 -21.45 15.98 -53.27
CA GLY G 62 -21.71 17.37 -53.59
C GLY G 62 -21.00 17.81 -54.84
N THR G 63 -21.76 17.97 -55.90
CA THR G 63 -21.27 18.62 -57.09
C THR G 63 -20.91 20.06 -56.78
N LEU G 64 -20.11 20.66 -57.65
CA LEU G 64 -19.61 22.01 -57.47
C LEU G 64 -20.56 22.91 -56.69
N ILE G 65 -19.95 23.84 -55.96
CA ILE G 65 -20.65 25.06 -55.60
C ILE G 65 -20.69 26.00 -56.78
N GLU G 66 -20.54 25.48 -58.00
CA GLU G 66 -20.37 26.33 -59.16
C GLU G 66 -21.23 25.81 -60.31
N GLY G 67 -21.93 26.73 -60.97
CA GLY G 67 -22.80 26.37 -62.07
C GLY G 67 -22.07 25.74 -63.23
N ASP G 68 -20.84 25.27 -63.00
CA ASP G 68 -20.12 24.51 -64.02
C ASP G 68 -21.02 23.46 -64.64
N LEU G 69 -21.10 22.29 -63.99
CA LEU G 69 -22.20 21.35 -64.20
C LEU G 69 -21.87 20.33 -65.30
N PRO G 70 -20.96 19.38 -65.03
CA PRO G 70 -20.73 18.27 -65.98
C PRO G 70 -21.85 17.22 -65.99
N GLU G 71 -21.52 15.95 -66.29
CA GLU G 71 -22.53 14.93 -66.62
C GLU G 71 -22.96 14.10 -65.41
N PRO G 72 -24.08 13.37 -65.52
CA PRO G 72 -24.57 12.51 -64.43
C PRO G 72 -24.39 11.03 -64.74
N LYS G 73 -24.63 10.70 -66.01
CA LYS G 73 -24.78 9.32 -66.48
C LYS G 73 -23.56 8.52 -66.04
N LYS G 74 -23.72 7.19 -66.02
CA LYS G 74 -22.72 6.19 -65.68
C LYS G 74 -23.35 4.96 -65.03
N VAL G 75 -24.62 5.02 -64.60
CA VAL G 75 -25.20 3.90 -63.88
C VAL G 75 -25.29 2.66 -64.78
N LYS G 76 -26.12 1.71 -64.37
CA LYS G 76 -26.25 0.44 -65.05
C LYS G 76 -27.10 -0.52 -64.26
N PRO G 77 -27.87 -1.39 -64.91
CA PRO G 77 -28.82 -2.22 -64.20
C PRO G 77 -28.14 -3.37 -63.48
N PRO G 78 -28.71 -3.82 -62.37
CA PRO G 78 -28.36 -5.15 -61.85
C PRO G 78 -29.11 -6.21 -62.63
N ARG G 79 -29.03 -7.45 -62.14
CA ARG G 79 -29.75 -8.54 -62.78
C ARG G 79 -31.23 -8.44 -62.46
N THR G 80 -32.06 -8.88 -63.40
CA THR G 80 -33.45 -9.13 -63.08
C THR G 80 -33.68 -10.63 -63.08
N HIS G 81 -34.57 -11.08 -62.20
CA HIS G 81 -34.99 -12.46 -62.32
C HIS G 81 -35.61 -12.68 -63.69
N TRP G 82 -36.12 -11.61 -64.29
CA TRP G 82 -36.38 -11.64 -65.73
C TRP G 82 -35.07 -11.82 -66.49
N ASP G 83 -34.07 -11.00 -66.17
CA ASP G 83 -32.75 -11.23 -66.72
C ASP G 83 -32.34 -12.68 -66.53
N MET G 84 -32.66 -13.22 -65.34
CA MET G 84 -32.48 -14.65 -65.12
C MET G 84 -33.47 -15.46 -65.93
N LEU G 85 -34.37 -14.78 -66.64
CA LEU G 85 -35.34 -15.48 -67.48
C LEU G 85 -34.78 -15.64 -68.89
N LEU G 86 -34.48 -14.53 -69.55
CA LEU G 86 -33.69 -14.62 -70.78
C LEU G 86 -32.44 -15.44 -70.55
N GLU G 87 -31.97 -15.47 -69.30
CA GLU G 87 -31.13 -16.56 -68.85
C GLU G 87 -31.75 -17.92 -69.19
N ARG G 88 -32.22 -18.62 -68.16
CA ARG G 88 -32.54 -20.04 -68.24
C ARG G 88 -33.90 -20.32 -68.83
N ARG G 89 -34.40 -19.46 -69.70
CA ARG G 89 -35.75 -19.63 -70.20
C ARG G 89 -35.87 -19.05 -71.60
N SER G 90 -36.70 -19.70 -72.40
CA SER G 90 -37.07 -19.23 -73.72
C SER G 90 -38.29 -18.34 -73.61
N ILE G 91 -38.17 -17.13 -74.14
CA ILE G 91 -39.27 -16.17 -74.02
C ILE G 91 -40.56 -16.78 -74.56
N GLU G 92 -40.67 -16.90 -75.87
CA GLU G 92 -41.92 -17.38 -76.45
C GLU G 92 -42.53 -18.55 -75.69
N GLU G 93 -41.68 -19.40 -75.11
CA GLU G 93 -42.16 -20.23 -74.02
C GLU G 93 -42.82 -19.37 -72.96
N LEU G 94 -42.07 -18.40 -72.46
CA LEU G 94 -42.62 -17.42 -71.52
C LEU G 94 -43.93 -16.87 -72.07
N GLU G 95 -43.82 -15.88 -72.96
CA GLU G 95 -44.84 -15.54 -73.94
C GLU G 95 -46.10 -16.39 -73.76
N GLU G 96 -46.07 -17.62 -74.26
CA GLU G 96 -47.17 -18.53 -73.99
C GLU G 96 -47.43 -18.67 -72.51
N LEU G 97 -46.72 -19.58 -71.84
CA LEU G 97 -46.87 -19.81 -70.41
C LEU G 97 -47.73 -18.73 -69.75
N LEU G 98 -47.29 -17.47 -69.81
CA LEU G 98 -48.15 -16.40 -69.33
C LEU G 98 -49.43 -16.33 -70.16
N LYS G 99 -49.32 -16.57 -71.46
CA LYS G 99 -50.51 -16.68 -72.31
C LYS G 99 -51.44 -17.77 -71.79
N GLU G 100 -50.92 -18.99 -71.63
CA GLU G 100 -51.68 -20.01 -70.93
C GLU G 100 -52.41 -19.42 -69.74
N ARG G 101 -51.66 -18.74 -68.87
CA ARG G 101 -52.27 -17.99 -67.79
C ARG G 101 -53.46 -17.20 -68.30
N LEU G 102 -53.25 -16.45 -69.39
CA LEU G 102 -54.32 -15.71 -70.03
C LEU G 102 -55.56 -16.58 -70.13
N GLU G 103 -55.38 -17.80 -70.61
CA GLU G 103 -56.45 -18.77 -70.44
C GLU G 103 -56.92 -18.78 -68.99
N LEU G 104 -56.01 -19.12 -68.09
CA LEU G 104 -56.43 -19.55 -66.76
C LEU G 104 -57.27 -18.50 -66.06
N ILE G 105 -56.65 -17.41 -65.61
CA ILE G 105 -57.47 -16.40 -64.94
C ILE G 105 -58.40 -15.71 -65.94
N ARG G 106 -58.08 -15.80 -67.24
CA ARG G 106 -59.02 -15.38 -68.25
C ARG G 106 -60.08 -16.45 -68.50
N SER G 107 -59.97 -17.58 -67.82
CA SER G 107 -60.92 -18.67 -67.97
C SER G 107 -62.07 -18.61 -66.97
N ARG G 108 -61.81 -18.28 -65.71
CA ARG G 108 -62.80 -18.43 -64.66
C ARG G 108 -63.14 -19.89 -64.47
ZN ZN H . -23.28 32.43 9.40
ZN ZN I . -2.13 12.54 -49.53
MG MG J . 8.45 3.20 12.96
C1 FI8 K . 0.18 11.68 -26.06
C10 FI8 K . -4.10 11.15 -22.05
C11 FI8 K . -5.38 10.33 -21.76
C12 FI8 K . -5.28 8.83 -21.94
C13 FI8 K . -4.70 8.51 -23.27
C14 FI8 K . -3.46 7.88 -23.34
C15 FI8 K . -2.85 7.53 -24.72
C16 FI8 K . -2.20 6.32 -24.89
C17 FI8 K . -1.57 5.90 -26.23
C18 FI8 K . -0.51 6.92 -26.76
C19 FI8 K . -1.03 7.61 -28.04
C2 FI8 K . 0.38 9.02 -26.03
C20 FI8 K . -0.70 7.02 -29.41
C21 FI8 K . -5.47 13.25 -21.65
C22 FI8 K . -5.66 10.41 -20.26
C23 FI8 K . -4.30 10.29 -19.52
C24 FI8 K . -5.57 8.90 -24.47
C25 FI8 K . -2.97 8.56 -25.84
C26 FI8 K . -0.24 13.02 -27.94
C27 FI8 K . -0.53 12.61 -29.35
C28 FI8 K . -0.34 13.65 -30.49
C29 FI8 K . -0.19 15.07 -29.99
C3 FI8 K . -0.17 10.29 -25.40
C30 FI8 K . 0.05 15.20 -28.51
C31 FI8 K . -0.31 16.62 -28.13
C32 FI8 K . 0.36 10.40 -29.21
C33 FI8 K . 0.55 16.75 -31.30
C34 FI8 K . 0.91 18.12 -30.69
C35 FI8 K . -0.05 19.09 -30.61
C36 FI8 K . 0.26 20.32 -30.07
C37 FI8 K . 1.54 20.56 -29.60
C38 FI8 K . 2.51 19.58 -29.69
C39 FI8 K . 2.18 18.36 -30.23
C4 FI8 K . -0.92 10.19 -24.31
C40 FI8 K . 3.21 17.23 -30.34
C41 FI8 K . 3.02 16.35 -29.11
C42 FI8 K . -6.67 6.92 -21.81
C43 FI8 K . -6.16 6.45 -20.44
C44 FI8 K . -6.21 4.93 -20.44
C45 FI8 K . -7.63 4.51 -20.60
C46 FI8 K . -8.19 5.09 -21.86
C47 FI8 K . -9.70 4.79 -21.87
C48 FI8 K . -7.55 4.38 -23.06
C49 FI8 K . -8.92 2.54 -20.15
C5 FI8 K . -1.44 11.45 -23.69
C50 FI8 K . -9.69 1.49 -21.00
C51 FI8 K . -8.98 1.30 -22.34
C52 FI8 K . -9.65 0.17 -20.24
C6 FI8 K . -2.20 12.30 -24.38
C7 FI8 K . -2.66 13.62 -23.71
C8 FI8 K . -2.96 13.50 -22.22
C9 FI8 K . -4.15 12.54 -21.99
O1 FI8 K . -0.24 7.78 -25.70
O10 FI8 K . 0.92 15.59 -30.64
O11 FI8 K . -0.06 16.69 -32.31
O12 FI8 K . 1.87 21.80 -29.06
O13 FI8 K . -1.32 18.76 -31.10
O14 FI8 K . -8.00 6.51 -21.99
O15 FI8 K . -6.99 7.00 -19.49
O16 FI8 K . -5.72 4.45 -19.21
O17 FI8 K . -7.70 3.08 -20.65
O18 FI8 K . -9.37 2.91 -19.12
O2 FI8 K . 1.29 9.06 -26.78
O3 FI8 K . -1.85 13.10 -21.49
O4 FI8 K . -6.60 8.32 -21.86
O5A FI8 K . -1.48 8.94 -28.03
O6 FI8 K . -0.81 12.08 -27.01
O7 FI8 K . -0.72 14.29 -27.77
O8 FI8 K . -1.43 13.62 -31.31
O9 FI8 K . -0.63 11.25 -29.71
CL1 FI8 K . -0.95 21.63 -29.93
CL2 FI8 K . 4.16 19.90 -29.09
H1 FI8 K . 1.02 11.57 -26.51
H2 FI8 K . 0.25 12.36 -25.37
H3 FI8 K . -3.31 10.70 -22.23
H4 FI8 K . -6.13 10.68 -22.26
H5 FI8 K . -4.73 8.44 -21.25
H6 FI8 K . -2.99 7.67 -22.56
H7 FI8 K . -2.15 5.73 -24.16
H8 FI8 K . -2.27 5.82 -26.89
H9 FI8 K . -1.14 5.05 -26.10
H10 FI8 K . 0.30 6.44 -26.97
H11 FI8 K . -0.14 7.98 -28.12
H12 FI8 K . 0.23 7.23 -29.64
H13 FI8 K . -1.28 7.44 -30.07
H14 FI8 K . -0.84 6.07 -29.40
H15 FI8 K . -6.21 12.83 -22.12
H16 FI8 K . -5.42 14.18 -21.91
H17 FI8 K . -5.62 13.19 -20.70
H18 FI8 K . -6.10 11.24 -20.05
H19 FI8 K . -6.24 9.67 -20.01
H20 FI8 K . -4.46 9.92 -18.62
H21 FI8 K . -3.71 9.69 -19.99
H22 FI8 K . -3.89 11.16 -19.45
H23 FI8 K . -6.49 8.90 -24.18
H24 FI8 K . -5.44 8.25 -25.18
H25 FI8 K . -5.32 9.79 -24.77
H26 FI8 K . -3.45 9.34 -25.56
H27 FI8 K . -2.10 8.87 -26.07
H28 FI8 K . -3.38 8.16 -26.61
H29 FI8 K . 0.73 13.05 -27.82
H30 FI8 K . 0.43 12.50 -29.43
H31 FI8 K . 0.46 13.42 -30.98
H32 FI8 K . -0.97 15.59 -30.23
H34 FI8 K . 0.99 15.05 -28.34
H35 FI8 K . -0.38 16.69 -27.17
H36 FI8 K . -1.15 16.85 -28.56
H37 FI8 K . 0.37 17.23 -28.44
H38 FI8 K . 1.25 10.70 -29.45
H39 FI8 K . 0.21 9.50 -29.56
H40 FI8 K . 0.28 10.37 -28.25
H41 FI8 K . -1.12 9.36 -23.94
H43 FI8 K . 4.10 17.60 -30.36
H44 FI8 K . 3.05 16.72 -31.15
H45 FI8 K . 2.30 16.72 -28.59
H46 FI8 K . 3.83 16.34 -28.58
H47 FI8 K . 2.79 15.45 -29.39
H48 FI8 K . -6.10 6.53 -22.49
H49 FI8 K . -5.25 6.73 -20.29
H50 FI8 K . -5.68 4.59 -21.17
H51 FI8 K . -8.16 4.82 -19.85
H52 FI8 K . -10.15 5.45 -22.40
H53 FI8 K . -10.03 4.83 -20.96
H54 FI8 K . -9.86 3.90 -22.23
H55 FI8 K . -6.98 3.66 -22.72
H56 FI8 K . -7.02 5.00 -23.56
H57 FI8 K . -8.23 4.00 -23.62
H58 FI8 K . -1.18 11.64 -22.83
H59 FI8 K . -10.61 1.79 -21.13
H60 FI8 K . -8.63 2.15 -22.64
H61 FI8 K . -8.26 0.68 -22.23
H62 FI8 K . -9.61 0.96 -23.00
H63 FI8 K . -9.46 -0.55 -20.86
H64 FI8 K . -8.96 0.22 -19.57
H65 FI8 K . -10.51 0.01 -19.83
H66 FI8 K . -2.44 12.11 -25.26
H67 FI8 K . -3.46 13.94 -24.16
H68 FI8 K . -1.95 14.28 -23.81
H69 FI8 K . -3.21 14.37 -21.90
H70 FI8 K . 2.04 22.33 -29.69
H71 FI8 K . -1.49 17.95 -30.86
H72 FI8 K . -7.34 6.39 -19.03
H73 FI8 K . -6.36 4.08 -18.79
H74 FI8 K . -1.19 13.59 -21.69
H75 FI8 K . -2.31 8.94 -28.14
H76 FI8 K . -1.56 14.41 -31.62
#